data_6TBF
#
_entry.id   6TBF
#
_cell.length_a   99.423
_cell.length_b   115.626
_cell.length_c   115.942
_cell.angle_alpha   90.350
_cell.angle_beta   90.020
_cell.angle_gamma   90.160
#
_symmetry.space_group_name_H-M   'P 1'
#
loop_
_entity.id
_entity.type
_entity.pdbx_description
1 polymer 'Beta-galactosidase, putative, bgl35A'
2 non-polymer 'SODIUM ION'
3 non-polymer (1~{S},2~{S},3~{S},4~{R},5~{R})-4-(hydroxymethyl)-5-(octylamino)cyclopentane-1,2,3-triol
4 non-polymer 'ACETATE ION'
5 water water
#
_entity_poly.entity_id   1
_entity_poly.type   'polypeptide(L)'
_entity_poly.pdbx_seq_one_letter_code
;MGSSHHHHHHAAPLPELLSNNGKHALMVDGAPYIILGSQTNNSSNYPDALKDVWPSMEKMGANTLSIPVAWEQIEPVEGQ
FDFSFVDVLLKEARQRKVRLVLLWFATWKNNAPHYAPAWVKLDNARFPRVVKEDGDTLNSLSPLGQNTLAADKKAFVELM
KYLAKRDKDHTVIMVQVQNEVGTYGAVRDYSPMAQAVFNAAVPDDLIQKLQLKPGTWSQVFGRDADEFFHAYQIARYCDE
VTVAGKAIKNLPMYVNVALRNPFNPGLPGQYSSGGGTDNVLHIWKAAAPNIDLIAPDIYFRDYKTVSKVLELYTRPDNAL
FVAEIGNDQPFARYLFPTLGKGGIGFSPFGMDDTDYTNYPLGAKVYNDETIEQFAQVYRLVNPMMREWARLSYQGQVWGV
AEPLDSTTETQKIWNAEATPEEKEQHKKDRASALTQQLDLGLWDAEVTYGRPMFWVTPPEGNTPAAGGALIAQLDDNEYL
VTAYKARVEFKPSQELAGKKFMIERVEEGRFEKGKWVMERVWNGDQTDWGLNFTDRPHLLRVKMASYSVQ
;
_entity_poly.pdbx_strand_id   A,B,C,D,E,F,G,H
#
loop_
_chem_comp.id
_chem_comp.type
_chem_comp.name
_chem_comp.formula
ACT non-polymer 'ACETATE ION' 'C2 H3 O2 -1'
N0T non-polymer (1~{S},2~{S},3~{S},4~{R},5~{R})-4-(hydroxymethyl)-5-(octylamino)cyclopentane-1,2,3-triol 'C14 H29 N O4'
NA non-polymer 'SODIUM ION' 'Na 1'
#
# COMPACT_ATOMS: atom_id res chain seq x y z
N ALA A 11 3.74 25.61 65.42
CA ALA A 11 4.24 25.13 66.72
C ALA A 11 5.78 25.20 66.73
N ALA A 12 6.43 24.76 65.67
CA ALA A 12 7.92 24.55 65.68
C ALA A 12 8.62 25.89 65.87
N PRO A 13 9.65 25.95 66.76
CA PRO A 13 10.40 27.20 66.88
C PRO A 13 11.18 27.48 65.60
N LEU A 14 11.34 28.77 65.31
CA LEU A 14 12.11 29.21 64.12
C LEU A 14 13.53 28.66 64.21
N PRO A 15 14.12 28.27 63.06
CA PRO A 15 15.58 28.11 63.00
C PRO A 15 16.26 29.41 63.44
N GLU A 16 17.49 29.30 64.01
CA GLU A 16 18.22 30.46 64.51
C GLU A 16 19.68 30.11 64.50
N LEU A 17 20.50 31.03 64.10
CA LEU A 17 21.94 30.93 64.37
C LEU A 17 22.27 31.55 65.72
N LEU A 18 22.78 30.70 66.62
CA LEU A 18 23.30 31.12 67.94
C LEU A 18 24.82 31.27 67.89
N SER A 19 25.32 32.29 68.58
CA SER A 19 26.77 32.58 68.75
C SER A 19 27.01 32.91 70.24
N ASN A 20 27.84 32.11 70.93
CA ASN A 20 28.09 32.26 72.37
C ASN A 20 29.52 31.81 72.65
N ASN A 21 30.29 32.60 73.39
CA ASN A 21 31.66 32.16 73.84
C ASN A 21 32.49 31.73 72.62
N GLY A 22 32.42 32.51 71.53
CA GLY A 22 33.04 32.29 70.22
C GLY A 22 32.71 30.95 69.55
N LYS A 23 31.62 30.31 69.93
CA LYS A 23 31.17 29.10 69.27
C LYS A 23 29.81 29.43 68.63
N HIS A 24 29.36 28.55 67.76
CA HIS A 24 28.10 28.76 67.00
C HIS A 24 27.31 27.48 66.88
N ALA A 25 26.01 27.65 66.70
CA ALA A 25 25.13 26.53 66.38
C ALA A 25 24.07 27.07 65.44
N LEU A 26 23.75 26.27 64.46
CA LEU A 26 22.45 26.41 63.75
C LEU A 26 21.40 25.58 64.47
N MET A 27 20.44 26.27 65.11
CA MET A 27 19.37 25.60 65.84
C MET A 27 18.27 25.33 64.82
N VAL A 28 17.85 24.10 64.71
CA VAL A 28 16.71 23.64 63.90
C VAL A 28 15.83 22.78 64.79
N ASP A 29 14.56 23.13 64.88
CA ASP A 29 13.60 22.47 65.75
C ASP A 29 14.13 22.44 67.18
N GLY A 30 14.73 23.54 67.62
CA GLY A 30 15.12 23.76 69.00
C GLY A 30 16.39 23.06 69.45
N ALA A 31 17.24 22.57 68.51
CA ALA A 31 18.51 21.97 68.92
C ALA A 31 19.52 22.18 67.83
N PRO A 32 20.83 22.17 68.16
CA PRO A 32 21.82 22.30 67.09
C PRO A 32 21.65 21.25 65.98
N TYR A 33 22.01 21.68 64.77
CA TYR A 33 21.84 20.88 63.54
C TYR A 33 23.07 21.05 62.68
N ILE A 34 23.45 19.99 61.98
CA ILE A 34 24.51 20.06 60.93
C ILE A 34 23.89 19.87 59.58
N ILE A 35 24.13 20.85 58.70
CA ILE A 35 23.75 20.64 57.26
C ILE A 35 24.79 19.68 56.63
N LEU A 36 24.34 18.49 56.37
CA LEU A 36 25.06 17.52 55.52
C LEU A 36 24.39 17.70 54.15
N GLY A 37 24.98 18.61 53.40
CA GLY A 37 24.20 19.28 52.34
C GLY A 37 24.46 18.69 50.98
N SER A 38 23.64 19.09 50.04
N SER A 38 23.68 19.20 50.04
CA SER A 38 23.93 18.99 48.60
CA SER A 38 23.79 18.96 48.60
C SER A 38 23.29 20.20 47.92
C SER A 38 23.27 20.22 47.92
N GLN A 39 23.95 20.71 46.89
CA GLN A 39 23.42 21.82 46.09
C GLN A 39 23.28 21.34 44.66
N THR A 40 22.14 21.75 44.04
CA THR A 40 21.87 21.44 42.65
C THR A 40 22.80 22.26 41.74
N ASN A 41 22.88 21.80 40.51
CA ASN A 41 23.34 22.68 39.42
C ASN A 41 22.43 23.89 39.33
N ASN A 42 22.88 24.88 38.58
CA ASN A 42 22.27 26.21 38.53
C ASN A 42 20.95 26.27 37.74
N SER A 43 20.63 25.28 36.93
CA SER A 43 19.42 25.26 36.11
C SER A 43 18.49 24.13 36.50
N SER A 44 18.47 23.76 37.80
CA SER A 44 17.61 22.70 38.29
C SER A 44 16.42 23.23 39.08
N ASN A 45 16.26 24.55 39.08
CA ASN A 45 15.24 25.25 39.87
C ASN A 45 13.86 25.24 39.20
N TYR A 46 13.44 24.08 38.70
CA TYR A 46 12.17 23.97 37.97
C TYR A 46 11.51 22.65 38.29
N PRO A 47 10.18 22.56 38.37
CA PRO A 47 9.54 21.31 38.76
C PRO A 47 9.99 20.11 37.95
N ASP A 48 10.21 20.28 36.66
CA ASP A 48 10.57 19.11 35.82
C ASP A 48 11.99 18.59 36.12
N ALA A 49 12.85 19.42 36.67
CA ALA A 49 14.25 19.06 36.97
C ALA A 49 14.33 18.29 38.28
N LEU A 50 13.37 18.45 39.16
CA LEU A 50 13.53 17.82 40.51
C LEU A 50 13.68 16.29 40.43
N LYS A 51 13.12 15.59 39.47
CA LYS A 51 13.28 14.12 39.39
C LYS A 51 14.75 13.72 39.16
N ASP A 52 15.55 14.66 38.67
CA ASP A 52 17.00 14.48 38.43
C ASP A 52 17.83 14.96 39.61
N VAL A 53 17.18 15.43 40.67
CA VAL A 53 17.83 15.94 41.90
C VAL A 53 17.67 14.92 43.04
N TRP A 54 16.47 14.45 43.28
CA TRP A 54 16.24 13.65 44.50
C TRP A 54 17.06 12.36 44.54
N PRO A 55 17.21 11.60 43.43
CA PRO A 55 17.96 10.34 43.51
C PRO A 55 19.38 10.61 44.01
N SER A 56 20.03 11.67 43.55
CA SER A 56 21.42 11.94 44.00
C SER A 56 21.40 12.27 45.47
N MET A 57 20.41 13.01 45.94
CA MET A 57 20.35 13.46 47.34
C MET A 57 20.17 12.20 48.23
N GLU A 58 19.35 11.23 47.82
N GLU A 58 19.32 11.26 47.81
CA GLU A 58 19.12 9.99 48.62
CA GLU A 58 19.09 9.96 48.51
C GLU A 58 20.38 9.11 48.59
C GLU A 58 20.42 9.22 48.59
N LYS A 59 21.03 9.00 47.42
CA LYS A 59 22.32 8.26 47.37
C LYS A 59 23.38 8.91 48.27
N MET A 60 23.39 10.22 48.34
CA MET A 60 24.42 10.95 49.10
C MET A 60 24.16 10.82 50.61
N GLY A 61 22.89 10.64 50.98
CA GLY A 61 22.45 10.68 52.38
C GLY A 61 22.41 12.09 52.95
N ALA A 62 22.28 13.11 52.11
CA ALA A 62 22.23 14.50 52.57
C ALA A 62 20.93 14.73 53.33
N ASN A 63 20.99 15.63 54.29
CA ASN A 63 19.81 16.00 55.09
C ASN A 63 19.22 17.34 54.66
N THR A 64 19.89 18.03 53.77
CA THR A 64 19.48 19.41 53.40
C THR A 64 19.87 19.65 51.94
N LEU A 65 18.90 20.18 51.19
CA LEU A 65 19.08 20.54 49.77
C LEU A 65 19.18 22.04 49.60
N SER A 66 20.28 22.51 49.02
CA SER A 66 20.41 23.93 48.58
C SER A 66 20.02 24.06 47.13
N ILE A 67 19.12 24.99 46.82
CA ILE A 67 18.58 25.04 45.43
C ILE A 67 18.13 26.47 45.17
N PRO A 68 18.35 27.01 43.95
CA PRO A 68 17.96 28.39 43.66
C PRO A 68 16.46 28.63 43.64
N VAL A 69 16.11 29.81 44.10
CA VAL A 69 14.81 30.44 43.72
C VAL A 69 15.15 31.77 43.06
N ALA A 70 14.80 31.88 41.77
CA ALA A 70 15.31 32.96 40.94
C ALA A 70 14.31 34.11 40.88
N TRP A 71 14.80 35.32 41.00
CA TRP A 71 13.89 36.50 40.81
C TRP A 71 13.13 36.37 39.50
N GLU A 72 13.80 35.95 38.43
CA GLU A 72 13.10 35.89 37.09
C GLU A 72 11.93 34.90 37.08
N GLN A 73 11.94 33.89 37.94
CA GLN A 73 10.88 32.86 37.95
C GLN A 73 9.74 33.29 38.88
N ILE A 74 9.99 34.01 39.97
CA ILE A 74 8.88 34.40 40.88
C ILE A 74 8.25 35.72 40.46
N GLU A 75 8.94 36.56 39.64
CA GLU A 75 8.35 37.85 39.21
C GLU A 75 8.66 38.06 37.74
N PRO A 76 8.15 37.21 36.84
CA PRO A 76 8.58 37.26 35.46
C PRO A 76 8.05 38.54 34.77
N VAL A 77 6.89 39.04 35.23
CA VAL A 77 6.30 40.33 34.82
C VAL A 77 6.11 41.12 36.13
N GLU A 78 6.41 42.40 36.13
CA GLU A 78 6.49 43.18 37.41
C GLU A 78 5.14 43.15 38.11
N GLY A 79 5.09 42.75 39.38
CA GLY A 79 3.85 42.70 40.19
C GLY A 79 3.08 41.42 39.96
N GLN A 80 3.61 40.52 39.12
CA GLN A 80 2.89 39.27 38.74
C GLN A 80 3.69 38.09 39.33
N PHE A 81 3.46 37.77 40.58
CA PHE A 81 4.28 36.74 41.27
C PHE A 81 3.80 35.33 40.96
N ASP A 82 4.76 34.42 40.99
CA ASP A 82 4.57 32.98 40.65
C ASP A 82 5.42 32.15 41.58
N PHE A 83 4.78 31.48 42.53
CA PHE A 83 5.50 30.60 43.45
C PHE A 83 5.20 29.13 43.16
N SER A 84 4.76 28.79 41.97
CA SER A 84 4.50 27.40 41.56
C SER A 84 5.71 26.51 41.78
N PHE A 85 6.94 27.00 41.57
CA PHE A 85 8.09 26.13 41.79
C PHE A 85 8.24 25.84 43.29
N VAL A 86 8.19 26.89 44.09
CA VAL A 86 8.34 26.75 45.55
C VAL A 86 7.29 25.80 46.11
N ASP A 87 6.06 25.86 45.62
CA ASP A 87 5.02 24.89 46.07
C ASP A 87 5.47 23.45 45.85
N VAL A 88 5.87 23.12 44.62
CA VAL A 88 6.26 21.73 44.28
C VAL A 88 7.50 21.33 45.12
N LEU A 89 8.48 22.22 45.19
CA LEU A 89 9.71 21.95 45.96
C LEU A 89 9.41 21.64 47.41
N LEU A 90 8.59 22.46 48.07
CA LEU A 90 8.32 22.22 49.48
C LEU A 90 7.63 20.86 49.63
N LYS A 91 6.66 20.53 48.79
CA LYS A 91 5.87 19.28 48.91
C LYS A 91 6.83 18.09 48.71
N GLU A 92 7.72 18.15 47.75
CA GLU A 92 8.60 17.00 47.42
C GLU A 92 9.71 16.89 48.48
N ALA A 93 10.21 18.00 49.02
CA ALA A 93 11.18 17.95 50.14
C ALA A 93 10.53 17.29 51.35
N ARG A 94 9.32 17.71 51.70
CA ARG A 94 8.62 17.16 52.86
C ARG A 94 8.34 15.68 52.69
N GLN A 95 8.00 15.22 51.47
CA GLN A 95 7.80 13.78 51.22
C GLN A 95 9.08 12.98 51.53
N ARG A 96 10.24 13.58 51.30
CA ARG A 96 11.52 12.91 51.55
C ARG A 96 12.14 13.22 52.91
N LYS A 97 11.47 14.00 53.73
CA LYS A 97 11.88 14.34 55.12
C LYS A 97 13.28 14.94 55.06
N VAL A 98 13.49 15.85 54.11
CA VAL A 98 14.70 16.70 54.10
C VAL A 98 14.32 18.16 54.28
N ARG A 99 15.33 18.96 54.54
CA ARG A 99 15.20 20.39 54.75
C ARG A 99 15.84 21.13 53.55
N LEU A 100 15.54 22.41 53.47
CA LEU A 100 15.90 23.23 52.32
C LEU A 100 16.67 24.46 52.73
N VAL A 101 17.63 24.82 51.90
CA VAL A 101 18.19 26.17 51.90
C VAL A 101 17.92 26.78 50.54
N LEU A 102 17.14 27.85 50.54
CA LEU A 102 16.80 28.50 49.23
C LEU A 102 17.85 29.52 48.93
N LEU A 103 18.26 29.59 47.67
CA LEU A 103 19.33 30.57 47.19
C LEU A 103 18.66 31.65 46.32
N TRP A 104 18.53 32.84 46.89
CA TRP A 104 17.85 33.96 46.23
C TRP A 104 18.77 34.52 45.14
N PHE A 105 18.55 34.12 43.91
CA PHE A 105 19.31 34.59 42.76
C PHE A 105 18.62 35.84 42.21
N ALA A 106 19.22 36.99 42.40
CA ALA A 106 18.49 38.25 42.17
C ALA A 106 19.39 39.31 41.59
N THR A 107 19.65 40.38 42.34
CA THR A 107 20.50 41.49 41.86
C THR A 107 21.87 40.95 41.42
N TRP A 108 22.52 40.06 42.21
CA TRP A 108 23.77 39.40 41.83
C TRP A 108 23.59 37.87 41.85
N LYS A 109 24.07 37.26 40.78
CA LYS A 109 24.39 35.82 40.72
C LYS A 109 25.72 35.80 39.99
N ASN A 110 26.79 35.47 40.70
CA ASN A 110 28.17 35.48 40.16
C ASN A 110 28.45 36.84 39.52
N ASN A 111 28.21 37.92 40.25
CA ASN A 111 28.48 39.32 39.86
C ASN A 111 27.42 39.87 38.90
N ALA A 112 26.53 39.06 38.33
CA ALA A 112 25.70 39.53 37.20
C ALA A 112 24.21 39.41 37.46
N PRO A 113 23.39 40.13 36.66
CA PRO A 113 21.94 40.07 36.81
C PRO A 113 21.22 39.11 35.88
N HIS A 114 21.87 38.02 35.51
CA HIS A 114 21.25 37.03 34.60
C HIS A 114 19.98 36.40 35.14
N TYR A 115 19.80 36.33 36.46
CA TYR A 115 18.59 35.70 37.04
C TYR A 115 17.60 36.76 37.49
N ALA A 116 17.87 38.04 37.21
CA ALA A 116 16.84 39.06 37.45
C ALA A 116 15.90 38.98 36.24
N PRO A 117 14.62 39.37 36.43
CA PRO A 117 13.64 39.30 35.37
C PRO A 117 14.13 40.11 34.16
N ALA A 118 13.59 39.83 32.97
CA ALA A 118 13.92 40.63 31.76
C ALA A 118 13.61 42.12 31.98
N TRP A 119 12.51 42.43 32.68
CA TRP A 119 12.08 43.84 32.86
C TRP A 119 13.10 44.57 33.76
N VAL A 120 13.93 43.83 34.48
CA VAL A 120 15.03 44.41 35.28
C VAL A 120 16.30 44.46 34.45
N LYS A 121 16.79 43.29 34.02
CA LYS A 121 18.15 43.22 33.45
C LYS A 121 18.26 43.87 32.06
N LEU A 122 17.13 44.16 31.42
CA LEU A 122 17.20 44.84 30.10
C LEU A 122 16.90 46.34 30.23
N ASP A 123 16.70 46.84 31.45
CA ASP A 123 16.34 48.27 31.69
C ASP A 123 17.45 48.93 32.50
N ASN A 124 18.58 49.17 31.86
CA ASN A 124 19.78 49.79 32.48
C ASN A 124 19.47 51.17 33.04
N ALA A 125 18.61 51.97 32.42
CA ALA A 125 18.35 53.32 32.92
C ALA A 125 17.66 53.25 34.29
N ARG A 126 16.70 52.36 34.47
CA ARG A 126 16.00 52.13 35.76
C ARG A 126 16.91 51.41 36.77
N PHE A 127 17.62 50.40 36.28
CA PHE A 127 18.41 49.46 37.13
C PHE A 127 19.85 49.45 36.64
N PRO A 128 20.65 50.44 37.08
CA PRO A 128 21.91 50.71 36.40
C PRO A 128 23.12 49.85 36.74
N ARG A 129 23.92 49.65 35.71
CA ARG A 129 25.16 48.86 35.81
C ARG A 129 26.37 49.68 36.31
N VAL A 130 27.30 48.94 36.86
CA VAL A 130 28.69 49.41 37.10
C VAL A 130 29.26 50.01 35.82
N VAL A 131 29.80 51.21 35.97
CA VAL A 131 30.58 51.90 34.93
C VAL A 131 32.06 51.88 35.31
N LYS A 132 32.91 51.40 34.41
CA LYS A 132 34.36 51.44 34.67
C LYS A 132 34.87 52.87 34.60
N GLU A 133 36.11 53.01 35.02
CA GLU A 133 36.80 54.31 35.00
C GLU A 133 36.88 54.84 33.59
N ASP A 134 37.08 53.94 32.61
CA ASP A 134 37.21 54.40 31.23
C ASP A 134 35.83 54.73 30.64
N GLY A 135 34.69 54.54 31.34
CA GLY A 135 33.34 54.85 30.84
C GLY A 135 32.64 53.66 30.20
N ASP A 136 33.35 52.55 29.97
CA ASP A 136 32.70 51.28 29.49
C ASP A 136 31.82 50.74 30.64
N THR A 137 30.78 49.99 30.27
CA THR A 137 29.79 49.47 31.23
C THR A 137 30.07 47.97 31.44
N LEU A 138 29.96 47.50 32.67
CA LEU A 138 30.04 46.05 32.95
C LEU A 138 28.65 45.50 33.21
N ASN A 139 28.47 44.19 32.95
CA ASN A 139 27.17 43.52 33.21
C ASN A 139 27.15 43.07 34.70
N SER A 140 27.13 44.07 35.59
CA SER A 140 27.12 43.92 37.05
C SER A 140 26.29 45.08 37.60
N LEU A 141 25.18 44.81 38.28
CA LEU A 141 24.32 45.94 38.72
C LEU A 141 24.99 46.75 39.84
N SER A 142 24.90 48.05 39.77
CA SER A 142 25.54 48.91 40.78
C SER A 142 24.77 48.80 42.09
N PRO A 143 25.45 48.68 43.24
CA PRO A 143 24.73 48.64 44.51
C PRO A 143 24.18 50.01 44.92
N LEU A 144 24.48 51.05 44.12
CA LEU A 144 23.95 52.39 44.39
C LEU A 144 22.67 52.64 43.61
N GLY A 145 22.19 51.66 42.81
CA GLY A 145 20.87 51.75 42.14
C GLY A 145 19.74 51.60 43.15
N GLN A 146 19.14 52.73 43.52
CA GLN A 146 18.05 52.72 44.51
C GLN A 146 16.83 52.00 43.92
N ASN A 147 16.57 52.10 42.63
CA ASN A 147 15.38 51.36 42.12
C ASN A 147 15.59 49.86 42.21
N THR A 148 16.79 49.43 41.94
CA THR A 148 17.18 48.01 41.94
C THR A 148 17.01 47.47 43.37
N LEU A 149 17.47 48.21 44.36
CA LEU A 149 17.38 47.78 45.78
C LEU A 149 15.89 47.63 46.13
N ALA A 150 15.08 48.63 45.78
CA ALA A 150 13.63 48.57 46.10
C ALA A 150 12.95 47.37 45.46
N ALA A 151 13.36 47.08 44.21
CA ALA A 151 12.69 46.04 43.42
C ALA A 151 13.06 44.67 44.00
N ASP A 152 14.33 44.47 44.28
CA ASP A 152 14.86 43.20 44.84
C ASP A 152 14.19 42.94 46.18
N LYS A 153 14.23 43.96 47.05
CA LYS A 153 13.63 43.90 48.38
C LYS A 153 12.14 43.52 48.21
N LYS A 154 11.40 44.19 47.33
CA LYS A 154 9.94 43.94 47.17
C LYS A 154 9.74 42.45 46.83
N ALA A 155 10.52 41.92 45.89
CA ALA A 155 10.31 40.51 45.45
C ALA A 155 10.70 39.52 46.54
N PHE A 156 11.77 39.83 47.25
CA PHE A 156 12.28 38.95 48.33
C PHE A 156 11.26 38.94 49.47
N VAL A 157 10.66 40.09 49.76
CA VAL A 157 9.57 40.16 50.77
C VAL A 157 8.43 39.22 50.34
N GLU A 158 8.09 39.22 49.06
CA GLU A 158 6.98 38.33 48.61
C GLU A 158 7.39 36.87 48.77
N LEU A 159 8.64 36.50 48.50
CA LEU A 159 9.08 35.11 48.78
C LEU A 159 8.95 34.81 50.26
N MET A 160 9.37 35.71 51.13
CA MET A 160 9.31 35.47 52.58
C MET A 160 7.85 35.38 53.04
N LYS A 161 6.94 36.10 52.39
CA LYS A 161 5.51 36.03 52.78
C LYS A 161 4.99 34.66 52.37
N TYR A 162 5.45 34.14 51.23
CA TYR A 162 5.06 32.77 50.79
C TYR A 162 5.50 31.77 51.88
N LEU A 163 6.75 31.87 52.37
CA LEU A 163 7.20 30.92 53.40
C LEU A 163 6.46 31.18 54.72
N ALA A 164 6.18 32.44 55.06
CA ALA A 164 5.46 32.71 56.32
C ALA A 164 4.11 31.97 56.29
N LYS A 165 3.43 31.98 55.17
CA LYS A 165 2.06 31.45 55.06
C LYS A 165 2.07 29.95 54.79
N ARG A 166 3.05 29.45 54.02
N ARG A 166 3.07 29.48 54.04
CA ARG A 166 2.99 28.08 53.48
CA ARG A 166 3.04 28.14 53.41
C ARG A 166 4.08 27.18 54.08
C ARG A 166 4.21 27.27 53.94
N ASP A 167 4.92 27.67 55.01
CA ASP A 167 6.03 26.81 55.53
C ASP A 167 6.18 26.95 57.05
N LYS A 168 5.04 26.75 57.74
CA LYS A 168 4.87 26.84 59.21
C LYS A 168 5.83 25.93 59.99
N ASP A 169 6.27 24.78 59.46
CA ASP A 169 7.16 23.79 60.14
C ASP A 169 8.62 24.05 59.68
N HIS A 170 8.83 25.09 58.86
CA HIS A 170 10.20 25.53 58.50
C HIS A 170 10.93 24.41 57.77
N THR A 171 10.32 23.84 56.73
CA THR A 171 11.06 22.95 55.82
C THR A 171 12.28 23.72 55.29
N VAL A 172 12.07 24.97 54.92
CA VAL A 172 13.16 25.91 54.64
C VAL A 172 13.76 26.38 55.95
N ILE A 173 15.04 26.13 56.16
CA ILE A 173 15.75 26.46 57.43
C ILE A 173 16.64 27.69 57.31
N MET A 174 16.97 28.12 56.09
CA MET A 174 17.90 29.25 55.92
C MET A 174 17.79 29.74 54.48
N VAL A 175 18.06 31.02 54.28
CA VAL A 175 18.04 31.63 52.92
C VAL A 175 19.37 32.30 52.65
N GLN A 176 19.94 32.00 51.48
CA GLN A 176 21.12 32.73 50.97
C GLN A 176 20.62 33.95 50.19
N VAL A 177 21.12 35.11 50.54
CA VAL A 177 20.67 36.36 49.93
C VAL A 177 21.67 36.72 48.84
N GLN A 178 21.24 36.70 47.59
CA GLN A 178 22.12 36.84 46.40
C GLN A 178 23.00 35.60 46.25
N ASN A 179 23.83 35.60 45.23
CA ASN A 179 24.81 34.54 45.02
C ASN A 179 26.10 35.15 44.54
N GLU A 180 27.20 34.94 45.28
CA GLU A 180 28.54 35.45 44.87
C GLU A 180 28.42 36.90 44.32
N VAL A 181 28.12 37.80 45.21
CA VAL A 181 28.04 39.23 44.85
C VAL A 181 29.43 39.76 44.49
N GLY A 182 29.40 40.91 43.83
CA GLY A 182 30.61 41.66 43.49
C GLY A 182 30.66 41.99 42.02
N THR A 183 31.84 42.39 41.59
CA THR A 183 32.07 42.77 40.19
C THR A 183 33.38 42.19 39.71
N TYR A 184 33.34 41.55 38.53
CA TYR A 184 34.55 41.16 37.78
C TYR A 184 34.83 42.26 36.76
N GLY A 185 36.10 42.65 36.63
CA GLY A 185 36.48 43.58 35.54
C GLY A 185 36.66 45.03 35.97
N ALA A 186 36.22 45.38 37.18
CA ALA A 186 36.49 46.68 37.81
C ALA A 186 36.43 46.53 39.35
N VAL A 187 36.89 47.53 40.09
CA VAL A 187 36.91 47.43 41.56
C VAL A 187 35.60 47.93 42.14
N ARG A 188 34.95 48.92 41.49
CA ARG A 188 33.72 49.53 41.99
C ARG A 188 32.99 50.18 40.82
N ASP A 189 31.85 50.76 41.15
CA ASP A 189 31.12 51.63 40.21
C ASP A 189 31.86 52.97 40.20
N TYR A 190 32.07 53.49 39.01
CA TYR A 190 32.62 54.85 38.82
C TYR A 190 31.68 55.73 38.01
N SER A 191 30.42 55.33 37.95
CA SER A 191 29.31 56.14 37.47
C SER A 191 29.35 57.49 38.19
N PRO A 192 28.82 58.55 37.52
CA PRO A 192 28.58 59.83 38.20
C PRO A 192 27.87 59.67 39.57
N MET A 193 26.78 58.88 39.59
CA MET A 193 26.01 58.56 40.81
C MET A 193 26.99 58.03 41.87
N ALA A 194 27.86 57.08 41.51
CA ALA A 194 28.77 56.40 42.47
C ALA A 194 29.87 57.38 42.90
N GLN A 195 30.47 58.15 41.97
CA GLN A 195 31.52 59.18 42.30
C GLN A 195 30.96 60.19 43.30
N ALA A 196 29.68 60.58 43.22
CA ALA A 196 29.09 61.62 44.14
C ALA A 196 29.09 61.06 45.58
N VAL A 197 29.01 59.74 45.71
CA VAL A 197 28.98 59.06 47.03
C VAL A 197 30.41 58.78 47.49
N PHE A 198 31.31 58.45 46.56
CA PHE A 198 32.72 58.09 46.85
C PHE A 198 33.55 59.33 47.25
N ASN A 199 33.35 60.42 46.51
CA ASN A 199 34.01 61.73 46.71
C ASN A 199 33.14 62.46 47.72
N ALA A 200 33.06 61.89 48.94
CA ALA A 200 32.20 62.35 50.06
C ALA A 200 32.57 61.60 51.34
N ALA A 201 32.06 62.03 52.50
CA ALA A 201 32.37 61.42 53.81
C ALA A 201 31.90 59.96 53.88
N VAL A 202 32.81 59.11 54.35
CA VAL A 202 32.53 57.76 54.91
C VAL A 202 31.48 57.91 56.00
N PRO A 203 30.39 57.10 55.93
CA PRO A 203 29.30 57.12 56.90
C PRO A 203 29.80 57.00 58.35
N ASP A 204 29.21 57.78 59.27
CA ASP A 204 29.59 57.87 60.70
C ASP A 204 29.69 56.42 61.21
N ASP A 205 28.70 55.59 60.88
CA ASP A 205 28.54 54.25 61.51
C ASP A 205 29.74 53.34 61.20
N LEU A 206 30.29 53.39 59.99
CA LEU A 206 31.47 52.57 59.64
C LEU A 206 32.72 53.13 60.33
N ILE A 207 32.94 54.45 60.31
CA ILE A 207 34.15 55.09 60.92
C ILE A 207 34.24 54.73 62.42
N GLN A 208 33.10 54.68 63.11
CA GLN A 208 33.01 54.22 64.54
C GLN A 208 33.32 52.74 64.69
N LYS A 209 32.58 51.89 63.99
CA LYS A 209 32.75 50.42 64.14
C LYS A 209 34.21 50.01 63.89
N LEU A 210 34.96 50.69 63.01
CA LEU A 210 36.36 50.29 62.63
C LEU A 210 37.44 51.00 63.46
N GLN A 211 37.10 51.96 64.34
CA GLN A 211 38.08 52.76 65.13
C GLN A 211 38.94 53.61 64.18
N LEU A 212 38.33 54.58 63.47
CA LEU A 212 39.01 55.38 62.41
C LEU A 212 38.60 56.85 62.56
N LYS A 213 39.25 57.76 61.82
CA LYS A 213 39.02 59.24 61.93
C LYS A 213 38.08 59.69 60.81
N PRO A 214 37.16 60.65 61.02
CA PRO A 214 36.25 61.12 59.95
C PRO A 214 36.93 61.52 58.62
N GLY A 215 36.22 61.37 57.48
CA GLY A 215 36.75 61.81 56.19
C GLY A 215 36.07 61.14 55.03
N THR A 216 36.57 61.41 53.81
CA THR A 216 36.09 60.87 52.51
C THR A 216 36.68 59.46 52.35
N TRP A 217 36.14 58.68 51.43
CA TRP A 217 36.59 57.28 51.25
C TRP A 217 38.10 57.24 51.03
N SER A 218 38.59 58.09 50.11
N SER A 218 38.61 58.11 50.15
CA SER A 218 40.02 58.20 49.73
CA SER A 218 40.04 58.10 49.77
C SER A 218 40.84 58.58 50.99
C SER A 218 40.92 58.70 50.88
N GLN A 219 40.33 59.53 51.77
CA GLN A 219 41.03 60.10 52.96
C GLN A 219 41.22 58.97 53.99
N VAL A 220 40.14 58.25 54.35
CA VAL A 220 40.18 57.32 55.52
C VAL A 220 40.67 55.97 55.03
N PHE A 221 40.44 55.53 53.79
CA PHE A 221 40.92 54.16 53.45
C PHE A 221 42.12 54.19 52.49
N GLY A 222 42.46 55.33 51.88
CA GLY A 222 43.59 55.39 50.91
C GLY A 222 43.48 54.38 49.77
N ARG A 223 44.48 53.52 49.60
CA ARG A 223 44.66 52.64 48.40
C ARG A 223 43.65 51.47 48.41
N ASP A 224 42.90 51.35 49.49
CA ASP A 224 41.81 50.35 49.62
C ASP A 224 40.45 51.03 49.42
N ALA A 225 40.43 52.33 49.13
CA ALA A 225 39.14 53.06 49.10
C ALA A 225 38.19 52.42 48.06
N ASP A 226 38.66 52.16 46.84
CA ASP A 226 37.76 51.69 45.77
C ASP A 226 37.11 50.35 46.18
N GLU A 227 37.92 49.43 46.67
CA GLU A 227 37.44 48.08 46.99
C GLU A 227 36.59 48.11 48.26
N PHE A 228 36.99 48.85 49.26
CA PHE A 228 36.20 48.89 50.53
C PHE A 228 34.86 49.59 50.26
N PHE A 229 34.89 50.57 49.37
CA PHE A 229 33.68 51.32 48.98
C PHE A 229 32.72 50.30 48.36
N HIS A 230 33.17 49.49 47.39
CA HIS A 230 32.27 48.50 46.70
C HIS A 230 31.69 47.50 47.72
N ALA A 231 32.55 46.98 48.54
CA ALA A 231 32.18 46.01 49.62
C ALA A 231 31.18 46.64 50.57
N TYR A 232 31.39 47.88 51.01
CA TYR A 232 30.42 48.52 51.93
C TYR A 232 29.05 48.70 51.24
N GLN A 233 29.05 49.22 50.00
CA GLN A 233 27.77 49.52 49.33
C GLN A 233 27.02 48.20 49.08
N ILE A 234 27.71 47.17 48.62
CA ILE A 234 27.05 45.84 48.39
C ILE A 234 26.58 45.29 49.73
N ALA A 235 27.45 45.37 50.73
CA ALA A 235 27.07 44.87 52.07
C ALA A 235 25.77 45.57 52.54
N ARG A 236 25.70 46.88 52.41
CA ARG A 236 24.52 47.68 52.82
C ARG A 236 23.31 47.21 52.03
N TYR A 237 23.47 47.01 50.73
CA TYR A 237 22.37 46.56 49.85
C TYR A 237 21.84 45.22 50.37
N CYS A 238 22.75 44.24 50.57
CA CYS A 238 22.34 42.90 51.03
C CYS A 238 21.75 42.95 52.43
N ASP A 239 22.26 43.79 53.34
CA ASP A 239 21.67 43.93 54.68
C ASP A 239 20.23 44.43 54.57
N GLU A 240 19.98 45.40 53.67
CA GLU A 240 18.60 45.95 53.56
C GLU A 240 17.64 44.88 53.06
N VAL A 241 18.05 44.10 52.06
CA VAL A 241 17.20 42.99 51.54
C VAL A 241 16.94 42.05 52.70
N THR A 242 18.01 41.71 53.42
CA THR A 242 17.94 40.74 54.53
C THR A 242 16.96 41.23 55.58
N VAL A 243 17.05 42.47 56.02
CA VAL A 243 16.18 43.02 57.10
C VAL A 243 14.72 42.98 56.64
N ALA A 244 14.44 43.38 55.38
CA ALA A 244 13.11 43.41 54.77
C ALA A 244 12.50 42.01 54.82
N GLY A 245 13.30 41.01 54.49
CA GLY A 245 12.80 39.64 54.48
C GLY A 245 12.58 39.10 55.88
N LYS A 246 13.50 39.37 56.81
CA LYS A 246 13.43 38.84 58.18
C LYS A 246 12.27 39.50 58.91
N ALA A 247 11.80 40.69 58.45
CA ALA A 247 10.66 41.35 59.11
C ALA A 247 9.39 40.53 58.84
N ILE A 248 9.44 39.76 57.75
CA ILE A 248 8.33 38.86 57.32
C ILE A 248 8.42 37.53 58.04
N LYS A 249 9.57 36.88 57.92
CA LYS A 249 9.87 35.64 58.67
C LYS A 249 11.34 35.65 58.99
N ASN A 250 11.65 35.55 60.26
CA ASN A 250 13.05 35.76 60.77
C ASN A 250 13.88 34.48 60.67
N LEU A 251 14.05 33.97 59.46
CA LEU A 251 14.93 32.81 59.20
C LEU A 251 16.36 33.30 59.20
N PRO A 252 17.31 32.41 59.51
CA PRO A 252 18.69 32.75 59.33
C PRO A 252 18.93 33.04 57.85
N MET A 253 19.84 33.98 57.60
CA MET A 253 20.18 34.38 56.21
C MET A 253 21.64 34.66 56.08
N TYR A 254 22.20 34.32 54.91
CA TYR A 254 23.68 34.39 54.80
C TYR A 254 24.05 34.79 53.37
N VAL A 255 25.32 35.14 53.21
CA VAL A 255 25.85 35.45 51.87
C VAL A 255 27.02 34.54 51.59
N ASN A 256 27.21 34.17 50.33
CA ASN A 256 28.29 33.25 49.94
C ASN A 256 29.34 33.98 49.10
N VAL A 257 30.57 33.56 49.26
CA VAL A 257 31.71 34.32 48.70
C VAL A 257 32.42 33.58 47.58
N ALA A 258 32.53 34.30 46.46
CA ALA A 258 33.48 33.93 45.39
C ALA A 258 34.89 34.32 45.89
N LEU A 259 35.55 33.32 46.50
CA LEU A 259 36.80 33.50 47.24
C LEU A 259 37.87 34.08 46.33
N ARG A 260 38.70 34.89 46.95
CA ARG A 260 40.03 35.17 46.40
C ARG A 260 41.00 34.17 47.01
N ASN A 261 42.07 33.91 46.30
CA ASN A 261 43.12 33.01 46.79
C ASN A 261 43.70 33.72 48.01
N PRO A 262 43.71 33.07 49.20
CA PRO A 262 44.12 33.76 50.44
C PRO A 262 45.63 34.02 50.52
N PHE A 263 46.43 33.26 49.76
CA PHE A 263 47.91 33.42 49.73
C PHE A 263 48.35 34.40 48.63
N ASN A 264 47.70 34.35 47.47
CA ASN A 264 48.10 35.22 46.34
C ASN A 264 46.87 35.63 45.55
N PRO A 265 46.19 36.64 46.11
CA PRO A 265 44.85 36.96 45.62
C PRO A 265 44.83 37.62 44.25
N GLY A 266 45.91 38.29 43.87
CA GLY A 266 45.80 39.30 42.81
C GLY A 266 44.85 40.44 43.15
N LEU A 267 44.35 41.12 42.13
CA LEU A 267 43.71 42.43 42.30
C LEU A 267 42.19 42.30 42.32
N PRO A 268 41.49 43.17 43.09
CA PRO A 268 40.03 43.20 43.02
C PRO A 268 39.64 43.52 41.55
N GLY A 269 38.66 42.75 41.06
CA GLY A 269 38.19 42.79 39.67
C GLY A 269 38.70 41.60 38.87
N GLN A 270 39.90 41.10 39.20
CA GLN A 270 40.29 39.72 38.78
C GLN A 270 39.50 38.72 39.62
N TYR A 271 39.53 38.87 40.96
CA TYR A 271 38.54 38.22 41.81
C TYR A 271 37.34 39.14 41.86
N SER A 272 36.25 38.60 42.39
CA SER A 272 34.96 39.33 42.46
C SER A 272 35.04 40.40 43.56
N SER A 273 35.34 41.63 43.15
CA SER A 273 35.52 42.79 44.05
C SER A 273 34.21 43.08 44.78
N GLY A 274 34.29 43.33 46.08
CA GLY A 274 33.10 43.78 46.83
C GLY A 274 32.42 42.62 47.56
N GLY A 275 32.66 41.36 47.19
CA GLY A 275 32.16 40.21 47.96
C GLY A 275 32.91 40.14 49.28
N GLY A 276 32.50 39.22 50.15
CA GLY A 276 33.06 39.03 51.49
C GLY A 276 34.39 38.29 51.47
N THR A 277 35.32 38.76 50.65
CA THR A 277 36.69 38.22 50.58
C THR A 277 37.39 38.51 51.90
N ASP A 278 38.49 37.83 52.14
CA ASP A 278 39.08 37.79 53.50
C ASP A 278 39.51 39.21 53.94
N ASN A 279 39.92 40.07 52.98
CA ASN A 279 40.43 41.41 53.32
C ASN A 279 39.27 42.39 53.61
N VAL A 280 38.01 42.03 53.39
CA VAL A 280 36.90 42.99 53.62
C VAL A 280 35.86 42.40 54.56
N LEU A 281 36.17 41.32 55.26
CA LEU A 281 35.23 40.75 56.22
C LEU A 281 34.92 41.79 57.32
N HIS A 282 35.88 42.63 57.69
CA HIS A 282 35.65 43.71 58.69
C HIS A 282 34.64 44.72 58.15
N ILE A 283 34.74 45.05 56.86
CA ILE A 283 33.75 45.99 56.26
C ILE A 283 32.39 45.31 56.30
N TRP A 284 32.32 44.04 55.87
CA TRP A 284 31.03 43.32 55.76
C TRP A 284 30.40 43.18 57.15
N LYS A 285 31.20 42.83 58.14
CA LYS A 285 30.65 42.66 59.50
C LYS A 285 30.16 44.01 60.02
N ALA A 286 30.87 45.11 59.76
CA ALA A 286 30.44 46.46 60.24
C ALA A 286 29.20 46.90 59.44
N ALA A 287 29.17 46.64 58.14
CA ALA A 287 28.11 47.24 57.27
C ALA A 287 26.81 46.42 57.34
N ALA A 288 26.92 45.12 57.65
CA ALA A 288 25.76 44.23 57.48
C ALA A 288 25.51 43.41 58.73
N PRO A 289 25.12 44.07 59.81
CA PRO A 289 24.89 43.37 61.07
C PRO A 289 23.73 42.39 61.06
N ASN A 290 22.86 42.43 60.06
CA ASN A 290 21.62 41.61 60.02
C ASN A 290 21.88 40.28 59.31
N ILE A 291 23.00 40.20 58.59
CA ILE A 291 23.39 38.99 57.85
C ILE A 291 24.08 38.06 58.85
N ASP A 292 23.54 36.86 58.99
CA ASP A 292 23.95 35.94 60.06
C ASP A 292 25.39 35.47 59.88
N LEU A 293 25.79 35.10 58.68
CA LEU A 293 27.16 34.65 58.45
C LEU A 293 27.59 34.88 56.99
N ILE A 294 28.89 34.80 56.77
CA ILE A 294 29.54 34.93 55.46
C ILE A 294 30.22 33.60 55.15
N ALA A 295 29.78 32.93 54.12
CA ALA A 295 30.09 31.50 53.87
C ALA A 295 31.05 31.43 52.70
N PRO A 296 32.14 30.69 52.81
CA PRO A 296 33.02 30.47 51.70
C PRO A 296 32.54 29.40 50.72
N ASP A 297 32.78 29.70 49.42
CA ASP A 297 32.52 28.78 48.29
C ASP A 297 33.90 28.25 47.83
N ILE A 298 34.15 26.99 48.16
CA ILE A 298 35.50 26.44 48.10
C ILE A 298 35.73 25.57 46.87
N TYR A 299 36.58 26.06 45.95
CA TYR A 299 36.93 25.24 44.73
C TYR A 299 38.45 25.06 44.61
N PHE A 300 39.20 25.55 45.61
CA PHE A 300 40.65 25.25 45.71
C PHE A 300 40.76 23.79 46.14
N ARG A 301 41.50 22.98 45.39
CA ARG A 301 41.60 21.52 45.70
C ARG A 301 42.68 21.19 46.74
N ASP A 302 43.71 22.04 46.85
CA ASP A 302 44.87 21.69 47.68
C ASP A 302 44.62 21.97 49.16
N TYR A 303 45.11 21.05 49.96
CA TYR A 303 44.93 21.07 51.41
C TYR A 303 45.36 22.40 52.05
N LYS A 304 46.57 22.89 51.81
CA LYS A 304 47.00 24.15 52.50
C LYS A 304 46.07 25.33 52.20
N THR A 305 45.60 25.46 50.95
CA THR A 305 44.74 26.63 50.59
C THR A 305 43.38 26.44 51.27
N VAL A 306 42.83 25.27 51.19
CA VAL A 306 41.50 25.00 51.79
C VAL A 306 41.61 25.20 53.30
N SER A 307 42.66 24.64 53.92
CA SER A 307 42.81 24.82 55.38
C SER A 307 42.85 26.33 55.70
N LYS A 308 43.56 27.14 54.91
CA LYS A 308 43.67 28.60 55.17
C LYS A 308 42.29 29.24 55.05
N VAL A 309 41.55 28.85 54.04
CA VAL A 309 40.15 29.37 53.93
C VAL A 309 39.31 29.06 55.18
N LEU A 310 39.37 27.83 55.66
CA LEU A 310 38.56 27.43 56.84
C LEU A 310 38.98 28.28 58.05
N GLU A 311 40.25 28.49 58.23
CA GLU A 311 40.77 29.34 59.33
C GLU A 311 40.22 30.76 59.18
N LEU A 312 40.33 31.35 57.98
CA LEU A 312 39.96 32.75 57.82
C LEU A 312 38.45 32.94 58.02
N TYR A 313 37.61 31.96 57.68
CA TYR A 313 36.14 32.13 57.71
C TYR A 313 35.55 31.67 59.04
N THR A 314 36.35 31.02 59.89
CA THR A 314 35.90 30.60 61.25
C THR A 314 36.37 31.67 62.23
N ARG A 315 35.43 32.45 62.75
CA ARG A 315 35.77 33.59 63.61
C ARG A 315 34.79 33.61 64.77
N PRO A 316 35.15 34.25 65.90
CA PRO A 316 34.14 34.46 66.94
C PRO A 316 32.89 35.17 66.38
N ASP A 317 33.03 36.01 65.32
CA ASP A 317 31.86 36.72 64.76
C ASP A 317 31.33 36.02 63.51
N ASN A 318 31.82 34.81 63.18
CA ASN A 318 31.43 34.19 61.91
C ASN A 318 31.38 32.67 62.05
N ALA A 319 30.18 32.12 62.07
CA ALA A 319 29.96 30.67 62.01
C ALA A 319 30.51 30.21 60.68
N LEU A 320 31.12 29.03 60.65
CA LEU A 320 31.62 28.40 59.41
C LEU A 320 30.54 27.54 58.77
N PHE A 321 30.15 27.93 57.57
CA PHE A 321 29.27 27.14 56.71
C PHE A 321 29.96 27.06 55.37
N VAL A 322 30.30 25.84 54.96
CA VAL A 322 30.90 25.65 53.63
C VAL A 322 29.72 25.53 52.67
N ALA A 323 29.30 26.71 52.21
CA ALA A 323 28.03 26.81 51.45
C ALA A 323 28.15 26.10 50.08
N GLU A 324 29.36 26.07 49.51
CA GLU A 324 29.63 25.30 48.29
C GLU A 324 31.01 24.72 48.44
N ILE A 325 31.16 23.52 47.86
CA ILE A 325 32.51 22.97 47.69
C ILE A 325 32.47 22.10 46.45
N GLY A 326 33.61 21.98 45.75
CA GLY A 326 33.66 21.14 44.55
C GLY A 326 33.23 19.73 44.83
N ASN A 327 32.72 19.07 43.82
CA ASN A 327 32.16 17.71 43.97
C ASN A 327 33.13 16.65 43.48
N ASP A 328 34.37 17.03 43.19
CA ASP A 328 35.35 16.01 42.85
C ASP A 328 35.80 15.28 44.14
N GLN A 329 36.40 14.11 43.94
CA GLN A 329 36.78 13.24 45.07
C GLN A 329 37.62 13.98 46.12
N PRO A 330 38.65 14.77 45.78
CA PRO A 330 39.53 15.33 46.80
C PRO A 330 38.84 16.20 47.84
N PHE A 331 37.64 16.67 47.52
CA PHE A 331 36.97 17.65 48.37
C PHE A 331 36.23 16.96 49.56
N ALA A 332 35.87 15.68 49.43
CA ALA A 332 34.99 15.01 50.43
C ALA A 332 35.66 15.09 51.81
N ARG A 333 36.99 14.91 51.89
CA ARG A 333 37.66 14.80 53.18
C ARG A 333 37.66 16.13 53.92
N TYR A 334 37.30 17.25 53.26
CA TYR A 334 37.28 18.56 53.96
C TYR A 334 36.05 18.64 54.90
N LEU A 335 35.14 17.67 54.81
CA LEU A 335 34.06 17.62 55.79
C LEU A 335 34.65 17.58 57.21
N PHE A 336 35.76 16.85 57.33
CA PHE A 336 36.28 16.57 58.69
C PHE A 336 36.84 17.82 59.35
N PRO A 337 37.72 18.63 58.71
CA PRO A 337 38.15 19.89 59.35
C PRO A 337 37.04 20.93 59.44
N THR A 338 36.08 20.83 58.52
CA THR A 338 34.98 21.82 58.58
C THR A 338 34.23 21.60 59.90
N LEU A 339 33.91 20.35 60.18
CA LEU A 339 33.16 20.05 61.40
C LEU A 339 34.03 20.22 62.65
N GLY A 340 35.30 19.93 62.52
CA GLY A 340 36.28 20.10 63.60
C GLY A 340 36.44 21.54 64.02
N LYS A 341 36.21 22.49 63.12
CA LYS A 341 36.21 23.93 63.41
C LYS A 341 34.93 24.39 64.04
N GLY A 342 33.95 23.51 64.27
CA GLY A 342 32.66 23.96 64.79
C GLY A 342 31.71 24.29 63.66
N GLY A 343 32.02 23.88 62.43
CA GLY A 343 31.17 24.24 61.27
C GLY A 343 29.77 23.75 61.45
N ILE A 344 28.84 24.52 60.86
CA ILE A 344 27.40 24.21 60.94
C ILE A 344 26.94 23.43 59.72
N GLY A 345 27.76 23.34 58.69
CA GLY A 345 27.35 22.62 57.50
C GLY A 345 28.37 22.64 56.39
N PHE A 346 28.07 21.83 55.42
CA PHE A 346 28.96 21.51 54.29
C PHE A 346 28.09 21.07 53.14
N SER A 347 28.30 21.67 51.97
CA SER A 347 27.32 21.50 50.84
C SER A 347 28.07 21.38 49.47
N PRO A 348 28.43 20.16 49.02
CA PRO A 348 29.01 19.97 47.70
C PRO A 348 28.07 20.45 46.62
N PHE A 349 28.69 21.09 45.62
CA PHE A 349 27.97 21.74 44.50
C PHE A 349 27.83 20.79 43.31
N GLY A 350 26.66 20.83 42.68
CA GLY A 350 26.41 20.12 41.42
C GLY A 350 25.98 18.69 41.57
N MET A 351 25.27 18.38 42.69
CA MET A 351 24.89 17.02 43.00
C MET A 351 23.52 16.73 42.37
N ASP A 352 23.47 16.68 41.06
CA ASP A 352 22.27 16.24 40.32
C ASP A 352 22.65 15.69 38.95
N ASP A 353 21.69 15.00 38.32
CA ASP A 353 21.90 14.28 37.07
C ASP A 353 21.22 15.06 35.91
N THR A 354 21.42 16.35 35.88
CA THR A 354 20.86 17.24 34.82
C THR A 354 21.90 17.45 33.70
N ASP A 355 22.86 16.54 33.57
CA ASP A 355 23.78 16.50 32.41
C ASP A 355 24.66 17.74 32.45
N TYR A 356 25.29 18.00 33.55
CA TYR A 356 26.27 19.08 33.65
C TYR A 356 27.32 18.73 34.68
N THR A 357 28.56 19.12 34.43
CA THR A 357 29.64 19.12 35.45
C THR A 357 30.41 20.41 35.28
N ASN A 358 30.77 21.02 36.40
CA ASN A 358 31.55 22.26 36.41
C ASN A 358 33.08 21.97 36.43
N TYR A 359 33.52 20.74 36.14
CA TYR A 359 34.91 20.45 35.81
C TYR A 359 35.41 21.54 34.88
N PRO A 360 36.57 22.18 35.09
CA PRO A 360 37.62 21.81 35.99
C PRO A 360 37.43 22.07 37.52
N LEU A 361 36.35 22.74 37.93
CA LEU A 361 36.14 23.01 39.38
C LEU A 361 35.76 21.69 40.08
N GLY A 362 34.79 20.95 39.56
CA GLY A 362 34.34 19.68 40.14
C GLY A 362 34.79 18.44 39.37
N ALA A 363 34.06 17.37 39.54
CA ALA A 363 34.30 16.06 38.95
C ALA A 363 34.20 16.09 37.44
N LYS A 364 35.12 15.48 36.76
CA LYS A 364 35.10 15.43 35.29
C LYS A 364 33.87 14.66 34.86
N VAL A 365 33.49 13.64 35.66
N VAL A 365 33.51 13.59 35.58
CA VAL A 365 32.37 12.70 35.40
CA VAL A 365 32.28 12.82 35.29
C VAL A 365 31.42 12.75 36.60
C VAL A 365 31.42 12.76 36.55
N TYR A 366 30.13 12.89 36.33
CA TYR A 366 29.10 12.77 37.38
C TYR A 366 28.47 11.40 37.25
N ASN A 367 28.74 10.54 38.26
CA ASN A 367 28.15 9.20 38.29
C ASN A 367 28.02 8.74 39.73
N ASP A 368 27.55 7.51 39.89
CA ASP A 368 27.28 7.04 41.26
C ASP A 368 28.59 7.04 42.08
N GLU A 369 29.76 6.80 41.46
CA GLU A 369 31.03 6.87 42.16
C GLU A 369 31.29 8.30 42.68
N THR A 370 30.95 9.34 41.89
CA THR A 370 31.12 10.71 42.33
C THR A 370 30.37 10.92 43.65
N ILE A 371 29.11 10.50 43.65
CA ILE A 371 28.26 10.65 44.82
C ILE A 371 28.78 9.84 46.00
N GLU A 372 29.20 8.63 45.72
CA GLU A 372 29.66 7.71 46.77
C GLU A 372 30.80 8.29 47.62
N GLN A 373 31.62 9.13 47.05
CA GLN A 373 32.78 9.68 47.81
C GLN A 373 32.27 10.56 48.95
N PHE A 374 31.13 11.24 48.74
CA PHE A 374 30.50 12.06 49.77
C PHE A 374 29.61 11.19 50.64
N ALA A 375 28.87 10.25 50.06
CA ALA A 375 28.03 9.36 50.88
C ALA A 375 28.87 8.71 51.98
N GLN A 376 30.04 8.25 51.63
CA GLN A 376 30.87 7.48 52.61
C GLN A 376 31.21 8.36 53.81
N VAL A 377 31.53 9.62 53.61
CA VAL A 377 31.87 10.49 54.75
C VAL A 377 30.60 10.90 55.49
N TYR A 378 29.53 11.13 54.74
CA TYR A 378 28.25 11.51 55.44
C TYR A 378 27.77 10.40 56.37
N ARG A 379 28.06 9.15 56.00
CA ARG A 379 27.64 7.96 56.82
C ARG A 379 28.32 7.94 58.17
N LEU A 380 29.43 8.64 58.35
CA LEU A 380 30.09 8.76 59.65
C LEU A 380 29.38 9.72 60.57
N VAL A 381 28.69 10.73 60.01
CA VAL A 381 28.14 11.85 60.80
C VAL A 381 26.63 11.69 60.95
N ASN A 382 25.93 11.22 59.92
CA ASN A 382 24.46 11.09 60.04
C ASN A 382 24.00 10.31 61.26
N PRO A 383 24.61 9.19 61.69
CA PRO A 383 24.14 8.49 62.87
C PRO A 383 24.28 9.22 64.20
N MET A 384 25.09 10.25 64.24
CA MET A 384 25.30 11.05 65.45
C MET A 384 25.02 12.52 65.18
N MET A 385 24.21 12.86 64.17
CA MET A 385 24.27 14.25 63.75
C MET A 385 23.85 15.19 64.88
N ARG A 386 22.77 14.90 65.57
CA ARG A 386 22.31 15.80 66.66
C ARG A 386 23.27 15.82 67.84
N GLU A 387 23.83 14.67 68.17
CA GLU A 387 24.80 14.61 69.28
C GLU A 387 26.05 15.39 68.93
N TRP A 388 26.55 15.22 67.71
CA TRP A 388 27.75 15.94 67.27
C TRP A 388 27.47 17.44 67.30
N ALA A 389 26.31 17.83 66.77
CA ALA A 389 25.99 19.25 66.70
C ALA A 389 25.99 19.89 68.09
N ARG A 390 25.44 19.19 69.07
N ARG A 390 25.44 19.21 69.08
CA ARG A 390 25.40 19.66 70.47
CA ARG A 390 25.43 19.75 70.45
C ARG A 390 26.83 19.78 71.02
C ARG A 390 26.86 19.81 71.00
N LEU A 391 27.65 18.76 70.82
CA LEU A 391 29.05 18.76 71.33
C LEU A 391 29.85 19.86 70.66
N SER A 392 29.59 20.09 69.39
CA SER A 392 30.32 21.13 68.60
C SER A 392 30.07 22.54 69.15
N TYR A 393 28.83 22.79 69.58
CA TYR A 393 28.43 24.09 70.16
C TYR A 393 28.87 24.22 71.63
N GLN A 394 28.62 23.20 72.44
CA GLN A 394 28.62 23.31 73.92
C GLN A 394 29.92 22.77 74.48
N GLY A 395 30.72 22.12 73.64
CA GLY A 395 31.96 21.48 74.14
C GLY A 395 33.11 21.61 73.16
N GLN A 396 33.98 20.59 73.22
CA GLN A 396 35.20 20.54 72.47
C GLN A 396 35.12 19.45 71.41
N VAL A 397 35.45 19.88 70.20
CA VAL A 397 35.57 18.95 69.07
C VAL A 397 36.81 19.28 68.27
N TRP A 398 37.18 18.29 67.48
CA TRP A 398 38.36 18.37 66.62
C TRP A 398 38.07 17.59 65.34
N GLY A 399 38.76 18.00 64.26
CA GLY A 399 38.65 17.23 63.04
C GLY A 399 39.80 17.54 62.14
N VAL A 400 40.22 16.53 61.40
CA VAL A 400 41.41 16.64 60.54
C VAL A 400 41.13 15.87 59.26
N ALA A 401 41.77 16.35 58.18
CA ALA A 401 41.84 15.63 56.90
C ALA A 401 43.28 15.29 56.54
N GLU A 402 43.39 14.27 55.71
CA GLU A 402 44.70 13.87 55.15
C GLU A 402 45.43 15.04 54.51
N PRO A 403 46.61 15.42 55.03
CA PRO A 403 47.19 16.71 54.71
C PRO A 403 48.13 16.76 53.51
N LEU A 404 48.34 15.63 52.85
CA LEU A 404 49.03 15.68 51.54
C LEU A 404 47.97 15.40 50.48
N ASP A 405 48.01 16.20 49.43
CA ASP A 405 47.17 15.96 48.25
C ASP A 405 47.72 14.75 47.49
N SER A 406 46.91 14.18 46.62
CA SER A 406 47.35 13.04 45.77
C SER A 406 48.61 13.42 44.98
N THR A 407 49.55 12.51 44.91
CA THR A 407 50.80 12.73 44.16
C THR A 407 50.44 13.07 42.71
N THR A 408 51.01 14.15 42.13
CA THR A 408 50.77 14.60 40.71
C THR A 408 51.55 13.70 39.75
N GLU A 409 51.05 13.41 38.52
CA GLU A 409 51.77 12.57 37.50
C GLU A 409 52.99 13.35 37.03
N THR A 410 54.00 13.33 37.89
CA THR A 410 55.25 14.12 37.92
C THR A 410 56.09 13.54 39.06
N GLN A 411 55.53 13.50 40.28
CA GLN A 411 56.27 12.96 41.44
C GLN A 411 56.38 11.43 41.24
N TRP A 414 59.83 13.20 38.60
CA TRP A 414 60.56 14.06 39.57
C TRP A 414 60.84 13.26 40.83
N ASN A 415 59.90 12.39 41.20
CA ASN A 415 60.10 11.45 42.33
C ASN A 415 61.00 10.34 41.79
N ALA A 416 60.77 9.86 40.58
CA ALA A 416 61.47 8.68 40.00
C ALA A 416 62.92 9.02 39.64
N GLU A 417 63.14 10.27 39.19
CA GLU A 417 64.46 10.86 38.79
C GLU A 417 65.30 11.13 40.04
N ALA A 418 64.67 11.15 41.21
CA ALA A 418 65.37 11.30 42.51
C ALA A 418 66.29 10.09 42.72
N THR A 419 67.37 10.30 43.45
CA THR A 419 68.41 9.30 43.78
C THR A 419 67.87 8.35 44.84
N PRO A 420 68.50 7.19 45.08
CA PRO A 420 68.01 6.22 46.07
C PRO A 420 68.17 6.61 47.54
N GLU A 421 68.94 7.68 47.85
CA GLU A 421 69.05 8.32 49.19
C GLU A 421 67.99 9.43 49.29
N GLU A 422 67.77 10.18 48.20
CA GLU A 422 66.71 11.21 48.11
C GLU A 422 65.34 10.50 48.35
N LYS A 423 65.21 9.19 48.03
CA LYS A 423 63.95 8.36 48.07
C LYS A 423 63.53 7.93 49.49
N GLU A 424 64.38 7.19 50.24
CA GLU A 424 64.13 6.86 51.67
C GLU A 424 63.84 8.17 52.39
N GLN A 425 64.56 9.24 52.04
CA GLN A 425 64.33 10.58 52.65
C GLN A 425 62.92 11.05 52.29
N HIS A 426 62.53 10.89 51.03
CA HIS A 426 61.16 11.28 50.60
C HIS A 426 60.16 10.52 51.45
N LYS A 427 60.35 9.20 51.64
CA LYS A 427 59.39 8.33 52.38
C LYS A 427 59.30 8.77 53.85
N LYS A 428 60.42 9.07 54.50
CA LYS A 428 60.40 9.54 55.92
C LYS A 428 59.64 10.89 55.97
N ASP A 429 59.87 11.76 54.98
CA ASP A 429 59.30 13.12 54.99
C ASP A 429 57.78 12.97 54.81
N ARG A 430 57.35 12.13 53.88
CA ARG A 430 55.92 11.91 53.66
C ARG A 430 55.30 11.31 54.94
N ALA A 431 55.95 10.34 55.59
CA ALA A 431 55.37 9.68 56.78
C ALA A 431 55.16 10.73 57.89
N SER A 432 56.14 11.62 58.04
CA SER A 432 56.07 12.74 59.01
C SER A 432 54.91 13.68 58.66
N ALA A 433 54.79 14.04 57.39
CA ALA A 433 53.71 14.95 57.00
C ALA A 433 52.33 14.33 57.21
N LEU A 434 52.24 13.01 57.08
CA LEU A 434 50.97 12.26 57.17
C LEU A 434 50.71 11.83 58.62
N THR A 435 51.34 12.52 59.55
CA THR A 435 51.18 12.27 61.00
C THR A 435 50.75 13.59 61.67
N GLN A 436 49.51 13.63 62.20
CA GLN A 436 48.95 14.85 62.82
C GLN A 436 48.77 14.60 64.33
N GLN A 437 49.08 15.61 65.11
CA GLN A 437 48.90 15.65 66.57
C GLN A 437 47.70 16.49 66.91
N LEU A 438 46.89 16.01 67.83
CA LEU A 438 45.79 16.82 68.43
C LEU A 438 45.88 16.80 69.95
N ASP A 439 45.78 17.98 70.53
CA ASP A 439 45.81 18.22 71.97
C ASP A 439 44.37 18.14 72.50
N LEU A 440 44.05 17.03 73.20
CA LEU A 440 42.66 16.81 73.72
C LEU A 440 42.60 17.01 75.23
N GLY A 441 43.55 17.73 75.81
CA GLY A 441 43.49 18.08 77.24
C GLY A 441 44.47 17.19 77.99
N LEU A 442 43.94 16.20 78.71
CA LEU A 442 44.80 15.20 79.42
C LEU A 442 45.37 14.19 78.44
N TRP A 443 44.79 14.11 77.24
CA TRP A 443 45.15 13.05 76.27
C TRP A 443 45.42 13.73 74.93
N ASP A 444 46.31 13.17 74.12
CA ASP A 444 46.56 13.62 72.74
C ASP A 444 46.14 12.46 71.84
N ALA A 445 45.74 12.80 70.63
CA ALA A 445 45.57 11.84 69.54
C ALA A 445 46.63 12.11 68.49
N GLU A 446 47.12 11.03 67.92
CA GLU A 446 47.97 11.07 66.71
C GLU A 446 47.21 10.37 65.58
N VAL A 447 47.02 11.10 64.47
CA VAL A 447 46.24 10.56 63.32
C VAL A 447 47.25 10.34 62.21
N THR A 448 47.17 9.17 61.58
CA THR A 448 48.08 8.79 60.48
C THR A 448 47.26 8.20 59.37
N TYR A 449 47.82 8.26 58.15
CA TYR A 449 47.00 7.90 56.97
C TYR A 449 47.74 6.90 56.09
N GLY A 450 47.06 5.85 55.69
CA GLY A 450 47.54 4.91 54.66
C GLY A 450 48.54 3.95 55.21
N ARG A 451 48.05 3.06 56.08
CA ARG A 451 48.91 2.02 56.65
C ARG A 451 48.01 0.86 57.03
N PRO A 452 48.62 -0.34 57.22
CA PRO A 452 47.85 -1.52 57.64
C PRO A 452 47.14 -1.30 58.98
N MET A 453 46.23 -2.23 59.28
CA MET A 453 45.46 -2.21 60.53
C MET A 453 46.17 -2.95 61.67
N PHE A 454 47.40 -3.36 61.45
CA PHE A 454 48.19 -4.19 62.38
C PHE A 454 49.64 -3.72 62.23
N TRP A 455 50.40 -3.73 63.33
CA TRP A 455 51.82 -3.37 63.40
C TRP A 455 52.00 -1.88 63.06
N VAL A 456 53.23 -1.46 62.84
CA VAL A 456 53.60 -0.03 62.90
C VAL A 456 54.40 0.37 61.67
N THR A 457 54.24 -0.31 60.56
CA THR A 457 54.80 0.24 59.31
C THR A 457 54.41 1.71 59.16
N PRO A 458 55.34 2.65 58.88
CA PRO A 458 54.99 4.04 58.73
C PRO A 458 53.93 4.33 57.66
N PRO A 459 53.10 5.36 57.87
CA PRO A 459 52.09 5.73 56.89
C PRO A 459 52.66 6.22 55.55
N GLU A 460 51.94 5.84 54.49
CA GLU A 460 52.30 6.18 53.10
C GLU A 460 51.19 6.97 52.39
N GLY A 461 50.09 7.18 53.07
CA GLY A 461 49.01 7.94 52.48
C GLY A 461 48.05 7.03 51.73
N ASN A 462 46.81 7.53 51.58
CA ASN A 462 45.81 6.84 50.76
C ASN A 462 45.99 7.34 49.32
N THR A 463 45.62 6.50 48.37
N THR A 463 45.57 6.50 48.39
CA THR A 463 45.63 6.84 46.93
CA THR A 463 45.61 6.77 46.92
C THR A 463 44.23 6.60 46.38
C THR A 463 44.20 6.59 46.38
N PRO A 464 43.43 7.66 46.10
CA PRO A 464 43.86 9.07 46.27
C PRO A 464 43.76 9.53 47.73
N ALA A 465 44.28 10.72 48.04
CA ALA A 465 44.20 11.28 49.39
C ALA A 465 42.71 11.32 49.77
N ALA A 466 42.33 10.90 50.98
CA ALA A 466 40.89 10.76 51.27
C ALA A 466 40.59 10.71 52.76
N GLY A 467 41.60 10.51 53.60
CA GLY A 467 41.29 10.17 54.99
C GLY A 467 40.98 11.34 55.88
N GLY A 468 40.40 11.03 57.03
CA GLY A 468 40.13 12.05 58.04
C GLY A 468 39.68 11.47 59.35
N ALA A 469 39.44 12.32 60.32
CA ALA A 469 39.00 11.89 61.69
C ALA A 469 38.20 13.03 62.35
N LEU A 470 37.25 12.61 63.19
CA LEU A 470 36.49 13.48 64.07
C LEU A 470 36.62 12.99 65.50
N ILE A 471 36.81 13.93 66.43
CA ILE A 471 36.83 13.56 67.85
C ILE A 471 36.04 14.62 68.58
N ALA A 472 35.23 14.19 69.52
CA ALA A 472 34.51 15.07 70.47
C ALA A 472 34.81 14.65 71.90
N GLN A 473 35.08 15.62 72.76
CA GLN A 473 35.30 15.27 74.18
C GLN A 473 33.99 15.02 74.89
N LEU A 474 33.87 13.88 75.54
CA LEU A 474 32.68 13.59 76.38
C LEU A 474 32.97 13.92 77.84
N ASP A 475 34.19 13.69 78.27
CA ASP A 475 34.58 13.96 79.67
C ASP A 475 36.11 14.04 79.69
N ASP A 476 36.69 14.29 80.85
CA ASP A 476 38.16 14.45 80.98
C ASP A 476 38.92 13.30 80.27
N ASN A 477 38.42 12.10 80.36
CA ASN A 477 39.18 10.91 79.87
C ASN A 477 38.35 10.14 78.84
N GLU A 478 37.34 10.75 78.21
CA GLU A 478 36.45 9.98 77.34
C GLU A 478 36.12 10.81 76.11
N TYR A 479 36.25 10.19 74.95
CA TYR A 479 36.10 10.82 73.63
C TYR A 479 35.20 9.98 72.72
N LEU A 480 34.41 10.70 71.93
CA LEU A 480 33.65 10.13 70.80
C LEU A 480 34.57 10.24 69.57
N VAL A 481 34.76 9.15 68.84
CA VAL A 481 35.77 9.07 67.75
C VAL A 481 35.15 8.34 66.57
N THR A 482 35.26 8.97 65.37
CA THR A 482 34.97 8.23 64.12
C THR A 482 35.99 8.71 63.10
N ALA A 483 36.47 7.81 62.25
CA ALA A 483 37.48 8.25 61.28
C ALA A 483 37.36 7.41 60.02
N TYR A 484 38.17 7.78 59.05
CA TYR A 484 37.97 7.25 57.68
C TYR A 484 39.36 7.10 57.11
N LYS A 485 39.69 5.88 56.67
CA LYS A 485 40.97 5.56 55.98
C LYS A 485 42.14 6.15 56.74
N ALA A 486 42.19 5.86 58.01
CA ALA A 486 43.08 6.50 58.99
C ALA A 486 43.23 5.64 60.26
N ARG A 487 44.37 5.86 60.93
CA ARG A 487 44.62 5.29 62.25
C ARG A 487 44.60 6.45 63.26
N VAL A 488 43.95 6.25 64.37
CA VAL A 488 43.89 7.22 65.49
C VAL A 488 44.48 6.54 66.72
N GLU A 489 45.47 7.17 67.33
CA GLU A 489 46.15 6.58 68.51
C GLU A 489 46.13 7.60 69.65
N PHE A 490 45.78 7.17 70.85
CA PHE A 490 45.73 8.04 72.05
C PHE A 490 46.98 7.85 72.91
N LYS A 491 47.39 8.91 73.57
CA LYS A 491 48.55 8.96 74.46
C LYS A 491 48.30 10.03 75.51
N PRO A 492 49.01 10.00 76.67
CA PRO A 492 48.94 11.09 77.64
C PRO A 492 49.45 12.39 77.03
N SER A 493 48.84 13.51 77.40
CA SER A 493 49.20 14.86 76.85
C SER A 493 50.38 15.40 77.61
N GLN A 494 50.52 15.05 78.88
CA GLN A 494 51.57 15.61 79.78
C GLN A 494 52.29 14.39 80.41
N GLU A 495 53.57 14.53 80.78
CA GLU A 495 54.37 13.48 81.49
C GLU A 495 53.60 13.04 82.75
N LEU A 496 53.58 11.75 83.06
CA LEU A 496 52.62 11.19 84.07
C LEU A 496 53.21 10.94 85.47
N ALA A 497 54.43 11.34 85.77
CA ALA A 497 55.01 11.23 87.13
C ALA A 497 54.82 9.83 87.73
N GLY A 498 55.47 8.84 87.15
CA GLY A 498 55.50 7.50 87.75
C GLY A 498 54.39 6.62 87.24
N LYS A 499 53.24 7.15 86.86
CA LYS A 499 52.05 6.37 86.43
C LYS A 499 52.26 5.80 85.03
N LYS A 500 51.44 4.82 84.67
CA LYS A 500 51.40 4.27 83.33
C LYS A 500 50.03 4.62 82.74
N PHE A 501 49.82 4.31 81.46
CA PHE A 501 48.50 4.62 80.86
C PHE A 501 48.06 3.45 79.98
N MET A 502 46.74 3.35 79.85
CA MET A 502 46.14 2.45 78.89
C MET A 502 44.80 3.00 78.40
N ILE A 503 44.32 2.35 77.35
CA ILE A 503 42.89 2.43 76.97
C ILE A 503 42.16 1.67 78.07
N GLU A 504 41.20 2.28 78.69
CA GLU A 504 40.34 1.57 79.64
C GLU A 504 39.32 0.75 78.86
N ARG A 505 38.64 1.39 77.92
CA ARG A 505 37.60 0.68 77.14
C ARG A 505 37.30 1.47 75.88
N VAL A 506 37.11 0.74 74.81
CA VAL A 506 36.59 1.24 73.51
C VAL A 506 35.31 0.49 73.19
N GLU A 507 34.22 1.22 73.02
CA GLU A 507 32.94 0.61 72.62
C GLU A 507 32.57 1.20 71.25
N GLU A 508 32.09 0.33 70.37
CA GLU A 508 31.43 0.75 69.13
C GLU A 508 29.94 0.70 69.39
N GLY A 509 29.25 1.71 68.88
CA GLY A 509 27.82 1.80 69.14
C GLY A 509 27.14 2.89 68.40
N ARG A 510 25.98 3.24 68.91
CA ARG A 510 25.13 4.22 68.22
C ARG A 510 24.27 4.92 69.24
N PHE A 511 23.67 6.02 68.82
CA PHE A 511 22.69 6.75 69.65
C PHE A 511 21.29 6.37 69.17
N GLU A 512 20.43 5.98 70.12
CA GLU A 512 18.98 5.73 69.88
C GLU A 512 18.25 6.62 70.90
N LYS A 513 17.42 7.51 70.41
CA LYS A 513 16.62 8.43 71.25
C LYS A 513 17.59 9.19 72.17
N GLY A 514 18.79 9.55 71.66
CA GLY A 514 19.84 10.31 72.41
C GLY A 514 20.55 9.52 73.51
N LYS A 515 20.35 8.20 73.57
CA LYS A 515 21.07 7.32 74.52
C LYS A 515 22.05 6.47 73.73
N TRP A 516 23.19 6.22 74.35
CA TRP A 516 24.25 5.39 73.79
C TRP A 516 23.80 3.95 73.90
N VAL A 517 23.94 3.23 72.80
CA VAL A 517 23.69 1.77 72.74
C VAL A 517 24.99 1.10 72.32
N MET A 518 25.55 0.26 73.17
N MET A 518 25.56 0.23 73.15
CA MET A 518 26.78 -0.47 72.80
CA MET A 518 26.83 -0.49 72.86
C MET A 518 26.41 -1.58 71.83
C MET A 518 26.53 -1.68 71.94
N GLU A 519 27.28 -1.79 70.84
CA GLU A 519 27.18 -2.96 69.97
C GLU A 519 28.29 -3.94 70.36
N ARG A 520 29.52 -3.42 70.54
CA ARG A 520 30.64 -4.33 70.84
C ARG A 520 31.78 -3.56 71.48
N VAL A 521 32.71 -4.28 72.12
CA VAL A 521 33.94 -3.65 72.64
C VAL A 521 35.10 -3.92 71.67
N TRP A 522 35.78 -2.86 71.23
CA TRP A 522 37.04 -3.07 70.46
C TRP A 522 38.13 -3.39 71.49
N ASN A 523 38.86 -4.48 71.25
CA ASN A 523 40.01 -4.80 72.11
C ASN A 523 40.96 -5.65 71.33
N GLY A 524 42.05 -6.08 71.99
CA GLY A 524 42.99 -6.96 71.28
C GLY A 524 43.55 -6.27 70.04
N ASP A 525 43.63 -7.02 68.94
CA ASP A 525 44.18 -6.48 67.68
C ASP A 525 43.55 -5.13 67.37
N GLN A 526 42.24 -4.95 67.65
CA GLN A 526 41.56 -3.74 67.19
C GLN A 526 42.01 -2.51 67.98
N THR A 527 42.71 -2.68 69.10
CA THR A 527 43.23 -1.52 69.89
C THR A 527 44.72 -1.61 70.19
N ASP A 528 45.39 -2.65 69.71
CA ASP A 528 46.85 -2.75 69.99
C ASP A 528 47.65 -1.76 69.14
N TRP A 529 47.11 -1.41 67.96
CA TRP A 529 47.87 -0.71 66.88
C TRP A 529 47.08 0.56 66.55
N GLY A 530 46.66 1.29 67.60
CA GLY A 530 45.72 2.39 67.33
C GLY A 530 44.33 1.89 66.97
N LEU A 531 43.49 2.83 66.52
CA LEU A 531 42.11 2.54 66.14
C LEU A 531 42.08 2.77 64.64
N ASN A 532 41.92 1.68 63.92
CA ASN A 532 42.12 1.64 62.44
C ASN A 532 40.76 1.60 61.73
N PHE A 533 40.57 2.62 60.88
CA PHE A 533 39.32 2.79 60.12
C PHE A 533 39.58 2.63 58.63
N THR A 534 38.61 2.08 57.93
CA THR A 534 38.65 1.90 56.48
C THR A 534 37.63 2.85 55.88
N ASP A 535 36.85 2.36 54.95
CA ASP A 535 35.77 3.20 54.37
C ASP A 535 34.46 3.01 55.09
N ARG A 536 34.34 2.01 55.96
CA ARG A 536 33.05 1.68 56.59
C ARG A 536 32.88 2.53 57.82
N PRO A 537 31.65 2.89 58.24
CA PRO A 537 31.42 3.71 59.42
C PRO A 537 31.47 2.92 60.74
N HIS A 538 32.20 3.49 61.70
CA HIS A 538 32.18 3.00 63.07
C HIS A 538 32.26 4.19 64.01
N LEU A 539 31.32 4.27 64.93
CA LEU A 539 31.32 5.31 65.99
C LEU A 539 31.81 4.68 67.31
N LEU A 540 32.88 5.27 67.86
CA LEU A 540 33.53 4.73 69.08
C LEU A 540 33.40 5.70 70.25
N ARG A 541 33.24 5.13 71.45
CA ARG A 541 33.49 5.88 72.69
C ARG A 541 34.80 5.30 73.28
N VAL A 542 35.78 6.17 73.42
CA VAL A 542 37.14 5.78 73.91
C VAL A 542 37.32 6.37 75.27
N LYS A 543 37.62 5.51 76.24
CA LYS A 543 37.87 5.90 77.64
C LYS A 543 39.34 5.53 77.97
N MET A 544 40.14 6.53 78.31
CA MET A 544 41.56 6.40 78.64
C MET A 544 41.74 6.43 80.16
N ALA A 545 42.83 5.80 80.62
CA ALA A 545 43.12 5.78 82.07
C ALA A 545 44.60 5.83 82.34
N SER A 546 44.98 6.67 83.29
CA SER A 546 46.31 6.56 83.89
C SER A 546 46.16 5.74 85.17
N TYR A 547 47.16 4.96 85.50
CA TYR A 547 47.07 4.06 86.67
C TYR A 547 48.43 4.03 87.33
N SER A 548 48.38 3.84 88.63
CA SER A 548 49.59 3.77 89.48
C SER A 548 50.24 2.39 89.36
N VAL A 549 51.57 2.39 89.35
CA VAL A 549 52.36 1.14 89.47
C VAL A 549 53.29 1.21 90.71
N GLN A 550 53.18 2.21 91.57
CA GLN A 550 54.27 2.56 92.52
C GLN A 550 53.75 3.42 93.68
N ALA B 11 22.47 -38.80 77.68
CA ALA B 11 23.51 -37.72 77.77
C ALA B 11 24.73 -38.12 76.95
N ALA B 12 25.16 -37.23 76.07
CA ALA B 12 26.32 -37.47 75.19
C ALA B 12 27.55 -37.52 76.09
N PRO B 13 28.50 -38.39 75.78
CA PRO B 13 29.78 -38.41 76.48
C PRO B 13 30.52 -37.07 76.33
N LEU B 14 31.27 -36.66 77.37
CA LEU B 14 32.14 -35.46 77.29
C LEU B 14 33.18 -35.65 76.17
N PRO B 15 33.49 -34.57 75.45
CA PRO B 15 34.69 -34.55 74.61
C PRO B 15 35.91 -34.85 75.50
N GLU B 16 36.93 -35.49 74.91
CA GLU B 16 38.17 -35.76 75.67
C GLU B 16 39.31 -35.95 74.70
N LEU B 17 40.50 -35.57 75.14
CA LEU B 17 41.69 -35.85 74.33
C LEU B 17 42.28 -37.17 74.78
N LEU B 18 42.40 -38.12 73.84
CA LEU B 18 43.06 -39.40 74.15
C LEU B 18 44.45 -39.38 73.52
N SER B 19 45.38 -40.00 74.21
CA SER B 19 46.79 -40.12 73.79
C SER B 19 47.26 -41.55 74.01
N ASN B 20 47.59 -42.29 72.96
CA ASN B 20 48.21 -43.62 73.14
C ASN B 20 48.93 -44.07 71.86
N ASN B 21 49.90 -44.99 72.03
CA ASN B 21 50.66 -45.50 70.85
C ASN B 21 51.38 -44.30 70.16
N GLY B 22 51.74 -43.23 70.92
CA GLY B 22 52.32 -41.94 70.46
C GLY B 22 51.45 -41.14 69.51
N LYS B 23 50.14 -41.41 69.54
CA LYS B 23 49.15 -40.80 68.64
C LYS B 23 48.04 -40.19 69.54
N HIS B 24 47.11 -39.45 68.91
CA HIS B 24 46.16 -38.62 69.65
C HIS B 24 44.84 -38.58 68.91
N ALA B 25 43.78 -38.41 69.67
CA ALA B 25 42.47 -38.10 69.12
C ALA B 25 41.77 -37.12 70.06
N LEU B 26 41.07 -36.20 69.41
CA LEU B 26 40.04 -35.39 70.09
C LEU B 26 38.73 -36.16 69.90
N MET B 27 38.24 -36.75 70.97
CA MET B 27 36.93 -37.46 70.95
C MET B 27 35.80 -36.45 71.14
N VAL B 28 34.85 -36.45 70.20
CA VAL B 28 33.63 -35.64 70.30
C VAL B 28 32.49 -36.61 69.99
N ASP B 29 31.55 -36.66 70.92
CA ASP B 29 30.36 -37.55 70.85
C ASP B 29 30.81 -39.00 70.68
N GLY B 30 31.92 -39.35 71.34
CA GLY B 30 32.33 -40.77 71.45
C GLY B 30 33.15 -41.26 70.28
N ALA B 31 33.66 -40.35 69.42
CA ALA B 31 34.52 -40.80 68.30
C ALA B 31 35.51 -39.73 67.93
N PRO B 32 36.65 -40.08 67.30
CA PRO B 32 37.61 -39.05 66.90
C PRO B 32 36.97 -37.99 65.98
N TYR B 33 37.47 -36.79 66.09
CA TYR B 33 36.91 -35.58 65.44
C TYR B 33 38.05 -34.70 64.97
N ILE B 34 37.88 -34.04 63.83
CA ILE B 34 38.85 -33.06 63.35
C ILE B 34 38.19 -31.69 63.40
N ILE B 35 38.80 -30.75 64.07
CA ILE B 35 38.40 -29.34 64.01
C ILE B 35 38.84 -28.75 62.64
N LEU B 36 37.88 -28.58 61.76
CA LEU B 36 38.04 -27.76 60.53
C LEU B 36 37.50 -26.40 60.93
N GLY B 37 38.38 -25.61 61.46
CA GLY B 37 37.98 -24.47 62.29
C GLY B 37 38.01 -23.13 61.57
N SER B 38 37.55 -22.14 62.29
CA SER B 38 37.72 -20.74 61.98
C SER B 38 37.67 -19.95 63.26
N GLN B 39 38.49 -18.94 63.36
CA GLN B 39 38.49 -18.07 64.54
C GLN B 39 38.08 -16.66 64.11
N THR B 40 37.24 -16.04 64.91
CA THR B 40 36.83 -14.66 64.73
C THR B 40 38.00 -13.71 64.95
N ASN B 41 37.87 -12.47 64.45
CA ASN B 41 38.67 -11.37 64.91
C ASN B 41 38.43 -11.16 66.44
N ASN B 42 39.29 -10.39 67.05
CA ASN B 42 39.38 -10.24 68.53
C ASN B 42 38.23 -9.42 69.14
N SER B 43 37.43 -8.73 68.34
CA SER B 43 36.37 -7.85 68.86
C SER B 43 35.02 -8.33 68.28
N SER B 44 34.87 -9.62 68.04
CA SER B 44 33.63 -10.21 67.53
C SER B 44 32.82 -10.94 68.59
N ASN B 45 33.24 -10.81 69.83
CA ASN B 45 32.66 -11.54 70.96
C ASN B 45 31.47 -10.87 71.60
N TYR B 46 30.53 -10.41 70.79
CA TYR B 46 29.34 -9.72 71.27
C TYR B 46 28.17 -10.14 70.36
N PRO B 47 26.94 -10.22 70.89
CA PRO B 47 25.77 -10.62 70.10
C PRO B 47 25.64 -9.92 68.74
N ASP B 48 25.82 -8.61 68.74
CA ASP B 48 25.62 -7.81 67.52
C ASP B 48 26.64 -8.19 66.43
N ALA B 49 27.83 -8.67 66.81
CA ALA B 49 28.88 -9.01 65.83
C ALA B 49 28.62 -10.37 65.18
N LEU B 50 27.81 -11.25 65.78
CA LEU B 50 27.75 -12.64 65.26
C LEU B 50 27.13 -12.70 63.85
N LYS B 51 26.35 -11.69 63.44
CA LYS B 51 25.79 -11.67 62.07
C LYS B 51 26.89 -11.49 61.02
N ASP B 52 28.08 -10.98 61.46
CA ASP B 52 29.24 -10.81 60.59
C ASP B 52 30.22 -11.97 60.67
N VAL B 53 29.90 -12.98 61.48
CA VAL B 53 30.77 -14.18 61.67
C VAL B 53 30.15 -15.33 60.90
N TRP B 54 28.84 -15.61 61.08
CA TRP B 54 28.24 -16.88 60.58
C TRP B 54 28.34 -17.01 59.07
N PRO B 55 28.14 -15.93 58.27
CA PRO B 55 28.22 -16.11 56.81
C PRO B 55 29.59 -16.64 56.36
N SER B 56 30.63 -16.11 56.96
CA SER B 56 31.99 -16.53 56.67
C SER B 56 32.16 -18.00 57.04
N MET B 57 31.58 -18.40 58.18
CA MET B 57 31.77 -19.81 58.62
C MET B 57 31.07 -20.75 57.64
N GLU B 58 29.91 -20.36 57.16
CA GLU B 58 29.14 -21.15 56.18
C GLU B 58 29.91 -21.25 54.87
N LYS B 59 30.38 -20.12 54.35
CA LYS B 59 31.20 -20.12 53.09
C LYS B 59 32.46 -21.01 53.26
N MET B 60 33.00 -21.05 54.48
CA MET B 60 34.30 -21.76 54.70
C MET B 60 34.02 -23.27 54.74
N GLY B 61 32.83 -23.63 55.18
CA GLY B 61 32.50 -25.04 55.48
C GLY B 61 33.17 -25.51 56.77
N ALA B 62 33.46 -24.58 57.68
CA ALA B 62 34.03 -24.92 59.00
C ALA B 62 33.03 -25.69 59.83
N ASN B 63 33.52 -26.63 60.62
CA ASN B 63 32.69 -27.40 61.58
C ASN B 63 32.75 -26.85 63.00
N THR B 64 33.66 -25.95 63.28
CA THR B 64 33.94 -25.45 64.62
C THR B 64 34.37 -23.99 64.57
N LEU B 65 33.78 -23.20 65.44
CA LEU B 65 34.14 -21.77 65.60
C LEU B 65 34.92 -21.56 66.90
N SER B 66 36.10 -20.92 66.81
CA SER B 66 36.82 -20.43 67.98
C SER B 66 36.47 -18.96 68.14
N ILE B 67 36.09 -18.54 69.33
CA ILE B 67 35.65 -17.19 69.57
C ILE B 67 35.90 -16.83 71.03
N PRO B 68 36.34 -15.57 71.30
CA PRO B 68 36.62 -15.19 72.68
C PRO B 68 35.40 -15.15 73.58
N VAL B 69 35.64 -15.48 74.86
CA VAL B 69 34.77 -15.07 75.96
C VAL B 69 35.71 -14.33 76.89
N ALA B 70 35.44 -13.07 77.12
CA ALA B 70 36.36 -12.19 77.85
C ALA B 70 35.97 -12.07 79.33
N TRP B 71 36.97 -12.05 80.20
CA TRP B 71 36.70 -11.83 81.63
C TRP B 71 35.95 -10.50 81.81
N GLU B 72 36.33 -9.50 81.02
CA GLU B 72 35.75 -8.16 81.19
C GLU B 72 34.22 -8.21 80.91
N GLN B 73 33.79 -9.07 80.02
CA GLN B 73 32.36 -9.12 79.62
C GLN B 73 31.58 -9.97 80.62
N ILE B 74 32.18 -11.06 81.15
CA ILE B 74 31.37 -11.92 82.07
C ILE B 74 31.39 -11.39 83.49
N GLU B 75 32.39 -10.60 83.89
CA GLU B 75 32.45 -10.09 85.30
C GLU B 75 32.78 -8.63 85.28
N PRO B 76 31.95 -7.79 84.62
CA PRO B 76 32.39 -6.42 84.46
C PRO B 76 32.50 -5.63 85.77
N VAL B 77 31.75 -6.05 86.77
CA VAL B 77 31.84 -5.55 88.17
C VAL B 77 32.03 -6.80 89.03
N GLU B 78 32.90 -6.70 90.02
CA GLU B 78 33.33 -7.90 90.74
C GLU B 78 32.09 -8.58 91.32
N GLY B 79 31.94 -9.88 91.07
CA GLY B 79 30.83 -10.67 91.63
C GLY B 79 29.52 -10.48 90.89
N GLN B 80 29.50 -9.73 89.78
CA GLN B 80 28.23 -9.50 89.03
C GLN B 80 28.43 -10.12 87.66
N PHE B 81 28.01 -11.36 87.52
CA PHE B 81 28.28 -12.16 86.33
C PHE B 81 27.22 -11.93 85.26
N ASP B 82 27.65 -11.98 84.01
CA ASP B 82 26.81 -11.72 82.84
C ASP B 82 27.14 -12.73 81.75
N PHE B 83 26.29 -13.72 81.54
CA PHE B 83 26.58 -14.72 80.47
C PHE B 83 25.68 -14.50 79.26
N SER B 84 25.12 -13.30 79.10
CA SER B 84 24.20 -12.99 77.97
C SER B 84 24.84 -13.25 76.64
N PHE B 85 26.17 -13.08 76.52
CA PHE B 85 26.81 -13.34 75.21
C PHE B 85 26.88 -14.84 74.97
N VAL B 86 27.25 -15.60 76.00
CA VAL B 86 27.43 -17.05 75.86
C VAL B 86 26.08 -17.71 75.53
N ASP B 87 24.99 -17.21 76.14
CA ASP B 87 23.62 -17.68 75.83
C ASP B 87 23.31 -17.56 74.33
N VAL B 88 23.51 -16.37 73.78
CA VAL B 88 23.21 -16.13 72.33
C VAL B 88 24.13 -17.02 71.50
N LEU B 89 25.42 -17.03 71.85
CA LEU B 89 26.40 -17.78 71.03
C LEU B 89 26.02 -19.25 70.96
N LEU B 90 25.73 -19.86 72.11
CA LEU B 90 25.33 -21.28 72.15
C LEU B 90 24.11 -21.54 71.25
N LYS B 91 23.10 -20.67 71.37
CA LYS B 91 21.86 -20.87 70.60
C LYS B 91 22.11 -20.72 69.09
N GLU B 92 22.95 -19.77 68.69
CA GLU B 92 23.17 -19.52 67.26
C GLU B 92 24.11 -20.60 66.72
N ALA B 93 25.12 -21.03 67.50
CA ALA B 93 25.96 -22.16 67.04
C ALA B 93 25.11 -23.41 66.77
N ARG B 94 24.23 -23.73 67.69
CA ARG B 94 23.41 -24.95 67.54
C ARG B 94 22.49 -24.82 66.34
N GLN B 95 21.92 -23.64 66.13
CA GLN B 95 21.09 -23.44 64.91
C GLN B 95 21.85 -23.81 63.64
N ARG B 96 23.13 -23.48 63.63
CA ARG B 96 23.96 -23.66 62.43
C ARG B 96 24.67 -25.00 62.43
N LYS B 97 24.43 -25.83 63.43
CA LYS B 97 25.02 -27.19 63.62
C LYS B 97 26.53 -27.09 63.52
N VAL B 98 27.11 -26.17 64.30
CA VAL B 98 28.58 -26.07 64.44
C VAL B 98 28.93 -26.17 65.91
N ARG B 99 30.15 -26.56 66.17
CA ARG B 99 30.66 -26.65 67.54
C ARG B 99 31.49 -25.42 67.88
N LEU B 100 31.84 -25.29 69.17
CA LEU B 100 32.57 -24.11 69.66
C LEU B 100 33.83 -24.51 70.42
N VAL B 101 34.84 -23.67 70.22
CA VAL B 101 35.98 -23.59 71.17
C VAL B 101 35.94 -22.18 71.77
N LEU B 102 35.75 -22.07 73.06
CA LEU B 102 35.74 -20.78 73.71
C LEU B 102 37.17 -20.41 74.06
N LEU B 103 37.50 -19.16 73.90
CA LEU B 103 38.87 -18.65 74.22
C LEU B 103 38.78 -17.72 75.42
N TRP B 104 39.22 -18.20 76.56
CA TRP B 104 39.16 -17.44 77.84
C TRP B 104 40.25 -16.36 77.84
N PHE B 105 39.88 -15.13 77.49
CA PHE B 105 40.77 -13.97 77.51
C PHE B 105 40.65 -13.32 78.89
N ALA B 106 41.72 -13.39 79.68
CA ALA B 106 41.65 -13.13 81.11
C ALA B 106 42.97 -12.53 81.56
N THR B 107 43.75 -13.21 82.42
CA THR B 107 44.97 -12.64 82.97
C THR B 107 45.91 -12.27 81.83
N TRP B 108 46.05 -13.14 80.83
CA TRP B 108 46.86 -12.78 79.63
C TRP B 108 46.05 -12.92 78.35
N LYS B 109 46.16 -11.89 77.54
CA LYS B 109 45.81 -11.91 76.14
C LYS B 109 46.94 -11.19 75.42
N ASN B 110 47.72 -11.98 74.70
CA ASN B 110 48.93 -11.44 74.03
C ASN B 110 49.83 -10.72 75.04
N ASN B 111 50.07 -11.39 76.18
CA ASN B 111 51.01 -10.92 77.22
C ASN B 111 50.37 -9.94 78.20
N ALA B 112 49.14 -9.43 77.92
CA ALA B 112 48.65 -8.21 78.54
C ALA B 112 47.28 -8.44 79.16
N PRO B 113 46.88 -7.60 80.12
CA PRO B 113 45.55 -7.76 80.79
C PRO B 113 44.40 -6.95 80.20
N HIS B 114 44.48 -6.60 78.93
CA HIS B 114 43.49 -5.68 78.38
C HIS B 114 42.04 -6.25 78.42
N TYR B 115 41.86 -7.58 78.45
CA TYR B 115 40.52 -8.21 78.50
C TYR B 115 40.10 -8.54 79.92
N ALA B 116 40.95 -8.25 80.89
CA ALA B 116 40.52 -8.30 82.29
C ALA B 116 39.61 -7.12 82.54
N PRO B 117 38.66 -7.27 83.48
CA PRO B 117 37.79 -6.17 83.84
C PRO B 117 38.57 -4.93 84.27
N ALA B 118 37.94 -3.77 84.28
CA ALA B 118 38.63 -2.54 84.70
C ALA B 118 39.06 -2.63 86.16
N TRP B 119 38.25 -3.26 87.01
CA TRP B 119 38.63 -3.40 88.47
C TRP B 119 39.83 -4.33 88.67
N VAL B 120 40.20 -5.12 87.65
CA VAL B 120 41.47 -5.87 87.67
C VAL B 120 42.58 -5.01 87.06
N LYS B 121 42.44 -4.69 85.78
CA LYS B 121 43.57 -4.14 85.02
C LYS B 121 43.97 -2.75 85.51
N LEU B 122 43.12 -2.02 86.23
CA LEU B 122 43.52 -0.70 86.78
C LEU B 122 43.90 -0.74 88.26
N ASP B 123 44.09 -1.91 88.83
CA ASP B 123 44.46 -2.01 90.27
C ASP B 123 45.75 -2.81 90.41
N ASN B 124 46.86 -2.14 90.15
CA ASN B 124 48.16 -2.84 90.17
C ASN B 124 48.49 -3.32 91.59
N ALA B 125 48.08 -2.58 92.63
CA ALA B 125 48.45 -2.95 94.01
C ALA B 125 47.88 -4.35 94.30
N ARG B 126 46.68 -4.58 93.84
CA ARG B 126 45.97 -5.83 94.09
C ARG B 126 46.40 -6.92 93.10
N PHE B 127 46.64 -6.48 91.86
CA PHE B 127 46.88 -7.37 90.73
C PHE B 127 48.18 -6.95 90.00
N PRO B 128 49.36 -7.24 90.61
CA PRO B 128 50.69 -6.68 90.26
C PRO B 128 51.17 -7.10 88.86
N ARG B 129 51.76 -6.14 88.17
CA ARG B 129 52.48 -6.34 86.93
C ARG B 129 53.92 -6.79 87.16
N VAL B 130 54.46 -7.42 86.12
CA VAL B 130 55.88 -7.71 85.92
C VAL B 130 56.69 -6.45 86.11
N VAL B 131 57.77 -6.56 86.89
CA VAL B 131 58.76 -5.47 87.13
C VAL B 131 60.07 -5.88 86.47
N LYS B 132 60.60 -4.98 85.65
CA LYS B 132 61.85 -5.21 84.91
C LYS B 132 63.02 -5.15 85.90
N GLU B 133 64.17 -5.68 85.49
CA GLU B 133 65.40 -5.64 86.30
C GLU B 133 65.74 -4.18 86.67
N ASP B 134 65.41 -3.20 85.83
CA ASP B 134 65.71 -1.76 86.03
C ASP B 134 64.64 -1.05 86.86
N GLY B 135 63.61 -1.78 87.27
CA GLY B 135 62.55 -1.28 88.17
C GLY B 135 61.39 -0.63 87.44
N ASP B 136 61.44 -0.49 86.11
CA ASP B 136 60.28 0.00 85.35
C ASP B 136 59.23 -1.14 85.34
N THR B 137 58.00 -0.82 85.04
CA THR B 137 56.89 -1.81 85.07
C THR B 137 56.40 -2.05 83.64
N LEU B 138 56.08 -3.29 83.30
CA LEU B 138 55.47 -3.66 82.02
C LEU B 138 53.98 -3.95 82.17
N ASN B 139 53.20 -3.77 81.12
CA ASN B 139 51.76 -4.06 81.18
C ASN B 139 51.52 -5.55 80.94
N SER B 140 51.98 -6.37 81.90
CA SER B 140 51.91 -7.84 81.80
C SER B 140 51.75 -8.33 83.23
N LEU B 141 50.65 -8.96 83.57
CA LEU B 141 50.40 -9.34 84.98
C LEU B 141 51.37 -10.46 85.44
N SER B 142 51.90 -10.28 86.62
CA SER B 142 52.85 -11.29 87.16
C SER B 142 52.14 -12.58 87.49
N PRO B 143 52.69 -13.72 87.06
CA PRO B 143 52.09 -15.01 87.44
C PRO B 143 52.21 -15.30 88.94
N LEU B 144 53.02 -14.53 89.67
CA LEU B 144 53.11 -14.71 91.12
C LEU B 144 52.10 -13.86 91.88
N GLY B 145 51.25 -13.10 91.20
CA GLY B 145 50.20 -12.38 91.92
C GLY B 145 49.09 -13.32 92.38
N GLN B 146 49.03 -13.57 93.70
CA GLN B 146 48.07 -14.57 94.20
C GLN B 146 46.63 -14.08 94.10
N ASN B 147 46.40 -12.78 94.23
CA ASN B 147 45.01 -12.30 94.12
C ASN B 147 44.52 -12.47 92.71
N THR B 148 45.41 -12.27 91.75
CA THR B 148 45.06 -12.33 90.30
C THR B 148 44.63 -13.75 90.01
N LEU B 149 45.45 -14.72 90.45
CA LEU B 149 45.12 -16.14 90.21
C LEU B 149 43.76 -16.47 90.84
N ALA B 150 43.53 -16.06 92.08
CA ALA B 150 42.24 -16.37 92.75
C ALA B 150 41.08 -15.77 91.97
N ALA B 151 41.28 -14.57 91.45
CA ALA B 151 40.18 -13.86 90.74
C ALA B 151 39.90 -14.50 89.39
N ASP B 152 40.96 -14.81 88.62
CA ASP B 152 40.81 -15.48 87.32
C ASP B 152 40.09 -16.81 87.53
N LYS B 153 40.65 -17.66 88.39
CA LYS B 153 40.01 -18.94 88.77
C LYS B 153 38.51 -18.74 89.08
N LYS B 154 38.15 -17.78 89.94
CA LYS B 154 36.74 -17.65 90.37
C LYS B 154 35.86 -17.36 89.15
N ALA B 155 36.32 -16.52 88.22
CA ALA B 155 35.47 -16.15 87.07
C ALA B 155 35.40 -17.33 86.11
N PHE B 156 36.54 -18.04 85.92
CA PHE B 156 36.64 -19.16 84.99
C PHE B 156 35.70 -20.25 85.50
N VAL B 157 35.68 -20.46 86.82
CA VAL B 157 34.73 -21.42 87.45
C VAL B 157 33.26 -21.02 87.14
N GLU B 158 32.94 -19.73 87.18
CA GLU B 158 31.55 -19.33 86.83
C GLU B 158 31.23 -19.64 85.36
N LEU B 159 32.16 -19.39 84.44
CA LEU B 159 31.97 -19.74 83.04
C LEU B 159 31.74 -21.23 82.90
N MET B 160 32.54 -22.06 83.60
CA MET B 160 32.39 -23.52 83.44
C MET B 160 31.02 -23.95 84.07
N LYS B 161 30.62 -23.29 85.14
CA LYS B 161 29.31 -23.61 85.76
C LYS B 161 28.19 -23.29 84.78
N TYR B 162 28.34 -22.21 84.00
CA TYR B 162 27.32 -21.85 83.01
C TYR B 162 27.22 -22.97 81.95
N LEU B 163 28.36 -23.45 81.48
CA LEU B 163 28.36 -24.52 80.50
C LEU B 163 27.80 -25.82 81.12
N ALA B 164 28.15 -26.11 82.35
CA ALA B 164 27.63 -27.34 83.03
C ALA B 164 26.10 -27.31 83.02
N LYS B 165 25.57 -26.13 83.32
CA LYS B 165 24.11 -25.90 83.44
C LYS B 165 23.39 -25.80 82.09
N ARG B 166 24.03 -25.26 81.06
N ARG B 166 24.04 -25.27 81.06
CA ARG B 166 23.33 -24.80 79.85
CA ARG B 166 23.33 -24.80 79.85
C ARG B 166 23.86 -25.43 78.57
C ARG B 166 23.86 -25.43 78.57
N ASP B 167 24.84 -26.32 78.66
CA ASP B 167 25.45 -26.94 77.46
C ASP B 167 25.59 -28.43 77.67
N LYS B 168 24.50 -29.13 77.98
CA LYS B 168 24.54 -30.57 78.30
C LYS B 168 24.88 -31.44 77.09
N ASP B 169 24.79 -30.93 75.85
CA ASP B 169 25.18 -31.76 74.68
C ASP B 169 26.57 -31.30 74.15
N HIS B 170 27.27 -30.48 74.88
CA HIS B 170 28.69 -30.12 74.64
C HIS B 170 28.82 -29.44 73.28
N THR B 171 27.96 -28.45 73.02
CA THR B 171 28.22 -27.60 71.87
C THR B 171 29.67 -27.08 71.94
N VAL B 172 30.09 -26.60 73.11
CA VAL B 172 31.49 -26.24 73.41
C VAL B 172 32.22 -27.54 73.68
N ILE B 173 33.24 -27.79 72.84
CA ILE B 173 33.99 -29.07 72.87
C ILE B 173 35.37 -28.88 73.49
N MET B 174 35.86 -27.67 73.63
CA MET B 174 37.21 -27.42 74.20
C MET B 174 37.26 -25.97 74.64
N VAL B 175 38.11 -25.67 75.61
CA VAL B 175 38.32 -24.28 76.08
C VAL B 175 39.79 -23.92 76.11
N GLN B 176 40.15 -22.79 75.52
CA GLN B 176 41.50 -22.28 75.55
C GLN B 176 41.63 -21.45 76.82
N VAL B 177 42.63 -21.72 77.63
CA VAL B 177 42.86 -20.99 78.91
C VAL B 177 43.88 -19.90 78.70
N GLN B 178 43.43 -18.65 78.69
CA GLN B 178 44.26 -17.47 78.41
C GLN B 178 44.48 -17.44 76.89
N ASN B 179 45.21 -16.44 76.45
CA ASN B 179 45.57 -16.32 75.02
C ASN B 179 46.99 -15.78 74.94
N GLU B 180 47.87 -16.59 74.35
CA GLU B 180 49.27 -16.15 74.14
C GLU B 180 49.83 -15.50 75.41
N VAL B 181 50.05 -16.34 76.41
CA VAL B 181 50.62 -15.90 77.70
C VAL B 181 52.08 -15.56 77.50
N GLY B 182 52.61 -14.83 78.45
CA GLY B 182 54.05 -14.51 78.53
C GLY B 182 54.25 -13.01 78.70
N THR B 183 55.49 -12.56 78.51
CA THR B 183 55.80 -11.14 78.63
C THR B 183 56.67 -10.71 77.45
N TYR B 184 56.32 -9.57 76.82
CA TYR B 184 57.25 -8.88 75.92
C TYR B 184 58.00 -7.85 76.74
N GLY B 185 59.28 -7.67 76.46
CA GLY B 185 60.08 -6.57 77.03
C GLY B 185 60.87 -6.94 78.28
N ALA B 186 60.69 -8.15 78.78
CA ALA B 186 61.49 -8.66 79.91
C ALA B 186 61.37 -10.18 79.91
N VAL B 187 62.30 -10.86 80.53
CA VAL B 187 62.32 -12.32 80.53
C VAL B 187 61.40 -12.90 81.62
N ARG B 188 61.32 -12.20 82.74
CA ARG B 188 60.49 -12.63 83.85
C ARG B 188 60.06 -11.43 84.71
N ASP B 189 59.30 -11.68 85.78
CA ASP B 189 59.09 -10.65 86.82
C ASP B 189 60.35 -10.60 87.70
N TYR B 190 60.89 -9.41 87.94
CA TYR B 190 62.04 -9.17 88.85
C TYR B 190 61.60 -8.36 90.09
N SER B 191 60.29 -8.22 90.33
CA SER B 191 59.75 -7.59 91.55
C SER B 191 60.33 -8.29 92.77
N PRO B 192 60.36 -7.65 93.94
CA PRO B 192 60.81 -8.31 95.18
C PRO B 192 60.07 -9.61 95.44
N MET B 193 58.76 -9.61 95.21
CA MET B 193 57.89 -10.79 95.36
C MET B 193 58.41 -11.94 94.52
N ALA B 194 58.72 -11.69 93.27
CA ALA B 194 59.22 -12.74 92.37
C ALA B 194 60.65 -13.14 92.75
N GLN B 195 61.47 -12.16 93.08
CA GLN B 195 62.89 -12.47 93.38
C GLN B 195 62.96 -13.42 94.60
N ALA B 196 62.01 -13.30 95.54
CA ALA B 196 62.01 -14.13 96.76
C ALA B 196 61.81 -15.59 96.35
N VAL B 197 60.92 -15.82 95.39
CA VAL B 197 60.68 -17.18 94.86
C VAL B 197 61.87 -17.68 94.02
N PHE B 198 62.41 -16.81 93.19
CA PHE B 198 63.50 -17.13 92.26
C PHE B 198 64.71 -17.56 93.12
N ASN B 199 64.92 -16.83 94.21
CA ASN B 199 66.09 -17.04 95.12
C ASN B 199 65.97 -18.33 95.92
N ALA B 200 64.78 -18.89 96.03
CA ALA B 200 64.46 -20.08 96.81
C ALA B 200 64.69 -21.34 95.97
N ALA B 201 64.54 -22.49 96.63
CA ALA B 201 64.70 -23.80 95.99
C ALA B 201 63.70 -23.95 94.85
N VAL B 202 64.14 -24.57 93.79
CA VAL B 202 63.26 -25.09 92.72
C VAL B 202 62.35 -26.11 93.38
N PRO B 203 61.02 -26.01 93.17
CA PRO B 203 60.13 -27.03 93.72
C PRO B 203 60.52 -28.46 93.33
N ASP B 204 60.39 -29.35 94.34
CA ASP B 204 60.72 -30.79 94.33
C ASP B 204 60.06 -31.38 93.09
N ASP B 205 58.80 -31.06 92.83
CA ASP B 205 58.08 -31.77 91.76
C ASP B 205 58.81 -31.53 90.42
N LEU B 206 59.26 -30.30 90.19
CA LEU B 206 59.87 -29.94 88.89
C LEU B 206 61.25 -30.64 88.82
N ILE B 207 62.05 -30.58 89.88
CA ILE B 207 63.35 -31.27 89.96
C ILE B 207 63.15 -32.76 89.71
N GLN B 208 62.14 -33.36 90.33
CA GLN B 208 61.84 -34.81 90.17
C GLN B 208 61.44 -35.11 88.70
N LYS B 209 60.56 -34.30 88.10
CA LYS B 209 60.10 -34.60 86.72
C LYS B 209 61.23 -34.34 85.70
N LEU B 210 62.10 -33.34 85.92
CA LEU B 210 63.18 -33.04 84.96
C LEU B 210 64.43 -33.88 85.27
N GLN B 211 64.44 -34.62 86.39
CA GLN B 211 65.57 -35.51 86.78
C GLN B 211 66.82 -34.67 86.88
N LEU B 212 66.74 -33.64 87.68
CA LEU B 212 67.90 -32.72 87.92
C LEU B 212 68.28 -32.81 89.40
N LYS B 213 69.36 -32.14 89.75
CA LYS B 213 69.90 -32.09 91.12
C LYS B 213 69.20 -30.88 91.74
N PRO B 214 68.78 -30.96 93.02
CA PRO B 214 68.19 -29.83 93.70
C PRO B 214 69.09 -28.59 93.80
N GLY B 215 68.43 -27.46 93.86
CA GLY B 215 69.07 -26.16 94.13
C GLY B 215 68.12 -25.03 93.85
N THR B 216 68.63 -23.81 93.90
CA THR B 216 67.78 -22.64 93.58
C THR B 216 67.70 -22.53 92.07
N TRP B 217 66.82 -21.64 91.61
CA TRP B 217 66.64 -21.47 90.14
C TRP B 217 68.00 -21.21 89.47
N SER B 218 68.83 -20.32 90.00
CA SER B 218 70.10 -19.94 89.34
C SER B 218 71.03 -21.16 89.29
N GLN B 219 71.11 -21.92 90.38
CA GLN B 219 72.02 -23.07 90.51
C GLN B 219 71.58 -24.17 89.54
N VAL B 220 70.27 -24.42 89.44
CA VAL B 220 69.78 -25.58 88.63
C VAL B 220 69.80 -25.21 87.13
N PHE B 221 69.39 -24.00 86.81
CA PHE B 221 69.17 -23.66 85.38
C PHE B 221 70.16 -22.68 84.78
N GLY B 222 71.05 -22.06 85.54
CA GLY B 222 72.09 -21.18 84.94
C GLY B 222 71.48 -20.10 84.06
N ARG B 223 72.00 -20.00 82.83
CA ARG B 223 71.66 -18.95 81.86
C ARG B 223 70.18 -19.06 81.49
N ASP B 224 69.54 -20.20 81.71
CA ASP B 224 68.12 -20.33 81.37
C ASP B 224 67.19 -20.07 82.59
N ALA B 225 67.74 -19.66 83.73
CA ALA B 225 66.94 -19.62 84.96
C ALA B 225 65.79 -18.60 84.80
N ASP B 226 66.07 -17.42 84.24
CA ASP B 226 65.04 -16.35 84.25
C ASP B 226 63.87 -16.83 83.40
N GLU B 227 64.16 -17.31 82.19
CA GLU B 227 63.11 -17.71 81.24
C GLU B 227 62.36 -18.93 81.78
N PHE B 228 63.07 -19.94 82.26
CA PHE B 228 62.41 -21.20 82.71
C PHE B 228 61.57 -20.87 83.94
N PHE B 229 62.04 -19.93 84.76
CA PHE B 229 61.25 -19.48 85.96
C PHE B 229 59.93 -18.87 85.53
N HIS B 230 59.97 -18.00 84.51
CA HIS B 230 58.70 -17.37 84.09
C HIS B 230 57.78 -18.43 83.49
N ALA B 231 58.30 -19.27 82.61
CA ALA B 231 57.47 -20.34 82.02
C ALA B 231 56.85 -21.17 83.14
N TYR B 232 57.66 -21.60 84.11
CA TYR B 232 57.15 -22.44 85.19
C TYR B 232 56.03 -21.73 85.93
N GLN B 233 56.22 -20.46 86.30
CA GLN B 233 55.22 -19.78 87.11
C GLN B 233 53.95 -19.57 86.28
N ILE B 234 54.09 -19.21 85.01
CA ILE B 234 52.88 -19.04 84.17
C ILE B 234 52.18 -20.41 84.01
N ALA B 235 52.96 -21.47 83.78
CA ALA B 235 52.39 -22.80 83.57
C ALA B 235 51.59 -23.20 84.84
N ARG B 236 52.16 -22.99 86.02
CA ARG B 236 51.44 -23.34 87.29
C ARG B 236 50.13 -22.58 87.37
N TYR B 237 50.17 -21.28 87.10
CA TYR B 237 48.99 -20.40 87.11
C TYR B 237 47.94 -20.97 86.16
N CYS B 238 48.32 -21.24 84.92
CA CYS B 238 47.34 -21.75 83.91
C CYS B 238 46.81 -23.14 84.31
N ASP B 239 47.68 -23.97 84.91
CA ASP B 239 47.29 -25.31 85.36
C ASP B 239 46.23 -25.21 86.47
N GLU B 240 46.40 -24.27 87.38
CA GLU B 240 45.48 -24.12 88.51
C GLU B 240 44.11 -23.59 88.02
N VAL B 241 44.08 -22.67 87.05
CA VAL B 241 42.80 -22.18 86.46
C VAL B 241 42.15 -23.35 85.76
N THR B 242 42.93 -24.14 85.02
CA THR B 242 42.43 -25.31 84.29
C THR B 242 41.76 -26.30 85.28
N VAL B 243 42.51 -26.67 86.34
CA VAL B 243 42.00 -27.69 87.28
C VAL B 243 40.66 -27.21 87.85
N ALA B 244 40.63 -25.94 88.20
CA ALA B 244 39.44 -25.37 88.88
C ALA B 244 38.26 -25.45 87.92
N GLY B 245 38.46 -25.11 86.65
CA GLY B 245 37.35 -25.20 85.68
C GLY B 245 36.97 -26.63 85.37
N LYS B 246 37.94 -27.54 85.28
CA LYS B 246 37.64 -28.94 84.94
C LYS B 246 36.87 -29.63 86.06
N ALA B 247 37.09 -29.21 87.30
CA ALA B 247 36.36 -29.77 88.45
C ALA B 247 34.86 -29.45 88.33
N ILE B 248 34.49 -28.40 87.59
CA ILE B 248 33.05 -28.08 87.27
C ILE B 248 32.62 -28.88 86.04
N LYS B 249 33.36 -28.83 84.91
CA LYS B 249 33.02 -29.65 83.76
C LYS B 249 34.34 -29.99 83.08
N ASN B 250 34.57 -31.29 82.94
CA ASN B 250 35.89 -31.81 82.54
C ASN B 250 36.03 -31.81 81.02
N LEU B 251 35.95 -30.62 80.42
CA LEU B 251 36.27 -30.49 78.99
C LEU B 251 37.78 -30.50 78.79
N PRO B 252 38.20 -30.83 77.55
CA PRO B 252 39.56 -30.62 77.10
C PRO B 252 39.89 -29.13 77.18
N MET B 253 41.13 -28.78 77.59
CA MET B 253 41.54 -27.38 77.70
C MET B 253 43.00 -27.29 77.26
N TYR B 254 43.38 -26.15 76.65
CA TYR B 254 44.69 -26.04 76.02
C TYR B 254 45.14 -24.59 76.14
N VAL B 255 46.42 -24.38 75.85
CA VAL B 255 47.01 -23.04 75.75
C VAL B 255 47.62 -22.91 74.36
N ASN B 256 47.63 -21.67 73.88
CA ASN B 256 48.12 -21.31 72.54
C ASN B 256 49.36 -20.39 72.62
N VAL B 257 50.29 -20.63 71.74
CA VAL B 257 51.64 -20.05 71.88
C VAL B 257 51.88 -18.96 70.83
N ALA B 258 52.33 -17.83 71.32
CA ALA B 258 52.99 -16.81 70.51
C ALA B 258 54.39 -17.35 70.19
N LEU B 259 54.51 -18.01 69.05
CA LEU B 259 55.68 -18.77 68.69
C LEU B 259 56.89 -17.85 68.57
N ARG B 260 58.04 -18.40 69.00
CA ARG B 260 59.32 -17.83 68.61
C ARG B 260 59.69 -18.52 67.28
N ASN B 261 60.49 -17.85 66.49
CA ASN B 261 61.01 -18.45 65.25
C ASN B 261 61.88 -19.62 65.69
N PRO B 262 61.66 -20.82 65.12
CA PRO B 262 62.33 -22.02 65.62
C PRO B 262 63.80 -22.09 65.16
N PHE B 263 64.14 -21.35 64.13
CA PHE B 263 65.49 -21.38 63.55
C PHE B 263 66.37 -20.27 64.06
N ASN B 264 65.77 -19.13 64.36
CA ASN B 264 66.48 -17.92 64.80
C ASN B 264 65.50 -17.15 65.69
N PRO B 265 65.30 -17.65 66.90
CA PRO B 265 64.27 -17.07 67.77
C PRO B 265 64.50 -15.63 68.29
N GLY B 266 65.76 -15.20 68.35
CA GLY B 266 66.03 -14.01 69.18
C GLY B 266 65.92 -14.32 70.65
N LEU B 267 65.86 -13.27 71.46
CA LEU B 267 65.93 -13.36 72.93
C LEU B 267 64.54 -13.35 73.54
N PRO B 268 64.37 -14.05 74.68
CA PRO B 268 63.09 -14.01 75.41
C PRO B 268 62.88 -12.56 75.86
N GLY B 269 61.63 -12.10 75.63
CA GLY B 269 61.21 -10.71 75.81
C GLY B 269 61.13 -10.00 74.46
N GLN B 270 61.98 -10.43 73.51
CA GLN B 270 61.74 -10.08 72.07
C GLN B 270 60.57 -10.91 71.56
N TYR B 271 60.68 -12.23 71.71
CA TYR B 271 59.46 -13.06 71.66
C TYR B 271 58.83 -13.10 73.05
N SER B 272 57.64 -13.65 73.14
CA SER B 272 56.83 -13.63 74.39
C SER B 272 57.39 -14.64 75.40
N SER B 273 58.17 -14.14 76.33
CA SER B 273 58.86 -15.00 77.30
C SER B 273 57.86 -15.69 78.21
N GLY B 274 58.03 -17.00 78.42
CA GLY B 274 57.28 -17.71 79.41
C GLY B 274 56.16 -18.53 78.77
N GLY B 275 55.73 -18.17 77.55
CA GLY B 275 54.77 -19.01 76.85
C GLY B 275 55.36 -20.37 76.51
N GLY B 276 54.59 -21.24 75.89
CA GLY B 276 55.03 -22.61 75.55
C GLY B 276 55.88 -22.60 74.30
N THR B 277 56.96 -21.80 74.29
CA THR B 277 57.89 -21.84 73.13
C THR B 277 58.70 -23.15 73.14
N ASP B 278 59.35 -23.48 72.02
CA ASP B 278 59.83 -24.85 71.78
C ASP B 278 60.91 -25.16 72.81
N ASN B 279 61.59 -24.16 73.35
CA ASN B 279 62.67 -24.43 74.33
C ASN B 279 62.16 -24.61 75.77
N VAL B 280 60.86 -24.45 76.04
CA VAL B 280 60.32 -24.62 77.40
C VAL B 280 59.12 -25.56 77.38
N LEU B 281 58.96 -26.35 76.33
CA LEU B 281 57.89 -27.35 76.35
C LEU B 281 58.08 -28.35 77.51
N HIS B 282 59.32 -28.67 77.84
CA HIS B 282 59.64 -29.60 78.95
C HIS B 282 59.21 -28.99 80.29
N ILE B 283 59.37 -27.69 80.44
CA ILE B 283 58.94 -27.01 81.68
C ILE B 283 57.41 -27.06 81.75
N TRP B 284 56.77 -26.60 80.67
CA TRP B 284 55.29 -26.59 80.59
C TRP B 284 54.69 -27.99 80.85
N LYS B 285 55.22 -29.03 80.22
CA LYS B 285 54.66 -30.38 80.42
C LYS B 285 54.83 -30.82 81.88
N ALA B 286 55.97 -30.53 82.51
CA ALA B 286 56.21 -30.86 83.92
C ALA B 286 55.31 -30.04 84.84
N ALA B 287 55.13 -28.77 84.52
CA ALA B 287 54.42 -27.84 85.44
C ALA B 287 52.89 -27.88 85.29
N ALA B 288 52.36 -28.26 84.15
CA ALA B 288 50.93 -28.12 83.88
C ALA B 288 50.35 -29.44 83.36
N PRO B 289 50.34 -30.49 84.22
CA PRO B 289 49.91 -31.81 83.77
C PRO B 289 48.41 -31.87 83.48
N ASN B 290 47.66 -30.84 83.91
CA ASN B 290 46.18 -30.80 83.66
C ASN B 290 45.83 -30.09 82.36
N ILE B 291 46.81 -29.48 81.70
CA ILE B 291 46.54 -28.80 80.38
C ILE B 291 46.72 -29.84 79.29
N ASP B 292 45.70 -30.09 78.49
CA ASP B 292 45.68 -31.22 77.54
C ASP B 292 46.71 -31.06 76.42
N LEU B 293 46.92 -29.88 75.87
CA LEU B 293 47.94 -29.73 74.80
C LEU B 293 48.37 -28.27 74.71
N ILE B 294 49.52 -28.07 74.04
CA ILE B 294 50.13 -26.75 73.83
C ILE B 294 50.12 -26.56 72.29
N ALA B 295 49.35 -25.56 71.86
CA ALA B 295 48.96 -25.34 70.46
C ALA B 295 49.75 -24.18 69.84
N PRO B 296 50.39 -24.40 68.67
CA PRO B 296 51.06 -23.30 67.96
C PRO B 296 50.11 -22.34 67.25
N ASP B 297 50.44 -21.05 67.32
CA ASP B 297 49.76 -19.96 66.56
C ASP B 297 50.73 -19.57 65.45
N ILE B 298 50.40 -19.97 64.22
CA ILE B 298 51.36 -19.97 63.09
C ILE B 298 51.09 -18.79 62.16
N TYR B 299 52.03 -17.86 62.11
CA TYR B 299 51.96 -16.73 61.18
C TYR B 299 53.18 -16.66 60.26
N PHE B 300 54.08 -17.63 60.41
CA PHE B 300 55.23 -17.75 59.47
C PHE B 300 54.64 -18.27 58.15
N ARG B 301 54.96 -17.62 57.02
CA ARG B 301 54.39 -17.99 55.71
C ARG B 301 55.14 -19.13 55.03
N ASP B 302 56.47 -19.22 55.27
CA ASP B 302 57.34 -20.06 54.45
C ASP B 302 57.29 -21.52 54.91
N TYR B 303 57.26 -22.38 53.93
CA TYR B 303 57.18 -23.82 54.11
C TYR B 303 58.21 -24.37 55.11
N LYS B 304 59.47 -23.98 54.99
CA LYS B 304 60.47 -24.62 55.86
C LYS B 304 60.19 -24.30 57.33
N THR B 305 59.79 -23.07 57.62
CA THR B 305 59.61 -22.65 59.02
C THR B 305 58.30 -23.27 59.54
N VAL B 306 57.25 -23.23 58.73
CA VAL B 306 55.97 -23.85 59.14
C VAL B 306 56.16 -25.33 59.41
N SER B 307 56.91 -26.00 58.54
CA SER B 307 57.19 -27.44 58.69
C SER B 307 57.94 -27.72 60.00
N LYS B 308 58.86 -26.84 60.33
CA LYS B 308 59.65 -27.01 61.57
C LYS B 308 58.74 -26.86 62.78
N VAL B 309 57.87 -25.87 62.78
CA VAL B 309 56.89 -25.65 63.88
C VAL B 309 56.01 -26.90 64.01
N LEU B 310 55.48 -27.43 62.90
CA LEU B 310 54.63 -28.65 63.02
C LEU B 310 55.42 -29.84 63.61
N GLU B 311 56.67 -29.96 63.22
CA GLU B 311 57.53 -31.05 63.78
C GLU B 311 57.69 -30.86 65.31
N LEU B 312 57.99 -29.64 65.75
CA LEU B 312 58.32 -29.35 67.17
C LEU B 312 57.10 -29.51 68.04
N TYR B 313 55.89 -29.23 67.53
CA TYR B 313 54.71 -29.27 68.42
C TYR B 313 53.95 -30.59 68.31
N THR B 314 54.36 -31.50 67.43
CA THR B 314 53.79 -32.85 67.34
C THR B 314 54.71 -33.80 68.10
N ARG B 315 54.23 -34.28 69.24
CA ARG B 315 55.07 -35.05 70.19
C ARG B 315 54.23 -36.15 70.77
N PRO B 316 54.84 -37.28 71.21
CA PRO B 316 54.05 -38.30 71.86
C PRO B 316 53.26 -37.74 73.05
N ASP B 317 53.76 -36.68 73.66
CA ASP B 317 53.08 -36.03 74.79
C ASP B 317 52.28 -34.81 74.37
N ASN B 318 52.14 -34.53 73.05
CA ASN B 318 51.51 -33.24 72.69
C ASN B 318 50.76 -33.42 71.38
N ALA B 319 49.45 -33.55 71.42
CA ALA B 319 48.60 -33.56 70.24
C ALA B 319 48.78 -32.23 69.49
N LEU B 320 48.86 -32.33 68.15
CA LEU B 320 48.97 -31.14 67.31
C LEU B 320 47.61 -30.51 67.04
N PHE B 321 47.47 -29.27 67.46
CA PHE B 321 46.27 -28.44 67.15
C PHE B 321 46.81 -27.09 66.66
N VAL B 322 46.60 -26.79 65.38
CA VAL B 322 46.97 -25.44 64.85
C VAL B 322 45.84 -24.50 65.26
N ALA B 323 45.96 -23.91 66.46
CA ALA B 323 44.90 -23.15 67.12
C ALA B 323 44.66 -21.83 66.37
N GLU B 324 45.69 -21.33 65.72
CA GLU B 324 45.60 -20.15 64.87
C GLU B 324 46.57 -20.39 63.70
N ILE B 325 46.18 -19.89 62.53
CA ILE B 325 47.07 -19.77 61.38
C ILE B 325 46.60 -18.55 60.59
N GLY B 326 47.54 -17.93 59.88
CA GLY B 326 47.19 -16.75 59.07
C GLY B 326 46.07 -17.12 58.09
N ASN B 327 45.37 -16.06 57.65
CA ASN B 327 44.25 -16.33 56.72
C ASN B 327 44.56 -15.93 55.26
N ASP B 328 45.84 -15.63 54.96
CA ASP B 328 46.28 -15.35 53.59
C ASP B 328 46.37 -16.68 52.86
N GLN B 329 46.30 -16.60 51.57
CA GLN B 329 46.29 -17.76 50.63
C GLN B 329 47.38 -18.79 50.91
N PRO B 330 48.63 -18.37 51.18
CA PRO B 330 49.66 -19.40 51.34
C PRO B 330 49.46 -20.37 52.50
N PHE B 331 48.63 -19.99 53.45
CA PHE B 331 48.52 -20.79 54.67
C PHE B 331 47.57 -21.99 54.48
N ALA B 332 46.67 -21.95 53.48
CA ALA B 332 45.61 -22.94 53.36
C ALA B 332 46.25 -24.34 53.22
N ARG B 333 47.32 -24.45 52.41
CA ARG B 333 47.92 -25.76 52.09
C ARG B 333 48.52 -26.44 53.36
N TYR B 334 48.73 -25.70 54.44
CA TYR B 334 49.31 -26.31 55.65
C TYR B 334 48.30 -27.19 56.36
N LEU B 335 47.04 -27.21 55.89
CA LEU B 335 46.08 -28.17 56.41
C LEU B 335 46.58 -29.58 56.18
N PHE B 336 47.17 -29.81 55.04
CA PHE B 336 47.53 -31.18 54.63
C PHE B 336 48.62 -31.73 55.55
N PRO B 337 49.75 -31.05 55.75
CA PRO B 337 50.74 -31.66 56.69
C PRO B 337 50.19 -31.72 58.11
N THR B 338 49.40 -30.72 58.52
CA THR B 338 48.80 -30.72 59.84
C THR B 338 48.04 -32.02 60.05
N LEU B 339 47.16 -32.41 59.15
CA LEU B 339 46.41 -33.67 59.27
C LEU B 339 47.35 -34.85 59.11
N GLY B 340 48.33 -34.76 58.20
CA GLY B 340 49.27 -35.85 58.02
C GLY B 340 50.08 -36.18 59.28
N LYS B 341 50.29 -35.20 60.16
CA LYS B 341 51.01 -35.40 61.43
C LYS B 341 50.08 -36.01 62.49
N GLY B 342 48.85 -36.29 62.11
CA GLY B 342 47.84 -36.72 63.06
C GLY B 342 47.22 -35.56 63.82
N GLY B 343 47.33 -34.34 63.29
CA GLY B 343 46.72 -33.20 63.96
C GLY B 343 45.22 -33.36 64.17
N ILE B 344 44.75 -32.76 65.28
CA ILE B 344 43.31 -32.82 65.66
C ILE B 344 42.55 -31.64 65.14
N GLY B 345 43.23 -30.65 64.59
CA GLY B 345 42.52 -29.48 64.07
C GLY B 345 43.40 -28.37 63.56
N PHE B 346 42.76 -27.43 62.90
CA PHE B 346 43.37 -26.34 62.13
C PHE B 346 42.37 -25.21 62.10
N SER B 347 42.78 -24.02 62.50
CA SER B 347 41.85 -22.90 62.67
C SER B 347 42.43 -21.56 62.20
N PRO B 348 42.19 -21.18 60.92
CA PRO B 348 42.55 -19.87 60.40
C PRO B 348 41.91 -18.75 61.21
N PHE B 349 42.70 -17.74 61.47
CA PHE B 349 42.38 -16.58 62.31
C PHE B 349 41.86 -15.40 61.45
N GLY B 350 40.79 -14.78 61.92
CA GLY B 350 40.24 -13.55 61.34
C GLY B 350 39.19 -13.81 60.28
N MET B 351 38.39 -14.85 60.42
CA MET B 351 37.41 -15.26 59.41
C MET B 351 36.03 -14.66 59.75
N ASP B 352 35.97 -13.33 59.66
CA ASP B 352 34.72 -12.60 59.83
C ASP B 352 34.76 -11.29 59.08
N ASP B 353 33.57 -10.76 58.88
CA ASP B 353 33.47 -9.52 58.09
C ASP B 353 33.23 -8.31 58.99
N THR B 354 33.96 -8.19 60.08
CA THR B 354 33.85 -7.09 61.03
C THR B 354 34.88 -5.96 60.66
N ASP B 355 35.31 -5.87 59.40
CA ASP B 355 36.11 -4.74 58.86
C ASP B 355 37.44 -4.69 59.61
N TYR B 356 38.14 -5.81 59.55
CA TYR B 356 39.52 -5.87 60.07
C TYR B 356 40.29 -6.95 59.32
N THR B 357 41.57 -6.61 59.06
N THR B 357 41.54 -6.68 58.98
CA THR B 357 42.62 -7.52 58.55
CA THR B 357 42.49 -7.78 58.72
C THR B 357 43.83 -7.39 59.48
C THR B 357 43.79 -7.45 59.42
N ASN B 358 44.41 -8.53 59.87
CA ASN B 358 45.72 -8.49 60.56
C ASN B 358 46.90 -8.58 59.60
N TYR B 359 46.72 -8.34 58.33
CA TYR B 359 47.83 -8.07 57.39
C TYR B 359 48.76 -7.06 58.03
N PRO B 360 50.10 -7.29 58.10
CA PRO B 360 50.81 -8.22 57.24
C PRO B 360 50.78 -9.71 57.66
N LEU B 361 50.19 -10.03 58.78
CA LEU B 361 50.14 -11.46 59.21
C LEU B 361 49.24 -12.25 58.25
N GLY B 362 48.02 -11.75 58.07
CA GLY B 362 47.02 -12.43 57.23
C GLY B 362 46.79 -11.70 55.94
N ALA B 363 45.62 -11.91 55.33
CA ALA B 363 45.31 -11.44 53.97
C ALA B 363 45.16 -9.92 53.95
N LYS B 364 45.69 -9.30 52.91
CA LYS B 364 45.58 -7.81 52.76
C LYS B 364 44.10 -7.46 52.69
N VAL B 365 43.33 -8.26 51.96
CA VAL B 365 41.88 -8.03 51.69
C VAL B 365 41.10 -9.24 52.18
N TYR B 366 40.08 -9.03 52.96
CA TYR B 366 39.14 -10.07 53.41
C TYR B 366 37.87 -10.00 52.54
N ASN B 367 37.73 -11.01 51.70
CA ASN B 367 36.58 -11.09 50.78
C ASN B 367 36.29 -12.58 50.52
N ASP B 368 35.33 -12.87 49.68
CA ASP B 368 34.91 -14.24 49.36
C ASP B 368 36.08 -15.05 48.85
N GLU B 369 36.96 -14.46 48.05
CA GLU B 369 38.13 -15.19 47.54
C GLU B 369 39.04 -15.60 48.72
N THR B 370 39.23 -14.74 49.70
CA THR B 370 40.05 -15.10 50.89
C THR B 370 39.52 -16.40 51.52
N ILE B 371 38.21 -16.45 51.69
CA ILE B 371 37.51 -17.56 52.34
C ILE B 371 37.60 -18.82 51.48
N GLU B 372 37.44 -18.65 50.18
CA GLU B 372 37.41 -19.75 49.23
C GLU B 372 38.71 -20.54 49.27
N GLN B 373 39.85 -19.88 49.60
CA GLN B 373 41.09 -20.68 49.57
C GLN B 373 41.03 -21.77 50.65
N PHE B 374 40.42 -21.44 51.79
CA PHE B 374 40.23 -22.45 52.84
C PHE B 374 39.06 -23.37 52.52
N ALA B 375 37.97 -22.82 51.96
CA ALA B 375 36.84 -23.69 51.67
C ALA B 375 37.23 -24.83 50.76
N GLN B 376 38.08 -24.51 49.79
CA GLN B 376 38.46 -25.54 48.79
C GLN B 376 39.19 -26.73 49.47
N VAL B 377 40.03 -26.43 50.44
CA VAL B 377 40.76 -27.56 51.05
C VAL B 377 39.85 -28.22 52.09
N TYR B 378 39.01 -27.48 52.78
CA TYR B 378 38.10 -28.14 53.75
C TYR B 378 37.10 -29.07 53.03
N ARG B 379 36.77 -28.79 51.76
CA ARG B 379 35.86 -29.67 50.99
C ARG B 379 36.47 -31.06 50.75
N LEU B 380 37.81 -31.19 50.85
CA LEU B 380 38.44 -32.51 50.68
C LEU B 380 38.27 -33.34 51.95
N VAL B 381 38.18 -32.69 53.10
CA VAL B 381 38.20 -33.39 54.41
C VAL B 381 36.80 -33.58 55.00
N ASN B 382 35.95 -32.56 54.89
CA ASN B 382 34.59 -32.69 55.46
C ASN B 382 33.90 -34.00 55.09
N PRO B 383 33.91 -34.44 53.79
CA PRO B 383 33.12 -35.59 53.40
C PRO B 383 33.57 -36.90 54.05
N MET B 384 34.78 -36.88 54.63
CA MET B 384 35.39 -38.09 55.29
C MET B 384 35.84 -37.74 56.68
N MET B 385 35.28 -36.71 57.31
CA MET B 385 35.91 -36.21 58.55
C MET B 385 36.02 -37.28 59.64
N ARG B 386 34.96 -37.98 59.89
CA ARG B 386 34.99 -38.99 60.97
C ARG B 386 35.89 -40.13 60.57
N GLU B 387 35.86 -40.58 59.31
CA GLU B 387 36.68 -41.72 58.90
C GLU B 387 38.16 -41.33 58.96
N TRP B 388 38.52 -40.17 58.44
CA TRP B 388 39.90 -39.65 58.52
C TRP B 388 40.34 -39.58 60.03
N ALA B 389 39.48 -39.04 60.89
CA ALA B 389 39.84 -38.87 62.31
C ALA B 389 40.15 -40.22 62.91
N ARG B 390 39.36 -41.26 62.63
CA ARG B 390 39.65 -42.60 63.18
C ARG B 390 40.96 -43.12 62.60
N LEU B 391 41.17 -42.98 61.29
CA LEU B 391 42.42 -43.49 60.67
C LEU B 391 43.64 -42.77 61.25
N SER B 392 43.50 -41.48 61.51
N SER B 392 43.54 -41.46 61.51
CA SER B 392 44.59 -40.62 62.06
CA SER B 392 44.68 -40.64 62.07
C SER B 392 44.99 -41.04 63.46
C SER B 392 45.05 -41.13 63.47
N TYR B 393 44.03 -41.52 64.23
CA TYR B 393 44.24 -41.92 65.62
C TYR B 393 44.83 -43.32 65.68
N GLN B 394 44.24 -44.28 64.97
N GLN B 394 44.20 -44.25 64.97
CA GLN B 394 44.59 -45.69 65.22
CA GLN B 394 44.43 -45.70 65.18
C GLN B 394 45.40 -46.22 64.05
C GLN B 394 45.07 -46.33 63.95
N GLY B 395 45.35 -45.53 62.92
CA GLY B 395 45.96 -46.04 61.69
C GLY B 395 47.20 -45.26 61.28
N GLN B 396 47.45 -45.31 59.99
CA GLN B 396 48.59 -44.66 59.42
C GLN B 396 48.04 -43.64 58.44
N VAL B 397 48.43 -42.42 58.64
CA VAL B 397 48.13 -41.32 57.71
C VAL B 397 49.39 -40.57 57.31
N TRP B 398 49.26 -39.86 56.22
CA TRP B 398 50.32 -39.01 55.63
C TRP B 398 49.66 -37.79 55.01
N GLY B 399 50.43 -36.72 54.99
CA GLY B 399 49.95 -35.45 54.40
C GLY B 399 51.12 -34.58 54.03
N VAL B 400 51.04 -33.96 52.88
CA VAL B 400 52.13 -33.11 52.35
C VAL B 400 51.51 -31.85 51.73
N ALA B 401 52.28 -30.78 51.78
CA ALA B 401 52.00 -29.54 51.07
C ALA B 401 53.10 -29.27 50.06
N GLU B 402 52.74 -28.43 49.11
CA GLU B 402 53.65 -27.95 48.08
C GLU B 402 54.83 -27.27 48.75
N PRO B 403 56.10 -27.76 48.52
CA PRO B 403 57.21 -27.39 49.40
C PRO B 403 58.04 -26.20 48.96
N LEU B 404 57.75 -25.63 47.79
CA LEU B 404 58.29 -24.32 47.40
C LEU B 404 57.21 -23.27 47.60
N ASP B 405 57.61 -22.16 48.16
CA ASP B 405 56.76 -21.00 48.33
C ASP B 405 56.68 -20.34 46.95
N SER B 406 55.68 -19.45 46.80
CA SER B 406 55.49 -18.70 45.54
C SER B 406 56.78 -17.94 45.20
N THR B 407 57.11 -17.92 43.91
CA THR B 407 58.26 -17.18 43.37
C THR B 407 58.03 -15.70 43.66
N THR B 408 59.06 -15.06 44.20
CA THR B 408 59.09 -13.60 44.51
C THR B 408 59.41 -12.77 43.23
N GLU B 409 59.20 -11.45 43.25
CA GLU B 409 59.65 -10.55 42.15
C GLU B 409 61.16 -10.69 42.00
N THR B 410 61.89 -10.74 43.13
CA THR B 410 63.35 -10.99 43.21
C THR B 410 63.74 -12.24 42.41
N GLN B 411 63.05 -13.37 42.63
CA GLN B 411 63.41 -14.63 41.93
C GLN B 411 63.00 -14.44 40.46
N LYS B 412 62.03 -13.57 40.20
CA LYS B 412 61.43 -13.34 38.86
C LYS B 412 62.45 -12.54 38.04
N ILE B 413 63.17 -11.60 38.68
CA ILE B 413 64.29 -10.81 38.10
C ILE B 413 65.45 -11.76 37.73
N TRP B 414 65.88 -12.64 38.66
CA TRP B 414 66.98 -13.63 38.45
C TRP B 414 66.62 -14.59 37.32
N ASN B 415 65.36 -14.95 37.16
CA ASN B 415 64.87 -15.86 36.08
C ASN B 415 65.17 -15.21 34.72
N ALA B 416 64.68 -13.99 34.47
CA ALA B 416 64.81 -13.31 33.16
C ALA B 416 66.28 -13.07 32.82
N GLU B 417 67.06 -12.58 33.80
CA GLU B 417 68.48 -12.19 33.62
C GLU B 417 69.40 -13.42 33.62
N ALA B 418 68.86 -14.63 33.82
CA ALA B 418 69.64 -15.88 33.92
C ALA B 418 70.10 -16.34 32.53
N THR B 419 71.16 -17.16 32.50
CA THR B 419 71.70 -17.87 31.31
C THR B 419 70.64 -18.82 30.76
N PRO B 420 70.59 -19.14 29.44
CA PRO B 420 69.78 -20.28 29.00
C PRO B 420 70.08 -21.57 29.78
N GLU B 421 71.36 -21.97 29.87
CA GLU B 421 71.86 -23.15 30.63
C GLU B 421 71.44 -23.06 32.11
N GLU B 422 71.51 -21.88 32.74
CA GLU B 422 71.15 -21.66 34.17
C GLU B 422 69.64 -21.91 34.34
N LYS B 423 68.85 -21.35 33.42
CA LYS B 423 67.37 -21.48 33.40
C LYS B 423 66.99 -22.96 33.27
N GLU B 424 67.66 -23.78 32.44
CA GLU B 424 67.41 -25.26 32.33
C GLU B 424 67.72 -25.92 33.67
N GLN B 425 68.82 -25.56 34.35
CA GLN B 425 69.21 -26.24 35.61
C GLN B 425 68.22 -25.85 36.72
N HIS B 426 67.81 -24.59 36.73
CA HIS B 426 66.87 -24.07 37.76
C HIS B 426 65.56 -24.86 37.64
N LYS B 427 65.11 -25.11 36.40
CA LYS B 427 63.84 -25.83 36.15
C LYS B 427 64.03 -27.23 36.71
N LYS B 428 65.21 -27.84 36.50
CA LYS B 428 65.51 -29.23 36.93
C LYS B 428 65.46 -29.22 38.47
N ASP B 429 66.07 -28.22 39.11
CA ASP B 429 66.19 -28.14 40.59
C ASP B 429 64.81 -27.94 41.20
N ARG B 430 63.98 -27.07 40.60
CA ARG B 430 62.60 -26.83 41.09
C ARG B 430 61.80 -28.13 40.92
N ALA B 431 61.91 -28.83 39.78
CA ALA B 431 61.12 -30.05 39.52
C ALA B 431 61.45 -31.06 40.61
N SER B 432 62.73 -31.17 40.92
CA SER B 432 63.20 -32.11 41.96
C SER B 432 62.63 -31.70 43.35
N ALA B 433 62.71 -30.42 43.67
CA ALA B 433 62.16 -29.90 44.97
C ALA B 433 60.65 -30.07 45.06
N LEU B 434 59.97 -30.01 43.93
CA LEU B 434 58.48 -30.18 43.86
C LEU B 434 58.08 -31.64 43.68
N THR B 435 58.97 -32.53 44.11
CA THR B 435 58.72 -33.98 44.02
C THR B 435 58.97 -34.49 45.45
N GLN B 436 57.92 -35.07 46.05
CA GLN B 436 57.96 -35.63 47.42
C GLN B 436 57.69 -37.13 47.39
N GLN B 437 58.46 -37.86 48.18
N GLN B 437 58.42 -37.87 48.22
CA GLN B 437 58.26 -39.30 48.39
CA GLN B 437 58.24 -39.32 48.34
C GLN B 437 57.59 -39.55 49.74
C GLN B 437 57.71 -39.66 49.74
N LEU B 438 56.74 -40.57 49.75
CA LEU B 438 56.09 -41.08 50.99
C LEU B 438 56.19 -42.59 50.99
N ASP B 439 56.68 -43.12 52.10
CA ASP B 439 56.84 -44.55 52.28
C ASP B 439 55.59 -45.10 52.92
N LEU B 440 54.78 -45.80 52.14
CA LEU B 440 53.46 -46.26 52.63
C LEU B 440 53.43 -47.76 52.96
N GLY B 441 54.63 -48.31 53.22
CA GLY B 441 54.81 -49.72 53.63
C GLY B 441 55.25 -50.57 52.45
N LEU B 442 54.33 -51.33 51.84
CA LEU B 442 54.62 -52.12 50.63
C LEU B 442 54.64 -51.26 49.37
N TRP B 443 54.10 -50.06 49.46
CA TRP B 443 53.96 -49.09 48.34
C TRP B 443 54.47 -47.73 48.79
N ASP B 444 55.01 -46.97 47.87
CA ASP B 444 55.34 -45.54 48.03
C ASP B 444 54.41 -44.73 47.13
N ALA B 445 54.30 -43.49 47.50
CA ALA B 445 53.66 -42.44 46.67
C ALA B 445 54.67 -41.39 46.34
N GLU B 446 54.57 -40.89 45.12
CA GLU B 446 55.34 -39.72 44.69
C GLU B 446 54.34 -38.61 44.39
N VAL B 447 54.45 -37.54 45.12
CA VAL B 447 53.56 -36.37 44.96
C VAL B 447 54.37 -35.28 44.20
N THR B 448 53.72 -34.71 43.19
CA THR B 448 54.32 -33.66 42.40
C THR B 448 53.30 -32.55 42.20
N TYR B 449 53.79 -31.37 41.89
CA TYR B 449 52.95 -30.15 41.88
C TYR B 449 53.16 -29.28 40.64
N GLY B 450 52.02 -28.98 39.99
CA GLY B 450 52.04 -28.00 38.88
C GLY B 450 52.45 -28.66 37.58
N ARG B 451 51.58 -29.51 37.08
CA ARG B 451 51.85 -30.20 35.81
C ARG B 451 50.53 -30.60 35.18
N PRO B 452 50.51 -30.89 33.86
CA PRO B 452 49.30 -31.31 33.20
C PRO B 452 48.79 -32.63 33.78
N MET B 453 47.58 -33.00 33.38
CA MET B 453 46.92 -34.18 33.92
C MET B 453 47.21 -35.38 33.01
N PHE B 454 48.08 -35.20 32.01
CA PHE B 454 48.33 -36.20 30.95
C PHE B 454 49.81 -36.05 30.62
N TRP B 455 50.50 -37.17 30.44
CA TRP B 455 51.91 -37.26 30.04
C TRP B 455 52.79 -36.83 31.21
N VAL B 456 54.07 -36.60 30.98
CA VAL B 456 55.09 -36.60 32.06
C VAL B 456 56.00 -35.36 32.06
N THR B 457 55.58 -34.25 31.44
CA THR B 457 56.29 -32.97 31.57
C THR B 457 56.57 -32.72 33.06
N PRO B 458 57.83 -32.38 33.45
CA PRO B 458 58.18 -32.25 34.85
C PRO B 458 57.36 -31.16 35.52
N PRO B 459 57.15 -31.30 36.83
CA PRO B 459 56.43 -30.29 37.61
C PRO B 459 57.12 -28.93 37.64
N GLU B 460 56.33 -27.88 37.63
CA GLU B 460 56.78 -26.46 37.65
C GLU B 460 56.14 -25.68 38.81
N GLY B 461 55.28 -26.34 39.59
CA GLY B 461 54.65 -25.64 40.71
C GLY B 461 53.36 -24.97 40.30
N ASN B 462 52.51 -24.75 41.32
CA ASN B 462 51.32 -23.92 41.19
C ASN B 462 51.70 -22.49 41.46
N THR B 463 50.93 -21.60 40.78
CA THR B 463 51.10 -20.17 40.95
C THR B 463 49.77 -19.64 41.43
N PRO B 464 49.63 -19.23 42.71
CA PRO B 464 50.64 -19.29 43.76
C PRO B 464 50.72 -20.72 44.32
N ALA B 465 51.74 -20.97 45.08
CA ALA B 465 51.93 -22.28 45.73
C ALA B 465 50.68 -22.64 46.53
N ALA B 466 50.15 -23.85 46.35
CA ALA B 466 48.84 -24.17 46.92
C ALA B 466 48.56 -25.66 47.12
N GLY B 467 49.35 -26.54 46.54
CA GLY B 467 48.91 -27.94 46.44
C GLY B 467 49.18 -28.74 47.70
N GLY B 468 48.59 -29.91 47.76
CA GLY B 468 48.91 -30.90 48.80
C GLY B 468 48.17 -32.17 48.58
N ALA B 469 48.39 -33.13 49.50
CA ALA B 469 47.81 -34.46 49.39
C ALA B 469 47.63 -35.04 50.77
N LEU B 470 46.56 -35.85 50.91
CA LEU B 470 46.32 -36.70 52.10
C LEU B 470 46.24 -38.15 51.67
N ILE B 471 46.86 -39.07 52.44
CA ILE B 471 46.75 -40.50 52.17
C ILE B 471 46.52 -41.17 53.56
N ALA B 472 45.63 -42.16 53.59
CA ALA B 472 45.48 -43.04 54.76
C ALA B 472 45.53 -44.47 54.28
N GLN B 473 46.09 -45.32 55.10
CA GLN B 473 46.25 -46.75 54.75
C GLN B 473 44.99 -47.47 55.24
N LEU B 474 44.31 -48.15 54.36
CA LEU B 474 43.14 -49.00 54.70
C LEU B 474 43.57 -50.46 54.92
N ASP B 475 44.60 -50.94 54.22
CA ASP B 475 45.04 -52.35 54.28
C ASP B 475 46.42 -52.31 53.67
N ASP B 476 47.12 -53.44 53.62
CA ASP B 476 48.48 -53.54 53.10
C ASP B 476 48.61 -52.95 51.70
N ASN B 477 47.58 -53.09 50.86
CA ASN B 477 47.68 -52.73 49.44
C ASN B 477 46.58 -51.73 49.05
N GLU B 478 46.02 -51.06 50.05
CA GLU B 478 44.84 -50.20 49.82
C GLU B 478 44.98 -48.92 50.64
N TYR B 479 44.71 -47.81 49.97
CA TYR B 479 44.86 -46.43 50.46
C TYR B 479 43.64 -45.57 50.08
N LEU B 480 43.27 -44.67 50.99
CA LEU B 480 42.34 -43.54 50.78
C LEU B 480 43.25 -42.38 50.38
N VAL B 481 42.91 -41.72 49.30
CA VAL B 481 43.70 -40.62 48.73
C VAL B 481 42.77 -39.49 48.37
N THR B 482 43.18 -38.31 48.73
CA THR B 482 42.59 -37.07 48.16
C THR B 482 43.69 -36.01 48.10
N ALA B 483 43.69 -35.20 47.05
CA ALA B 483 44.77 -34.23 46.85
C ALA B 483 44.23 -33.02 46.13
N TYR B 484 45.09 -32.05 45.93
CA TYR B 484 44.66 -30.69 45.57
C TYR B 484 45.80 -30.07 44.76
N LYS B 485 45.53 -29.79 43.48
CA LYS B 485 46.49 -29.16 42.57
C LYS B 485 47.81 -29.93 42.64
N ALA B 486 47.72 -31.23 42.39
CA ALA B 486 48.86 -32.15 42.55
C ALA B 486 48.60 -33.44 41.77
N ARG B 487 49.69 -34.15 41.56
CA ARG B 487 49.67 -35.54 41.05
C ARG B 487 50.19 -36.43 42.16
N VAL B 488 49.57 -37.58 42.25
CA VAL B 488 49.94 -38.63 43.21
C VAL B 488 50.15 -39.90 42.39
N GLU B 489 51.35 -40.45 42.47
CA GLU B 489 51.63 -41.70 41.75
C GLU B 489 52.16 -42.76 42.73
N PHE B 490 51.73 -43.99 42.53
CA PHE B 490 52.09 -45.13 43.42
C PHE B 490 53.08 -46.02 42.69
N LYS B 491 53.99 -46.61 43.47
CA LYS B 491 54.95 -47.57 42.99
C LYS B 491 55.24 -48.54 44.14
N PRO B 492 55.93 -49.66 43.87
CA PRO B 492 56.31 -50.57 44.95
C PRO B 492 57.40 -49.91 45.82
N SER B 493 57.38 -50.14 47.11
CA SER B 493 58.36 -49.58 48.09
C SER B 493 59.66 -50.36 48.05
N GLN B 494 59.58 -51.61 47.63
CA GLN B 494 60.79 -52.50 47.57
C GLN B 494 60.80 -53.24 46.22
N GLU B 495 62.00 -53.66 45.81
CA GLU B 495 62.24 -54.55 44.65
C GLU B 495 61.28 -55.73 44.77
N LEU B 496 60.60 -56.07 43.70
CA LEU B 496 59.66 -57.20 43.69
C LEU B 496 60.55 -58.35 43.22
N ALA B 497 60.21 -59.59 43.46
CA ALA B 497 61.22 -60.63 43.22
C ALA B 497 60.91 -61.21 41.84
N GLY B 498 61.14 -60.41 40.79
CA GLY B 498 60.75 -60.79 39.42
C GLY B 498 59.28 -60.49 39.09
N LYS B 499 58.48 -59.99 40.04
CA LYS B 499 57.06 -59.64 39.78
C LYS B 499 56.92 -58.29 39.08
N LYS B 500 55.72 -58.04 38.55
CA LYS B 500 55.34 -56.71 38.04
C LYS B 500 54.27 -56.12 38.99
N PHE B 501 53.91 -54.85 38.77
CA PHE B 501 52.93 -54.19 39.63
C PHE B 501 52.03 -53.36 38.72
N MET B 502 50.82 -53.22 39.20
CA MET B 502 49.86 -52.27 38.61
C MET B 502 48.93 -51.72 39.69
N ILE B 503 48.21 -50.65 39.34
CA ILE B 503 46.96 -50.34 40.02
C ILE B 503 45.98 -51.49 39.76
N GLU B 504 45.41 -52.01 40.81
CA GLU B 504 44.35 -53.00 40.61
C GLU B 504 43.03 -52.27 40.37
N ARG B 505 42.75 -51.25 41.16
N ARG B 505 42.78 -51.23 41.15
CA ARG B 505 41.46 -50.50 41.05
CA ARG B 505 41.50 -50.51 41.07
C ARG B 505 41.55 -49.19 41.79
C ARG B 505 41.59 -49.17 41.79
N VAL B 506 41.10 -48.13 41.14
CA VAL B 506 40.83 -46.82 41.77
C VAL B 506 39.33 -46.54 41.70
N GLU B 507 38.71 -46.30 42.85
CA GLU B 507 37.28 -45.91 42.90
C GLU B 507 37.21 -44.52 43.51
N GLU B 508 36.40 -43.68 42.89
CA GLU B 508 35.95 -42.44 43.51
C GLU B 508 34.62 -42.69 44.19
N GLY B 509 34.49 -42.11 45.36
CA GLY B 509 33.29 -42.35 46.12
C GLY B 509 33.17 -41.46 47.34
N ARG B 510 32.36 -41.98 48.26
CA ARG B 510 32.08 -41.24 49.48
C ARG B 510 31.66 -42.22 50.56
N PHE B 511 31.66 -41.69 51.77
CA PHE B 511 31.26 -42.50 52.94
C PHE B 511 29.86 -42.03 53.30
N GLU B 512 28.96 -42.98 53.42
CA GLU B 512 27.60 -42.71 53.92
C GLU B 512 27.30 -43.66 55.06
N LYS B 513 27.04 -43.11 56.25
CA LYS B 513 26.75 -43.93 57.47
C LYS B 513 28.00 -44.78 57.75
N GLY B 514 29.20 -44.25 57.52
CA GLY B 514 30.47 -44.99 57.68
C GLY B 514 30.72 -46.09 56.63
N LYS B 515 29.87 -46.22 55.60
CA LYS B 515 30.06 -47.23 54.52
C LYS B 515 30.52 -46.56 53.21
N TRP B 516 31.44 -47.20 52.50
CA TRP B 516 31.91 -46.69 51.20
C TRP B 516 30.82 -46.88 50.15
N VAL B 517 30.63 -45.85 49.35
CA VAL B 517 29.69 -45.87 48.22
C VAL B 517 30.50 -45.47 47.00
N MET B 518 30.62 -46.36 46.01
CA MET B 518 31.42 -46.08 44.82
C MET B 518 30.57 -45.21 43.90
N GLU B 519 31.16 -44.15 43.35
CA GLU B 519 30.57 -43.33 42.29
C GLU B 519 31.03 -43.78 40.91
N ARG B 520 32.35 -43.98 40.75
CA ARG B 520 32.89 -44.40 39.46
C ARG B 520 34.27 -44.99 39.70
N VAL B 521 34.77 -45.66 38.70
CA VAL B 521 36.15 -46.19 38.67
C VAL B 521 36.98 -45.21 37.86
N TRP B 522 38.08 -44.74 38.39
CA TRP B 522 39.11 -44.05 37.60
C TRP B 522 39.91 -45.14 36.90
N ASN B 523 40.13 -44.91 35.63
CA ASN B 523 40.94 -45.81 34.79
C ASN B 523 41.40 -45.04 33.54
N GLY B 524 42.11 -45.76 32.69
CA GLY B 524 42.56 -45.16 31.45
C GLY B 524 43.38 -43.89 31.65
N ASP B 525 43.03 -42.82 30.96
CA ASP B 525 43.75 -41.57 31.10
C ASP B 525 43.81 -41.12 32.56
N GLN B 526 42.79 -41.41 33.37
CA GLN B 526 42.76 -40.88 34.75
C GLN B 526 43.72 -41.64 35.63
N THR B 527 44.29 -42.75 35.18
CA THR B 527 45.32 -43.46 36.06
C THR B 527 46.62 -43.72 35.32
N ASP B 528 46.71 -43.37 34.05
CA ASP B 528 47.93 -43.66 33.28
C ASP B 528 49.12 -42.78 33.71
N TRP B 529 48.83 -41.59 34.19
CA TRP B 529 49.79 -40.49 34.44
C TRP B 529 49.64 -40.06 35.88
N GLY B 530 49.66 -41.05 36.81
CA GLY B 530 49.34 -40.75 38.20
C GLY B 530 47.87 -40.41 38.38
N LEU B 531 47.57 -39.94 39.58
CA LEU B 531 46.23 -39.49 39.95
C LEU B 531 46.29 -37.96 40.08
N ASN B 532 45.62 -37.28 39.13
CA ASN B 532 45.73 -35.85 38.98
C ASN B 532 44.51 -35.14 39.53
N PHE B 533 44.79 -34.19 40.42
CA PHE B 533 43.78 -33.42 41.15
C PHE B 533 43.93 -31.94 40.80
N THR B 534 42.79 -31.26 40.67
CA THR B 534 42.75 -29.83 40.47
C THR B 534 42.30 -29.18 41.77
N ASP B 535 41.32 -28.33 41.69
CA ASP B 535 40.78 -27.64 42.86
C ASP B 535 39.53 -28.34 43.34
N ARG B 536 38.99 -29.28 42.60
CA ARG B 536 37.69 -29.90 42.98
C ARG B 536 37.96 -31.12 43.86
N PRO B 537 37.03 -31.47 44.75
CA PRO B 537 37.20 -32.59 45.65
C PRO B 537 36.91 -33.92 44.98
N HIS B 538 37.82 -34.88 45.19
CA HIS B 538 37.62 -36.27 44.80
C HIS B 538 38.26 -37.18 45.85
N LEU B 539 37.49 -38.06 46.42
CA LEU B 539 38.06 -39.01 47.38
C LEU B 539 38.16 -40.36 46.74
N LEU B 540 39.37 -40.89 46.75
CA LEU B 540 39.63 -42.15 46.04
C LEU B 540 40.04 -43.27 47.01
N ARG B 541 39.67 -44.48 46.64
CA ARG B 541 40.25 -45.70 47.21
C ARG B 541 41.12 -46.36 46.12
N VAL B 542 42.38 -46.52 46.43
CA VAL B 542 43.41 -47.00 45.53
C VAL B 542 43.89 -48.37 46.05
N LYS B 543 43.68 -49.40 45.25
CA LYS B 543 44.17 -50.77 45.52
C LYS B 543 45.29 -51.07 44.52
N MET B 544 46.47 -51.38 45.03
CA MET B 544 47.63 -51.72 44.24
C MET B 544 47.83 -53.24 44.26
N ALA B 545 48.49 -53.80 43.26
CA ALA B 545 48.78 -55.25 43.20
C ALA B 545 50.13 -55.46 42.56
N SER B 546 50.88 -56.39 43.12
CA SER B 546 51.99 -57.03 42.43
C SER B 546 51.46 -58.33 41.86
N TYR B 547 51.99 -58.72 40.71
CA TYR B 547 51.55 -59.97 40.03
C TYR B 547 52.78 -60.64 39.40
N SER B 548 52.62 -61.94 39.31
CA SER B 548 53.63 -62.84 38.74
C SER B 548 53.57 -62.78 37.21
N VAL B 549 54.73 -62.83 36.57
CA VAL B 549 54.80 -63.02 35.09
C VAL B 549 55.68 -64.23 34.75
N GLN B 550 55.89 -65.15 35.69
CA GLN B 550 56.56 -66.45 35.40
C GLN B 550 57.99 -66.18 34.96
N ALA C 11 -9.16 10.78 2.49
CA ALA C 11 -7.89 10.15 2.03
C ALA C 11 -6.72 11.11 2.28
N ALA C 12 -5.64 10.55 2.78
CA ALA C 12 -4.40 11.27 3.02
C ALA C 12 -3.86 11.78 1.69
N PRO C 13 -3.33 13.01 1.68
CA PRO C 13 -2.70 13.52 0.48
C PRO C 13 -1.49 12.70 0.10
N LEU C 14 -1.26 12.60 -1.18
CA LEU C 14 -0.05 11.90 -1.65
C LEU C 14 1.16 12.61 -1.09
N PRO C 15 2.20 11.86 -0.71
CA PRO C 15 3.49 12.53 -0.51
C PRO C 15 3.90 13.29 -1.79
N GLU C 16 4.69 14.33 -1.64
CA GLU C 16 5.13 15.15 -2.82
C GLU C 16 6.42 15.88 -2.40
N LEU C 17 7.34 16.04 -3.34
CA LEU C 17 8.49 16.90 -3.12
C LEU C 17 8.17 18.31 -3.63
N LEU C 18 8.19 19.30 -2.75
CA LEU C 18 7.96 20.72 -3.11
C LEU C 18 9.31 21.42 -3.24
N SER C 19 9.41 22.34 -4.17
CA SER C 19 10.63 23.18 -4.35
C SER C 19 10.15 24.60 -4.65
N ASN C 20 10.59 25.58 -3.87
CA ASN C 20 10.13 26.97 -4.02
C ASN C 20 11.19 27.84 -3.34
N ASN C 21 11.55 28.94 -3.99
CA ASN C 21 12.53 29.93 -3.47
C ASN C 21 13.86 29.22 -3.21
N GLY C 22 14.25 28.22 -3.99
CA GLY C 22 15.57 27.58 -3.78
C GLY C 22 15.61 26.57 -2.65
N LYS C 23 14.48 26.37 -1.96
CA LYS C 23 14.31 25.42 -0.86
C LYS C 23 13.46 24.26 -1.31
N HIS C 24 13.36 23.26 -0.40
CA HIS C 24 12.70 22.00 -0.70
C HIS C 24 12.08 21.38 0.54
N ALA C 25 11.01 20.64 0.34
CA ALA C 25 10.35 19.89 1.43
C ALA C 25 9.81 18.61 0.84
N LEU C 26 9.99 17.50 1.54
CA LEU C 26 9.23 16.30 1.29
C LEU C 26 7.96 16.38 2.14
N MET C 27 6.82 16.53 1.50
CA MET C 27 5.51 16.60 2.16
C MET C 27 5.05 15.17 2.36
N VAL C 28 4.70 14.82 3.61
CA VAL C 28 4.12 13.51 3.94
C VAL C 28 2.94 13.79 4.84
N ASP C 29 1.76 13.34 4.40
CA ASP C 29 0.47 13.58 5.09
C ASP C 29 0.25 15.11 5.17
N GLY C 30 0.66 15.82 4.11
CA GLY C 30 0.27 17.24 4.01
C GLY C 30 1.15 18.18 4.80
N ALA C 31 2.35 17.74 5.24
CA ALA C 31 3.29 18.69 5.85
C ALA C 31 4.71 18.18 5.67
N PRO C 32 5.69 19.10 5.80
CA PRO C 32 7.06 18.68 5.64
C PRO C 32 7.45 17.55 6.62
N TYR C 33 8.34 16.69 6.11
CA TYR C 33 8.75 15.47 6.81
C TYR C 33 10.27 15.31 6.60
N ILE C 34 10.95 14.80 7.62
CA ILE C 34 12.37 14.40 7.54
C ILE C 34 12.45 12.89 7.64
N ILE C 35 13.08 12.26 6.65
CA ILE C 35 13.47 10.84 6.70
C ILE C 35 14.68 10.70 7.63
N LEU C 36 14.43 10.15 8.85
CA LEU C 36 15.46 9.69 9.73
C LEU C 36 15.50 8.18 9.46
N GLY C 37 16.34 7.83 8.50
CA GLY C 37 16.16 6.58 7.80
C GLY C 37 17.04 5.45 8.31
N SER C 38 16.76 4.27 7.82
N SER C 38 16.76 4.29 7.78
CA SER C 38 17.70 3.16 7.84
CA SER C 38 17.55 3.06 7.91
C SER C 38 17.46 2.32 6.60
C SER C 38 17.46 2.38 6.54
N GLN C 39 18.53 1.83 6.01
CA GLN C 39 18.43 0.93 4.86
C GLN C 39 18.96 -0.45 5.22
N THR C 40 18.23 -1.45 4.79
CA THR C 40 18.64 -2.87 4.98
C THR C 40 19.88 -3.18 4.13
N ASN C 41 20.57 -4.24 4.52
CA ASN C 41 21.47 -4.92 3.60
C ASN C 41 20.72 -5.44 2.37
N ASN C 42 21.47 -5.78 1.34
CA ASN C 42 20.95 -6.01 -0.02
C ASN C 42 20.13 -7.30 -0.17
N SER C 43 20.22 -8.23 0.80
CA SER C 43 19.58 -9.53 0.74
C SER C 43 18.56 -9.71 1.88
N SER C 44 17.93 -8.63 2.31
CA SER C 44 16.96 -8.63 3.42
C SER C 44 15.53 -8.41 2.87
N ASN C 45 15.37 -8.48 1.55
CA ASN C 45 14.09 -8.17 0.86
C ASN C 45 13.18 -9.37 0.80
N TYR C 46 13.07 -10.15 1.91
CA TYR C 46 12.24 -11.37 1.94
C TYR C 46 11.56 -11.51 3.30
N PRO C 47 10.34 -12.05 3.35
CA PRO C 47 9.59 -12.13 4.59
C PRO C 47 10.40 -12.66 5.76
N ASP C 48 11.19 -13.69 5.54
CA ASP C 48 11.94 -14.36 6.62
C ASP C 48 13.03 -13.45 7.20
N ALA C 49 13.51 -12.47 6.43
CA ALA C 49 14.59 -11.59 6.85
C ALA C 49 14.09 -10.46 7.71
N LEU C 50 12.78 -10.13 7.63
CA LEU C 50 12.31 -8.90 8.30
C LEU C 50 12.52 -8.94 9.82
N LYS C 51 12.50 -10.13 10.43
CA LYS C 51 12.68 -10.26 11.90
C LYS C 51 14.09 -9.81 12.28
N ASP C 52 15.02 -9.79 11.32
CA ASP C 52 16.40 -9.32 11.55
C ASP C 52 16.56 -7.85 11.19
N VAL C 53 15.51 -7.20 10.71
CA VAL C 53 15.57 -5.78 10.33
C VAL C 53 14.89 -4.94 11.43
N TRP C 54 13.66 -5.32 11.85
CA TRP C 54 12.90 -4.41 12.70
C TRP C 54 13.61 -4.06 13.99
N PRO C 55 14.27 -5.02 14.73
CA PRO C 55 14.85 -4.63 16.00
C PRO C 55 15.91 -3.53 15.83
N SER C 56 16.68 -3.59 14.76
CA SER C 56 17.68 -2.53 14.53
C SER C 56 16.98 -1.19 14.28
N MET C 57 15.89 -1.23 13.51
CA MET C 57 15.16 0.03 13.22
C MET C 57 14.65 0.64 14.51
N GLU C 58 14.08 -0.17 15.42
N GLU C 58 14.14 -0.23 15.38
CA GLU C 58 13.56 0.38 16.69
CA GLU C 58 13.60 0.19 16.69
C GLU C 58 14.72 0.89 17.56
C GLU C 58 14.70 0.84 17.53
N LYS C 59 15.83 0.17 17.62
CA LYS C 59 16.99 0.63 18.43
C LYS C 59 17.50 1.96 17.87
N MET C 60 17.48 2.11 16.55
CA MET C 60 17.99 3.33 15.90
C MET C 60 17.01 4.48 16.11
N GLY C 61 15.71 4.17 16.27
CA GLY C 61 14.70 5.28 16.29
C GLY C 61 14.39 5.88 14.92
N ALA C 62 14.64 5.09 13.89
CA ALA C 62 14.35 5.53 12.51
C ALA C 62 12.84 5.61 12.31
N ASN C 63 12.47 6.56 11.46
CA ASN C 63 11.04 6.76 11.07
C ASN C 63 10.67 6.12 9.73
N THR C 64 11.66 5.75 8.94
CA THR C 64 11.50 5.33 7.53
C THR C 64 12.55 4.23 7.21
N LEU C 65 12.07 3.14 6.64
CA LEU C 65 12.91 2.00 6.26
C LEU C 65 13.05 2.04 4.74
N SER C 66 14.26 2.09 4.23
CA SER C 66 14.57 1.83 2.82
C SER C 66 14.88 0.35 2.62
N ILE C 67 14.27 -0.30 1.67
CA ILE C 67 14.44 -1.75 1.49
C ILE C 67 14.22 -2.09 0.02
N PRO C 68 14.94 -3.04 -0.57
CA PRO C 68 14.73 -3.39 -1.95
C PRO C 68 13.43 -4.09 -2.26
N VAL C 69 12.91 -3.80 -3.43
CA VAL C 69 11.98 -4.70 -4.10
C VAL C 69 12.59 -5.02 -5.44
N ALA C 70 12.86 -6.30 -5.66
CA ALA C 70 13.64 -6.72 -6.82
C ALA C 70 12.72 -7.14 -7.95
N TRP C 71 13.15 -6.80 -9.17
CA TRP C 71 12.44 -7.28 -10.38
C TRP C 71 12.39 -8.82 -10.35
N GLU C 72 13.49 -9.49 -9.95
CA GLU C 72 13.51 -10.96 -9.99
C GLU C 72 12.47 -11.58 -9.03
N GLN C 73 12.12 -10.85 -7.97
CA GLN C 73 11.16 -11.44 -7.01
C GLN C 73 9.75 -11.13 -7.38
N ILE C 74 9.52 -9.98 -8.01
CA ILE C 74 8.10 -9.68 -8.40
C ILE C 74 7.70 -10.30 -9.74
N GLU C 75 8.63 -10.58 -10.66
CA GLU C 75 8.31 -11.18 -11.97
C GLU C 75 9.29 -12.32 -12.25
N PRO C 76 9.31 -13.40 -11.44
CA PRO C 76 10.34 -14.46 -11.55
C PRO C 76 10.27 -15.22 -12.87
N VAL C 77 9.05 -15.23 -13.41
CA VAL C 77 8.73 -15.82 -14.74
C VAL C 77 7.93 -14.73 -15.47
N GLU C 78 8.22 -14.51 -16.77
CA GLU C 78 7.63 -13.34 -17.47
C GLU C 78 6.09 -13.40 -17.37
N GLY C 79 5.51 -12.31 -16.89
CA GLY C 79 4.05 -12.21 -16.87
C GLY C 79 3.45 -12.74 -15.59
N GLN C 80 4.25 -13.38 -14.72
CA GLN C 80 3.71 -14.12 -13.56
C GLN C 80 4.13 -13.30 -12.32
N PHE C 81 3.35 -12.32 -11.91
CA PHE C 81 3.74 -11.39 -10.85
C PHE C 81 3.50 -11.98 -9.44
N ASP C 82 4.33 -11.54 -8.50
CA ASP C 82 4.28 -12.04 -7.11
C ASP C 82 4.62 -10.87 -6.20
N PHE C 83 3.60 -10.39 -5.50
CA PHE C 83 3.75 -9.27 -4.56
C PHE C 83 3.72 -9.77 -3.11
N SER C 84 3.90 -11.07 -2.86
CA SER C 84 3.84 -11.66 -1.49
C SER C 84 4.76 -10.92 -0.54
N PHE C 85 5.93 -10.49 -0.99
CA PHE C 85 6.86 -9.77 -0.12
C PHE C 85 6.34 -8.39 0.24
N VAL C 86 5.90 -7.64 -0.80
CA VAL C 86 5.41 -6.27 -0.56
C VAL C 86 4.23 -6.33 0.44
N ASP C 87 3.34 -7.31 0.32
CA ASP C 87 2.17 -7.47 1.26
C ASP C 87 2.64 -7.57 2.72
N VAL C 88 3.59 -8.46 2.98
CA VAL C 88 4.12 -8.73 4.33
C VAL C 88 4.80 -7.44 4.83
N LEU C 89 5.61 -6.85 3.96
CA LEU C 89 6.36 -5.62 4.31
C LEU C 89 5.41 -4.50 4.72
N LEU C 90 4.38 -4.25 3.91
CA LEU C 90 3.41 -3.15 4.18
C LEU C 90 2.77 -3.42 5.54
N LYS C 91 2.35 -4.65 5.78
CA LYS C 91 1.61 -4.98 7.03
C LYS C 91 2.52 -4.84 8.25
N GLU C 92 3.77 -5.27 8.13
CA GLU C 92 4.69 -5.19 9.30
C GLU C 92 5.16 -3.75 9.54
N ALA C 93 5.35 -2.95 8.47
CA ALA C 93 5.67 -1.52 8.63
C ALA C 93 4.56 -0.81 9.38
N ARG C 94 3.33 -1.07 8.98
CA ARG C 94 2.18 -0.39 9.60
C ARG C 94 2.02 -0.78 11.07
N GLN C 95 2.28 -2.07 11.42
CA GLN C 95 2.19 -2.52 12.84
C GLN C 95 3.13 -1.64 13.64
N ARG C 96 4.27 -1.28 13.03
CA ARG C 96 5.32 -0.54 13.73
C ARG C 96 5.27 0.97 13.52
N LYS C 97 4.29 1.46 12.79
CA LYS C 97 4.04 2.91 12.62
C LYS C 97 5.31 3.52 12.09
N VAL C 98 5.85 2.89 11.05
CA VAL C 98 6.99 3.47 10.27
C VAL C 98 6.58 3.59 8.78
N ARG C 99 7.32 4.38 8.03
CA ARG C 99 7.10 4.52 6.59
C ARG C 99 8.18 3.79 5.82
N LEU C 100 8.00 3.70 4.53
CA LEU C 100 8.83 2.89 3.64
C LEU C 100 9.33 3.68 2.43
N VAL C 101 10.58 3.41 2.05
CA VAL C 101 11.07 3.83 0.72
C VAL C 101 11.41 2.57 0.01
N LEU C 102 10.74 2.25 -1.08
CA LEU C 102 11.07 1.03 -1.84
C LEU C 102 12.18 1.32 -2.83
N LEU C 103 13.08 0.35 -2.96
CA LEU C 103 14.21 0.52 -3.87
C LEU C 103 14.06 -0.46 -5.00
N TRP C 104 13.67 0.06 -6.19
CA TRP C 104 13.44 -0.82 -7.37
C TRP C 104 14.76 -1.25 -7.96
N PHE C 105 15.12 -2.46 -7.68
CA PHE C 105 16.35 -3.07 -8.21
C PHE C 105 15.99 -3.85 -9.48
N ALA C 106 16.41 -3.31 -10.61
CA ALA C 106 15.86 -3.81 -11.89
C ALA C 106 16.96 -3.81 -12.98
N THR C 107 16.86 -2.90 -13.95
CA THR C 107 17.81 -2.91 -15.10
C THR C 107 19.25 -2.62 -14.61
N TRP C 108 19.40 -1.75 -13.62
CA TRP C 108 20.74 -1.56 -12.95
C TRP C 108 20.56 -1.71 -11.45
N LYS C 109 21.50 -2.46 -10.87
CA LYS C 109 21.82 -2.40 -9.45
C LYS C 109 23.33 -2.39 -9.40
N ASN C 110 23.91 -1.26 -9.02
CA ASN C 110 25.39 -1.12 -9.00
C ASN C 110 25.93 -1.53 -10.39
N ASN C 111 25.36 -0.90 -11.44
CA ASN C 111 25.81 -1.00 -12.82
C ASN C 111 25.34 -2.27 -13.50
N ALA C 112 24.81 -3.24 -12.76
CA ALA C 112 24.65 -4.63 -13.24
C ALA C 112 23.19 -5.10 -13.22
N PRO C 113 22.85 -6.17 -13.93
CA PRO C 113 21.48 -6.66 -13.99
C PRO C 113 21.19 -7.86 -13.06
N HIS C 114 21.99 -7.98 -11.99
CA HIS C 114 21.89 -9.19 -11.12
C HIS C 114 20.53 -9.36 -10.46
N TYR C 115 19.78 -8.27 -10.27
CA TYR C 115 18.43 -8.36 -9.67
C TYR C 115 17.35 -8.46 -10.73
N ALA C 116 17.67 -8.42 -11.99
CA ALA C 116 16.64 -8.66 -13.02
C ALA C 116 16.37 -10.16 -13.02
N PRO C 117 15.18 -10.59 -13.45
CA PRO C 117 14.85 -12.02 -13.53
C PRO C 117 15.81 -12.76 -14.44
N ALA C 118 15.91 -14.05 -14.22
CA ALA C 118 16.77 -14.91 -15.06
C ALA C 118 16.44 -14.77 -16.56
N TRP C 119 15.15 -14.71 -16.88
CA TRP C 119 14.72 -14.55 -18.30
C TRP C 119 15.10 -13.19 -18.92
N VAL C 120 15.54 -12.25 -18.11
CA VAL C 120 16.15 -10.99 -18.57
C VAL C 120 17.69 -11.09 -18.58
N LYS C 121 18.31 -11.42 -17.47
CA LYS C 121 19.77 -11.23 -17.32
C LYS C 121 20.50 -12.32 -18.13
N LEU C 122 19.86 -13.43 -18.43
CA LEU C 122 20.50 -14.50 -19.22
C LEU C 122 20.14 -14.47 -20.70
N ASP C 123 19.47 -13.40 -21.19
CA ASP C 123 19.05 -13.30 -22.58
C ASP C 123 19.59 -11.99 -23.18
N ASN C 124 20.87 -12.03 -23.58
CA ASN C 124 21.59 -10.83 -24.02
C ASN C 124 21.01 -10.36 -25.36
N ALA C 125 20.57 -11.28 -26.21
CA ALA C 125 20.08 -10.90 -27.54
C ALA C 125 18.87 -9.99 -27.36
N ARG C 126 17.97 -10.39 -26.49
CA ARG C 126 16.77 -9.59 -26.26
C ARG C 126 17.09 -8.37 -25.41
N PHE C 127 17.99 -8.51 -24.48
CA PHE C 127 18.27 -7.50 -23.44
C PHE C 127 19.76 -7.19 -23.41
N PRO C 128 20.21 -6.36 -24.37
CA PRO C 128 21.65 -6.31 -24.62
C PRO C 128 22.48 -5.49 -23.64
N ARG C 129 23.72 -5.99 -23.45
CA ARG C 129 24.78 -5.35 -22.65
C ARG C 129 25.58 -4.32 -23.43
N VAL C 130 26.16 -3.43 -22.66
CA VAL C 130 27.20 -2.47 -23.05
C VAL C 130 28.31 -3.22 -23.75
N VAL C 131 28.66 -2.78 -24.94
CA VAL C 131 29.86 -3.30 -25.68
C VAL C 131 30.95 -2.26 -25.59
N LYS C 132 32.14 -2.70 -25.20
CA LYS C 132 33.34 -1.84 -25.11
C LYS C 132 33.84 -1.44 -26.51
N GLU C 133 34.66 -0.41 -26.59
CA GLU C 133 35.25 0.08 -27.87
C GLU C 133 36.01 -1.10 -28.51
N ASP C 134 36.57 -2.01 -27.70
CA ASP C 134 37.34 -3.16 -28.22
C ASP C 134 36.45 -4.37 -28.56
N GLY C 135 35.12 -4.29 -28.42
CA GLY C 135 34.23 -5.37 -28.85
C GLY C 135 33.94 -6.34 -27.73
N ASP C 136 34.67 -6.28 -26.59
CA ASP C 136 34.37 -7.11 -25.41
C ASP C 136 33.06 -6.58 -24.75
N THR C 137 32.34 -7.44 -24.02
CA THR C 137 31.05 -7.11 -23.42
C THR C 137 31.22 -6.95 -21.92
N LEU C 138 30.52 -5.99 -21.34
CA LEU C 138 30.46 -5.84 -19.87
C LEU C 138 29.09 -6.26 -19.35
N ASN C 139 29.02 -6.67 -18.07
CA ASN C 139 27.75 -7.07 -17.48
C ASN C 139 27.03 -5.85 -16.96
N SER C 140 26.59 -5.01 -17.89
CA SER C 140 25.86 -3.76 -17.63
C SER C 140 24.90 -3.59 -18.81
N LEU C 141 23.62 -3.50 -18.56
CA LEU C 141 22.67 -3.44 -19.66
C LEU C 141 22.70 -2.07 -20.32
N SER C 142 22.72 -2.12 -21.66
CA SER C 142 22.71 -0.86 -22.42
C SER C 142 21.40 -0.10 -22.23
N PRO C 143 21.46 1.24 -21.97
CA PRO C 143 20.24 2.05 -21.92
C PRO C 143 19.55 2.24 -23.25
N LEU C 144 20.15 1.77 -24.32
CA LEU C 144 19.55 1.85 -25.67
C LEU C 144 18.78 0.59 -26.00
N GLY C 145 18.77 -0.42 -25.12
CA GLY C 145 17.99 -1.64 -25.36
C GLY C 145 16.50 -1.39 -25.17
N GLN C 146 15.78 -1.31 -26.29
CA GLN C 146 14.35 -0.94 -26.22
C GLN C 146 13.53 -2.01 -25.52
N ASN C 147 13.88 -3.28 -25.70
CA ASN C 147 13.11 -4.37 -25.07
C ASN C 147 13.29 -4.31 -23.56
N THR C 148 14.49 -3.99 -23.13
CA THR C 148 14.82 -3.93 -21.69
C THR C 148 13.98 -2.80 -21.05
N LEU C 149 13.95 -1.62 -21.68
CA LEU C 149 13.17 -0.49 -21.14
C LEU C 149 11.66 -0.89 -21.05
N ALA C 150 11.11 -1.52 -22.10
CA ALA C 150 9.69 -1.96 -22.14
C ALA C 150 9.38 -2.92 -20.99
N ALA C 151 10.30 -3.83 -20.73
CA ALA C 151 10.07 -4.90 -19.76
C ALA C 151 10.21 -4.32 -18.34
N ASP C 152 11.19 -3.43 -18.12
CA ASP C 152 11.40 -2.86 -16.77
C ASP C 152 10.15 -2.05 -16.47
N LYS C 153 9.78 -1.19 -17.43
CA LYS C 153 8.60 -0.31 -17.35
C LYS C 153 7.38 -1.17 -16.96
N LYS C 154 7.19 -2.28 -17.67
CA LYS C 154 5.98 -3.11 -17.44
C LYS C 154 5.97 -3.62 -15.99
N ALA C 155 7.09 -4.12 -15.49
CA ALA C 155 7.07 -4.68 -14.10
C ALA C 155 6.91 -3.56 -13.07
N PHE C 156 7.57 -2.42 -13.32
CA PHE C 156 7.50 -1.25 -12.45
C PHE C 156 6.06 -0.78 -12.37
N VAL C 157 5.37 -0.69 -13.49
CA VAL C 157 3.91 -0.36 -13.49
C VAL C 157 3.14 -1.35 -12.65
N GLU C 158 3.44 -2.64 -12.69
CA GLU C 158 2.70 -3.59 -11.85
C GLU C 158 3.00 -3.33 -10.36
N LEU C 159 4.25 -3.06 -9.99
CA LEU C 159 4.54 -2.65 -8.60
C LEU C 159 3.73 -1.42 -8.17
N MET C 160 3.70 -0.40 -9.02
CA MET C 160 2.94 0.80 -8.71
C MET C 160 1.43 0.53 -8.68
N LYS C 161 0.92 -0.39 -9.49
CA LYS C 161 -0.51 -0.78 -9.40
C LYS C 161 -0.76 -1.44 -8.03
N TYR C 162 0.18 -2.23 -7.54
CA TYR C 162 -0.02 -2.92 -6.26
C TYR C 162 -0.15 -1.84 -5.16
N LEU C 163 0.72 -0.84 -5.18
CA LEU C 163 0.64 0.26 -4.20
C LEU C 163 -0.62 1.08 -4.39
N ALA C 164 -1.00 1.38 -5.63
CA ALA C 164 -2.29 2.08 -5.87
C ALA C 164 -3.46 1.35 -5.20
N LYS C 165 -3.50 0.03 -5.36
CA LYS C 165 -4.66 -0.80 -4.89
C LYS C 165 -4.52 -1.21 -3.39
N ARG C 166 -3.32 -1.22 -2.83
CA ARG C 166 -3.14 -1.86 -1.47
C ARG C 166 -2.47 -0.92 -0.48
N ASP C 167 -2.11 0.30 -0.88
CA ASP C 167 -1.41 1.24 0.00
C ASP C 167 -2.03 2.65 -0.04
N LYS C 168 -3.32 2.72 0.26
CA LYS C 168 -4.08 3.97 0.11
C LYS C 168 -3.66 5.03 1.10
N ASP C 169 -3.02 4.67 2.24
CA ASP C 169 -2.56 5.65 3.24
C ASP C 169 -1.07 5.99 3.08
N HIS C 170 -0.49 5.46 2.02
CA HIS C 170 0.88 5.82 1.60
C HIS C 170 1.90 5.45 2.69
N THR C 171 1.86 4.20 3.11
CA THR C 171 2.95 3.64 3.96
C THR C 171 4.26 3.85 3.21
N VAL C 172 4.23 3.56 1.91
CA VAL C 172 5.36 3.83 1.01
C VAL C 172 5.24 5.28 0.61
N ILE C 173 6.27 6.06 0.95
CA ILE C 173 6.29 7.52 0.72
C ILE C 173 7.06 7.90 -0.54
N MET C 174 7.97 7.06 -1.01
CA MET C 174 8.85 7.43 -2.12
C MET C 174 9.40 6.10 -2.66
N VAL C 175 9.84 6.12 -3.90
CA VAL C 175 10.39 4.97 -4.62
C VAL C 175 11.67 5.41 -5.32
N GLN C 176 12.69 4.61 -5.08
CA GLN C 176 13.96 4.78 -5.81
C GLN C 176 13.92 3.94 -7.09
N VAL C 177 14.21 4.60 -8.22
CA VAL C 177 14.13 3.93 -9.54
C VAL C 177 15.52 3.48 -9.92
N GLN C 178 15.72 2.16 -9.96
CA GLN C 178 17.05 1.52 -10.15
C GLN C 178 17.87 1.78 -8.90
N ASN C 179 19.11 1.29 -8.95
CA ASN C 179 20.07 1.53 -7.83
C ASN C 179 21.47 1.69 -8.45
N GLU C 180 22.08 2.85 -8.24
CA GLU C 180 23.47 3.13 -8.70
C GLU C 180 23.62 2.68 -10.15
N VAL C 181 22.89 3.39 -11.03
CA VAL C 181 23.00 3.15 -12.47
C VAL C 181 24.41 3.52 -12.91
N GLY C 182 24.76 3.03 -14.08
CA GLY C 182 25.98 3.41 -14.79
C GLY C 182 26.67 2.16 -15.28
N THR C 183 27.93 2.33 -15.68
CA THR C 183 28.79 1.26 -16.12
C THR C 183 30.18 1.46 -15.53
N TYR C 184 30.71 0.34 -15.00
CA TYR C 184 32.13 0.18 -14.61
C TYR C 184 32.76 -0.50 -15.81
N GLY C 185 33.95 0.00 -16.16
CA GLY C 185 34.80 -0.64 -17.19
C GLY C 185 34.72 -0.06 -18.58
N ALA C 186 33.80 0.90 -18.81
CA ALA C 186 33.72 1.62 -20.08
C ALA C 186 32.92 2.89 -19.80
N VAL C 187 33.04 3.87 -20.69
CA VAL C 187 32.40 5.20 -20.55
C VAL C 187 30.93 5.12 -21.00
N ARG C 188 30.66 4.34 -22.02
CA ARG C 188 29.31 4.21 -22.62
C ARG C 188 29.21 2.91 -23.36
N ASP C 189 28.06 2.66 -23.96
CA ASP C 189 27.89 1.57 -24.94
C ASP C 189 28.54 2.01 -26.26
N TYR C 190 29.34 1.15 -26.83
CA TYR C 190 29.94 1.34 -28.19
C TYR C 190 29.39 0.31 -29.15
N SER C 191 28.29 -0.39 -28.82
CA SER C 191 27.64 -1.37 -29.74
C SER C 191 27.25 -0.64 -31.02
N PRO C 192 27.05 -1.35 -32.14
CA PRO C 192 26.58 -0.67 -33.37
C PRO C 192 25.29 0.12 -33.18
N MET C 193 24.41 -0.41 -32.33
CA MET C 193 23.13 0.21 -31.98
C MET C 193 23.44 1.55 -31.31
N ALA C 194 24.35 1.57 -30.34
CA ALA C 194 24.62 2.83 -29.63
C ALA C 194 25.38 3.80 -30.53
N GLN C 195 26.34 3.29 -31.26
CA GLN C 195 27.15 4.08 -32.21
C GLN C 195 26.27 4.92 -33.17
N ALA C 196 25.22 4.34 -33.74
CA ALA C 196 24.32 5.03 -34.69
C ALA C 196 23.67 6.21 -33.99
N VAL C 197 23.25 6.07 -32.74
CA VAL C 197 22.64 7.22 -31.98
C VAL C 197 23.73 8.25 -31.65
N PHE C 198 24.90 7.82 -31.22
CA PHE C 198 26.01 8.74 -30.84
C PHE C 198 26.45 9.56 -32.07
N ASN C 199 26.53 8.93 -33.24
CA ASN C 199 26.90 9.63 -34.50
C ASN C 199 25.83 10.62 -34.97
N ALA C 200 24.58 10.50 -34.51
CA ALA C 200 23.45 11.35 -34.94
C ALA C 200 23.36 12.66 -34.12
N ALA C 201 22.43 13.53 -34.53
CA ALA C 201 22.11 14.77 -33.80
C ALA C 201 21.84 14.50 -32.33
N VAL C 202 22.35 15.40 -31.49
CA VAL C 202 21.84 15.48 -30.11
C VAL C 202 20.38 15.85 -30.24
N PRO C 203 19.50 15.16 -29.51
CA PRO C 203 18.08 15.47 -29.57
C PRO C 203 17.83 16.95 -29.22
N ASP C 204 16.90 17.57 -29.94
CA ASP C 204 16.55 19.00 -29.83
C ASP C 204 16.24 19.37 -28.37
N ASP C 205 15.59 18.48 -27.59
CA ASP C 205 15.12 18.92 -26.25
C ASP C 205 16.35 19.16 -25.37
N LEU C 206 17.39 18.34 -25.49
CA LEU C 206 18.61 18.48 -24.67
C LEU C 206 19.31 19.78 -25.09
N ILE C 207 19.48 19.97 -26.37
CA ILE C 207 20.13 21.21 -26.91
C ILE C 207 19.38 22.44 -26.44
N GLN C 208 18.03 22.40 -26.49
CA GLN C 208 17.17 23.58 -26.15
C GLN C 208 17.32 23.92 -24.65
N LYS C 209 17.33 22.89 -23.81
CA LYS C 209 17.34 23.07 -22.35
C LYS C 209 18.74 23.53 -21.93
N LEU C 210 19.78 22.99 -22.53
CA LEU C 210 21.14 23.42 -22.18
C LEU C 210 21.54 24.69 -22.92
N GLN C 211 20.72 25.14 -23.87
CA GLN C 211 20.95 26.44 -24.58
C GLN C 211 22.25 26.34 -25.40
N LEU C 212 22.44 25.23 -26.09
CA LEU C 212 23.66 24.95 -26.88
C LEU C 212 23.36 25.02 -28.39
N LYS C 213 24.43 25.16 -29.16
CA LYS C 213 24.32 25.15 -30.65
C LYS C 213 24.04 23.71 -31.05
N PRO C 214 23.04 23.44 -31.93
CA PRO C 214 22.76 22.07 -32.39
C PRO C 214 23.99 21.44 -33.04
N GLY C 215 24.03 20.10 -33.03
CA GLY C 215 25.10 19.29 -33.65
C GLY C 215 24.95 17.84 -33.28
N THR C 216 25.96 17.03 -33.59
CA THR C 216 26.05 15.66 -33.14
C THR C 216 26.72 15.67 -31.75
N TRP C 217 26.78 14.52 -31.11
CA TRP C 217 27.28 14.38 -29.72
C TRP C 217 28.72 14.86 -29.68
N SER C 218 29.51 14.42 -30.66
CA SER C 218 30.96 14.78 -30.68
C SER C 218 31.11 16.30 -30.92
N GLN C 219 30.30 16.87 -31.81
CA GLN C 219 30.41 18.32 -32.16
C GLN C 219 30.03 19.15 -30.94
N VAL C 220 29.00 18.70 -30.20
CA VAL C 220 28.39 19.52 -29.14
C VAL C 220 29.26 19.43 -27.90
N PHE C 221 29.75 18.23 -27.58
CA PHE C 221 30.27 17.96 -26.23
C PHE C 221 31.75 17.63 -26.24
N GLY C 222 32.30 17.42 -27.42
CA GLY C 222 33.75 17.22 -27.51
C GLY C 222 34.22 16.08 -26.63
N ARG C 223 35.22 16.34 -25.79
CA ARG C 223 35.91 15.31 -24.95
C ARG C 223 34.89 14.69 -23.98
N ASP C 224 33.80 15.40 -23.69
CA ASP C 224 32.80 14.89 -22.73
C ASP C 224 31.72 14.11 -23.46
N ALA C 225 31.81 13.99 -24.77
CA ALA C 225 30.68 13.41 -25.53
C ALA C 225 30.35 11.96 -25.04
N ASP C 226 31.32 11.07 -24.90
CA ASP C 226 30.98 9.67 -24.57
C ASP C 226 30.29 9.56 -23.19
N GLU C 227 30.78 10.28 -22.19
CA GLU C 227 30.23 10.22 -20.81
C GLU C 227 28.88 10.89 -20.83
N PHE C 228 28.78 12.06 -21.44
CA PHE C 228 27.50 12.78 -21.40
C PHE C 228 26.42 12.00 -22.16
N PHE C 229 26.81 11.32 -23.23
CA PHE C 229 25.87 10.42 -23.96
C PHE C 229 25.34 9.33 -23.04
N HIS C 230 26.19 8.61 -22.34
CA HIS C 230 25.74 7.55 -21.41
C HIS C 230 24.83 8.10 -20.34
N ALA C 231 25.18 9.24 -19.77
CA ALA C 231 24.37 9.88 -18.73
C ALA C 231 22.99 10.20 -19.33
N TYR C 232 22.98 10.80 -20.51
CA TYR C 232 21.73 11.19 -21.17
C TYR C 232 20.85 9.95 -21.40
N GLN C 233 21.39 8.92 -22.01
CA GLN C 233 20.60 7.75 -22.37
C GLN C 233 20.08 7.05 -21.10
N ILE C 234 20.89 6.96 -20.05
CA ILE C 234 20.41 6.32 -18.79
C ILE C 234 19.37 7.22 -18.16
N ALA C 235 19.57 8.53 -18.16
CA ALA C 235 18.58 9.45 -17.56
C ALA C 235 17.25 9.29 -18.30
N ARG C 236 17.25 9.25 -19.63
CA ARG C 236 16.02 9.09 -20.42
C ARG C 236 15.31 7.81 -20.03
N TYR C 237 16.07 6.71 -19.94
CA TYR C 237 15.52 5.39 -19.57
C TYR C 237 14.89 5.50 -18.22
N CYS C 238 15.58 6.10 -17.24
CA CYS C 238 15.05 6.17 -15.83
C CYS C 238 13.81 7.07 -15.81
N ASP C 239 13.81 8.12 -16.63
CA ASP C 239 12.70 9.07 -16.65
C ASP C 239 11.46 8.36 -17.22
N GLU C 240 11.63 7.62 -18.28
CA GLU C 240 10.50 6.85 -18.87
C GLU C 240 9.92 5.84 -17.87
N VAL C 241 10.76 5.11 -17.15
CA VAL C 241 10.25 4.19 -16.11
C VAL C 241 9.48 4.99 -15.07
N THR C 242 10.03 6.12 -14.65
CA THR C 242 9.43 6.97 -13.63
C THR C 242 8.03 7.40 -14.10
N VAL C 243 7.98 7.94 -15.32
CA VAL C 243 6.72 8.52 -15.84
C VAL C 243 5.68 7.39 -15.80
N ALA C 244 6.02 6.22 -16.29
CA ALA C 244 5.06 5.12 -16.41
C ALA C 244 4.53 4.75 -15.02
N GLY C 245 5.45 4.66 -14.02
CA GLY C 245 5.06 4.44 -12.64
C GLY C 245 4.15 5.51 -12.06
N LYS C 246 4.56 6.74 -12.20
CA LYS C 246 3.82 7.90 -11.63
C LYS C 246 2.43 8.01 -12.25
N ALA C 247 2.27 7.55 -13.50
CA ALA C 247 0.93 7.56 -14.14
C ALA C 247 -0.03 6.66 -13.36
N ILE C 248 0.50 5.62 -12.73
CA ILE C 248 -0.31 4.72 -11.87
C ILE C 248 -0.51 5.31 -10.48
N LYS C 249 0.57 5.75 -9.83
CA LYS C 249 0.47 6.40 -8.52
C LYS C 249 1.62 7.39 -8.46
N ASN C 250 1.32 8.66 -8.31
CA ASN C 250 2.26 9.79 -8.44
C ASN C 250 3.03 10.03 -7.15
N LEU C 251 3.72 9.00 -6.68
CA LEU C 251 4.67 9.17 -5.57
C LEU C 251 5.92 9.89 -6.06
N PRO C 252 6.59 10.61 -5.13
CA PRO C 252 7.94 11.06 -5.40
C PRO C 252 8.87 9.88 -5.76
N MET C 253 9.80 10.14 -6.68
CA MET C 253 10.75 9.11 -7.12
C MET C 253 12.10 9.75 -7.36
N TYR C 254 13.15 8.97 -7.13
CA TYR C 254 14.50 9.54 -7.16
C TYR C 254 15.45 8.46 -7.67
N VAL C 255 16.66 8.92 -8.01
CA VAL C 255 17.77 8.01 -8.29
C VAL C 255 18.92 8.31 -7.30
N ASN C 256 19.73 7.27 -7.07
CA ASN C 256 20.90 7.37 -6.16
C ASN C 256 22.24 7.08 -6.89
N VAL C 257 23.21 7.84 -6.52
CA VAL C 257 24.47 7.93 -7.27
C VAL C 257 25.60 7.20 -6.56
N ALA C 258 26.23 6.34 -7.36
CA ALA C 258 27.59 5.82 -7.04
C ALA C 258 28.61 6.96 -7.27
N LEU C 259 28.85 7.78 -6.25
CA LEU C 259 29.57 9.03 -6.41
C LEU C 259 30.99 8.80 -6.95
N ARG C 260 31.45 9.76 -7.75
CA ARG C 260 32.86 9.92 -8.03
C ARG C 260 33.46 10.79 -6.94
N ASN C 261 34.73 10.63 -6.67
CA ASN C 261 35.37 11.51 -5.69
C ASN C 261 35.40 12.89 -6.28
N PRO C 262 34.75 13.95 -5.72
CA PRO C 262 34.62 15.26 -6.40
C PRO C 262 35.96 15.98 -6.56
N PHE C 263 36.93 15.66 -5.71
CA PHE C 263 38.22 16.34 -5.74
C PHE C 263 39.29 15.58 -6.55
N ASN C 264 39.01 14.32 -6.91
CA ASN C 264 40.01 13.45 -7.58
C ASN C 264 39.28 12.25 -8.16
N PRO C 265 38.45 12.48 -9.21
CA PRO C 265 37.49 11.47 -9.62
C PRO C 265 38.07 10.27 -10.35
N GLY C 266 39.28 10.47 -10.89
CA GLY C 266 39.73 9.53 -11.91
C GLY C 266 38.85 9.56 -13.14
N LEU C 267 38.86 8.49 -13.92
CA LEU C 267 38.19 8.44 -15.22
C LEU C 267 36.82 7.80 -15.15
N PRO C 268 35.87 8.27 -15.99
CA PRO C 268 34.59 7.59 -16.11
C PRO C 268 34.85 6.16 -16.58
N GLY C 269 34.21 5.22 -15.88
CA GLY C 269 34.43 3.76 -16.04
C GLY C 269 35.23 3.22 -14.88
N GLN C 270 36.16 4.02 -14.32
CA GLN C 270 36.75 3.70 -13.00
C GLN C 270 35.69 3.98 -11.94
N TYR C 271 35.08 5.17 -12.01
CA TYR C 271 33.81 5.42 -11.34
C TYR C 271 32.69 4.99 -12.30
N SER C 272 31.50 4.88 -11.78
CA SER C 272 30.29 4.37 -12.51
C SER C 272 29.80 5.41 -13.53
N SER C 273 30.24 5.25 -14.77
CA SER C 273 30.01 6.22 -15.84
C SER C 273 28.50 6.25 -16.10
N GLY C 274 27.94 7.46 -16.15
CA GLY C 274 26.58 7.66 -16.65
C GLY C 274 25.54 7.87 -15.53
N GLY C 275 25.90 7.56 -14.31
CA GLY C 275 25.11 7.88 -13.15
C GLY C 275 25.19 9.38 -12.94
N GLY C 276 24.41 9.87 -11.98
CA GLY C 276 24.33 11.30 -11.71
C GLY C 276 25.49 11.85 -10.92
N THR C 277 26.70 11.67 -11.47
CA THR C 277 27.88 12.23 -10.83
C THR C 277 27.92 13.76 -11.03
N ASP C 278 28.76 14.48 -10.31
CA ASP C 278 28.63 15.94 -10.13
C ASP C 278 28.80 16.64 -11.49
N ASN C 279 29.56 16.01 -12.39
CA ASN C 279 29.86 16.62 -13.70
C ASN C 279 28.73 16.49 -14.71
N VAL C 280 27.76 15.62 -14.45
CA VAL C 280 26.61 15.36 -15.35
C VAL C 280 25.27 15.67 -14.73
N LEU C 281 25.26 16.35 -13.61
CA LEU C 281 23.96 16.75 -13.03
C LEU C 281 23.17 17.59 -14.00
N HIS C 282 23.84 18.42 -14.78
CA HIS C 282 23.10 19.26 -15.77
C HIS C 282 22.43 18.39 -16.86
N ILE C 283 23.10 17.33 -17.29
CA ILE C 283 22.54 16.38 -18.26
C ILE C 283 21.32 15.69 -17.66
N TRP C 284 21.47 15.13 -16.44
CA TRP C 284 20.41 14.42 -15.80
C TRP C 284 19.22 15.36 -15.57
N LYS C 285 19.43 16.60 -15.16
CA LYS C 285 18.28 17.52 -14.93
C LYS C 285 17.57 17.85 -16.25
N ALA C 286 18.29 18.02 -17.32
CA ALA C 286 17.61 18.35 -18.59
C ALA C 286 16.89 17.12 -19.17
N ALA C 287 17.46 15.94 -18.98
CA ALA C 287 17.00 14.68 -19.62
C ALA C 287 15.86 14.02 -18.84
N ALA C 288 15.79 14.25 -17.54
CA ALA C 288 14.88 13.48 -16.65
C ALA C 288 14.09 14.46 -15.79
N PRO C 289 13.13 15.18 -16.43
CA PRO C 289 12.35 16.18 -15.71
C PRO C 289 11.33 15.58 -14.73
N ASN C 290 11.05 14.30 -14.91
CA ASN C 290 10.09 13.60 -14.02
C ASN C 290 10.72 12.98 -12.79
N ILE C 291 12.04 12.96 -12.73
CA ILE C 291 12.72 12.35 -11.52
C ILE C 291 12.90 13.48 -10.48
N ASP C 292 12.36 13.29 -9.29
CA ASP C 292 12.24 14.41 -8.34
C ASP C 292 13.58 14.89 -7.87
N LEU C 293 14.51 13.98 -7.61
CA LEU C 293 15.83 14.41 -7.06
C LEU C 293 16.85 13.31 -7.36
N ILE C 294 18.10 13.75 -7.30
CA ILE C 294 19.30 12.90 -7.50
C ILE C 294 20.04 12.88 -6.15
N ALA C 295 20.16 11.71 -5.57
CA ALA C 295 20.59 11.50 -4.20
C ALA C 295 22.00 10.95 -4.14
N PRO C 296 22.88 11.53 -3.31
CA PRO C 296 24.20 10.94 -3.16
C PRO C 296 24.25 9.74 -2.20
N ASP C 297 25.06 8.78 -2.57
CA ASP C 297 25.42 7.61 -1.74
C ASP C 297 26.82 7.75 -1.13
N ILE C 298 26.89 8.15 0.15
CA ILE C 298 28.14 8.72 0.69
C ILE C 298 28.93 7.66 1.45
N TYR C 299 30.08 7.21 0.94
CA TYR C 299 30.93 6.29 1.73
C TYR C 299 32.32 6.90 1.91
N PHE C 300 32.56 8.13 1.51
CA PHE C 300 33.82 8.84 1.83
C PHE C 300 33.76 9.17 3.32
N ARG C 301 34.80 8.97 4.08
CA ARG C 301 34.68 9.14 5.56
C ARG C 301 35.06 10.55 5.95
N ASP C 302 35.88 11.19 5.12
CA ASP C 302 36.57 12.40 5.55
C ASP C 302 35.73 13.63 5.36
N TYR C 303 35.78 14.49 6.35
CA TYR C 303 34.92 15.67 6.42
C TYR C 303 35.02 16.54 5.16
N LYS C 304 36.21 16.79 4.60
CA LYS C 304 36.29 17.75 3.46
C LYS C 304 35.56 17.18 2.25
N THR C 305 35.67 15.90 2.02
CA THR C 305 35.06 15.29 0.81
C THR C 305 33.56 15.17 1.03
N VAL C 306 33.14 14.74 2.22
CA VAL C 306 31.70 14.64 2.49
C VAL C 306 31.07 16.03 2.37
N SER C 307 31.67 17.04 2.93
CA SER C 307 31.16 18.42 2.89
C SER C 307 31.01 18.85 1.43
N LYS C 308 32.00 18.57 0.61
CA LYS C 308 31.96 18.94 -0.84
C LYS C 308 30.82 18.19 -1.53
N VAL C 309 30.61 16.91 -1.25
CA VAL C 309 29.41 16.20 -1.79
C VAL C 309 28.13 16.93 -1.41
N LEU C 310 27.97 17.22 -0.13
CA LEU C 310 26.71 17.83 0.35
C LEU C 310 26.53 19.17 -0.40
N GLU C 311 27.62 19.91 -0.62
CA GLU C 311 27.55 21.18 -1.36
C GLU C 311 27.06 20.96 -2.80
N LEU C 312 27.61 19.97 -3.49
CA LEU C 312 27.37 19.78 -4.94
C LEU C 312 25.96 19.26 -5.14
N TYR C 313 25.42 18.51 -4.17
CA TYR C 313 24.12 17.86 -4.41
C TYR C 313 22.98 18.71 -3.88
N THR C 314 23.26 19.78 -3.16
CA THR C 314 22.25 20.70 -2.65
C THR C 314 22.16 21.87 -3.63
N ARG C 315 21.06 21.98 -4.35
CA ARG C 315 20.96 22.95 -5.48
C ARG C 315 19.52 23.47 -5.51
N PRO C 316 19.32 24.67 -6.08
CA PRO C 316 17.98 25.16 -6.20
C PRO C 316 17.10 24.12 -6.92
N ASP C 317 17.69 23.39 -7.85
CA ASP C 317 16.99 22.34 -8.61
C ASP C 317 17.10 20.92 -8.03
N ASN C 318 17.64 20.78 -6.80
CA ASN C 318 17.87 19.42 -6.31
C ASN C 318 17.81 19.38 -4.80
N ALA C 319 16.74 18.80 -4.28
CA ALA C 319 16.65 18.57 -2.84
C ALA C 319 17.75 17.59 -2.42
N LEU C 320 18.33 17.84 -1.25
CA LEU C 320 19.35 16.95 -0.69
C LEU C 320 18.68 15.79 0.04
N PHE C 321 18.93 14.57 -0.43
CA PHE C 321 18.55 13.37 0.30
C PHE C 321 19.76 12.46 0.35
N VAL C 322 20.29 12.23 1.54
CA VAL C 322 21.44 11.30 1.68
C VAL C 322 20.87 9.89 1.72
N ALA C 323 20.69 9.31 0.54
CA ALA C 323 19.95 8.06 0.32
C ALA C 323 20.68 6.89 0.95
N GLU C 324 22.00 7.01 1.03
CA GLU C 324 22.81 5.99 1.66
C GLU C 324 23.98 6.73 2.28
N ILE C 325 24.39 6.26 3.45
CA ILE C 325 25.69 6.71 4.04
C ILE C 325 26.25 5.51 4.79
N GLY C 326 27.56 5.43 4.89
CA GLY C 326 28.15 4.30 5.64
C GLY C 326 27.59 4.25 7.06
N ASN C 327 27.73 3.07 7.69
CA ASN C 327 27.20 2.87 9.03
C ASN C 327 28.27 2.84 10.09
N ASP C 328 29.50 3.13 9.72
CA ASP C 328 30.57 3.29 10.75
C ASP C 328 30.33 4.58 11.54
N GLN C 329 30.94 4.65 12.72
CA GLN C 329 30.80 5.75 13.66
C GLN C 329 31.06 7.12 13.06
N PRO C 330 32.09 7.32 12.20
CA PRO C 330 32.38 8.68 11.69
C PRO C 330 31.22 9.33 10.90
N PHE C 331 30.33 8.49 10.37
CA PHE C 331 29.30 9.00 9.47
C PHE C 331 28.13 9.65 10.22
N ALA C 332 27.91 9.32 11.47
CA ALA C 332 26.70 9.76 12.15
C ALA C 332 26.63 11.29 12.20
N ARG C 333 27.75 11.97 12.41
CA ARG C 333 27.73 13.42 12.64
C ARG C 333 27.31 14.14 11.33
N TYR C 334 27.34 13.46 10.19
CA TYR C 334 26.94 14.12 8.93
C TYR C 334 25.44 14.30 8.85
N LEU C 335 24.67 13.81 9.80
CA LEU C 335 23.25 14.17 9.85
C LEU C 335 23.14 15.68 10.02
N PHE C 336 24.02 16.30 10.80
CA PHE C 336 23.87 17.71 11.17
C PHE C 336 23.99 18.61 9.94
N PRO C 337 25.07 18.54 9.15
CA PRO C 337 25.13 19.40 7.98
C PRO C 337 24.09 19.03 6.92
N THR C 338 23.73 17.77 6.83
CA THR C 338 22.69 17.31 5.93
C THR C 338 21.40 18.06 6.24
N LEU C 339 20.99 18.11 7.51
CA LEU C 339 19.79 18.87 7.84
C LEU C 339 20.01 20.37 7.68
N GLY C 340 21.17 20.85 8.06
CA GLY C 340 21.53 22.25 7.94
C GLY C 340 21.40 22.79 6.51
N LYS C 341 21.71 21.99 5.49
CA LYS C 341 21.57 22.36 4.07
C LYS C 341 20.10 22.36 3.65
N GLY C 342 19.18 22.04 4.56
CA GLY C 342 17.76 21.81 4.22
C GLY C 342 17.48 20.46 3.63
N GLY C 343 18.32 19.46 3.95
CA GLY C 343 18.08 18.10 3.48
C GLY C 343 16.77 17.55 3.98
N ILE C 344 16.21 16.65 3.18
CA ILE C 344 14.94 16.00 3.47
C ILE C 344 15.13 14.67 4.16
N GLY C 345 16.35 14.16 4.23
CA GLY C 345 16.55 12.85 4.84
C GLY C 345 17.96 12.35 4.79
N PHE C 346 18.18 11.23 5.50
CA PHE C 346 19.49 10.68 5.84
C PHE C 346 19.25 9.23 6.16
N SER C 347 19.93 8.32 5.48
CA SER C 347 19.64 6.89 5.59
C SER C 347 20.92 6.05 5.62
N PRO C 348 21.40 5.72 6.85
CA PRO C 348 22.56 4.85 6.95
C PRO C 348 22.27 3.47 6.37
N PHE C 349 23.26 2.95 5.65
CA PHE C 349 23.17 1.68 4.94
C PHE C 349 23.64 0.48 5.79
N GLY C 350 22.87 -0.59 5.71
CA GLY C 350 23.26 -1.88 6.29
C GLY C 350 22.82 -2.06 7.73
N MET C 351 21.67 -1.51 8.08
CA MET C 351 21.21 -1.49 9.48
C MET C 351 20.28 -2.67 9.74
N ASP C 352 20.85 -3.88 9.67
CA ASP C 352 20.14 -5.10 10.05
C ASP C 352 21.12 -6.12 10.58
N ASP C 353 20.56 -7.19 11.15
CA ASP C 353 21.36 -8.23 11.80
C ASP C 353 21.35 -9.48 10.92
N THR C 354 21.49 -9.38 9.59
CA THR C 354 21.49 -10.53 8.69
C THR C 354 22.94 -11.03 8.41
N ASP C 355 23.85 -10.72 9.30
CA ASP C 355 25.22 -11.32 9.33
C ASP C 355 26.00 -10.82 8.16
N TYR C 356 26.03 -9.49 8.03
CA TYR C 356 26.82 -8.87 6.97
C TYR C 356 27.25 -7.47 7.36
N THR C 357 28.48 -7.11 7.00
N THR C 357 28.47 -7.11 7.02
CA THR C 357 29.02 -5.75 7.10
CA THR C 357 28.91 -5.71 7.05
C THR C 357 29.73 -5.42 5.78
C THR C 357 29.71 -5.42 5.77
N ASN C 358 29.48 -4.24 5.22
CA ASN C 358 30.17 -3.78 4.01
C ASN C 358 31.47 -3.07 4.36
N TYR C 359 31.99 -3.24 5.56
CA TYR C 359 33.41 -2.85 5.83
C TYR C 359 34.31 -3.39 4.73
N PRO C 360 35.19 -2.58 4.15
CA PRO C 360 35.69 -1.32 4.68
C PRO C 360 34.83 -0.05 4.43
N LEU C 361 33.66 -0.16 3.78
CA LEU C 361 32.81 1.04 3.62
C LEU C 361 32.15 1.38 4.96
N GLY C 362 31.56 0.40 5.59
CA GLY C 362 30.91 0.63 6.87
C GLY C 362 31.66 0.05 8.05
N ALA C 363 30.93 -0.18 9.11
CA ALA C 363 31.48 -0.61 10.44
C ALA C 363 32.05 -2.01 10.33
N LYS C 364 33.21 -2.23 10.91
CA LYS C 364 33.83 -3.58 10.86
C LYS C 364 32.94 -4.58 11.60
N VAL C 365 32.35 -4.15 12.72
CA VAL C 365 31.43 -4.98 13.51
C VAL C 365 30.05 -4.33 13.56
N TYR C 366 29.02 -5.13 13.35
CA TYR C 366 27.64 -4.67 13.49
C TYR C 366 27.08 -5.20 14.81
N ASN C 367 26.90 -4.28 15.72
CA ASN C 367 26.35 -4.57 17.07
C ASN C 367 25.61 -3.37 17.64
N ASP C 368 25.09 -3.52 18.85
CA ASP C 368 24.24 -2.47 19.43
C ASP C 368 24.98 -1.13 19.45
N GLU C 369 26.29 -1.16 19.70
CA GLU C 369 27.09 0.07 19.69
C GLU C 369 27.06 0.73 18.30
N THR C 370 27.17 -0.03 17.22
CA THR C 370 27.14 0.54 15.88
C THR C 370 25.85 1.33 15.74
N ILE C 371 24.76 0.71 16.16
CA ILE C 371 23.40 1.32 16.05
C ILE C 371 23.31 2.55 16.92
N GLU C 372 23.83 2.47 18.12
CA GLU C 372 23.73 3.56 19.08
C GLU C 372 24.29 4.88 18.54
N GLN C 373 25.37 4.85 17.69
CA GLN C 373 25.99 6.11 17.24
C GLN C 373 24.95 6.91 16.44
N PHE C 374 24.10 6.20 15.73
CA PHE C 374 23.03 6.90 14.97
C PHE C 374 21.82 7.21 15.87
N ALA C 375 21.48 6.29 16.77
CA ALA C 375 20.32 6.50 17.66
C ALA C 375 20.55 7.81 18.41
N GLN C 376 21.80 8.07 18.87
CA GLN C 376 22.05 9.24 19.69
C GLN C 376 21.79 10.53 18.91
N VAL C 377 22.11 10.54 17.64
CA VAL C 377 21.86 11.80 16.88
C VAL C 377 20.42 11.86 16.44
N TYR C 378 19.79 10.74 16.17
CA TYR C 378 18.33 10.77 15.79
C TYR C 378 17.52 11.29 16.98
N ARG C 379 17.97 11.01 18.21
CA ARG C 379 17.24 11.46 19.43
C ARG C 379 17.18 12.97 19.50
N LEU C 380 18.08 13.70 18.83
CA LEU C 380 18.04 15.17 18.86
C LEU C 380 16.94 15.69 17.92
N VAL C 381 16.61 14.92 16.90
CA VAL C 381 15.71 15.40 15.80
C VAL C 381 14.30 14.83 15.92
N ASN C 382 14.15 13.56 16.26
CA ASN C 382 12.83 12.93 16.47
C ASN C 382 11.88 13.80 17.29
N PRO C 383 12.27 14.39 18.43
CA PRO C 383 11.28 15.07 19.25
C PRO C 383 10.74 16.34 18.59
N MET C 384 11.43 16.80 17.52
CA MET C 384 11.03 18.07 16.84
C MET C 384 10.88 17.80 15.34
N MET C 385 10.67 16.57 14.92
CA MET C 385 10.81 16.26 13.51
C MET C 385 9.94 17.15 12.62
N ARG C 386 8.68 17.30 12.93
CA ARG C 386 7.78 18.06 12.04
C ARG C 386 8.12 19.57 12.10
N GLU C 387 8.43 20.08 13.28
CA GLU C 387 8.73 21.51 13.51
C GLU C 387 9.98 21.83 12.72
N TRP C 388 11.02 21.04 12.90
CA TRP C 388 12.27 21.23 12.12
C TRP C 388 11.95 21.16 10.63
N ALA C 389 11.20 20.18 10.20
CA ALA C 389 10.95 20.03 8.76
C ALA C 389 10.29 21.32 8.21
N ARG C 390 9.36 21.92 8.96
N ARG C 390 9.36 21.92 8.96
CA ARG C 390 8.65 23.15 8.51
CA ARG C 390 8.67 23.15 8.49
C ARG C 390 9.65 24.32 8.48
C ARG C 390 9.67 24.32 8.47
N LEU C 391 10.53 24.43 9.48
CA LEU C 391 11.48 25.55 9.58
C LEU C 391 12.50 25.41 8.47
N SER C 392 12.94 24.21 8.16
N SER C 392 12.84 24.16 8.11
CA SER C 392 13.91 24.05 7.04
CA SER C 392 13.86 23.80 7.07
C SER C 392 13.34 24.63 5.73
C SER C 392 13.30 23.81 5.62
N TYR C 393 12.10 24.28 5.42
CA TYR C 393 11.50 24.64 4.11
C TYR C 393 11.20 26.17 4.03
N GLN C 394 10.50 26.70 5.01
CA GLN C 394 9.94 28.08 4.93
C GLN C 394 10.89 29.04 5.61
N GLY C 395 11.94 28.56 6.23
CA GLY C 395 12.76 29.41 7.11
C GLY C 395 14.25 29.21 6.94
N GLN C 396 14.97 29.63 7.97
CA GLN C 396 16.43 29.63 7.94
C GLN C 396 16.91 28.57 8.93
N VAL C 397 17.69 27.64 8.48
CA VAL C 397 18.34 26.62 9.33
C VAL C 397 19.81 26.56 9.01
N TRP C 398 20.56 26.03 9.99
CA TRP C 398 21.98 25.81 9.88
C TRP C 398 22.30 24.49 10.57
N GLY C 399 23.41 23.88 10.14
CA GLY C 399 23.88 22.67 10.78
C GLY C 399 25.36 22.50 10.48
N VAL C 400 26.11 21.99 11.48
CA VAL C 400 27.55 21.75 11.32
C VAL C 400 27.92 20.44 12.00
N ALA C 401 28.97 19.84 11.49
CA ALA C 401 29.62 18.68 12.10
C ALA C 401 31.07 19.09 12.46
N GLU C 402 31.60 18.29 13.37
CA GLU C 402 33.00 18.42 13.83
C GLU C 402 33.93 18.25 12.63
N PRO C 403 34.77 19.27 12.34
CA PRO C 403 35.39 19.36 11.02
C PRO C 403 36.77 18.76 10.91
N LEU C 404 37.28 18.18 12.00
CA LEU C 404 38.52 17.38 11.91
C LEU C 404 38.13 15.92 12.15
N ASP C 405 38.64 15.07 11.32
CA ASP C 405 38.46 13.63 11.45
C ASP C 405 39.32 13.16 12.63
N SER C 406 39.01 11.95 13.11
CA SER C 406 39.80 11.28 14.17
C SER C 406 41.25 11.24 13.73
N THR C 407 42.09 11.44 14.71
CA THR C 407 43.56 11.46 14.52
C THR C 407 43.99 10.02 14.35
N THR C 408 44.78 9.73 13.33
CA THR C 408 45.30 8.37 13.06
C THR C 408 46.27 7.92 14.19
N GLU C 409 46.51 6.59 14.31
CA GLU C 409 47.64 6.02 15.10
C GLU C 409 48.95 6.67 14.65
N THR C 410 49.08 6.88 13.32
CA THR C 410 50.17 7.63 12.62
C THR C 410 50.49 8.91 13.38
N GLN C 411 49.49 9.80 13.45
CA GLN C 411 49.68 11.20 13.90
C GLN C 411 49.80 11.14 15.41
N LYS C 412 49.27 10.09 16.07
CA LYS C 412 49.26 10.01 17.56
C LYS C 412 50.70 9.78 18.01
N ILE C 413 51.44 8.96 17.26
CA ILE C 413 52.91 8.75 17.44
C ILE C 413 53.61 10.03 16.97
N TRP C 414 53.70 10.23 15.64
CA TRP C 414 54.24 11.42 14.91
C TRP C 414 53.91 12.70 15.69
N ASN C 415 52.79 12.72 16.40
CA ASN C 415 52.47 13.81 17.37
C ASN C 415 53.52 13.80 18.48
N ALA C 416 54.00 12.63 18.93
CA ALA C 416 54.97 12.51 20.04
C ALA C 416 56.43 12.60 19.55
N GLU C 417 56.67 12.42 18.25
CA GLU C 417 58.01 12.64 17.64
C GLU C 417 58.20 14.16 17.44
N ALA C 418 57.22 14.97 17.86
CA ALA C 418 57.25 16.45 17.73
C ALA C 418 57.90 17.07 18.97
N THR C 419 58.75 18.10 18.80
CA THR C 419 59.52 18.75 19.90
C THR C 419 58.74 19.91 20.51
N PRO C 420 58.30 19.80 21.80
CA PRO C 420 57.61 20.87 22.56
C PRO C 420 56.92 22.06 21.87
N GLU C 421 57.65 22.93 21.15
CA GLU C 421 57.03 24.11 20.48
C GLU C 421 56.08 23.63 19.36
N GLU C 422 56.39 22.51 18.67
CA GLU C 422 55.50 21.90 17.63
C GLU C 422 54.15 21.46 18.26
N LYS C 423 54.21 20.77 19.40
CA LYS C 423 53.00 20.24 20.11
C LYS C 423 52.08 21.43 20.45
N GLU C 424 52.61 22.49 21.09
CA GLU C 424 51.85 23.73 21.46
C GLU C 424 51.25 24.33 20.18
N GLN C 425 52.04 24.47 19.13
CA GLN C 425 51.54 25.04 17.86
C GLN C 425 50.44 24.14 17.27
N HIS C 426 50.63 22.81 17.31
CA HIS C 426 49.67 21.87 16.71
C HIS C 426 48.35 21.96 17.49
N LYS C 427 48.42 22.09 18.80
CA LYS C 427 47.19 22.26 19.64
C LYS C 427 46.49 23.55 19.23
N LYS C 428 47.21 24.64 19.04
CA LYS C 428 46.63 25.94 18.63
C LYS C 428 45.90 25.75 17.28
N ASP C 429 46.54 25.04 16.36
CA ASP C 429 46.04 24.89 14.97
C ASP C 429 44.75 24.08 15.02
N ARG C 430 44.72 23.02 15.83
N ARG C 430 44.76 22.98 15.79
CA ARG C 430 43.53 22.15 15.96
CA ARG C 430 43.55 22.15 16.01
C ARG C 430 42.40 22.92 16.64
C ARG C 430 42.43 23.05 16.54
N ALA C 431 42.72 23.79 17.62
CA ALA C 431 41.67 24.56 18.33
C ALA C 431 41.03 25.48 17.31
N SER C 432 41.84 26.12 16.48
CA SER C 432 41.29 27.07 15.48
C SER C 432 40.42 26.30 14.45
N ALA C 433 40.86 25.16 13.98
CA ALA C 433 40.12 24.32 12.99
C ALA C 433 38.85 23.74 13.62
N LEU C 434 38.82 23.58 14.94
CA LEU C 434 37.65 23.05 15.67
C LEU C 434 36.75 24.17 16.16
N THR C 435 36.81 25.33 15.53
CA THR C 435 35.97 26.47 15.87
C THR C 435 35.32 26.93 14.58
N GLN C 436 33.98 26.87 14.54
CA GLN C 436 33.14 27.22 13.36
C GLN C 436 32.28 28.44 13.65
N GLN C 437 32.11 29.33 12.67
CA GLN C 437 31.26 30.51 12.76
C GLN C 437 30.05 30.32 11.85
N LEU C 438 28.90 30.73 12.34
CA LEU C 438 27.61 30.76 11.57
C LEU C 438 27.03 32.15 11.70
N ASP C 439 26.61 32.72 10.57
CA ASP C 439 25.99 34.05 10.51
C ASP C 439 24.47 33.86 10.54
N LEU C 440 23.84 34.21 11.66
CA LEU C 440 22.44 33.93 11.87
C LEU C 440 21.69 35.26 11.78
N GLY C 441 22.26 36.27 11.14
CA GLY C 441 21.56 37.55 10.88
C GLY C 441 22.07 38.61 11.82
N LEU C 442 21.27 38.96 12.85
CA LEU C 442 21.66 39.93 13.86
C LEU C 442 22.63 39.29 14.87
N TRP C 443 22.72 37.97 14.85
CA TRP C 443 23.50 37.19 15.83
C TRP C 443 24.33 36.18 15.07
N ASP C 444 25.49 35.87 15.59
CA ASP C 444 26.34 34.76 15.11
C ASP C 444 26.44 33.71 16.19
N ALA C 445 26.67 32.49 15.77
CA ALA C 445 27.02 31.38 16.68
C ALA C 445 28.46 30.96 16.38
N GLU C 446 29.17 30.57 17.43
CA GLU C 446 30.47 29.94 17.34
C GLU C 446 30.34 28.54 17.95
N VAL C 447 30.65 27.56 17.16
CA VAL C 447 30.56 26.15 17.55
C VAL C 447 31.98 25.62 17.74
N THR C 448 32.18 24.99 18.89
CA THR C 448 33.46 24.37 19.18
C THR C 448 33.27 22.96 19.75
N TYR C 449 34.32 22.14 19.67
CA TYR C 449 34.21 20.68 19.89
C TYR C 449 35.29 20.15 20.81
N GLY C 450 34.85 19.44 21.84
CA GLY C 450 35.75 18.69 22.69
C GLY C 450 36.38 19.57 23.75
N ARG C 451 35.59 20.05 24.70
CA ARG C 451 36.08 20.92 25.77
C ARG C 451 35.17 20.74 26.98
N PRO C 452 35.60 21.20 28.16
CA PRO C 452 34.73 21.10 29.31
C PRO C 452 33.47 21.99 29.17
N MET C 453 32.54 21.83 30.10
CA MET C 453 31.22 22.53 30.09
C MET C 453 31.35 23.81 30.93
N PHE C 454 32.55 24.11 31.39
CA PHE C 454 32.82 25.24 32.24
C PHE C 454 34.21 25.81 31.85
N TRP C 455 34.36 27.12 31.95
CA TRP C 455 35.60 27.86 31.66
C TRP C 455 35.91 27.78 30.16
N VAL C 456 37.10 28.17 29.76
CA VAL C 456 37.41 28.46 28.32
C VAL C 456 38.67 27.78 27.83
N THR C 457 39.04 26.66 28.40
CA THR C 457 40.18 25.89 27.87
C THR C 457 39.88 25.59 26.40
N PRO C 458 40.84 25.81 25.48
CA PRO C 458 40.54 25.65 24.07
C PRO C 458 40.07 24.24 23.68
N PRO C 459 39.23 24.16 22.65
CA PRO C 459 38.81 22.85 22.17
C PRO C 459 39.93 21.94 21.60
N GLU C 460 39.83 20.65 21.93
CA GLU C 460 40.76 19.61 21.48
C GLU C 460 40.08 18.54 20.63
N GLY C 461 38.78 18.62 20.41
CA GLY C 461 38.09 17.62 19.63
C GLY C 461 37.62 16.47 20.49
N ASN C 462 36.58 15.83 19.98
CA ASN C 462 36.10 14.56 20.52
C ASN C 462 36.93 13.42 19.94
N THR C 463 37.04 12.38 20.73
CA THR C 463 37.76 11.14 20.35
C THR C 463 36.75 10.01 20.47
N PRO C 464 36.27 9.39 19.38
CA PRO C 464 36.48 9.83 17.98
C PRO C 464 35.72 11.10 17.63
N ALA C 465 36.02 11.68 16.46
CA ALA C 465 35.29 12.86 16.01
C ALA C 465 33.79 12.52 15.91
N ALA C 466 32.89 13.37 16.43
CA ALA C 466 31.47 12.95 16.55
C ALA C 466 30.52 14.14 16.76
N GLY C 467 31.00 15.35 16.99
CA GLY C 467 30.11 16.44 17.42
C GLY C 467 29.36 17.10 16.27
N GLY C 468 28.33 17.87 16.59
CA GLY C 468 27.66 18.76 15.63
C GLY C 468 26.59 19.59 16.31
N ALA C 469 25.87 20.38 15.50
CA ALA C 469 24.90 21.35 16.02
C ALA C 469 23.86 21.59 14.95
N LEU C 470 22.67 21.87 15.39
CA LEU C 470 21.52 22.33 14.58
C LEU C 470 21.01 23.65 15.16
N ILE C 471 20.70 24.61 14.28
CA ILE C 471 20.12 25.88 14.66
C ILE C 471 19.00 26.18 13.66
N ALA C 472 17.81 26.59 14.15
CA ALA C 472 16.78 27.15 13.26
C ALA C 472 16.43 28.54 13.76
N GLN C 473 16.13 29.47 12.86
CA GLN C 473 15.75 30.80 13.30
C GLN C 473 14.24 30.82 13.57
N LEU C 474 13.82 31.30 14.72
CA LEU C 474 12.38 31.46 15.04
C LEU C 474 11.90 32.88 14.78
N ASP C 475 12.73 33.86 15.11
CA ASP C 475 12.46 35.30 14.90
C ASP C 475 13.82 35.96 14.86
N ASP C 476 13.83 37.26 14.65
CA ASP C 476 15.07 38.07 14.53
C ASP C 476 16.04 37.75 15.67
N ASN C 477 15.55 37.57 16.91
CA ASN C 477 16.48 37.43 18.06
C ASN C 477 16.28 36.07 18.74
N GLU C 478 15.66 35.09 18.08
CA GLU C 478 15.30 33.82 18.78
C GLU C 478 15.60 32.65 17.86
N TYR C 479 16.25 31.62 18.44
CA TYR C 479 16.73 30.46 17.70
C TYR C 479 16.35 29.18 18.46
N LEU C 480 16.03 28.14 17.71
CA LEU C 480 15.95 26.76 18.21
C LEU C 480 17.33 26.16 18.04
N VAL C 481 17.82 25.54 19.09
CA VAL C 481 19.22 25.00 19.08
C VAL C 481 19.22 23.61 19.71
N THR C 482 19.86 22.67 19.04
CA THR C 482 20.22 21.40 19.69
C THR C 482 21.59 20.99 19.16
N ALA C 483 22.43 20.38 20.01
CA ALA C 483 23.81 20.06 19.62
C ALA C 483 24.27 18.81 20.35
N TYR C 484 25.48 18.37 20.01
CA TYR C 484 25.92 17.06 20.40
C TYR C 484 27.43 17.15 20.56
N LYS C 485 27.91 16.89 21.77
CA LYS C 485 29.37 16.83 22.05
C LYS C 485 30.05 18.12 21.56
N ALA C 486 29.49 19.27 21.95
CA ALA C 486 29.86 20.56 21.33
C ALA C 486 29.48 21.66 22.31
N ARG C 487 30.05 22.83 22.09
CA ARG C 487 29.67 24.08 22.71
C ARG C 487 29.16 25.03 21.64
N VAL C 488 28.01 25.69 21.91
CA VAL C 488 27.47 26.69 21.00
C VAL C 488 27.46 28.02 21.76
N GLU C 489 28.06 29.06 21.20
CA GLU C 489 28.07 30.36 21.87
C GLU C 489 27.53 31.46 20.90
N PHE C 490 26.66 32.33 21.39
CA PHE C 490 26.02 33.42 20.60
C PHE C 490 26.75 34.75 20.85
N LYS C 491 26.81 35.59 19.81
CA LYS C 491 27.39 36.93 19.88
C LYS C 491 26.71 37.78 18.82
N PRO C 492 26.76 39.12 18.96
CA PRO C 492 26.23 40.00 17.94
C PRO C 492 26.93 39.78 16.60
N SER C 493 26.19 39.88 15.51
CA SER C 493 26.76 39.68 14.15
C SER C 493 27.51 40.94 13.69
N GLN C 494 27.03 42.11 14.16
CA GLN C 494 27.61 43.44 13.80
C GLN C 494 27.91 44.25 15.08
N GLU C 495 28.86 45.19 14.99
CA GLU C 495 29.24 46.14 16.08
C GLU C 495 27.97 46.88 16.50
N LEU C 496 27.71 47.02 17.79
CA LEU C 496 26.52 47.72 18.37
C LEU C 496 27.06 49.01 19.00
N ALA C 497 26.56 50.18 18.68
CA ALA C 497 27.16 51.38 19.29
C ALA C 497 26.31 51.85 20.48
N GLY C 498 26.91 52.01 21.67
CA GLY C 498 26.19 52.41 22.91
C GLY C 498 25.32 51.27 23.43
N LYS C 499 25.45 50.08 22.82
CA LYS C 499 24.66 48.90 23.27
C LYS C 499 25.56 47.79 23.80
N LYS C 500 25.00 47.01 24.72
CA LYS C 500 25.65 45.74 25.13
C LYS C 500 24.72 44.62 24.71
N PHE C 501 25.11 43.37 24.96
CA PHE C 501 24.27 42.24 24.58
C PHE C 501 24.32 41.16 25.66
N MET C 502 23.24 40.39 25.71
CA MET C 502 23.23 39.21 26.57
C MET C 502 22.27 38.17 25.99
N ILE C 503 22.37 36.97 26.55
CA ILE C 503 21.24 36.02 26.49
C ILE C 503 20.09 36.66 27.29
N GLU C 504 18.93 36.76 26.68
CA GLU C 504 17.74 37.16 27.43
C GLU C 504 17.22 35.93 28.19
N ARG C 505 16.97 34.84 27.47
N ARG C 505 17.14 34.78 27.52
CA ARG C 505 16.46 33.59 28.07
CA ARG C 505 16.47 33.60 28.06
C ARG C 505 16.79 32.37 27.22
C ARG C 505 16.84 32.38 27.21
N VAL C 506 17.19 31.28 27.87
CA VAL C 506 17.33 29.98 27.25
C VAL C 506 16.35 29.09 27.97
N GLU C 507 15.47 28.43 27.22
CA GLU C 507 14.49 27.45 27.72
C GLU C 507 14.78 26.10 27.11
N GLU C 508 14.90 25.04 27.95
CA GLU C 508 14.87 23.70 27.43
C GLU C 508 13.42 23.26 27.41
N GLY C 509 13.01 22.52 26.39
CA GLY C 509 11.65 22.09 26.33
C GLY C 509 11.39 21.14 25.21
N ARG C 510 10.12 21.09 24.83
CA ARG C 510 9.71 20.14 23.79
C ARG C 510 8.46 20.66 23.13
N PHE C 511 8.12 20.06 22.01
CA PHE C 511 6.84 20.33 21.33
C PHE C 511 5.83 19.24 21.68
N GLU C 512 4.64 19.64 22.09
CA GLU C 512 3.46 18.75 22.26
C GLU C 512 2.30 19.37 21.48
N LYS C 513 1.77 18.60 20.53
CA LYS C 513 0.68 19.06 19.62
C LYS C 513 1.18 20.35 18.95
N GLY C 514 2.45 20.41 18.57
CA GLY C 514 3.04 21.59 17.89
C GLY C 514 3.16 22.84 18.77
N LYS C 515 2.85 22.78 20.07
CA LYS C 515 3.05 23.91 21.04
C LYS C 515 4.34 23.60 21.80
N TRP C 516 5.11 24.65 22.00
CA TRP C 516 6.27 24.60 22.91
C TRP C 516 5.86 24.48 24.36
N VAL C 517 6.48 23.52 25.05
CA VAL C 517 6.34 23.28 26.51
C VAL C 517 7.70 23.46 27.15
N MET C 518 7.87 24.48 27.97
N MET C 518 7.77 24.41 28.06
CA MET C 518 9.10 24.78 28.74
CA MET C 518 9.00 24.67 28.79
C MET C 518 9.26 23.78 29.90
C MET C 518 9.19 23.56 29.81
N GLU C 519 10.42 23.12 29.95
CA GLU C 519 10.77 22.23 31.07
C GLU C 519 11.57 23.00 32.14
N ARG C 520 12.56 23.74 31.72
CA ARG C 520 13.41 24.53 32.65
C ARG C 520 14.07 25.66 31.86
N VAL C 521 14.62 26.62 32.60
CA VAL C 521 15.45 27.68 32.07
C VAL C 521 16.90 27.36 32.31
N TRP C 522 17.68 27.36 31.23
CA TRP C 522 19.14 27.31 31.44
C TRP C 522 19.66 28.69 31.82
N ASN C 523 20.50 28.75 32.81
CA ASN C 523 21.06 30.02 33.28
C ASN C 523 22.31 29.73 34.11
N GLY C 524 22.97 30.77 34.60
CA GLY C 524 24.13 30.55 35.50
C GLY C 524 25.20 29.76 34.76
N ASP C 525 25.75 28.75 35.41
CA ASP C 525 26.84 27.95 34.81
C ASP C 525 26.43 27.40 33.45
N GLN C 526 25.14 27.12 33.22
CA GLN C 526 24.69 26.44 31.98
C GLN C 526 24.72 27.43 30.81
N THR C 527 24.81 28.73 31.05
CA THR C 527 24.90 29.74 29.95
C THR C 527 26.10 30.67 30.07
N ASP C 528 26.91 30.55 31.09
CA ASP C 528 28.08 31.42 31.26
C ASP C 528 29.19 31.10 30.26
N TRP C 529 29.32 29.85 29.86
CA TRP C 529 30.46 29.34 29.05
C TRP C 529 29.91 28.76 27.75
N GLY C 530 29.02 29.51 27.09
CA GLY C 530 28.29 28.91 25.98
C GLY C 530 27.21 27.92 26.43
N LEU C 531 26.69 27.21 25.44
CA LEU C 531 25.67 26.19 25.63
C LEU C 531 26.36 24.87 25.33
N ASN C 532 26.53 24.06 26.39
CA ASN C 532 27.37 22.86 26.35
C ASN C 532 26.49 21.62 26.29
N PHE C 533 26.75 20.77 25.31
CA PHE C 533 26.00 19.56 24.98
C PHE C 533 26.91 18.34 25.05
N THR C 534 26.40 17.27 25.59
CA THR C 534 27.12 16.00 25.67
C THR C 534 26.50 15.06 24.67
N ASP C 535 26.25 13.84 25.07
CA ASP C 535 25.58 12.85 24.20
C ASP C 535 24.08 12.87 24.41
N ARG C 536 23.59 13.56 25.41
CA ARG C 536 22.16 13.45 25.77
C ARG C 536 21.39 14.52 25.00
N PRO C 537 20.10 14.30 24.64
CA PRO C 537 19.35 15.29 23.92
C PRO C 537 18.84 16.43 24.80
N HIS C 538 18.89 17.65 24.25
CA HIS C 538 18.34 18.87 24.84
C HIS C 538 17.96 19.80 23.73
N LEU C 539 16.68 20.19 23.70
CA LEU C 539 16.19 21.16 22.70
C LEU C 539 16.00 22.49 23.39
N LEU C 540 16.68 23.50 22.88
CA LEU C 540 16.68 24.83 23.49
C LEU C 540 16.00 25.85 22.55
N ARG C 541 15.29 26.76 23.18
CA ARG C 541 14.95 28.04 22.57
C ARG C 541 15.82 29.13 23.20
N VAL C 542 16.58 29.79 22.36
CA VAL C 542 17.58 30.80 22.72
C VAL C 542 17.12 32.17 22.26
N LYS C 543 16.82 33.06 23.22
CA LYS C 543 16.44 34.46 22.92
C LYS C 543 17.66 35.34 23.31
N MET C 544 18.15 36.13 22.36
CA MET C 544 19.24 37.11 22.49
C MET C 544 18.65 38.53 22.60
N ALA C 545 19.31 39.42 23.33
CA ALA C 545 18.92 40.83 23.40
C ALA C 545 20.14 41.74 23.37
N SER C 546 20.01 42.83 22.60
CA SER C 546 20.88 44.01 22.79
C SER C 546 20.12 44.94 23.68
N TYR C 547 20.86 45.71 24.43
CA TYR C 547 20.28 46.64 25.40
C TYR C 547 21.17 47.86 25.48
N SER C 548 20.51 48.99 25.71
CA SER C 548 21.17 50.28 25.86
C SER C 548 21.83 50.33 27.24
N VAL C 549 22.99 50.96 27.27
CA VAL C 549 23.64 51.41 28.52
C VAL C 549 23.94 52.89 28.54
N GLN C 550 23.34 53.67 27.61
CA GLN C 550 23.55 55.13 27.47
C GLN C 550 22.94 55.81 28.71
N ALA D 11 -52.11 -20.87 11.30
CA ALA D 11 -51.17 -19.86 11.78
C ALA D 11 -49.78 -20.19 11.22
N ALA D 12 -49.23 -19.25 10.48
CA ALA D 12 -47.96 -19.42 9.78
C ALA D 12 -46.87 -19.51 10.85
N PRO D 13 -45.92 -20.44 10.72
CA PRO D 13 -44.80 -20.44 11.64
C PRO D 13 -43.96 -19.18 11.54
N LEU D 14 -43.41 -18.75 12.66
CA LEU D 14 -42.45 -17.63 12.61
C LEU D 14 -41.29 -17.88 11.64
N PRO D 15 -40.88 -16.84 10.91
CA PRO D 15 -39.57 -16.92 10.26
C PRO D 15 -38.47 -17.23 11.27
N GLU D 16 -37.45 -17.97 10.85
CA GLU D 16 -36.32 -18.30 11.78
C GLU D 16 -35.06 -18.50 10.96
N LEU D 17 -33.91 -18.13 11.55
CA LEU D 17 -32.64 -18.48 10.91
C LEU D 17 -32.15 -19.80 11.52
N LEU D 18 -31.97 -20.84 10.70
CA LEU D 18 -31.45 -22.15 11.15
C LEU D 18 -29.97 -22.24 10.79
N SER D 19 -29.17 -22.84 11.66
CA SER D 19 -27.73 -23.05 11.42
C SER D 19 -27.37 -24.45 11.91
N ASN D 20 -26.95 -25.34 11.01
CA ASN D 20 -26.66 -26.75 11.39
C ASN D 20 -25.54 -27.24 10.50
N ASN D 21 -24.59 -27.98 11.06
CA ASN D 21 -23.53 -28.59 10.21
C ASN D 21 -22.83 -27.51 9.35
N GLY D 22 -22.70 -26.24 9.79
CA GLY D 22 -21.94 -25.21 9.06
C GLY D 22 -22.75 -24.59 7.93
N LYS D 23 -24.01 -24.93 7.85
CA LYS D 23 -24.92 -24.49 6.78
C LYS D 23 -26.02 -23.65 7.43
N HIS D 24 -26.71 -22.82 6.63
CA HIS D 24 -27.72 -21.93 7.17
C HIS D 24 -28.90 -21.89 6.23
N ALA D 25 -30.04 -21.58 6.84
CA ALA D 25 -31.25 -21.25 6.07
C ALA D 25 -32.06 -20.18 6.79
N LEU D 26 -32.65 -19.28 5.98
CA LEU D 26 -33.71 -18.42 6.50
C LEU D 26 -35.02 -19.11 6.20
N MET D 27 -35.70 -19.61 7.21
CA MET D 27 -37.02 -20.23 7.04
C MET D 27 -38.09 -19.15 7.03
N VAL D 28 -38.97 -19.22 6.02
CA VAL D 28 -40.12 -18.32 5.88
C VAL D 28 -41.31 -19.20 5.52
N ASP D 29 -42.36 -19.17 6.34
CA ASP D 29 -43.52 -20.06 6.09
C ASP D 29 -43.11 -21.55 6.11
N GLY D 30 -42.13 -21.88 6.96
CA GLY D 30 -41.73 -23.26 7.27
C GLY D 30 -40.80 -23.91 6.28
N ALA D 31 -40.21 -23.14 5.35
CA ALA D 31 -39.26 -23.70 4.39
C ALA D 31 -38.19 -22.67 4.09
N PRO D 32 -37.00 -23.12 3.63
CA PRO D 32 -35.99 -22.15 3.30
C PRO D 32 -36.41 -21.13 2.23
N TYR D 33 -35.88 -19.92 2.37
CA TYR D 33 -36.26 -18.78 1.54
C TYR D 33 -35.01 -18.04 1.15
N ILE D 34 -35.03 -17.42 -0.04
CA ILE D 34 -33.94 -16.52 -0.47
C ILE D 34 -34.53 -15.13 -0.61
N ILE D 35 -33.95 -14.16 0.06
CA ILE D 35 -34.29 -12.75 -0.16
C ILE D 35 -33.70 -12.30 -1.49
N LEU D 36 -34.51 -12.08 -2.47
CA LEU D 36 -34.13 -11.39 -3.72
C LEU D 36 -34.63 -10.00 -3.54
N GLY D 37 -33.81 -9.20 -2.93
CA GLY D 37 -34.24 -7.98 -2.25
C GLY D 37 -34.11 -6.71 -3.07
N SER D 38 -34.52 -5.67 -2.40
N SER D 38 -34.73 -5.68 -2.57
CA SER D 38 -34.49 -4.27 -2.85
CA SER D 38 -34.38 -4.28 -2.87
C SER D 38 -34.50 -3.44 -1.58
C SER D 38 -34.46 -3.47 -1.60
N GLN D 39 -33.63 -2.44 -1.50
CA GLN D 39 -33.72 -1.50 -0.40
C GLN D 39 -33.99 -0.11 -0.93
N THR D 40 -34.87 0.60 -0.26
CA THR D 40 -35.18 2.00 -0.58
C THR D 40 -34.01 2.91 -0.29
N ASN D 41 -34.00 4.10 -0.87
CA ASN D 41 -33.20 5.21 -0.41
C ASN D 41 -33.62 5.57 1.04
N ASN D 42 -32.82 6.35 1.70
CA ASN D 42 -32.96 6.59 3.15
C ASN D 42 -34.13 7.47 3.57
N SER D 43 -34.79 8.16 2.64
CA SER D 43 -35.86 9.11 2.94
C SER D 43 -37.15 8.65 2.31
N SER D 44 -37.33 7.37 2.11
CA SER D 44 -38.53 6.79 1.48
C SER D 44 -39.50 6.14 2.47
N ASN D 45 -39.19 6.31 3.75
CA ASN D 45 -39.93 5.67 4.86
C ASN D 45 -41.16 6.46 5.27
N TYR D 46 -41.93 6.93 4.29
CA TYR D 46 -43.18 7.69 4.56
C TYR D 46 -44.25 7.23 3.60
N PRO D 47 -45.55 7.32 3.95
CA PRO D 47 -46.61 6.88 3.06
C PRO D 47 -46.54 7.49 1.66
N ASP D 48 -46.28 8.77 1.59
CA ASP D 48 -46.28 9.48 0.29
C ASP D 48 -45.20 8.97 -0.63
N ALA D 49 -44.09 8.45 -0.08
CA ALA D 49 -42.95 8.04 -0.92
C ALA D 49 -43.16 6.64 -1.49
N LEU D 50 -44.09 5.84 -0.95
CA LEU D 50 -44.18 4.43 -1.35
C LEU D 50 -44.58 4.28 -2.81
N LYS D 51 -45.29 5.25 -3.38
CA LYS D 51 -45.63 5.17 -4.79
C LYS D 51 -44.39 5.27 -5.70
N ASP D 52 -43.27 5.77 -5.19
CA ASP D 52 -42.02 5.85 -5.94
C ASP D 52 -41.15 4.62 -5.63
N VAL D 53 -41.62 3.69 -4.80
CA VAL D 53 -40.84 2.50 -4.43
C VAL D 53 -41.38 1.29 -5.16
N TRP D 54 -42.69 1.09 -5.12
CA TRP D 54 -43.28 -0.16 -5.63
C TRP D 54 -42.99 -0.42 -7.11
N PRO D 55 -43.06 0.59 -8.01
CA PRO D 55 -42.81 0.27 -9.42
C PRO D 55 -41.41 -0.31 -9.66
N SER D 56 -40.43 0.23 -8.96
CA SER D 56 -39.06 -0.30 -9.09
C SER D 56 -38.99 -1.73 -8.58
N MET D 57 -39.67 -2.01 -7.48
CA MET D 57 -39.65 -3.39 -6.94
C MET D 57 -40.26 -4.37 -7.95
N GLU D 58 -41.38 -3.98 -8.59
CA GLU D 58 -42.04 -4.82 -9.57
C GLU D 58 -41.12 -5.05 -10.78
N LYS D 59 -40.54 -3.99 -11.31
CA LYS D 59 -39.63 -4.12 -12.45
C LYS D 59 -38.42 -5.01 -12.11
N MET D 60 -37.93 -4.94 -10.89
CA MET D 60 -36.77 -5.75 -10.45
C MET D 60 -37.17 -7.21 -10.28
N GLY D 61 -38.43 -7.49 -9.93
CA GLY D 61 -38.80 -8.87 -9.58
C GLY D 61 -38.33 -9.26 -8.18
N ALA D 62 -38.13 -8.28 -7.31
CA ALA D 62 -37.76 -8.56 -5.93
C ALA D 62 -38.91 -9.16 -5.15
N ASN D 63 -38.57 -10.07 -4.24
CA ASN D 63 -39.57 -10.70 -3.38
C ASN D 63 -39.63 -10.06 -2.00
N THR D 64 -38.67 -9.23 -1.61
CA THR D 64 -38.58 -8.67 -0.29
C THR D 64 -38.08 -7.23 -0.42
N LEU D 65 -38.72 -6.33 0.29
CA LEU D 65 -38.33 -4.93 0.40
C LEU D 65 -37.72 -4.64 1.77
N SER D 66 -36.54 -4.05 1.80
CA SER D 66 -35.89 -3.49 2.98
C SER D 66 -36.17 -2.00 3.04
N ILE D 67 -36.73 -1.53 4.15
CA ILE D 67 -37.07 -0.11 4.24
C ILE D 67 -36.89 0.34 5.67
N PRO D 68 -36.50 1.59 5.90
CA PRO D 68 -36.40 2.07 7.27
C PRO D 68 -37.72 2.20 8.02
N VAL D 69 -37.64 1.97 9.34
CA VAL D 69 -38.60 2.48 10.33
C VAL D 69 -37.76 3.24 11.34
N ALA D 70 -37.96 4.52 11.44
CA ALA D 70 -37.12 5.43 12.19
C ALA D 70 -37.72 5.72 13.57
N TRP D 71 -36.85 5.68 14.57
CA TRP D 71 -37.25 6.06 15.94
C TRP D 71 -37.95 7.42 15.89
N GLU D 72 -37.40 8.41 15.20
CA GLU D 72 -38.02 9.78 15.14
C GLU D 72 -39.48 9.71 14.69
N GLN D 73 -39.82 8.82 13.78
CA GLN D 73 -41.19 8.79 13.22
C GLN D 73 -42.13 8.02 14.14
N ILE D 74 -41.64 6.97 14.80
CA ILE D 74 -42.59 6.20 15.70
C ILE D 74 -42.71 6.82 17.09
N GLU D 75 -41.73 7.62 17.53
CA GLU D 75 -41.82 8.24 18.86
C GLU D 75 -41.44 9.69 18.78
N PRO D 76 -42.19 10.54 18.04
CA PRO D 76 -41.71 11.88 17.81
C PRO D 76 -41.69 12.76 19.08
N VAL D 77 -42.56 12.44 20.03
CA VAL D 77 -42.65 13.05 21.38
C VAL D 77 -42.58 11.84 22.31
N GLU D 78 -41.80 11.96 23.38
CA GLU D 78 -41.57 10.79 24.23
C GLU D 78 -42.91 10.22 24.72
N GLY D 79 -43.06 8.92 24.57
CA GLY D 79 -44.24 8.15 25.01
C GLY D 79 -45.46 8.33 24.13
N GLN D 80 -45.31 9.03 23.02
CA GLN D 80 -46.44 9.28 22.05
C GLN D 80 -46.12 8.55 20.74
N PHE D 81 -46.57 7.31 20.62
CA PHE D 81 -46.12 6.41 19.55
C PHE D 81 -47.06 6.61 18.36
N ASP D 82 -46.47 6.50 17.19
CA ASP D 82 -47.15 6.71 15.89
C ASP D 82 -46.71 5.59 14.94
N PHE D 83 -47.56 4.65 14.66
CA PHE D 83 -47.27 3.53 13.72
C PHE D 83 -48.03 3.72 12.40
N SER D 84 -48.42 4.95 12.07
CA SER D 84 -49.21 5.16 10.84
C SER D 84 -48.43 4.77 9.57
N PHE D 85 -47.10 4.92 9.59
CA PHE D 85 -46.33 4.50 8.42
C PHE D 85 -46.32 2.97 8.31
N VAL D 86 -46.05 2.31 9.47
CA VAL D 86 -45.95 0.85 9.45
C VAL D 86 -47.30 0.27 9.00
N ASP D 87 -48.42 0.86 9.45
CA ASP D 87 -49.74 0.39 8.98
C ASP D 87 -49.85 0.38 7.43
N VAL D 88 -49.61 1.54 6.81
CA VAL D 88 -49.71 1.68 5.34
C VAL D 88 -48.73 0.72 4.68
N LEU D 89 -47.49 0.66 5.20
CA LEU D 89 -46.46 -0.22 4.57
C LEU D 89 -46.90 -1.70 4.54
N LEU D 90 -47.38 -2.19 5.72
CA LEU D 90 -47.82 -3.59 5.80
C LEU D 90 -48.94 -3.84 4.78
N LYS D 91 -49.92 -2.92 4.75
CA LYS D 91 -51.08 -3.16 3.87
C LYS D 91 -50.68 -3.07 2.37
N GLU D 92 -49.79 -2.15 2.02
CA GLU D 92 -49.34 -2.04 0.62
C GLU D 92 -48.44 -3.19 0.21
N ALA D 93 -47.57 -3.67 1.11
CA ALA D 93 -46.77 -4.87 0.84
C ALA D 93 -47.62 -6.11 0.62
N ARG D 94 -48.63 -6.27 1.45
CA ARG D 94 -49.54 -7.42 1.32
C ARG D 94 -50.31 -7.35 -0.03
N GLN D 95 -50.73 -6.16 -0.42
CA GLN D 95 -51.44 -6.05 -1.71
C GLN D 95 -50.56 -6.52 -2.85
N ARG D 96 -49.27 -6.29 -2.72
CA ARG D 96 -48.35 -6.69 -3.82
C ARG D 96 -47.63 -8.03 -3.57
N LYS D 97 -48.07 -8.72 -2.55
CA LYS D 97 -47.60 -10.12 -2.23
C LYS D 97 -46.07 -10.17 -2.08
N VAL D 98 -45.54 -9.19 -1.41
CA VAL D 98 -44.10 -9.15 -1.11
C VAL D 98 -43.91 -9.16 0.40
N ARG D 99 -42.70 -9.49 0.82
CA ARG D 99 -42.31 -9.47 2.24
C ARG D 99 -41.39 -8.29 2.54
N LEU D 100 -41.24 -8.00 3.82
CA LEU D 100 -40.53 -6.84 4.34
C LEU D 100 -39.42 -7.22 5.30
N VAL D 101 -38.34 -6.47 5.22
CA VAL D 101 -37.31 -6.39 6.30
C VAL D 101 -37.31 -4.93 6.76
N LEU D 102 -37.68 -4.68 8.01
CA LEU D 102 -37.67 -3.36 8.56
C LEU D 102 -36.30 -2.99 9.07
N LEU D 103 -35.85 -1.78 8.86
CA LEU D 103 -34.51 -1.35 9.30
C LEU D 103 -34.72 -0.31 10.40
N TRP D 104 -34.46 -0.73 11.64
CA TRP D 104 -34.62 0.10 12.82
C TRP D 104 -33.50 1.13 12.91
N PHE D 105 -33.78 2.37 12.49
CA PHE D 105 -32.86 3.51 12.50
C PHE D 105 -33.06 4.25 13.82
N ALA D 106 -32.10 4.13 14.73
CA ALA D 106 -32.36 4.55 16.11
C ALA D 106 -31.08 5.16 16.69
N THR D 107 -30.47 4.50 17.68
CA THR D 107 -29.26 5.08 18.35
C THR D 107 -28.13 5.30 17.33
N TRP D 108 -27.96 4.36 16.41
CA TRP D 108 -27.02 4.58 15.30
C TRP D 108 -27.70 4.39 13.95
N LYS D 109 -27.38 5.34 13.11
CA LYS D 109 -27.58 5.20 11.64
C LYS D 109 -26.31 5.84 11.03
N ASN D 110 -25.49 4.97 10.48
CA ASN D 110 -24.17 5.42 9.93
C ASN D 110 -23.43 6.21 11.01
N ASN D 111 -23.32 5.57 12.20
CA ASN D 111 -22.51 6.09 13.34
C ASN D 111 -23.25 7.15 14.15
N ALA D 112 -24.37 7.74 13.63
CA ALA D 112 -24.90 9.01 14.17
C ALA D 112 -26.38 8.86 14.58
N PRO D 113 -26.85 9.81 15.40
CA PRO D 113 -28.20 9.75 15.91
C PRO D 113 -29.24 10.56 15.15
N HIS D 114 -29.00 10.80 13.86
CA HIS D 114 -29.90 11.72 13.11
C HIS D 114 -31.31 11.19 13.02
N TYR D 115 -31.55 9.86 13.10
CA TYR D 115 -32.90 9.31 13.06
C TYR D 115 -33.50 9.14 14.44
N ALA D 116 -32.79 9.50 15.47
CA ALA D 116 -33.40 9.45 16.82
C ALA D 116 -34.30 10.69 16.92
N PRO D 117 -35.35 10.65 17.76
CA PRO D 117 -36.22 11.79 17.89
C PRO D 117 -35.44 13.02 18.37
N ALA D 118 -36.00 14.22 18.16
CA ALA D 118 -35.36 15.48 18.58
C ALA D 118 -35.05 15.46 20.09
N TRP D 119 -35.96 14.93 20.88
CA TRP D 119 -35.86 14.91 22.37
C TRP D 119 -34.75 13.95 22.79
N VAL D 120 -34.29 13.12 21.88
CA VAL D 120 -33.06 12.32 22.08
C VAL D 120 -31.81 13.03 21.55
N LYS D 121 -31.77 13.26 20.22
CA LYS D 121 -30.49 13.69 19.63
C LYS D 121 -30.09 15.12 20.06
N LEU D 122 -31.00 15.94 20.61
CA LEU D 122 -30.64 17.27 21.06
C LEU D 122 -30.44 17.34 22.57
N ASP D 123 -30.48 16.22 23.27
CA ASP D 123 -30.30 16.18 24.75
C ASP D 123 -29.07 15.32 25.08
N ASN D 124 -27.90 15.92 25.00
CA ASN D 124 -26.61 15.22 25.18
C ASN D 124 -26.41 14.89 26.67
N ALA D 125 -26.98 15.71 27.59
CA ALA D 125 -26.87 15.40 29.03
C ALA D 125 -27.57 14.08 29.38
N ARG D 126 -28.76 13.82 28.78
CA ARG D 126 -29.50 12.57 29.01
C ARG D 126 -28.88 11.42 28.21
N PHE D 127 -28.51 11.72 26.98
CA PHE D 127 -28.15 10.75 25.93
C PHE D 127 -26.78 11.10 25.39
N PRO D 128 -25.67 10.72 26.09
CA PRO D 128 -24.32 11.24 25.85
C PRO D 128 -23.63 10.72 24.60
N ARG D 129 -22.88 11.63 23.99
CA ARG D 129 -22.05 11.34 22.82
C ARG D 129 -20.68 10.82 23.25
N VAL D 130 -20.06 10.07 22.35
CA VAL D 130 -18.62 9.72 22.38
C VAL D 130 -17.77 10.97 22.57
N VAL D 131 -16.86 10.94 23.54
CA VAL D 131 -15.89 12.02 23.76
C VAL D 131 -14.52 11.52 23.30
N LYS D 132 -13.86 12.30 22.47
CA LYS D 132 -12.52 11.91 21.94
C LYS D 132 -11.49 12.00 23.07
N GLU D 133 -10.32 11.41 22.86
CA GLU D 133 -9.23 11.51 23.84
C GLU D 133 -8.88 13.00 24.08
N ASP D 134 -9.02 13.89 23.09
CA ASP D 134 -8.66 15.31 23.24
C ASP D 134 -9.74 16.11 23.94
N GLY D 135 -10.85 15.44 24.32
CA GLY D 135 -12.00 16.02 25.00
C GLY D 135 -13.04 16.64 24.05
N ASP D 136 -12.81 16.66 22.74
CA ASP D 136 -13.82 17.17 21.79
C ASP D 136 -14.92 16.10 21.70
N THR D 137 -16.16 16.49 21.33
CA THR D 137 -17.28 15.56 21.24
C THR D 137 -17.56 15.22 19.78
N LEU D 138 -17.88 13.97 19.52
CA LEU D 138 -18.36 13.52 18.18
C LEU D 138 -19.88 13.28 18.19
N ASN D 139 -20.51 13.43 17.02
CA ASN D 139 -21.95 13.18 16.91
C ASN D 139 -22.20 11.70 16.69
N SER D 140 -21.91 10.90 17.75
CA SER D 140 -22.04 9.45 17.75
C SER D 140 -22.36 9.10 19.22
N LEU D 141 -23.53 8.55 19.47
CA LEU D 141 -23.96 8.28 20.82
C LEU D 141 -23.09 7.15 21.42
N SER D 142 -22.76 7.41 22.67
CA SER D 142 -21.94 6.42 23.40
C SER D 142 -22.72 5.18 23.74
N PRO D 143 -22.17 3.98 23.50
CA PRO D 143 -22.88 2.76 23.91
C PRO D 143 -22.95 2.55 25.41
N LEU D 144 -22.24 3.38 26.17
CA LEU D 144 -22.32 3.29 27.67
C LEU D 144 -23.37 4.24 28.21
N GLY D 145 -24.15 4.95 27.35
CA GLY D 145 -25.26 5.79 27.86
C GLY D 145 -26.44 4.92 28.26
N GLN D 146 -26.64 4.69 29.55
CA GLN D 146 -27.71 3.79 30.03
C GLN D 146 -29.07 4.32 29.72
N ASN D 147 -29.22 5.64 29.71
CA ASN D 147 -30.58 6.19 29.38
C ASN D 147 -30.86 5.96 27.91
N THR D 148 -29.82 6.03 27.06
CA THR D 148 -30.03 5.86 25.61
C THR D 148 -30.47 4.43 25.29
N LEU D 149 -29.83 3.45 25.96
CA LEU D 149 -30.19 2.04 25.76
C LEU D 149 -31.62 1.79 26.22
N ALA D 150 -31.97 2.34 27.39
CA ALA D 150 -33.34 2.09 27.91
C ALA D 150 -34.35 2.71 26.95
N ALA D 151 -34.08 3.88 26.43
CA ALA D 151 -35.06 4.55 25.54
C ALA D 151 -35.22 3.84 24.19
N ASP D 152 -34.12 3.47 23.60
CA ASP D 152 -34.09 2.72 22.32
C ASP D 152 -34.87 1.42 22.51
N LYS D 153 -34.48 0.64 23.54
CA LYS D 153 -35.21 -0.60 23.87
C LYS D 153 -36.70 -0.34 23.99
N LYS D 154 -37.12 0.68 24.70
N LYS D 154 -37.13 0.69 24.71
CA LYS D 154 -38.55 0.86 24.92
CA LYS D 154 -38.57 0.96 24.95
C LYS D 154 -39.27 1.14 23.58
C LYS D 154 -39.28 1.16 23.61
N ALA D 155 -38.69 1.94 22.71
CA ALA D 155 -39.29 2.23 21.39
C ALA D 155 -39.29 0.99 20.49
N PHE D 156 -38.23 0.22 20.51
CA PHE D 156 -38.11 -0.99 19.70
C PHE D 156 -39.14 -2.00 20.15
N VAL D 157 -39.30 -2.11 21.49
CA VAL D 157 -40.35 -3.02 22.02
C VAL D 157 -41.72 -2.58 21.52
N GLU D 158 -41.99 -1.30 21.43
CA GLU D 158 -43.36 -0.86 20.94
C GLU D 158 -43.50 -1.20 19.47
N LEU D 159 -42.42 -1.12 18.69
CA LEU D 159 -42.49 -1.53 17.28
C LEU D 159 -42.77 -3.01 17.17
N MET D 160 -42.07 -3.80 17.98
CA MET D 160 -42.28 -5.26 17.92
C MET D 160 -43.69 -5.65 18.47
N LYS D 161 -44.17 -4.92 19.45
CA LYS D 161 -45.56 -5.09 19.90
C LYS D 161 -46.55 -4.81 18.78
N TYR D 162 -46.25 -3.79 17.95
CA TYR D 162 -47.15 -3.49 16.83
C TYR D 162 -47.13 -4.68 15.87
N LEU D 163 -45.95 -5.23 15.54
CA LEU D 163 -45.92 -6.39 14.63
C LEU D 163 -46.60 -7.62 15.29
N ALA D 164 -46.43 -7.81 16.61
CA ALA D 164 -47.08 -8.97 17.27
C ALA D 164 -48.60 -8.91 17.14
N LYS D 165 -49.16 -7.70 17.28
CA LYS D 165 -50.61 -7.47 17.25
C LYS D 165 -51.16 -7.30 15.81
N ARG D 166 -50.36 -6.82 14.86
CA ARG D 166 -50.86 -6.37 13.56
C ARG D 166 -50.24 -7.15 12.41
N ASP D 167 -49.34 -8.12 12.62
CA ASP D 167 -48.69 -8.80 11.50
C ASP D 167 -48.58 -10.30 11.82
N LYS D 168 -49.70 -10.93 12.08
CA LYS D 168 -49.80 -12.35 12.48
C LYS D 168 -49.30 -13.30 11.38
N ASP D 169 -49.32 -12.88 10.11
CA ASP D 169 -48.89 -13.70 8.94
C ASP D 169 -47.45 -13.37 8.56
N HIS D 170 -46.79 -12.51 9.34
CA HIS D 170 -45.34 -12.28 9.18
C HIS D 170 -45.01 -11.75 7.80
N THR D 171 -45.73 -10.72 7.41
CA THR D 171 -45.36 -9.89 6.26
C THR D 171 -43.91 -9.45 6.46
N VAL D 172 -43.61 -8.97 7.65
CA VAL D 172 -42.23 -8.64 8.08
C VAL D 172 -41.57 -9.95 8.51
N ILE D 173 -40.45 -10.28 7.83
CA ILE D 173 -39.75 -11.56 8.08
C ILE D 173 -38.47 -11.40 8.91
N MET D 174 -37.91 -10.23 9.03
CA MET D 174 -36.62 -10.02 9.69
C MET D 174 -36.50 -8.55 10.05
N VAL D 175 -35.80 -8.21 11.10
CA VAL D 175 -35.57 -6.82 11.49
C VAL D 175 -34.08 -6.55 11.64
N GLN D 176 -33.60 -5.49 11.03
CA GLN D 176 -32.25 -5.00 11.19
C GLN D 176 -32.24 -4.08 12.41
N VAL D 177 -31.34 -4.33 13.37
CA VAL D 177 -31.28 -3.52 14.60
C VAL D 177 -30.18 -2.50 14.42
N GLN D 178 -30.55 -1.22 14.37
CA GLN D 178 -29.62 -0.11 14.08
C GLN D 178 -29.27 -0.16 12.60
N ASN D 179 -28.41 0.76 12.19
CA ASN D 179 -27.87 0.74 10.80
C ASN D 179 -26.41 1.23 10.86
N GLU D 180 -25.49 0.36 10.45
CA GLU D 180 -24.05 0.73 10.38
C GLU D 180 -23.56 1.42 11.67
N VAL D 181 -23.61 0.65 12.78
CA VAL D 181 -23.16 1.16 14.09
C VAL D 181 -21.67 1.41 14.06
N GLY D 182 -21.27 2.22 15.02
CA GLY D 182 -19.84 2.50 15.24
C GLY D 182 -19.58 3.98 15.37
N THR D 183 -18.32 4.35 15.24
CA THR D 183 -17.93 5.75 15.35
C THR D 183 -16.87 6.06 14.33
N TYR D 184 -17.12 7.15 13.60
CA TYR D 184 -16.06 7.76 12.77
C TYR D 184 -15.36 8.84 13.55
N GLY D 185 -14.02 8.88 13.49
CA GLY D 185 -13.28 10.00 14.11
C GLY D 185 -12.68 9.73 15.47
N ALA D 186 -13.00 8.59 16.03
CA ALA D 186 -12.38 8.10 17.26
C ALA D 186 -12.52 6.60 17.30
N VAL D 187 -11.72 5.94 18.13
CA VAL D 187 -11.81 4.46 18.20
C VAL D 187 -12.89 4.02 19.21
N ARG D 188 -13.14 4.81 20.28
CA ARG D 188 -14.10 4.46 21.34
C ARG D 188 -14.50 5.77 22.03
N ASP D 189 -15.38 5.66 23.02
CA ASP D 189 -15.68 6.74 23.96
C ASP D 189 -14.55 6.81 24.96
N TYR D 190 -14.00 7.99 25.14
CA TYR D 190 -13.01 8.32 26.18
C TYR D 190 -13.56 9.26 27.25
N SER D 191 -14.89 9.34 27.39
CA SER D 191 -15.52 10.13 28.44
C SER D 191 -15.11 9.50 29.77
N PRO D 192 -15.16 10.27 30.85
CA PRO D 192 -14.88 9.68 32.16
C PRO D 192 -15.75 8.44 32.42
N MET D 193 -17.08 8.49 32.11
CA MET D 193 -18.02 7.32 32.26
C MET D 193 -17.40 6.11 31.55
N ALA D 194 -16.90 6.29 30.32
CA ALA D 194 -16.43 5.15 29.51
C ALA D 194 -15.07 4.70 30.07
N GLN D 195 -14.26 5.66 30.44
CA GLN D 195 -12.90 5.36 30.94
C GLN D 195 -13.05 4.49 32.21
N ALA D 196 -13.99 4.82 33.11
CA ALA D 196 -14.11 4.02 34.35
C ALA D 196 -14.43 2.55 34.01
N VAL D 197 -15.21 2.32 32.93
CA VAL D 197 -15.52 0.93 32.52
C VAL D 197 -14.28 0.33 31.85
N PHE D 198 -13.56 1.13 31.05
CA PHE D 198 -12.38 0.59 30.34
C PHE D 198 -11.31 0.20 31.37
N ASN D 199 -11.12 1.03 32.41
CA ASN D 199 -10.08 0.80 33.47
C ASN D 199 -10.39 -0.42 34.35
N ALA D 200 -11.62 -0.92 34.33
CA ALA D 200 -12.12 -2.09 35.11
C ALA D 200 -11.90 -3.41 34.37
N ALA D 201 -12.12 -4.50 35.10
CA ALA D 201 -12.11 -5.89 34.63
C ALA D 201 -12.92 -6.00 33.33
N VAL D 202 -12.36 -6.72 32.38
CA VAL D 202 -13.10 -7.26 31.24
C VAL D 202 -14.15 -8.21 31.84
N PRO D 203 -15.44 -8.10 31.45
CA PRO D 203 -16.50 -9.03 31.90
C PRO D 203 -16.06 -10.48 31.76
N ASP D 204 -16.26 -11.29 32.81
CA ASP D 204 -15.79 -12.70 32.80
C ASP D 204 -16.41 -13.50 31.63
N ASP D 205 -17.65 -13.24 31.22
CA ASP D 205 -18.27 -13.99 30.12
C ASP D 205 -17.43 -13.88 28.83
N LEU D 206 -16.90 -12.70 28.52
CA LEU D 206 -16.07 -12.54 27.30
C LEU D 206 -14.74 -13.27 27.49
N ILE D 207 -14.14 -13.06 28.65
CA ILE D 207 -12.86 -13.75 28.97
C ILE D 207 -13.08 -15.26 28.74
N GLN D 208 -14.15 -15.83 29.27
CA GLN D 208 -14.35 -17.31 29.24
C GLN D 208 -14.60 -17.74 27.80
N LYS D 209 -15.43 -16.98 27.07
CA LYS D 209 -15.76 -17.35 25.67
C LYS D 209 -14.52 -17.25 24.79
N LEU D 210 -13.63 -16.29 25.02
CA LEU D 210 -12.41 -16.19 24.16
C LEU D 210 -11.24 -16.97 24.78
N GLN D 211 -11.46 -17.53 25.96
CA GLN D 211 -10.45 -18.38 26.68
C GLN D 211 -9.15 -17.59 26.92
N LEU D 212 -9.29 -16.38 27.47
CA LEU D 212 -8.15 -15.49 27.80
C LEU D 212 -7.95 -15.48 29.32
N LYS D 213 -6.97 -14.74 29.77
CA LYS D 213 -6.63 -14.62 31.20
C LYS D 213 -7.36 -13.37 31.65
N PRO D 214 -7.94 -13.34 32.87
CA PRO D 214 -8.65 -12.15 33.32
C PRO D 214 -7.67 -10.96 33.39
N GLY D 215 -8.28 -9.77 33.32
CA GLY D 215 -7.57 -8.51 33.57
C GLY D 215 -8.40 -7.38 33.04
N THR D 216 -7.81 -6.21 33.10
CA THR D 216 -8.45 -5.01 32.51
C THR D 216 -8.39 -5.06 30.98
N TRP D 217 -9.19 -4.16 30.38
CA TRP D 217 -9.18 -4.06 28.92
C TRP D 217 -7.75 -3.91 28.38
N SER D 218 -6.99 -2.97 28.93
CA SER D 218 -5.57 -2.75 28.49
C SER D 218 -4.74 -4.03 28.68
N GLN D 219 -4.90 -4.65 29.84
CA GLN D 219 -4.11 -5.83 30.21
C GLN D 219 -4.42 -6.97 29.23
N VAL D 220 -5.67 -7.21 28.94
CA VAL D 220 -6.07 -8.41 28.18
C VAL D 220 -5.81 -8.20 26.68
N PHE D 221 -6.13 -7.03 26.11
CA PHE D 221 -6.18 -6.88 24.64
C PHE D 221 -5.09 -6.00 24.02
N GLY D 222 -4.33 -5.28 24.85
CA GLY D 222 -3.15 -4.52 24.43
C GLY D 222 -3.51 -3.49 23.41
N ARG D 223 -2.86 -3.59 22.24
CA ARG D 223 -2.99 -2.66 21.08
C ARG D 223 -4.46 -2.56 20.63
N ASP D 224 -5.22 -3.64 20.80
CA ASP D 224 -6.60 -3.78 20.32
C ASP D 224 -7.61 -3.41 21.42
N ALA D 225 -7.18 -2.95 22.59
CA ALA D 225 -8.12 -2.68 23.71
C ALA D 225 -9.15 -1.62 23.32
N ASP D 226 -8.73 -0.53 22.69
CA ASP D 226 -9.68 0.56 22.44
C ASP D 226 -10.77 0.07 21.51
N GLU D 227 -10.38 -0.50 20.39
CA GLU D 227 -11.34 -0.93 19.34
C GLU D 227 -12.20 -2.07 19.82
N PHE D 228 -11.60 -3.04 20.50
CA PHE D 228 -12.36 -4.18 21.01
C PHE D 228 -13.37 -3.73 22.07
N PHE D 229 -13.01 -2.76 22.91
CA PHE D 229 -13.93 -2.21 23.94
C PHE D 229 -15.12 -1.60 23.20
N HIS D 230 -14.87 -0.73 22.22
CA HIS D 230 -16.02 -0.10 21.51
C HIS D 230 -16.90 -1.19 20.90
N ALA D 231 -16.34 -2.18 20.19
CA ALA D 231 -17.13 -3.25 19.58
C ALA D 231 -17.93 -3.99 20.65
N TYR D 232 -17.26 -4.38 21.75
CA TYR D 232 -17.97 -5.06 22.81
C TYR D 232 -19.16 -4.23 23.32
N GLN D 233 -18.96 -2.97 23.66
CA GLN D 233 -20.01 -2.16 24.28
C GLN D 233 -21.16 -1.97 23.27
N ILE D 234 -20.85 -1.78 22.00
CA ILE D 234 -21.90 -1.60 20.97
C ILE D 234 -22.63 -2.93 20.80
N ALA D 235 -21.90 -4.02 20.72
CA ALA D 235 -22.52 -5.37 20.55
C ALA D 235 -23.45 -5.64 21.72
N ARG D 236 -23.01 -5.35 22.97
CA ARG D 236 -23.90 -5.59 24.11
C ARG D 236 -25.16 -4.74 23.99
N TYR D 237 -25.00 -3.50 23.60
CA TYR D 237 -26.14 -2.56 23.44
C TYR D 237 -27.13 -3.18 22.45
N CYS D 238 -26.61 -3.55 21.31
CA CYS D 238 -27.44 -4.13 20.24
C CYS D 238 -28.07 -5.43 20.62
N ASP D 239 -27.36 -6.26 21.39
CA ASP D 239 -27.94 -7.57 21.84
C ASP D 239 -29.09 -7.29 22.83
N GLU D 240 -28.94 -6.30 23.71
CA GLU D 240 -30.00 -6.02 24.68
C GLU D 240 -31.26 -5.49 23.98
N VAL D 241 -31.07 -4.63 22.98
CA VAL D 241 -32.28 -4.17 22.24
C VAL D 241 -32.94 -5.41 21.58
N THR D 242 -32.16 -6.20 20.88
CA THR D 242 -32.56 -7.42 20.22
C THR D 242 -33.39 -8.34 21.15
N VAL D 243 -32.81 -8.66 22.31
CA VAL D 243 -33.46 -9.56 23.29
C VAL D 243 -34.82 -8.99 23.65
N ALA D 244 -34.85 -7.69 23.93
CA ALA D 244 -36.10 -7.09 24.40
C ALA D 244 -37.16 -7.21 23.33
N GLY D 245 -36.79 -6.96 22.09
CA GLY D 245 -37.77 -7.04 20.99
C GLY D 245 -38.18 -8.46 20.70
N LYS D 246 -37.24 -9.41 20.70
CA LYS D 246 -37.52 -10.85 20.44
CA LYS D 246 -37.55 -10.84 20.43
C LYS D 246 -38.45 -11.44 21.51
N ALA D 247 -38.39 -10.85 22.71
CA ALA D 247 -39.28 -11.31 23.80
C ALA D 247 -40.74 -11.02 23.43
N ILE D 248 -40.97 -9.96 22.65
CA ILE D 248 -42.31 -9.62 22.13
C ILE D 248 -42.65 -10.52 20.95
N LYS D 249 -41.80 -10.54 19.91
CA LYS D 249 -42.03 -11.41 18.74
C LYS D 249 -40.66 -11.85 18.25
N ASN D 250 -40.46 -13.16 18.20
CA ASN D 250 -39.11 -13.70 18.02
C ASN D 250 -38.72 -13.84 16.53
N LEU D 251 -38.73 -12.72 15.82
CA LEU D 251 -38.28 -12.67 14.44
C LEU D 251 -36.77 -12.76 14.43
N PRO D 252 -36.19 -13.27 13.32
CA PRO D 252 -34.76 -13.06 13.10
C PRO D 252 -34.38 -11.59 13.09
N MET D 253 -33.23 -11.26 13.64
CA MET D 253 -32.72 -9.91 13.71
C MET D 253 -31.22 -9.92 13.43
N TYR D 254 -30.76 -8.86 12.78
CA TYR D 254 -29.36 -8.80 12.34
C TYR D 254 -28.82 -7.40 12.38
N VAL D 255 -27.50 -7.29 12.30
CA VAL D 255 -26.83 -6.01 12.18
C VAL D 255 -26.05 -5.96 10.86
N ASN D 256 -25.95 -4.73 10.30
CA ASN D 256 -25.25 -4.51 9.03
C ASN D 256 -24.02 -3.65 9.23
N VAL D 257 -23.00 -4.01 8.48
CA VAL D 257 -21.66 -3.46 8.74
C VAL D 257 -21.24 -2.44 7.68
N ALA D 258 -20.79 -1.30 8.15
CA ALA D 258 -19.97 -0.34 7.35
C ALA D 258 -18.57 -0.94 7.23
N LEU D 259 -18.38 -1.72 6.18
CA LEU D 259 -17.14 -2.53 6.04
C LEU D 259 -15.89 -1.69 6.01
N ARG D 260 -14.85 -2.22 6.64
CA ARG D 260 -13.53 -1.74 6.36
C ARG D 260 -13.01 -2.51 5.12
N ASN D 261 -12.08 -1.91 4.38
CA ASN D 261 -11.49 -2.59 3.22
C ASN D 261 -10.68 -3.76 3.73
N PRO D 262 -10.95 -5.04 3.37
CA PRO D 262 -10.33 -6.21 4.00
C PRO D 262 -8.83 -6.28 3.72
N PHE D 263 -8.40 -5.77 2.59
CA PHE D 263 -7.00 -5.82 2.11
C PHE D 263 -6.17 -4.64 2.63
N ASN D 264 -6.79 -3.51 2.93
CA ASN D 264 -6.11 -2.23 3.23
C ASN D 264 -7.02 -1.41 4.11
N PRO D 265 -7.27 -1.81 5.35
CA PRO D 265 -8.37 -1.24 6.10
C PRO D 265 -8.12 0.19 6.57
N GLY D 266 -6.86 0.61 6.72
CA GLY D 266 -6.59 1.78 7.54
C GLY D 266 -6.93 1.55 9.01
N LEU D 267 -7.08 2.64 9.77
CA LEU D 267 -7.16 2.65 11.24
C LEU D 267 -8.63 2.75 11.65
N PRO D 268 -9.03 2.10 12.76
CA PRO D 268 -10.37 2.33 13.30
C PRO D 268 -10.57 3.82 13.61
N GLY D 269 -11.76 4.28 13.23
CA GLY D 269 -12.12 5.69 13.21
C GLY D 269 -11.99 6.29 11.84
N GLN D 270 -11.04 5.84 11.03
CA GLN D 270 -11.08 6.14 9.57
C GLN D 270 -12.22 5.26 9.05
N TYR D 271 -12.21 3.96 9.30
CA TYR D 271 -13.44 3.19 9.13
C TYR D 271 -14.27 3.31 10.40
N SER D 272 -15.51 2.86 10.31
CA SER D 272 -16.46 2.95 11.43
C SER D 272 -16.06 1.99 12.58
N SER D 273 -15.39 2.54 13.62
CA SER D 273 -14.88 1.72 14.72
C SER D 273 -16.08 1.17 15.51
N GLY D 274 -15.99 -0.12 15.84
CA GLY D 274 -16.92 -0.81 16.74
C GLY D 274 -18.01 -1.59 16.05
N GLY D 275 -18.29 -1.26 14.76
CA GLY D 275 -19.16 -2.14 13.98
C GLY D 275 -18.57 -3.55 13.82
N GLY D 276 -19.28 -4.45 13.16
CA GLY D 276 -18.87 -5.81 12.93
C GLY D 276 -17.86 -5.94 11.78
N THR D 277 -16.74 -5.24 11.90
CA THR D 277 -15.67 -5.34 10.89
C THR D 277 -14.99 -6.68 11.07
N ASP D 278 -14.24 -7.12 10.06
CA ASP D 278 -13.79 -8.53 9.99
C ASP D 278 -12.86 -8.86 11.17
N ASN D 279 -12.16 -7.85 11.69
CA ASN D 279 -11.22 -8.05 12.80
C ASN D 279 -11.89 -8.11 14.19
N VAL D 280 -13.20 -7.84 14.31
CA VAL D 280 -13.93 -7.89 15.60
C VAL D 280 -15.14 -8.80 15.54
N LEU D 281 -15.23 -9.67 14.53
CA LEU D 281 -16.34 -10.60 14.46
C LEU D 281 -16.32 -11.47 15.68
N HIS D 282 -15.15 -11.85 16.14
CA HIS D 282 -15.08 -12.72 17.39
C HIS D 282 -15.65 -12.03 18.63
N ILE D 283 -15.46 -10.72 18.74
CA ILE D 283 -15.97 -9.93 19.86
C ILE D 283 -17.50 -9.89 19.70
N TRP D 284 -18.01 -9.51 18.52
CA TRP D 284 -19.43 -9.46 18.26
C TRP D 284 -20.10 -10.80 18.52
N LYS D 285 -19.52 -11.89 18.06
CA LYS D 285 -20.16 -13.21 18.27
C LYS D 285 -20.15 -13.54 19.78
N ALA D 286 -19.12 -13.18 20.53
CA ALA D 286 -19.09 -13.57 21.95
C ALA D 286 -20.03 -12.66 22.72
N ALA D 287 -20.13 -11.39 22.30
CA ALA D 287 -20.86 -10.37 23.07
C ALA D 287 -22.35 -10.40 22.78
N ALA D 288 -22.74 -10.83 21.57
CA ALA D 288 -24.15 -10.64 21.14
C ALA D 288 -24.72 -11.95 20.66
N PRO D 289 -24.89 -12.97 21.55
CA PRO D 289 -25.36 -14.26 21.07
C PRO D 289 -26.81 -14.28 20.57
N ASN D 290 -27.58 -13.23 20.83
CA ASN D 290 -29.00 -13.18 20.40
C ASN D 290 -29.17 -12.54 19.00
N ILE D 291 -28.15 -11.92 18.44
CA ILE D 291 -28.20 -11.32 17.11
C ILE D 291 -27.91 -12.46 16.11
N ASP D 292 -28.85 -12.73 15.20
CA ASP D 292 -28.79 -13.92 14.34
C ASP D 292 -27.59 -13.90 13.38
N LEU D 293 -27.29 -12.78 12.74
CA LEU D 293 -26.16 -12.70 11.84
C LEU D 293 -25.68 -11.26 11.70
N ILE D 294 -24.43 -11.15 11.19
CA ILE D 294 -23.75 -9.88 10.93
C ILE D 294 -23.55 -9.78 9.42
N ALA D 295 -24.21 -8.81 8.81
CA ALA D 295 -24.36 -8.73 7.35
C ALA D 295 -23.44 -7.67 6.76
N PRO D 296 -22.71 -7.98 5.66
CA PRO D 296 -21.94 -6.93 5.00
C PRO D 296 -22.72 -5.98 4.09
N ASP D 297 -22.32 -4.70 4.15
CA ASP D 297 -22.86 -3.66 3.20
C ASP D 297 -21.78 -3.37 2.19
N ILE D 298 -21.92 -3.92 1.00
CA ILE D 298 -20.85 -3.98 -0.04
C ILE D 298 -20.94 -2.88 -1.10
N TYR D 299 -19.98 -1.96 -1.09
CA TYR D 299 -19.88 -0.88 -2.09
C TYR D 299 -18.53 -0.95 -2.81
N PHE D 300 -17.69 -1.93 -2.50
CA PHE D 300 -16.45 -2.12 -3.24
C PHE D 300 -16.83 -2.72 -4.59
N ARG D 301 -16.36 -2.12 -5.66
CA ARG D 301 -16.75 -2.56 -7.06
C ARG D 301 -15.97 -3.78 -7.56
N ASP D 302 -14.74 -3.93 -7.06
CA ASP D 302 -13.83 -4.88 -7.69
C ASP D 302 -13.96 -6.31 -7.16
N TYR D 303 -13.88 -7.23 -8.08
CA TYR D 303 -14.09 -8.64 -7.84
C TYR D 303 -13.28 -9.13 -6.67
N LYS D 304 -11.98 -8.89 -6.66
CA LYS D 304 -11.14 -9.48 -5.61
C LYS D 304 -11.57 -9.03 -4.23
N THR D 305 -11.91 -7.79 -4.05
CA THR D 305 -12.35 -7.26 -2.74
C THR D 305 -13.75 -7.79 -2.43
N VAL D 306 -14.71 -7.74 -3.36
CA VAL D 306 -16.03 -8.30 -3.06
C VAL D 306 -15.88 -9.77 -2.67
N SER D 307 -15.13 -10.56 -3.42
CA SER D 307 -14.94 -11.98 -3.16
C SER D 307 -14.38 -12.17 -1.72
N LYS D 308 -13.44 -11.33 -1.35
CA LYS D 308 -12.82 -11.44 -0.01
C LYS D 308 -13.84 -11.13 1.12
N VAL D 309 -14.73 -10.20 0.87
CA VAL D 309 -15.82 -9.88 1.84
C VAL D 309 -16.77 -11.05 1.97
N LEU D 310 -17.15 -11.65 0.86
CA LEU D 310 -18.06 -12.81 0.92
C LEU D 310 -17.40 -13.95 1.70
N GLU D 311 -16.09 -14.15 1.48
CA GLU D 311 -15.39 -15.22 2.22
C GLU D 311 -15.37 -14.92 3.72
N LEU D 312 -15.05 -13.70 4.10
CA LEU D 312 -14.89 -13.35 5.52
C LEU D 312 -16.21 -13.42 6.25
N TYR D 313 -17.35 -13.10 5.61
CA TYR D 313 -18.63 -13.01 6.33
C TYR D 313 -19.42 -14.32 6.26
N THR D 314 -19.00 -15.30 5.45
CA THR D 314 -19.63 -16.61 5.37
C THR D 314 -18.83 -17.53 6.30
N ARG D 315 -19.43 -17.85 7.43
CA ARG D 315 -18.78 -18.66 8.46
C ARG D 315 -19.74 -19.70 9.03
N PRO D 316 -19.20 -20.74 9.73
CA PRO D 316 -20.09 -21.67 10.37
C PRO D 316 -21.04 -21.00 11.34
N ASP D 317 -20.57 -19.92 11.92
CA ASP D 317 -21.34 -19.16 12.94
C ASP D 317 -22.07 -17.97 12.34
N ASN D 318 -21.98 -17.78 11.01
CA ASN D 318 -22.54 -16.56 10.39
C ASN D 318 -23.11 -16.90 9.01
N ALA D 319 -24.43 -16.87 8.90
CA ALA D 319 -25.13 -16.96 7.59
C ALA D 319 -24.75 -15.69 6.79
N LEU D 320 -24.58 -15.88 5.50
CA LEU D 320 -24.30 -14.73 4.63
C LEU D 320 -25.59 -14.05 4.12
N PHE D 321 -25.73 -12.79 4.42
CA PHE D 321 -26.82 -11.96 3.91
C PHE D 321 -26.15 -10.66 3.43
N VAL D 322 -26.24 -10.46 2.10
CA VAL D 322 -25.74 -9.18 1.52
C VAL D 322 -26.82 -8.12 1.73
N ALA D 323 -26.80 -7.48 2.87
CA ALA D 323 -27.89 -6.61 3.33
C ALA D 323 -27.98 -5.34 2.49
N GLU D 324 -26.84 -4.96 1.93
CA GLU D 324 -26.75 -3.85 0.98
C GLU D 324 -25.68 -4.18 0.00
N ILE D 325 -25.90 -3.75 -1.24
CA ILE D 325 -24.89 -3.75 -2.26
C ILE D 325 -25.18 -2.57 -3.16
N GLY D 326 -24.14 -2.04 -3.78
CA GLY D 326 -24.32 -0.93 -4.72
C GLY D 326 -25.29 -1.32 -5.86
N ASN D 327 -25.94 -0.27 -6.43
CA ASN D 327 -26.91 -0.52 -7.48
C ASN D 327 -26.39 -0.27 -8.90
N ASP D 328 -25.09 -0.05 -9.04
CA ASP D 328 -24.50 0.06 -10.36
C ASP D 328 -24.42 -1.29 -11.03
N GLN D 329 -24.31 -1.30 -12.34
CA GLN D 329 -24.25 -2.53 -13.12
C GLN D 329 -23.24 -3.58 -12.62
N PRO D 330 -22.02 -3.21 -12.21
CA PRO D 330 -21.06 -4.26 -11.88
C PRO D 330 -21.48 -5.12 -10.71
N PHE D 331 -22.38 -4.62 -9.90
CA PHE D 331 -22.71 -5.31 -8.68
C PHE D 331 -23.66 -6.49 -8.92
N ALA D 332 -24.43 -6.50 -10.00
CA ALA D 332 -25.48 -7.50 -10.18
C ALA D 332 -24.93 -8.89 -10.19
N ARG D 333 -23.73 -9.10 -10.78
CA ARG D 333 -23.21 -10.48 -10.92
C ARG D 333 -22.85 -11.07 -9.54
N TYR D 334 -22.68 -10.26 -8.51
CA TYR D 334 -22.31 -10.82 -7.20
C TYR D 334 -23.45 -11.60 -6.57
N LEU D 335 -24.63 -11.56 -7.17
CA LEU D 335 -25.70 -12.46 -6.73
C LEU D 335 -25.22 -13.90 -6.80
N PHE D 336 -24.50 -14.28 -7.85
CA PHE D 336 -24.13 -15.65 -8.10
C PHE D 336 -23.20 -16.20 -7.00
N PRO D 337 -22.06 -15.58 -6.71
CA PRO D 337 -21.25 -16.12 -5.62
C PRO D 337 -21.94 -15.99 -4.25
N THR D 338 -22.75 -14.99 -4.03
CA THR D 338 -23.48 -14.88 -2.74
C THR D 338 -24.35 -16.12 -2.56
N LEU D 339 -25.13 -16.49 -3.59
CA LEU D 339 -25.95 -17.71 -3.47
C LEU D 339 -25.09 -18.96 -3.39
N GLY D 340 -23.98 -18.96 -4.13
CA GLY D 340 -23.12 -20.14 -4.14
C GLY D 340 -22.45 -20.44 -2.81
N LYS D 341 -22.27 -19.39 -2.01
CA LYS D 341 -21.74 -19.48 -0.62
C LYS D 341 -22.81 -20.00 0.35
N GLY D 342 -24.02 -20.23 -0.14
CA GLY D 342 -25.18 -20.55 0.65
C GLY D 342 -25.83 -19.32 1.27
N GLY D 343 -25.61 -18.16 0.69
CA GLY D 343 -26.27 -16.91 1.15
C GLY D 343 -27.78 -17.02 1.15
N ILE D 344 -28.34 -16.35 2.15
CA ILE D 344 -29.78 -16.31 2.36
C ILE D 344 -30.41 -15.12 1.63
N GLY D 345 -29.64 -14.19 1.13
CA GLY D 345 -30.22 -13.05 0.42
C GLY D 345 -29.22 -12.04 -0.05
N PHE D 346 -29.74 -11.03 -0.77
CA PHE D 346 -28.98 -10.10 -1.57
C PHE D 346 -29.90 -8.89 -1.84
N SER D 347 -29.52 -7.71 -1.43
CA SER D 347 -30.42 -6.55 -1.46
C SER D 347 -29.65 -5.30 -1.96
N PRO D 348 -29.77 -5.00 -3.30
CA PRO D 348 -29.26 -3.76 -3.82
C PRO D 348 -29.91 -2.53 -3.16
N PHE D 349 -29.09 -1.54 -2.90
CA PHE D 349 -29.43 -0.31 -2.19
C PHE D 349 -29.83 0.80 -3.17
N GLY D 350 -30.95 1.45 -2.85
CA GLY D 350 -31.30 2.69 -3.57
C GLY D 350 -32.25 2.42 -4.73
N MET D 351 -33.11 1.40 -4.62
CA MET D 351 -33.97 0.97 -5.73
C MET D 351 -35.32 1.66 -5.62
N ASP D 352 -35.32 2.97 -5.79
CA ASP D 352 -36.57 3.72 -5.90
C ASP D 352 -36.36 4.96 -6.75
N ASP D 353 -37.49 5.61 -7.04
CA ASP D 353 -37.49 6.78 -7.94
C ASP D 353 -37.78 8.05 -7.17
N THR D 354 -37.14 8.22 -6.02
CA THR D 354 -37.29 9.39 -5.18
C THR D 354 -36.21 10.44 -5.42
N ASP D 355 -35.68 10.42 -6.66
CA ASP D 355 -34.78 11.48 -7.17
C ASP D 355 -33.46 11.56 -6.34
N TYR D 356 -32.83 10.41 -6.23
CA TYR D 356 -31.56 10.36 -5.48
C TYR D 356 -30.74 9.21 -5.98
N THR D 357 -29.43 9.48 -6.13
N THR D 357 -29.44 9.43 -6.13
CA THR D 357 -28.40 8.47 -6.42
CA THR D 357 -28.56 8.29 -6.28
C THR D 357 -27.24 8.61 -5.44
C THR D 357 -27.30 8.56 -5.46
N ASN D 358 -26.77 7.49 -4.87
CA ASN D 358 -25.60 7.52 -4.01
C ASN D 358 -24.31 7.35 -4.82
N TYR D 359 -24.34 7.47 -6.14
CA TYR D 359 -23.11 7.64 -6.91
C TYR D 359 -22.23 8.65 -6.20
N PRO D 360 -20.93 8.37 -5.98
CA PRO D 360 -20.17 7.32 -6.66
C PRO D 360 -20.27 5.88 -6.14
N LEU D 361 -21.02 5.65 -5.05
CA LEU D 361 -21.23 4.26 -4.60
C LEU D 361 -22.05 3.45 -5.59
N GLY D 362 -23.23 3.96 -5.97
CA GLY D 362 -24.13 3.28 -6.86
C GLY D 362 -24.10 3.85 -8.27
N ALA D 363 -25.20 3.66 -8.99
CA ALA D 363 -25.33 4.07 -10.39
C ALA D 363 -25.38 5.58 -10.53
N LYS D 364 -24.74 6.09 -11.55
CA LYS D 364 -24.77 7.54 -11.81
C LYS D 364 -26.18 8.02 -12.15
N VAL D 365 -26.89 7.19 -12.90
CA VAL D 365 -28.27 7.48 -13.31
C VAL D 365 -29.15 6.35 -12.80
N TYR D 366 -30.30 6.71 -12.25
CA TYR D 366 -31.34 5.73 -11.86
C TYR D 366 -32.45 5.70 -12.87
N ASN D 367 -32.49 4.66 -13.64
CA ASN D 367 -33.56 4.51 -14.65
C ASN D 367 -33.90 3.05 -14.89
N ASP D 368 -34.74 2.76 -15.85
CA ASP D 368 -35.19 1.37 -16.07
C ASP D 368 -34.00 0.46 -16.31
N GLU D 369 -33.00 0.91 -17.06
CA GLU D 369 -31.82 0.10 -17.39
C GLU D 369 -31.08 -0.26 -16.09
N THR D 370 -31.01 0.65 -15.14
CA THR D 370 -30.35 0.38 -13.83
C THR D 370 -31.04 -0.82 -13.18
N ILE D 371 -32.36 -0.82 -13.18
CA ILE D 371 -33.16 -1.86 -12.54
C ILE D 371 -32.98 -3.15 -13.30
N GLU D 372 -32.97 -3.08 -14.63
CA GLU D 372 -32.93 -4.27 -15.48
C GLU D 372 -31.67 -5.12 -15.23
N GLN D 373 -30.59 -4.45 -14.87
CA GLN D 373 -29.37 -5.30 -14.66
C GLN D 373 -29.63 -6.31 -13.53
N PHE D 374 -30.35 -5.89 -12.50
CA PHE D 374 -30.70 -6.80 -11.41
C PHE D 374 -31.87 -7.71 -11.82
N ALA D 375 -32.88 -7.16 -12.53
CA ALA D 375 -33.99 -8.02 -12.95
C ALA D 375 -33.52 -9.23 -13.74
N GLN D 376 -32.49 -9.05 -14.59
CA GLN D 376 -32.10 -10.16 -15.44
C GLN D 376 -31.50 -11.28 -14.59
N VAL D 377 -30.79 -10.93 -13.54
CA VAL D 377 -30.20 -12.05 -12.72
C VAL D 377 -31.24 -12.64 -11.77
N TYR D 378 -32.16 -11.79 -11.27
CA TYR D 378 -33.28 -12.29 -10.42
C TYR D 378 -34.17 -13.29 -11.18
N ARG D 379 -34.31 -13.10 -12.49
CA ARG D 379 -35.13 -13.99 -13.34
C ARG D 379 -34.58 -15.41 -13.42
N LEU D 380 -33.27 -15.61 -13.10
CA LEU D 380 -32.70 -16.96 -13.08
C LEU D 380 -33.08 -17.69 -11.82
N VAL D 381 -33.31 -16.95 -10.74
CA VAL D 381 -33.48 -17.57 -9.40
C VAL D 381 -34.97 -17.63 -9.02
N ASN D 382 -35.74 -16.59 -9.34
CA ASN D 382 -37.16 -16.56 -8.95
C ASN D 382 -37.86 -17.85 -9.31
N PRO D 383 -37.69 -18.42 -10.53
CA PRO D 383 -38.51 -19.57 -10.96
C PRO D 383 -38.18 -20.86 -10.17
N MET D 384 -37.08 -20.81 -9.41
CA MET D 384 -36.62 -21.98 -8.61
C MET D 384 -36.34 -21.56 -7.17
N MET D 385 -36.90 -20.47 -6.69
CA MET D 385 -36.38 -19.87 -5.43
C MET D 385 -36.46 -20.90 -4.29
N ARG D 386 -37.60 -21.53 -4.09
CA ARG D 386 -37.78 -22.45 -2.95
C ARG D 386 -36.92 -23.67 -3.13
N GLU D 387 -36.82 -24.19 -4.33
CA GLU D 387 -36.02 -25.38 -4.58
C GLU D 387 -34.53 -25.05 -4.31
N TRP D 388 -34.03 -23.97 -4.87
CA TRP D 388 -32.64 -23.54 -4.63
C TRP D 388 -32.40 -23.36 -3.12
N ALA D 389 -33.31 -22.68 -2.44
CA ALA D 389 -33.10 -22.40 -1.01
C ALA D 389 -32.93 -23.74 -0.29
N ARG D 390 -33.75 -24.73 -0.63
CA ARG D 390 -33.65 -26.06 0.04
C ARG D 390 -32.32 -26.71 -0.31
N LEU D 391 -31.88 -26.63 -1.54
CA LEU D 391 -30.62 -27.29 -1.95
C LEU D 391 -29.44 -26.58 -1.30
N SER D 392 -29.48 -25.28 -1.16
N SER D 392 -29.57 -25.27 -1.08
CA SER D 392 -28.35 -24.58 -0.50
CA SER D 392 -28.49 -24.38 -0.53
C SER D 392 -28.20 -25.09 0.96
C SER D 392 -28.47 -24.36 1.02
N TYR D 393 -29.34 -25.18 1.64
CA TYR D 393 -29.28 -25.55 3.06
C TYR D 393 -28.89 -27.05 3.23
N GLN D 394 -29.57 -27.95 2.51
CA GLN D 394 -29.54 -29.44 2.78
C GLN D 394 -28.46 -30.07 1.94
N GLY D 395 -27.94 -29.37 0.97
CA GLY D 395 -27.09 -30.01 -0.05
C GLY D 395 -25.89 -29.19 -0.47
N GLN D 396 -25.50 -29.42 -1.72
CA GLN D 396 -24.30 -28.78 -2.23
C GLN D 396 -24.70 -27.83 -3.35
N VAL D 397 -24.22 -26.62 -3.21
CA VAL D 397 -24.38 -25.60 -4.26
C VAL D 397 -23.06 -24.89 -4.52
N TRP D 398 -23.00 -24.25 -5.70
CA TRP D 398 -21.84 -23.47 -6.13
C TRP D 398 -22.32 -22.27 -6.92
N GLY D 399 -21.53 -21.24 -6.93
CA GLY D 399 -21.84 -20.04 -7.68
C GLY D 399 -20.61 -19.22 -7.95
N VAL D 400 -20.52 -18.68 -9.18
CA VAL D 400 -19.38 -17.90 -9.59
C VAL D 400 -19.83 -16.68 -10.40
N ALA D 401 -19.01 -15.65 -10.34
CA ALA D 401 -19.16 -14.41 -11.13
C ALA D 401 -17.93 -14.25 -12.00
N GLU D 402 -18.12 -13.50 -13.07
CA GLU D 402 -17.06 -13.16 -14.03
C GLU D 402 -15.99 -12.43 -13.30
N PRO D 403 -14.74 -13.01 -13.32
CA PRO D 403 -13.74 -12.59 -12.35
C PRO D 403 -12.78 -11.48 -12.74
N LEU D 404 -12.94 -10.94 -13.96
CA LEU D 404 -12.25 -9.70 -14.37
C LEU D 404 -13.32 -8.59 -14.37
N ASP D 405 -12.95 -7.48 -13.78
CA ASP D 405 -13.74 -6.22 -13.88
C ASP D 405 -13.61 -5.67 -15.32
N SER D 406 -14.53 -4.83 -15.70
CA SER D 406 -14.50 -4.17 -17.00
C SER D 406 -13.17 -3.49 -17.19
N THR D 407 -12.63 -3.69 -18.38
CA THR D 407 -11.42 -3.00 -18.84
C THR D 407 -11.63 -1.50 -18.77
N THR D 408 -10.72 -0.77 -18.09
CA THR D 408 -10.74 0.71 -17.92
C THR D 408 -10.48 1.43 -19.25
N THR D 410 -8.27 3.55 -19.78
CA THR D 410 -6.79 3.62 -19.68
C THR D 410 -6.18 2.30 -20.14
N GLN D 411 -6.68 1.16 -19.63
CA GLN D 411 -6.29 -0.21 -20.08
C GLN D 411 -6.44 -0.28 -21.60
N LYS D 412 -7.55 0.28 -22.15
CA LYS D 412 -7.85 0.28 -23.61
C LYS D 412 -6.72 1.04 -24.33
N ILE D 413 -6.15 2.08 -23.72
CA ILE D 413 -4.99 2.84 -24.28
C ILE D 413 -3.77 1.92 -24.41
N TRP D 414 -3.30 1.33 -23.31
CA TRP D 414 -2.18 0.35 -23.34
C TRP D 414 -2.46 -0.68 -24.45
N ASN D 415 -3.66 -1.25 -24.48
CA ASN D 415 -3.98 -2.33 -25.46
C ASN D 415 -3.70 -1.82 -26.87
N ALA D 416 -4.12 -0.60 -27.19
CA ALA D 416 -3.96 0.02 -28.52
C ALA D 416 -2.47 0.07 -28.90
N GLU D 417 -1.62 0.60 -28.00
CA GLU D 417 -0.20 0.92 -28.24
C GLU D 417 0.67 -0.35 -28.10
N ALA D 418 0.09 -1.55 -28.14
CA ALA D 418 0.74 -2.85 -27.88
C ALA D 418 1.20 -3.54 -29.18
N THR D 419 2.32 -4.27 -29.09
CA THR D 419 2.87 -5.24 -30.10
C THR D 419 1.81 -6.25 -30.52
N PRO D 420 1.81 -6.79 -31.77
CA PRO D 420 1.04 -8.01 -32.04
C PRO D 420 1.33 -9.18 -31.06
N GLU D 421 2.60 -9.38 -30.70
CA GLU D 421 3.06 -10.46 -29.79
C GLU D 421 2.47 -10.19 -28.39
N GLU D 422 2.52 -8.92 -27.96
CA GLU D 422 2.04 -8.49 -26.64
C GLU D 422 0.52 -8.68 -26.62
N LYS D 423 -0.17 -8.29 -27.70
CA LYS D 423 -1.65 -8.38 -27.80
C LYS D 423 -2.06 -9.85 -27.67
N GLU D 424 -1.37 -10.77 -28.35
CA GLU D 424 -1.64 -12.24 -28.34
C GLU D 424 -1.49 -12.77 -26.92
N GLN D 425 -0.46 -12.31 -26.20
CA GLN D 425 -0.16 -12.88 -24.88
C GLN D 425 -1.23 -12.37 -23.93
N HIS D 426 -1.58 -11.09 -24.05
CA HIS D 426 -2.55 -10.46 -23.17
C HIS D 426 -3.87 -11.22 -23.36
N LYS D 427 -4.24 -11.58 -24.60
CA LYS D 427 -5.53 -12.29 -24.82
C LYS D 427 -5.43 -13.68 -24.17
N LYS D 428 -4.30 -14.34 -24.27
CA LYS D 428 -4.13 -15.66 -23.59
C LYS D 428 -4.24 -15.52 -22.08
N ASP D 429 -3.62 -14.48 -21.52
CA ASP D 429 -3.70 -14.26 -20.06
C ASP D 429 -5.16 -13.98 -19.64
N ARG D 430 -5.85 -13.13 -20.37
CA ARG D 430 -7.28 -12.80 -20.07
C ARG D 430 -8.12 -14.09 -20.19
N ALA D 431 -7.87 -14.92 -21.18
CA ALA D 431 -8.70 -16.13 -21.39
C ALA D 431 -8.50 -17.08 -20.19
N SER D 432 -7.29 -17.20 -19.67
CA SER D 432 -7.02 -18.11 -18.55
C SER D 432 -7.71 -17.52 -17.29
N ALA D 433 -7.67 -16.22 -17.13
CA ALA D 433 -8.32 -15.55 -15.98
C ALA D 433 -9.83 -15.64 -16.04
N LEU D 434 -10.42 -15.79 -17.23
CA LEU D 434 -11.85 -15.83 -17.43
C LEU D 434 -12.31 -17.28 -17.52
N THR D 435 -11.53 -18.20 -16.96
CA THR D 435 -11.83 -19.64 -16.91
C THR D 435 -11.80 -20.03 -15.41
N GLN D 436 -12.88 -20.55 -14.93
CA GLN D 436 -13.04 -20.99 -13.52
C GLN D 436 -13.34 -22.48 -13.48
N GLN D 437 -12.74 -23.16 -12.49
N GLN D 437 -12.72 -23.16 -12.50
CA GLN D 437 -13.02 -24.58 -12.23
CA GLN D 437 -12.97 -24.58 -12.21
C GLN D 437 -13.82 -24.73 -10.94
C GLN D 437 -13.83 -24.70 -10.95
N LEU D 438 -14.78 -25.64 -10.98
CA LEU D 438 -15.55 -26.03 -9.79
C LEU D 438 -15.49 -27.56 -9.68
N ASP D 439 -15.18 -28.02 -8.47
CA ASP D 439 -15.14 -29.44 -8.15
C ASP D 439 -16.50 -29.88 -7.62
N LEU D 440 -17.20 -30.64 -8.43
CA LEU D 440 -18.55 -31.04 -8.08
C LEU D 440 -18.68 -32.47 -7.63
N GLY D 441 -17.60 -33.05 -7.19
CA GLY D 441 -17.60 -34.43 -6.67
C GLY D 441 -16.98 -35.36 -7.71
N LEU D 442 -17.80 -36.15 -8.40
CA LEU D 442 -17.31 -37.06 -9.48
C LEU D 442 -17.08 -36.27 -10.77
N TRP D 443 -17.65 -35.08 -10.85
CA TRP D 443 -17.60 -34.25 -12.08
C TRP D 443 -17.09 -32.88 -11.67
N ASP D 444 -16.45 -32.20 -12.61
CA ASP D 444 -16.08 -30.80 -12.52
C ASP D 444 -16.85 -30.00 -13.56
N ALA D 445 -16.99 -28.72 -13.27
CA ALA D 445 -17.44 -27.76 -14.27
C ALA D 445 -16.36 -26.76 -14.54
N GLU D 446 -16.30 -26.33 -15.78
CA GLU D 446 -15.43 -25.18 -16.18
C GLU D 446 -16.33 -24.08 -16.75
N VAL D 447 -16.24 -22.94 -16.11
CA VAL D 447 -17.07 -21.79 -16.49
C VAL D 447 -16.16 -20.78 -17.20
N THR D 448 -16.63 -20.30 -18.35
CA THR D 448 -15.90 -19.31 -19.13
C THR D 448 -16.83 -18.20 -19.57
N TYR D 449 -16.26 -17.04 -19.91
CA TYR D 449 -17.08 -15.84 -20.08
C TYR D 449 -16.71 -15.09 -21.36
N GLY D 450 -17.74 -14.84 -22.16
CA GLY D 450 -17.61 -13.93 -23.33
C GLY D 450 -17.01 -14.67 -24.50
N ARG D 451 -17.83 -15.51 -25.12
CA ARG D 451 -17.40 -16.33 -26.23
C ARG D 451 -18.63 -16.74 -27.02
N PRO D 452 -18.49 -17.12 -28.29
CA PRO D 452 -19.61 -17.66 -29.04
C PRO D 452 -20.27 -18.86 -28.40
N MET D 453 -21.39 -19.25 -28.98
CA MET D 453 -22.17 -20.38 -28.53
C MET D 453 -21.82 -21.66 -29.27
N PHE D 454 -20.83 -21.54 -30.14
CA PHE D 454 -20.39 -22.61 -31.07
C PHE D 454 -18.89 -22.50 -31.23
N TRP D 455 -18.26 -23.67 -31.29
CA TRP D 455 -16.81 -23.82 -31.45
C TRP D 455 -16.07 -23.33 -30.20
N VAL D 456 -14.75 -23.17 -30.28
CA VAL D 456 -13.90 -23.11 -29.08
C VAL D 456 -12.96 -21.90 -29.04
N THR D 457 -13.26 -20.82 -29.75
CA THR D 457 -12.50 -19.59 -29.63
C THR D 457 -12.43 -19.16 -28.17
N PRO D 458 -11.23 -18.82 -27.66
CA PRO D 458 -11.09 -18.56 -26.24
C PRO D 458 -11.93 -17.42 -25.74
N PRO D 459 -12.33 -17.47 -24.45
CA PRO D 459 -13.14 -16.42 -23.89
C PRO D 459 -12.43 -15.07 -23.80
N GLU D 460 -13.20 -14.02 -24.07
CA GLU D 460 -12.72 -12.63 -24.06
C GLU D 460 -13.41 -11.72 -23.05
N GLY D 461 -14.38 -12.24 -22.32
CA GLY D 461 -15.10 -11.45 -21.34
C GLY D 461 -16.33 -10.83 -21.99
N ASN D 462 -17.30 -10.50 -21.12
CA ASN D 462 -18.44 -9.64 -21.48
C ASN D 462 -18.05 -8.18 -21.27
N THR D 463 -18.64 -7.27 -22.06
N THR D 463 -18.61 -7.28 -22.08
CA THR D 463 -18.39 -5.83 -21.94
CA THR D 463 -18.40 -5.83 -21.95
C THR D 463 -19.75 -5.18 -21.71
C THR D 463 -19.77 -5.21 -21.70
N PRO D 464 -20.08 -4.72 -20.50
CA PRO D 464 -19.22 -4.78 -19.31
C PRO D 464 -19.22 -6.17 -18.68
N ALA D 465 -18.31 -6.37 -17.73
CA ALA D 465 -18.26 -7.66 -17.01
C ALA D 465 -19.64 -7.90 -16.36
N ALA D 466 -20.18 -9.08 -16.49
CA ALA D 466 -21.57 -9.34 -16.07
C ALA D 466 -21.94 -10.79 -15.83
N GLY D 467 -21.14 -11.76 -16.25
CA GLY D 467 -21.56 -13.14 -16.28
C GLY D 467 -21.50 -13.85 -14.92
N GLY D 468 -22.13 -14.97 -14.89
CA GLY D 468 -22.06 -15.86 -13.73
C GLY D 468 -22.80 -17.13 -13.92
N ALA D 469 -22.72 -18.03 -12.90
CA ALA D 469 -23.36 -19.34 -12.98
C ALA D 469 -23.70 -19.84 -11.59
N LEU D 470 -24.76 -20.63 -11.55
CA LEU D 470 -25.22 -21.34 -10.34
C LEU D 470 -25.28 -22.82 -10.71
N ILE D 471 -24.83 -23.67 -9.76
CA ILE D 471 -24.97 -25.12 -9.87
C ILE D 471 -25.41 -25.69 -8.54
N ALA D 472 -26.34 -26.62 -8.57
CA ALA D 472 -26.72 -27.40 -7.37
C ALA D 472 -26.64 -28.87 -7.71
N GLN D 473 -26.11 -29.66 -6.75
CA GLN D 473 -26.03 -31.11 -6.97
C GLN D 473 -27.36 -31.76 -6.58
N LEU D 474 -27.89 -32.52 -7.51
CA LEU D 474 -29.13 -33.29 -7.26
C LEU D 474 -28.81 -34.74 -6.86
N ASP D 475 -27.81 -35.31 -7.46
CA ASP D 475 -27.34 -36.66 -7.14
C ASP D 475 -25.87 -36.79 -7.61
N ASP D 476 -25.26 -37.96 -7.44
CA ASP D 476 -23.81 -38.09 -7.77
C ASP D 476 -23.50 -37.62 -9.18
N ASN D 477 -24.40 -37.91 -10.11
CA ASN D 477 -24.13 -37.59 -11.51
C ASN D 477 -25.11 -36.58 -12.09
N GLU D 478 -25.81 -35.81 -11.29
CA GLU D 478 -26.87 -34.94 -11.84
C GLU D 478 -26.83 -33.61 -11.13
N TYR D 479 -26.97 -32.53 -11.92
CA TYR D 479 -26.82 -31.18 -11.42
C TYR D 479 -27.93 -30.27 -12.01
N LEU D 480 -28.35 -29.31 -11.19
CA LEU D 480 -29.22 -28.21 -11.64
C LEU D 480 -28.28 -27.07 -12.01
N VAL D 481 -28.49 -26.46 -13.20
CA VAL D 481 -27.54 -25.44 -13.71
C VAL D 481 -28.34 -24.30 -14.32
N THR D 482 -27.99 -23.09 -13.92
CA THR D 482 -28.45 -21.91 -14.69
C THR D 482 -27.33 -20.90 -14.72
N ALA D 483 -27.14 -20.17 -15.83
CA ALA D 483 -26.00 -19.27 -15.94
C ALA D 483 -26.37 -18.10 -16.82
N TYR D 484 -25.46 -17.18 -16.93
CA TYR D 484 -25.75 -15.85 -17.48
C TYR D 484 -24.51 -15.36 -18.20
N LYS D 485 -24.64 -15.15 -19.52
CA LYS D 485 -23.53 -14.62 -20.34
C LYS D 485 -22.22 -15.42 -20.07
N ALA D 486 -22.34 -16.72 -20.18
CA ALA D 486 -21.26 -17.65 -19.80
C ALA D 486 -21.48 -18.98 -20.49
N ARG D 487 -20.41 -19.77 -20.54
CA ARG D 487 -20.38 -21.14 -20.98
C ARG D 487 -20.04 -21.99 -19.74
N VAL D 488 -20.76 -23.10 -19.61
CA VAL D 488 -20.51 -24.08 -18.53
C VAL D 488 -20.24 -25.41 -19.20
N GLU D 489 -19.09 -26.01 -18.88
CA GLU D 489 -18.74 -27.33 -19.48
C GLU D 489 -18.46 -28.34 -18.36
N PHE D 490 -18.93 -29.55 -18.53
CA PHE D 490 -18.70 -30.62 -17.53
C PHE D 490 -17.60 -31.58 -17.98
N LYS D 491 -16.88 -32.15 -17.02
CA LYS D 491 -15.84 -33.13 -17.33
C LYS D 491 -15.69 -33.98 -16.07
N PRO D 492 -15.02 -35.12 -16.17
CA PRO D 492 -14.72 -35.90 -14.97
C PRO D 492 -13.84 -35.12 -14.01
N SER D 493 -14.06 -35.36 -12.70
CA SER D 493 -13.22 -34.73 -11.64
C SER D 493 -11.96 -35.52 -11.38
N GLN D 494 -11.92 -36.75 -11.82
CA GLN D 494 -10.73 -37.60 -11.59
C GLN D 494 -10.64 -38.58 -12.78
N GLU D 495 -9.47 -39.19 -12.94
N GLU D 495 -9.49 -39.22 -12.93
CA GLU D 495 -9.20 -40.27 -13.92
CA GLU D 495 -9.24 -40.19 -14.02
C GLU D 495 -10.32 -41.32 -13.88
C GLU D 495 -10.27 -41.31 -13.90
N LEU D 496 -10.73 -41.78 -15.04
CA LEU D 496 -11.82 -42.76 -15.17
C LEU D 496 -11.32 -44.17 -15.32
N ALA D 497 -10.02 -44.39 -15.26
CA ALA D 497 -9.51 -45.80 -15.22
C ALA D 497 -9.95 -46.58 -16.46
N GLY D 498 -9.96 -45.93 -17.63
CA GLY D 498 -10.27 -46.65 -18.86
C GLY D 498 -11.67 -46.34 -19.45
N LYS D 499 -12.59 -45.89 -18.58
CA LYS D 499 -13.93 -45.49 -19.09
C LYS D 499 -13.87 -44.20 -19.91
N LYS D 500 -14.91 -44.01 -20.69
CA LYS D 500 -15.12 -42.73 -21.40
C LYS D 500 -16.25 -41.99 -20.65
N PHE D 501 -16.61 -40.77 -21.08
CA PHE D 501 -17.69 -40.05 -20.43
C PHE D 501 -18.43 -39.26 -21.49
N MET D 502 -19.67 -38.95 -21.17
CA MET D 502 -20.50 -38.08 -21.99
C MET D 502 -21.54 -37.41 -21.10
N ILE D 503 -22.17 -36.42 -21.67
CA ILE D 503 -23.49 -35.97 -21.18
C ILE D 503 -24.48 -37.12 -21.46
N GLU D 504 -25.23 -37.51 -20.44
CA GLU D 504 -26.25 -38.51 -20.68
C GLU D 504 -27.47 -37.73 -21.20
N ARG D 505 -27.86 -36.67 -20.50
N ARG D 505 -27.85 -36.67 -20.50
CA ARG D 505 -29.04 -35.89 -20.91
CA ARG D 505 -29.05 -35.90 -20.89
C ARG D 505 -28.98 -34.52 -20.26
C ARG D 505 -28.99 -34.52 -20.26
N VAL D 506 -29.30 -33.50 -21.03
CA VAL D 506 -29.58 -32.13 -20.53
C VAL D 506 -31.03 -31.80 -20.81
N GLU D 507 -31.79 -31.46 -19.76
CA GLU D 507 -33.19 -31.06 -19.97
C GLU D 507 -33.35 -29.62 -19.52
N GLU D 508 -34.03 -28.80 -20.31
CA GLU D 508 -34.47 -27.48 -19.82
C GLU D 508 -35.90 -27.62 -19.26
N GLY D 509 -36.17 -26.95 -18.20
CA GLY D 509 -37.52 -27.08 -17.63
C GLY D 509 -37.72 -26.13 -16.46
N ARG D 510 -38.68 -26.51 -15.62
CA ARG D 510 -39.10 -25.63 -14.52
C ARG D 510 -39.74 -26.48 -13.47
N PHE D 511 -39.87 -25.86 -12.31
CA PHE D 511 -40.59 -26.48 -11.18
C PHE D 511 -42.00 -25.93 -11.14
N GLU D 512 -42.98 -26.84 -11.12
N GLU D 512 -42.97 -26.84 -11.07
CA GLU D 512 -44.39 -26.54 -10.84
CA GLU D 512 -44.41 -26.56 -10.83
C GLU D 512 -44.74 -27.35 -9.58
C GLU D 512 -44.87 -27.39 -9.63
N LYS D 513 -45.36 -26.74 -8.58
CA LYS D 513 -45.85 -27.47 -7.38
C LYS D 513 -44.70 -28.31 -6.83
N GLY D 514 -43.44 -27.85 -6.98
CA GLY D 514 -42.25 -28.57 -6.50
C GLY D 514 -41.79 -29.75 -7.37
N LYS D 515 -42.47 -30.02 -8.49
CA LYS D 515 -42.15 -31.09 -9.44
C LYS D 515 -41.46 -30.53 -10.67
N TRP D 516 -40.43 -31.21 -11.11
CA TRP D 516 -39.78 -30.84 -12.37
C TRP D 516 -40.69 -31.13 -13.56
N VAL D 517 -40.80 -30.10 -14.43
CA VAL D 517 -41.52 -30.24 -15.72
C VAL D 517 -40.52 -30.01 -16.83
N MET D 518 -40.32 -31.01 -17.69
N MET D 518 -40.37 -31.02 -17.69
CA MET D 518 -39.37 -30.86 -18.82
CA MET D 518 -39.43 -30.87 -18.82
C MET D 518 -40.06 -30.10 -19.97
C MET D 518 -40.08 -30.08 -19.95
N GLU D 519 -39.32 -29.14 -20.50
CA GLU D 519 -39.76 -28.35 -21.69
C GLU D 519 -39.09 -28.91 -22.95
N ARG D 520 -37.79 -29.20 -22.88
CA ARG D 520 -37.09 -29.73 -24.04
C ARG D 520 -35.77 -30.34 -23.58
N VAL D 521 -35.18 -31.07 -24.49
CA VAL D 521 -33.82 -31.64 -24.32
C VAL D 521 -32.85 -30.77 -25.08
N TRP D 522 -31.85 -30.27 -24.40
CA TRP D 522 -30.69 -29.69 -25.10
C TRP D 522 -29.81 -30.78 -25.66
N ASN D 523 -29.45 -30.71 -26.92
CA ASN D 523 -28.59 -31.72 -27.54
C ASN D 523 -27.90 -31.10 -28.77
N GLY D 524 -27.09 -31.87 -29.46
CA GLY D 524 -26.48 -31.38 -30.66
C GLY D 524 -25.67 -30.12 -30.42
N ASP D 525 -25.83 -29.09 -31.26
CA ASP D 525 -25.11 -27.83 -31.11
C ASP D 525 -25.25 -27.25 -29.72
N GLN D 526 -26.37 -27.52 -29.06
CA GLN D 526 -26.59 -26.86 -27.78
C GLN D 526 -25.73 -27.53 -26.64
N THR D 527 -25.18 -28.73 -26.88
CA THR D 527 -24.34 -29.40 -25.89
C THR D 527 -22.97 -29.75 -26.43
N ASP D 528 -22.69 -29.55 -27.74
CA ASP D 528 -21.37 -29.87 -28.31
C ASP D 528 -20.24 -28.97 -27.78
N TRP D 529 -20.55 -27.74 -27.38
CA TRP D 529 -19.57 -26.69 -27.09
C TRP D 529 -19.88 -26.12 -25.72
N GLY D 530 -20.09 -27.02 -24.75
CA GLY D 530 -20.58 -26.61 -23.45
C GLY D 530 -22.04 -26.19 -23.48
N LEU D 531 -22.45 -25.61 -22.36
CA LEU D 531 -23.84 -25.12 -22.16
C LEU D 531 -23.72 -23.62 -22.16
N ASN D 532 -24.25 -22.98 -23.22
CA ASN D 532 -24.05 -21.57 -23.47
C ASN D 532 -25.27 -20.76 -23.12
N PHE D 533 -25.06 -19.77 -22.28
CA PHE D 533 -26.15 -18.91 -21.76
C PHE D 533 -25.90 -17.48 -22.19
N THR D 534 -27.00 -16.80 -22.50
CA THR D 534 -26.99 -15.40 -22.86
C THR D 534 -27.61 -14.61 -21.71
N ASP D 535 -28.47 -13.65 -21.97
CA ASP D 535 -29.13 -12.89 -20.89
C ASP D 535 -30.47 -13.52 -20.55
N ARG D 536 -30.93 -14.50 -21.31
CA ARG D 536 -32.27 -15.09 -21.10
C ARG D 536 -32.17 -16.20 -20.09
N PRO D 537 -33.21 -16.45 -19.27
CA PRO D 537 -33.16 -17.51 -18.28
C PRO D 537 -33.42 -18.88 -18.89
N HIS D 538 -32.63 -19.87 -18.47
CA HIS D 538 -32.82 -21.26 -18.81
C HIS D 538 -32.35 -22.03 -17.59
N LEU D 539 -33.21 -22.90 -17.08
CA LEU D 539 -32.83 -23.79 -15.96
C LEU D 539 -32.71 -25.19 -16.51
N LEU D 540 -31.51 -25.79 -16.27
CA LEU D 540 -31.20 -27.08 -16.85
C LEU D 540 -30.97 -28.15 -15.75
N ARG D 541 -31.32 -29.38 -16.07
CA ARG D 541 -30.86 -30.55 -15.31
C ARG D 541 -29.91 -31.31 -16.24
N VAL D 542 -28.69 -31.49 -15.74
CA VAL D 542 -27.54 -32.06 -16.46
C VAL D 542 -27.16 -33.41 -15.84
N LYS D 543 -27.31 -34.49 -16.57
CA LYS D 543 -26.99 -35.81 -16.08
C LYS D 543 -25.73 -36.23 -16.87
N MET D 544 -24.66 -36.54 -16.15
CA MET D 544 -23.41 -37.02 -16.76
C MET D 544 -23.27 -38.54 -16.57
N ALA D 545 -22.54 -39.19 -17.47
CA ALA D 545 -22.26 -40.65 -17.34
C ALA D 545 -20.84 -40.97 -17.77
N SER D 546 -20.22 -41.89 -16.98
CA SER D 546 -19.05 -42.63 -17.47
C SER D 546 -19.57 -43.94 -18.04
N TYR D 547 -18.92 -44.43 -19.05
CA TYR D 547 -19.33 -45.69 -19.71
C TYR D 547 -18.13 -46.49 -20.18
N SER D 548 -18.31 -47.79 -20.12
CA SER D 548 -17.26 -48.73 -20.55
C SER D 548 -17.18 -48.79 -22.08
N VAL D 549 -15.95 -48.90 -22.58
CA VAL D 549 -15.66 -49.26 -24.00
C VAL D 549 -14.84 -50.53 -24.13
N GLN D 550 -14.72 -51.31 -23.07
CA GLN D 550 -13.87 -52.51 -23.05
C GLN D 550 -14.57 -53.58 -23.87
N ALA E 11 -66.43 40.83 -4.97
CA ALA E 11 -65.88 41.86 -5.91
C ALA E 11 -64.40 41.99 -5.56
N ALA E 12 -63.54 41.63 -6.50
CA ALA E 12 -62.08 41.56 -6.29
C ALA E 12 -61.55 42.97 -6.09
N PRO E 13 -60.65 43.16 -5.10
CA PRO E 13 -59.91 44.41 -5.00
C PRO E 13 -59.02 44.55 -6.24
N LEU E 14 -58.78 45.80 -6.61
CA LEU E 14 -57.89 46.11 -7.74
C LEU E 14 -56.52 45.58 -7.39
N PRO E 15 -55.75 45.13 -8.40
CA PRO E 15 -54.34 44.92 -8.21
C PRO E 15 -53.69 46.26 -7.83
N GLU E 16 -52.56 46.20 -7.10
CA GLU E 16 -51.80 47.40 -6.70
C GLU E 16 -50.37 47.03 -6.41
N LEU E 17 -49.48 47.95 -6.67
CA LEU E 17 -48.08 47.80 -6.27
C LEU E 17 -47.90 48.54 -4.95
N LEU E 18 -47.56 47.76 -3.91
CA LEU E 18 -47.28 48.33 -2.57
C LEU E 18 -45.78 48.43 -2.40
N SER E 19 -45.35 49.49 -1.76
CA SER E 19 -43.94 49.75 -1.45
C SER E 19 -43.83 50.26 -0.01
N ASN E 20 -43.14 49.51 0.88
CA ASN E 20 -43.03 49.87 2.32
C ASN E 20 -41.71 49.29 2.84
N ASN E 21 -40.96 50.10 3.63
CA ASN E 21 -39.76 49.61 4.35
C ASN E 21 -38.69 49.10 3.34
N GLY E 22 -38.63 49.70 2.13
CA GLY E 22 -37.65 49.35 1.11
C GLY E 22 -38.02 48.07 0.35
N LYS E 23 -39.21 47.52 0.59
CA LYS E 23 -39.67 46.27 0.01
C LYS E 23 -40.95 46.53 -0.76
N HIS E 24 -41.33 45.56 -1.58
CA HIS E 24 -42.41 45.75 -2.56
C HIS E 24 -43.22 44.48 -2.73
N ALA E 25 -44.45 44.66 -3.17
CA ALA E 25 -45.32 43.56 -3.54
C ALA E 25 -46.29 44.01 -4.61
N LEU E 26 -46.49 43.13 -5.58
CA LEU E 26 -47.63 43.25 -6.47
C LEU E 26 -48.80 42.50 -5.84
N MET E 27 -49.77 43.27 -5.34
CA MET E 27 -51.00 42.70 -4.82
C MET E 27 -51.93 42.34 -5.98
N VAL E 28 -52.40 41.12 -5.99
CA VAL E 28 -53.44 40.59 -6.91
C VAL E 28 -54.45 39.81 -6.08
N ASP E 29 -55.70 40.20 -6.21
CA ASP E 29 -56.82 39.61 -5.46
C ASP E 29 -56.54 39.72 -3.96
N GLY E 30 -55.90 40.79 -3.52
CA GLY E 30 -55.80 41.10 -2.10
C GLY E 30 -54.61 40.44 -1.42
N ALA E 31 -53.64 39.90 -2.18
CA ALA E 31 -52.43 39.32 -1.58
C ALA E 31 -51.26 39.41 -2.54
N PRO E 32 -50.02 39.40 -2.01
CA PRO E 32 -48.88 39.38 -2.91
C PRO E 32 -48.94 38.26 -3.93
N TYR E 33 -48.38 38.58 -5.11
CA TYR E 33 -48.42 37.70 -6.29
C TYR E 33 -47.07 37.77 -7.02
N ILE E 34 -46.67 36.67 -7.64
CA ILE E 34 -45.47 36.66 -8.50
C ILE E 34 -45.92 36.38 -9.92
N ILE E 35 -45.56 37.27 -10.85
CA ILE E 35 -45.73 36.96 -12.27
C ILE E 35 -44.69 35.95 -12.71
N LEU E 36 -45.14 34.76 -12.98
CA LEU E 36 -44.33 33.73 -13.62
C LEU E 36 -44.80 33.79 -15.07
N GLY E 37 -44.13 34.62 -15.81
CA GLY E 37 -44.74 35.12 -17.04
C GLY E 37 -44.26 34.53 -18.32
N SER E 38 -44.92 34.89 -19.40
N SER E 38 -44.83 35.05 -19.39
CA SER E 38 -44.43 34.71 -20.77
CA SER E 38 -44.57 34.64 -20.77
C SER E 38 -44.93 35.89 -21.58
C SER E 38 -45.00 35.83 -21.65
N GLN E 39 -44.17 36.24 -22.59
CA GLN E 39 -44.54 37.30 -23.53
C GLN E 39 -44.58 36.71 -24.93
N THR E 40 -45.57 37.12 -25.71
CA THR E 40 -45.66 36.70 -27.07
C THR E 40 -44.59 37.41 -27.91
N ASN E 41 -44.41 36.88 -29.11
CA ASN E 41 -43.78 37.67 -30.16
C ASN E 41 -44.62 38.87 -30.53
N ASN E 42 -44.03 39.79 -31.22
CA ASN E 42 -44.59 41.15 -31.45
C ASN E 42 -45.77 41.16 -32.43
N SER E 43 -46.04 40.11 -33.18
CA SER E 43 -47.09 40.08 -34.18
C SER E 43 -48.14 39.02 -33.84
N SER E 44 -48.34 38.79 -32.52
CA SER E 44 -49.27 37.76 -32.06
C SER E 44 -50.53 38.33 -31.45
N ASN E 45 -50.72 39.64 -31.58
CA ASN E 45 -51.78 40.43 -30.97
C ASN E 45 -53.06 40.39 -31.82
N TYR E 46 -53.44 39.28 -32.37
CA TYR E 46 -54.67 39.13 -33.20
C TYR E 46 -55.37 37.85 -32.84
N PRO E 47 -56.72 37.76 -32.94
CA PRO E 47 -57.44 36.56 -32.62
C PRO E 47 -56.91 35.27 -33.20
N ASP E 48 -56.50 35.32 -34.44
CA ASP E 48 -56.08 34.13 -35.19
C ASP E 48 -54.75 33.58 -34.63
N ALA E 49 -53.92 34.47 -34.08
CA ALA E 49 -52.60 34.04 -33.59
C ALA E 49 -52.70 33.39 -32.23
N LEU E 50 -53.78 33.56 -31.48
CA LEU E 50 -53.78 33.11 -30.07
C LEU E 50 -53.70 31.58 -30.00
N LYS E 51 -54.14 30.82 -31.02
CA LYS E 51 -54.01 29.36 -30.96
C LYS E 51 -52.53 28.95 -30.98
N ASP E 52 -51.65 29.81 -31.41
CA ASP E 52 -50.17 29.56 -31.42
C ASP E 52 -49.52 30.16 -30.18
N VAL E 53 -50.26 30.69 -29.27
CA VAL E 53 -49.76 31.26 -28.01
C VAL E 53 -50.12 30.35 -26.84
N TRP E 54 -51.37 29.93 -26.70
CA TRP E 54 -51.81 29.19 -25.50
C TRP E 54 -51.04 27.91 -25.25
N PRO E 55 -50.74 27.07 -26.25
CA PRO E 55 -50.08 25.83 -25.89
C PRO E 55 -48.74 26.09 -25.22
N SER E 56 -47.98 27.04 -25.69
CA SER E 56 -46.69 27.39 -25.09
C SER E 56 -46.88 27.78 -23.64
N MET E 57 -47.88 28.61 -23.35
N MET E 57 -47.90 28.55 -23.37
CA MET E 57 -48.25 29.06 -21.98
CA MET E 57 -48.09 29.04 -22.01
C MET E 57 -48.45 27.84 -21.09
C MET E 57 -48.48 27.87 -21.08
N GLU E 58 -49.26 26.92 -21.57
CA GLU E 58 -49.62 25.69 -20.83
C GLU E 58 -48.36 24.91 -20.50
N LYS E 59 -47.55 24.69 -21.54
CA LYS E 59 -46.30 23.91 -21.41
C LYS E 59 -45.34 24.57 -20.40
N MET E 60 -45.28 25.88 -20.37
CA MET E 60 -44.36 26.63 -19.56
C MET E 60 -44.83 26.63 -18.11
N GLY E 61 -46.15 26.49 -17.88
CA GLY E 61 -46.71 26.66 -16.55
C GLY E 61 -46.75 28.10 -16.11
N ALA E 62 -46.78 29.04 -17.06
CA ALA E 62 -46.86 30.45 -16.74
C ALA E 62 -48.23 30.79 -16.14
N ASN E 63 -48.24 31.76 -15.23
CA ASN E 63 -49.52 32.25 -14.64
C ASN E 63 -50.04 33.56 -15.26
N THR E 64 -49.22 34.19 -16.09
CA THR E 64 -49.51 35.51 -16.61
C THR E 64 -48.91 35.66 -18.02
N LEU E 65 -49.71 36.15 -18.95
CA LEU E 65 -49.30 36.37 -20.33
C LEU E 65 -49.21 37.87 -20.59
N SER E 66 -48.05 38.30 -21.04
CA SER E 66 -47.81 39.66 -21.57
C SER E 66 -47.99 39.67 -23.08
N ILE E 67 -48.87 40.56 -23.57
CA ILE E 67 -49.19 40.55 -25.01
C ILE E 67 -49.52 41.98 -25.43
N PRO E 68 -49.13 42.39 -26.64
CA PRO E 68 -49.47 43.74 -27.06
C PRO E 68 -50.96 44.00 -27.31
N VAL E 69 -51.29 45.25 -27.02
CA VAL E 69 -52.50 45.90 -27.59
C VAL E 69 -52.01 47.16 -28.30
N ALA E 70 -52.18 47.18 -29.61
CA ALA E 70 -51.63 48.23 -30.46
C ALA E 70 -52.62 49.35 -30.74
N TRP E 71 -52.12 50.55 -30.66
CA TRP E 71 -52.93 51.74 -31.02
C TRP E 71 -53.51 51.55 -32.43
N GLU E 72 -52.72 51.04 -33.35
CA GLU E 72 -53.22 50.86 -34.72
C GLU E 72 -54.42 49.93 -34.83
N GLN E 73 -54.56 48.95 -33.94
CA GLN E 73 -55.63 47.96 -34.05
C GLN E 73 -56.86 48.50 -33.29
N ILE E 74 -56.68 49.28 -32.24
CA ILE E 74 -57.86 49.78 -31.49
C ILE E 74 -58.42 51.06 -32.09
N GLU E 75 -57.62 51.83 -32.81
CA GLU E 75 -58.15 53.08 -33.44
C GLU E 75 -57.65 53.21 -34.89
N PRO E 76 -58.09 52.29 -35.77
CA PRO E 76 -57.48 52.22 -37.08
C PRO E 76 -57.83 53.45 -37.92
N VAL E 77 -58.94 54.03 -37.62
CA VAL E 77 -59.47 55.30 -38.18
C VAL E 77 -59.75 56.17 -36.96
N GLU E 78 -59.46 57.46 -37.03
CA GLU E 78 -59.53 58.31 -35.83
C GLU E 78 -61.00 58.33 -35.37
N GLY E 79 -61.17 58.04 -34.10
CA GLY E 79 -62.48 58.05 -33.41
C GLY E 79 -63.31 56.81 -33.65
N GLN E 80 -62.81 55.84 -34.41
CA GLN E 80 -63.51 54.59 -34.72
C GLN E 80 -62.79 53.46 -33.94
N PHE E 81 -63.26 53.11 -32.75
CA PHE E 81 -62.57 52.19 -31.83
C PHE E 81 -63.01 50.76 -32.14
N ASP E 82 -62.08 49.84 -31.92
CA ASP E 82 -62.29 48.41 -32.19
C ASP E 82 -61.59 47.63 -31.10
N PHE E 83 -62.37 47.08 -30.18
CA PHE E 83 -61.85 46.25 -29.07
C PHE E 83 -62.09 44.76 -29.32
N SER E 84 -62.28 44.33 -30.56
CA SER E 84 -62.54 42.93 -30.87
C SER E 84 -61.42 42.00 -30.40
N PHE E 85 -60.18 42.41 -30.50
CA PHE E 85 -59.08 41.58 -30.04
C PHE E 85 -59.11 41.45 -28.53
N VAL E 86 -59.26 42.55 -27.86
CA VAL E 86 -59.28 42.57 -26.40
C VAL E 86 -60.39 41.69 -25.86
N ASP E 87 -61.54 41.70 -26.52
CA ASP E 87 -62.70 40.86 -26.15
C ASP E 87 -62.29 39.39 -26.15
N VAL E 88 -61.77 38.93 -27.29
N VAL E 88 -61.78 38.87 -27.26
CA VAL E 88 -61.37 37.52 -27.51
CA VAL E 88 -61.49 37.42 -27.32
C VAL E 88 -60.28 37.18 -26.49
C VAL E 88 -60.26 37.15 -26.43
N LEU E 89 -59.31 38.07 -26.35
CA LEU E 89 -58.15 37.79 -25.46
C LEU E 89 -58.61 37.60 -24.01
N LEU E 90 -59.46 38.53 -23.53
CA LEU E 90 -59.96 38.40 -22.13
C LEU E 90 -60.66 37.05 -21.98
N LYS E 91 -61.55 36.69 -22.90
CA LYS E 91 -62.35 35.48 -22.78
C LYS E 91 -61.47 34.23 -22.79
N GLU E 92 -60.46 34.23 -23.65
CA GLU E 92 -59.64 33.03 -23.80
C GLU E 92 -58.68 32.93 -22.61
N ALA E 93 -58.19 34.04 -22.09
CA ALA E 93 -57.31 34.05 -20.91
C ALA E 93 -58.08 33.47 -19.72
N ARG E 94 -59.35 33.84 -19.58
CA ARG E 94 -60.12 33.35 -18.44
C ARG E 94 -60.39 31.85 -18.58
N GLN E 95 -60.65 31.38 -19.80
CA GLN E 95 -60.91 29.92 -20.06
C GLN E 95 -59.68 29.16 -19.55
N ARG E 96 -58.50 29.74 -19.74
CA ARG E 96 -57.22 29.03 -19.42
C ARG E 96 -56.71 29.36 -18.02
N LYS E 97 -57.47 30.12 -17.29
CA LYS E 97 -57.16 30.52 -15.89
C LYS E 97 -55.76 31.15 -15.83
N VAL E 98 -55.50 32.14 -16.69
CA VAL E 98 -54.28 32.91 -16.58
C VAL E 98 -54.61 34.38 -16.52
N ARG E 99 -53.68 35.17 -16.02
CA ARG E 99 -53.80 36.59 -15.95
C ARG E 99 -53.09 37.25 -17.13
N LEU E 100 -53.32 38.53 -17.31
CA LEU E 100 -52.78 39.26 -18.47
C LEU E 100 -52.06 40.54 -18.02
N VAL E 101 -51.00 40.86 -18.76
CA VAL E 101 -50.35 42.18 -18.77
C VAL E 101 -50.48 42.71 -20.21
N LEU E 102 -51.22 43.78 -20.40
CA LEU E 102 -51.32 44.34 -21.75
C LEU E 102 -50.21 45.35 -21.95
N LEU E 103 -49.63 45.26 -23.14
CA LEU E 103 -48.54 46.17 -23.55
C LEU E 103 -49.06 47.19 -24.57
N TRP E 104 -49.18 48.44 -24.14
CA TRP E 104 -49.75 49.52 -24.97
C TRP E 104 -48.69 50.01 -25.95
N PHE E 105 -48.76 49.50 -27.17
CA PHE E 105 -47.82 49.88 -28.24
C PHE E 105 -48.39 51.09 -29.01
N ALA E 106 -47.84 52.26 -28.80
CA ALA E 106 -48.49 53.50 -29.18
C ALA E 106 -47.47 54.51 -29.71
N THR E 107 -47.21 55.59 -29.00
CA THR E 107 -46.28 56.62 -29.49
C THR E 107 -44.85 56.05 -29.69
N TRP E 108 -44.43 55.19 -28.76
CA TRP E 108 -43.16 54.48 -28.88
C TRP E 108 -43.36 52.99 -28.79
N LYS E 109 -42.73 52.32 -29.73
CA LYS E 109 -42.48 50.91 -29.67
C LYS E 109 -41.05 50.80 -30.18
N ASN E 110 -40.09 50.44 -29.27
CA ASN E 110 -38.66 50.38 -29.65
C ASN E 110 -38.27 51.70 -30.37
N ASN E 111 -38.61 52.82 -29.75
CA ASN E 111 -38.21 54.17 -30.17
C ASN E 111 -39.12 54.73 -31.29
N ALA E 112 -39.94 53.89 -31.94
CA ALA E 112 -40.57 54.24 -33.23
C ALA E 112 -42.08 54.17 -33.15
N PRO E 113 -42.77 54.84 -34.10
CA PRO E 113 -44.23 54.83 -34.12
C PRO E 113 -44.89 53.82 -35.04
N HIS E 114 -44.27 52.70 -35.28
CA HIS E 114 -44.80 51.70 -36.22
C HIS E 114 -46.18 51.18 -35.80
N TYR E 115 -46.47 51.12 -34.51
CA TYR E 115 -47.77 50.57 -34.06
C TYR E 115 -48.78 51.67 -33.85
N ALA E 116 -48.42 52.92 -34.10
CA ALA E 116 -49.44 53.97 -34.16
C ALA E 116 -50.25 53.82 -35.44
N PRO E 117 -51.53 54.26 -35.45
CA PRO E 117 -52.35 54.16 -36.68
C PRO E 117 -51.71 54.92 -37.83
N ALA E 118 -52.10 54.51 -39.05
CA ALA E 118 -51.56 55.22 -40.27
C ALA E 118 -51.81 56.72 -40.24
N TRP E 119 -52.98 57.15 -39.75
CA TRP E 119 -53.32 58.57 -39.64
C TRP E 119 -52.47 59.32 -38.62
N VAL E 120 -51.74 58.57 -37.77
CA VAL E 120 -50.75 59.20 -36.89
C VAL E 120 -49.38 59.12 -37.53
N LYS E 121 -48.91 57.91 -37.79
CA LYS E 121 -47.48 57.81 -38.16
C LYS E 121 -47.14 58.32 -39.56
N LEU E 122 -48.15 58.59 -40.41
CA LEU E 122 -47.90 59.18 -41.74
C LEU E 122 -48.16 60.69 -41.77
N ASP E 123 -48.48 61.30 -40.62
CA ASP E 123 -48.82 62.76 -40.55
C ASP E 123 -47.81 63.45 -39.64
N ASN E 124 -46.63 63.76 -40.14
CA ASN E 124 -45.57 64.35 -39.34
C ASN E 124 -45.94 65.77 -38.91
N ALA E 125 -46.63 66.50 -39.76
CA ALA E 125 -46.93 67.88 -39.37
C ALA E 125 -47.78 67.90 -38.09
N ARG E 126 -48.75 67.01 -38.00
CA ARG E 126 -49.62 66.98 -36.82
C ARG E 126 -48.93 66.29 -35.66
N PHE E 127 -48.15 65.26 -35.97
CA PHE E 127 -47.53 64.33 -34.96
C PHE E 127 -46.04 64.30 -35.26
N PRO E 128 -45.25 65.29 -34.79
CA PRO E 128 -43.85 65.54 -35.26
C PRO E 128 -42.78 64.59 -34.68
N ARG E 129 -41.82 64.24 -35.55
CA ARG E 129 -40.66 63.43 -35.20
C ARG E 129 -39.54 64.30 -34.64
N VAL E 130 -38.71 63.64 -33.87
CA VAL E 130 -37.40 64.15 -33.43
C VAL E 130 -36.63 64.64 -34.63
N VAL E 131 -36.05 65.83 -34.50
CA VAL E 131 -35.13 66.37 -35.52
C VAL E 131 -33.73 66.35 -34.91
N LYS E 132 -32.78 65.83 -35.65
CA LYS E 132 -31.36 65.81 -35.19
C LYS E 132 -30.78 67.24 -35.17
N GLU E 133 -29.59 67.38 -34.59
CA GLU E 133 -28.93 68.68 -34.54
C GLU E 133 -28.64 69.14 -35.97
N ASP E 134 -28.32 68.22 -36.90
CA ASP E 134 -27.97 68.56 -38.31
C ASP E 134 -29.20 68.80 -39.18
N GLY E 135 -30.40 68.67 -38.64
CA GLY E 135 -31.63 69.03 -39.36
C GLY E 135 -32.35 67.83 -39.96
N ASP E 136 -31.73 66.67 -40.02
CA ASP E 136 -32.34 65.44 -40.59
C ASP E 136 -33.34 64.91 -39.53
N THR E 137 -34.31 64.17 -40.03
CA THR E 137 -35.45 63.70 -39.19
C THR E 137 -35.22 62.23 -38.87
N LEU E 138 -35.57 61.81 -37.66
CA LEU E 138 -35.54 60.39 -37.28
C LEU E 138 -36.97 59.86 -37.11
N ASN E 139 -37.18 58.56 -37.34
CA ASN E 139 -38.53 57.96 -37.19
C ASN E 139 -38.78 57.61 -35.69
N SER E 140 -38.84 58.65 -34.89
CA SER E 140 -39.10 58.61 -33.43
C SER E 140 -39.94 59.84 -33.12
N LEU E 141 -41.13 59.64 -32.53
CA LEU E 141 -41.98 60.81 -32.34
C LEU E 141 -41.39 61.65 -31.19
N SER E 142 -41.49 62.94 -31.32
CA SER E 142 -41.06 63.90 -30.29
C SER E 142 -42.00 63.89 -29.09
N PRO E 143 -41.45 63.80 -27.87
CA PRO E 143 -42.29 63.84 -26.67
C PRO E 143 -42.85 65.24 -26.44
N LEU E 144 -42.41 66.23 -27.24
CA LEU E 144 -42.99 67.57 -27.13
C LEU E 144 -44.11 67.82 -28.11
N GLY E 145 -44.49 66.82 -28.89
CA GLY E 145 -45.67 66.93 -29.72
C GLY E 145 -46.96 66.90 -28.94
N GLN E 146 -47.58 68.06 -28.79
CA GLN E 146 -48.80 68.13 -27.95
C GLN E 146 -49.95 67.38 -28.59
N ASN E 147 -50.04 67.37 -29.92
CA ASN E 147 -51.17 66.64 -30.53
C ASN E 147 -51.00 65.13 -30.33
N THR E 148 -49.76 64.65 -30.40
CA THR E 148 -49.43 63.22 -30.24
C THR E 148 -49.84 62.77 -28.83
N LEU E 149 -49.44 63.53 -27.79
CA LEU E 149 -49.81 63.21 -26.42
C LEU E 149 -51.32 63.17 -26.26
N ALA E 150 -52.04 64.15 -26.81
CA ALA E 150 -53.50 64.16 -26.61
C ALA E 150 -54.12 62.94 -27.28
N ALA E 151 -53.63 62.56 -28.47
CA ALA E 151 -54.18 61.48 -29.26
C ALA E 151 -53.90 60.13 -28.57
N ASP E 152 -52.68 59.91 -28.09
CA ASP E 152 -52.30 58.66 -27.39
C ASP E 152 -53.18 58.54 -26.14
N LYS E 153 -53.21 59.60 -25.32
CA LYS E 153 -54.05 59.71 -24.13
C LYS E 153 -55.48 59.28 -24.48
N LYS E 154 -56.07 59.87 -25.54
CA LYS E 154 -57.47 59.60 -25.89
C LYS E 154 -57.67 58.11 -26.09
N ALA E 155 -56.82 57.47 -26.86
CA ALA E 155 -57.00 56.05 -27.18
C ALA E 155 -56.76 55.17 -25.96
N PHE E 156 -55.76 55.54 -25.18
CA PHE E 156 -55.46 54.76 -23.96
C PHE E 156 -56.64 54.80 -22.99
N VAL E 157 -57.27 55.96 -22.89
CA VAL E 157 -58.48 56.13 -22.07
C VAL E 157 -59.57 55.19 -22.57
N GLU E 158 -59.76 55.08 -23.90
CA GLU E 158 -60.78 54.17 -24.42
C GLU E 158 -60.47 52.72 -24.07
N LEU E 159 -59.21 52.33 -24.20
CA LEU E 159 -58.81 51.00 -23.77
C LEU E 159 -59.08 50.74 -22.27
N MET E 160 -58.77 51.69 -21.42
CA MET E 160 -59.04 51.53 -19.97
C MET E 160 -60.54 51.53 -19.69
N LYS E 161 -61.36 52.28 -20.46
CA LYS E 161 -62.82 52.24 -20.28
C LYS E 161 -63.31 50.88 -20.67
N TYR E 162 -62.71 50.24 -21.69
CA TYR E 162 -63.12 48.88 -22.09
C TYR E 162 -62.86 47.92 -20.92
N LEU E 163 -61.69 48.02 -20.32
CA LEU E 163 -61.37 47.16 -19.14
C LEU E 163 -62.27 47.49 -17.94
N ALA E 164 -62.59 48.76 -17.70
CA ALA E 164 -63.51 49.13 -16.61
C ALA E 164 -64.84 48.43 -16.80
N LYS E 165 -65.36 48.39 -18.04
CA LYS E 165 -66.71 47.84 -18.22
C LYS E 165 -66.70 46.33 -18.47
N ARG E 166 -65.56 45.75 -18.87
CA ARG E 166 -65.62 44.38 -19.35
C ARG E 166 -64.66 43.46 -18.59
N ASP E 167 -63.98 43.94 -17.55
CA ASP E 167 -62.94 43.14 -16.85
C ASP E 167 -63.04 43.34 -15.34
N LYS E 168 -64.23 43.19 -14.79
CA LYS E 168 -64.50 43.44 -13.36
C LYS E 168 -63.63 42.59 -12.38
N ASP E 169 -63.23 41.39 -12.81
CA ASP E 169 -62.42 40.46 -11.97
C ASP E 169 -60.93 40.71 -12.24
N HIS E 170 -60.59 41.70 -13.08
CA HIS E 170 -59.16 42.11 -13.30
C HIS E 170 -58.37 40.92 -13.84
N THR E 171 -58.87 40.28 -14.88
CA THR E 171 -58.05 39.40 -15.69
C THR E 171 -56.72 40.09 -16.04
N VAL E 172 -56.85 41.33 -16.52
CA VAL E 172 -55.74 42.23 -16.72
C VAL E 172 -55.29 42.82 -15.40
N ILE E 173 -54.07 42.43 -14.98
CA ILE E 173 -53.53 42.88 -13.68
C ILE E 173 -52.62 44.11 -13.74
N MET E 174 -52.09 44.44 -14.92
CA MET E 174 -51.11 45.50 -15.04
C MET E 174 -51.03 45.90 -16.54
N VAL E 175 -50.70 47.14 -16.79
CA VAL E 175 -50.51 47.65 -18.17
C VAL E 175 -49.14 48.29 -18.29
N GLN E 176 -48.44 47.90 -19.36
CA GLN E 176 -47.21 48.57 -19.79
C GLN E 176 -47.58 49.75 -20.69
N VAL E 177 -47.08 50.92 -20.33
CA VAL E 177 -47.35 52.17 -21.08
C VAL E 177 -46.20 52.41 -22.07
N GLN E 178 -46.47 52.22 -23.35
CA GLN E 178 -45.48 52.30 -24.43
C GLN E 178 -44.59 51.07 -24.35
N ASN E 179 -43.65 50.95 -25.27
CA ASN E 179 -42.67 49.84 -25.22
C ASN E 179 -41.30 50.36 -25.60
N GLU E 180 -40.35 50.27 -24.71
CA GLU E 180 -38.96 50.71 -24.98
C GLU E 180 -38.95 52.10 -25.65
N VAL E 181 -39.33 53.08 -24.86
CA VAL E 181 -39.35 54.47 -25.30
C VAL E 181 -37.93 54.94 -25.53
N GLY E 182 -37.81 56.06 -26.19
CA GLY E 182 -36.53 56.68 -26.45
C GLY E 182 -36.27 56.96 -27.93
N THR E 183 -35.06 57.36 -28.20
CA THR E 183 -34.59 57.59 -29.57
C THR E 183 -33.21 57.01 -29.82
N TYR E 184 -33.13 56.25 -30.91
CA TYR E 184 -31.85 55.81 -31.48
C TYR E 184 -31.41 56.82 -32.52
N GLY E 185 -30.11 57.15 -32.49
CA GLY E 185 -29.56 58.05 -33.55
C GLY E 185 -29.47 59.52 -33.17
N ALA E 186 -29.99 59.94 -32.04
CA ALA E 186 -29.86 61.27 -31.49
C ALA E 186 -30.14 61.23 -30.01
N VAL E 187 -29.68 62.28 -29.30
CA VAL E 187 -29.82 62.28 -27.83
C VAL E 187 -31.19 62.82 -27.44
N ARG E 188 -31.72 63.76 -28.23
CA ARG E 188 -32.99 64.44 -27.94
C ARG E 188 -33.58 65.02 -29.22
N ASP E 189 -34.76 65.62 -29.09
CA ASP E 189 -35.32 66.46 -30.18
C ASP E 189 -34.58 67.80 -30.19
N TYR E 190 -34.07 68.18 -31.36
CA TYR E 190 -33.46 69.51 -31.59
C TYR E 190 -34.32 70.37 -32.52
N SER E 191 -35.58 69.97 -32.75
CA SER E 191 -36.51 70.83 -33.50
C SER E 191 -36.62 72.21 -32.85
N PRO E 192 -36.98 73.24 -33.63
CA PRO E 192 -37.19 74.54 -32.99
C PRO E 192 -38.14 74.45 -31.78
N MET E 193 -39.21 73.67 -31.88
CA MET E 193 -40.20 73.53 -30.78
C MET E 193 -39.45 73.02 -29.56
N ALA E 194 -38.63 71.99 -29.75
CA ALA E 194 -37.92 71.35 -28.63
C ALA E 194 -36.85 72.30 -28.08
N GLN E 195 -36.17 72.99 -28.98
CA GLN E 195 -35.06 73.85 -28.57
C GLN E 195 -35.61 75.00 -27.70
N ALA E 196 -36.81 75.52 -28.01
CA ALA E 196 -37.38 76.61 -27.19
C ALA E 196 -37.61 76.14 -25.75
N VAL E 197 -38.06 74.90 -25.55
CA VAL E 197 -38.27 74.31 -24.19
C VAL E 197 -36.89 74.06 -23.51
N PHE E 198 -35.93 73.52 -24.24
CA PHE E 198 -34.56 73.31 -23.72
C PHE E 198 -33.99 74.64 -23.25
N ASN E 199 -34.15 75.72 -24.02
CA ASN E 199 -33.59 77.05 -23.71
C ASN E 199 -34.24 77.65 -22.45
N ALA E 200 -35.47 77.23 -22.15
CA ALA E 200 -36.28 77.76 -21.03
C ALA E 200 -35.86 77.14 -19.71
N ALA E 201 -36.39 77.74 -18.66
CA ALA E 201 -36.16 77.24 -17.28
C ALA E 201 -36.46 75.75 -17.17
N VAL E 202 -35.63 75.02 -16.43
CA VAL E 202 -36.03 73.64 -16.02
C VAL E 202 -37.27 73.81 -15.12
N PRO E 203 -38.30 72.96 -15.25
CA PRO E 203 -39.46 73.09 -14.38
C PRO E 203 -39.12 73.03 -12.88
N ASP E 204 -39.86 73.83 -12.11
CA ASP E 204 -39.62 74.03 -10.66
C ASP E 204 -39.71 72.67 -9.97
N ASP E 205 -40.69 71.84 -10.33
CA ASP E 205 -40.96 70.59 -9.59
C ASP E 205 -39.71 69.69 -9.65
N LEU E 206 -39.05 69.66 -10.79
CA LEU E 206 -37.88 68.79 -10.95
C LEU E 206 -36.76 69.36 -10.09
N ILE E 207 -36.55 70.65 -10.22
CA ILE E 207 -35.48 71.35 -9.46
C ILE E 207 -35.64 71.04 -7.96
N GLN E 208 -36.87 71.13 -7.43
CA GLN E 208 -37.19 70.96 -5.97
C GLN E 208 -36.96 69.47 -5.57
N LYS E 209 -37.40 68.52 -6.40
CA LYS E 209 -37.25 67.08 -6.14
C LYS E 209 -35.76 66.68 -6.12
N LEU E 210 -34.94 67.22 -7.00
CA LEU E 210 -33.51 66.93 -7.09
C LEU E 210 -32.69 67.87 -6.19
N GLN E 211 -33.31 68.86 -5.54
CA GLN E 211 -32.58 69.78 -4.64
C GLN E 211 -31.45 70.45 -5.43
N LEU E 212 -31.73 70.99 -6.60
CA LEU E 212 -30.73 71.69 -7.45
C LEU E 212 -31.02 73.20 -7.41
N LYS E 213 -30.12 73.98 -8.01
CA LYS E 213 -30.25 75.45 -8.20
C LYS E 213 -31.04 75.68 -9.49
N PRO E 214 -32.01 76.64 -9.50
CA PRO E 214 -32.78 76.90 -10.70
C PRO E 214 -31.87 77.39 -11.86
N GLY E 215 -32.34 77.14 -13.08
CA GLY E 215 -31.58 77.46 -14.31
C GLY E 215 -32.23 76.83 -15.50
N THR E 216 -31.67 77.10 -16.66
CA THR E 216 -32.12 76.47 -17.87
C THR E 216 -31.50 75.08 -17.92
N TRP E 217 -31.95 74.26 -18.84
CA TRP E 217 -31.45 72.87 -18.95
C TRP E 217 -29.92 72.86 -19.00
N SER E 218 -29.32 73.66 -19.87
CA SER E 218 -27.85 73.65 -20.06
C SER E 218 -27.19 74.13 -18.78
N GLN E 219 -27.78 75.12 -18.10
CA GLN E 219 -27.19 75.66 -16.86
C GLN E 219 -27.22 74.59 -15.76
N VAL E 220 -28.33 73.91 -15.63
CA VAL E 220 -28.57 72.99 -14.47
C VAL E 220 -27.82 71.68 -14.68
N PHE E 221 -27.75 71.15 -15.89
CA PHE E 221 -27.32 69.74 -16.11
C PHE E 221 -26.00 69.60 -16.91
N GLY E 222 -25.50 70.65 -17.52
CA GLY E 222 -24.22 70.68 -18.26
C GLY E 222 -24.15 69.61 -19.35
N ARG E 223 -23.15 68.75 -19.24
CA ARG E 223 -22.85 67.63 -20.17
C ARG E 223 -24.06 66.68 -20.25
N ASP E 224 -24.94 66.64 -19.25
CA ASP E 224 -26.07 65.71 -19.26
C ASP E 224 -27.37 66.38 -19.66
N ALA E 225 -27.32 67.66 -20.09
CA ALA E 225 -28.57 68.39 -20.37
C ALA E 225 -29.37 67.75 -21.51
N ASP E 226 -28.74 67.36 -22.61
CA ASP E 226 -29.49 66.82 -23.75
C ASP E 226 -30.23 65.55 -23.37
N GLU E 227 -29.52 64.65 -22.71
CA GLU E 227 -30.08 63.29 -22.38
C GLU E 227 -31.13 63.40 -21.28
N PHE E 228 -30.84 64.22 -20.26
CA PHE E 228 -31.77 64.37 -19.13
C PHE E 228 -33.04 65.05 -19.62
N PHE E 229 -32.89 65.98 -20.59
CA PHE E 229 -34.04 66.66 -21.15
C PHE E 229 -34.92 65.66 -21.87
N HIS E 230 -34.33 64.76 -22.66
CA HIS E 230 -35.16 63.82 -23.44
C HIS E 230 -35.84 62.89 -22.44
N ALA E 231 -35.10 62.41 -21.44
CA ALA E 231 -35.66 61.52 -20.43
C ALA E 231 -36.83 62.21 -19.72
N TYR E 232 -36.64 63.46 -19.35
CA TYR E 232 -37.70 64.14 -18.58
C TYR E 232 -38.95 64.28 -19.47
N GLN E 233 -38.75 64.74 -20.71
CA GLN E 233 -39.90 64.99 -21.57
C GLN E 233 -40.64 63.69 -21.89
N ILE E 234 -39.92 62.57 -22.10
CA ILE E 234 -40.58 61.29 -22.35
C ILE E 234 -41.31 60.84 -21.06
N ALA E 235 -40.62 60.96 -19.91
CA ALA E 235 -41.20 60.57 -18.61
C ALA E 235 -42.47 61.36 -18.33
N ARG E 236 -42.48 62.66 -18.63
CA ARG E 236 -43.69 63.48 -18.45
C ARG E 236 -44.81 62.94 -19.36
N TYR E 237 -44.47 62.67 -20.61
CA TYR E 237 -45.44 62.15 -21.58
C TYR E 237 -46.06 60.87 -21.10
N CYS E 238 -45.24 59.93 -20.68
CA CYS E 238 -45.73 58.62 -20.21
C CYS E 238 -46.53 58.80 -18.91
N ASP E 239 -46.12 59.70 -18.04
CA ASP E 239 -46.85 59.93 -16.77
C ASP E 239 -48.23 60.47 -17.08
N GLU E 240 -48.35 61.37 -18.06
CA GLU E 240 -49.68 61.93 -18.36
C GLU E 240 -50.58 60.88 -19.01
N VAL E 241 -50.05 60.01 -19.85
CA VAL E 241 -50.86 58.90 -20.39
C VAL E 241 -51.34 58.02 -19.21
N THR E 242 -50.39 57.66 -18.34
CA THR E 242 -50.65 56.79 -17.17
C THR E 242 -51.75 57.39 -16.29
N VAL E 243 -51.65 58.68 -15.98
CA VAL E 243 -52.68 59.32 -15.12
C VAL E 243 -54.04 59.23 -15.78
N ALA E 244 -54.10 59.56 -17.08
CA ALA E 244 -55.39 59.57 -17.81
C ALA E 244 -56.05 58.19 -17.73
N GLY E 245 -55.25 57.13 -17.94
CA GLY E 245 -55.78 55.77 -17.92
C GLY E 245 -56.19 55.36 -16.51
N LYS E 246 -55.36 55.68 -15.52
CA LYS E 246 -55.63 55.25 -14.12
C LYS E 246 -56.87 55.98 -13.62
N ALA E 247 -57.20 57.16 -14.16
CA ALA E 247 -58.41 57.87 -13.74
C ALA E 247 -59.64 57.04 -14.10
N ILE E 248 -59.56 56.26 -15.16
CA ILE E 248 -60.61 55.33 -15.59
C ILE E 248 -60.58 54.05 -14.76
N LYS E 249 -59.43 53.39 -14.71
CA LYS E 249 -59.28 52.20 -13.88
C LYS E 249 -57.88 52.19 -13.33
N ASN E 250 -57.77 52.17 -12.01
CA ASN E 250 -56.46 52.44 -11.37
C ASN E 250 -55.65 51.13 -11.25
N LEU E 251 -55.34 50.51 -12.37
CA LEU E 251 -54.36 49.38 -12.42
C LEU E 251 -52.95 49.92 -12.24
N PRO E 252 -52.05 49.04 -11.77
CA PRO E 252 -50.63 49.30 -11.78
C PRO E 252 -50.21 49.47 -13.24
N MET E 253 -49.25 50.35 -13.46
CA MET E 253 -48.76 50.60 -14.82
C MET E 253 -47.25 50.80 -14.71
N TYR E 254 -46.53 50.43 -15.76
CA TYR E 254 -45.07 50.48 -15.71
C TYR E 254 -44.48 50.79 -17.12
N VAL E 255 -43.20 51.07 -17.16
CA VAL E 255 -42.46 51.25 -18.41
C VAL E 255 -41.30 50.28 -18.41
N ASN E 256 -40.96 49.81 -19.61
CA ASN E 256 -39.89 48.83 -19.83
C ASN E 256 -38.74 49.44 -20.60
N VAL E 257 -37.52 49.07 -20.21
CA VAL E 257 -36.33 49.77 -20.67
C VAL E 257 -35.51 48.94 -21.62
N ALA E 258 -35.20 49.57 -22.75
CA ALA E 258 -34.15 49.10 -23.68
C ALA E 258 -32.79 49.47 -22.99
N LEU E 259 -32.26 48.47 -22.28
CA LEU E 259 -31.13 48.71 -21.38
C LEU E 259 -29.91 49.17 -22.18
N ARG E 260 -29.15 50.06 -21.55
CA ARG E 260 -27.76 50.26 -21.89
C ARG E 260 -26.89 49.29 -21.11
N ASN E 261 -25.76 48.95 -21.69
CA ASN E 261 -24.82 48.06 -20.97
C ASN E 261 -24.32 48.81 -19.77
N PRO E 262 -24.44 48.25 -18.55
CA PRO E 262 -24.12 49.04 -17.38
C PRO E 262 -22.62 49.24 -17.16
N PHE E 263 -21.82 48.40 -17.79
CA PHE E 263 -20.33 48.47 -17.66
C PHE E 263 -19.63 49.30 -18.76
N ASN E 264 -20.22 49.33 -19.94
CA ASN E 264 -19.64 49.96 -21.14
C ASN E 264 -20.79 50.47 -22.00
N PRO E 265 -21.54 51.48 -21.56
CA PRO E 265 -22.84 51.82 -22.20
C PRO E 265 -22.78 52.41 -23.62
N GLY E 266 -21.64 53.02 -23.98
CA GLY E 266 -21.54 53.90 -25.14
C GLY E 266 -22.39 55.13 -24.92
N LEU E 267 -22.72 55.78 -26.03
CA LEU E 267 -23.33 57.12 -25.93
C LEU E 267 -24.83 57.02 -26.09
N PRO E 268 -25.55 57.96 -25.44
CA PRO E 268 -26.97 58.03 -25.67
C PRO E 268 -27.22 58.30 -27.16
N GLY E 269 -28.16 57.54 -27.73
CA GLY E 269 -28.45 57.47 -29.17
C GLY E 269 -27.81 56.28 -29.81
N GLN E 270 -26.68 55.80 -29.28
CA GLN E 270 -26.24 54.40 -29.61
C GLN E 270 -27.19 53.42 -28.89
N TYR E 271 -27.36 53.68 -27.58
CA TYR E 271 -28.47 53.09 -26.86
C TYR E 271 -29.66 54.03 -26.99
N SER E 272 -30.81 53.56 -26.57
CA SER E 272 -32.10 54.28 -26.74
C SER E 272 -32.13 55.43 -25.72
N SER E 273 -31.85 56.64 -26.17
CA SER E 273 -31.73 57.83 -25.33
C SER E 273 -33.11 58.18 -24.79
N GLY E 274 -33.15 58.51 -23.51
CA GLY E 274 -34.38 59.00 -22.91
C GLY E 274 -35.19 57.95 -22.19
N GLY E 275 -35.05 56.68 -22.53
CA GLY E 275 -35.67 55.61 -21.74
C GLY E 275 -35.04 55.55 -20.34
N GLY E 276 -35.60 54.68 -19.50
CA GLY E 276 -35.23 54.62 -18.07
C GLY E 276 -33.91 53.91 -17.85
N THR E 277 -32.87 54.32 -18.53
CA THR E 277 -31.52 53.76 -18.35
C THR E 277 -30.97 54.15 -16.99
N ASP E 278 -29.92 53.43 -16.56
CA ASP E 278 -29.55 53.46 -15.12
C ASP E 278 -29.12 54.87 -14.70
N ASN E 279 -28.59 55.65 -15.65
CA ASN E 279 -28.13 57.01 -15.39
C ASN E 279 -29.27 58.08 -15.34
N VAL E 280 -30.50 57.70 -15.69
CA VAL E 280 -31.63 58.69 -15.68
C VAL E 280 -32.77 58.20 -14.82
N LEU E 281 -32.56 57.13 -14.05
CA LEU E 281 -33.63 56.69 -13.14
C LEU E 281 -34.06 57.80 -12.20
N HIS E 282 -33.14 58.61 -11.71
CA HIS E 282 -33.52 59.73 -10.82
C HIS E 282 -34.44 60.74 -11.54
N ILE E 283 -34.19 60.98 -12.80
CA ILE E 283 -35.04 61.90 -13.61
C ILE E 283 -36.41 61.27 -13.80
N TRP E 284 -36.46 60.01 -14.25
CA TRP E 284 -37.75 59.30 -14.39
C TRP E 284 -38.52 59.28 -13.07
N LYS E 285 -37.84 59.01 -11.94
CA LYS E 285 -38.60 58.91 -10.69
C LYS E 285 -39.18 60.31 -10.29
N ALA E 286 -38.43 61.39 -10.54
CA ALA E 286 -38.90 62.74 -10.17
C ALA E 286 -39.99 63.18 -11.14
N ALA E 287 -39.88 62.78 -12.39
CA ALA E 287 -40.77 63.32 -13.45
C ALA E 287 -42.09 62.58 -13.48
N ALA E 288 -42.11 61.30 -13.17
CA ALA E 288 -43.27 60.41 -13.41
C ALA E 288 -43.69 59.69 -12.13
N PRO E 289 -44.26 60.45 -11.18
CA PRO E 289 -44.63 59.83 -9.89
C PRO E 289 -45.79 58.83 -9.99
N ASN E 290 -46.54 58.84 -11.12
CA ASN E 290 -47.69 57.98 -11.30
C ASN E 290 -47.35 56.66 -11.95
N ILE E 291 -46.15 56.52 -12.52
CA ILE E 291 -45.73 55.24 -13.12
C ILE E 291 -45.19 54.35 -11.97
N ASP E 292 -45.75 53.16 -11.81
CA ASP E 292 -45.44 52.35 -10.60
C ASP E 292 -44.01 51.85 -10.52
N LEU E 293 -43.46 51.43 -11.65
CA LEU E 293 -42.07 50.92 -11.67
C LEU E 293 -41.48 51.01 -13.07
N ILE E 294 -40.16 50.94 -13.07
CA ILE E 294 -39.37 50.94 -14.31
C ILE E 294 -38.71 49.58 -14.42
N ALA E 295 -38.99 48.84 -15.47
CA ALA E 295 -38.66 47.42 -15.61
C ALA E 295 -37.58 47.17 -16.62
N PRO E 296 -36.52 46.42 -16.29
CA PRO E 296 -35.52 46.12 -17.30
C PRO E 296 -35.89 45.02 -18.25
N ASP E 297 -35.46 45.20 -19.52
CA ASP E 297 -35.63 44.19 -20.58
C ASP E 297 -34.27 43.56 -20.86
N ILE E 298 -34.04 42.35 -20.35
CA ILE E 298 -32.65 41.80 -20.20
C ILE E 298 -32.37 40.79 -21.32
N TYR E 299 -31.41 41.15 -22.17
CA TYR E 299 -30.94 40.25 -23.24
C TYR E 299 -29.43 40.01 -23.11
N PHE E 300 -28.78 40.58 -22.11
CA PHE E 300 -27.38 40.22 -21.81
C PHE E 300 -27.41 38.79 -21.25
N ARG E 301 -26.54 37.91 -21.72
N ARG E 301 -26.56 37.90 -21.73
CA ARG E 301 -26.58 36.46 -21.35
CA ARG E 301 -26.59 36.46 -21.35
C ARG E 301 -25.70 36.20 -20.13
C ARG E 301 -25.72 36.21 -20.12
N ASP E 302 -24.70 37.06 -19.92
CA ASP E 302 -23.65 36.75 -18.94
C ASP E 302 -24.05 37.12 -17.52
N TYR E 303 -23.64 36.25 -16.62
CA TYR E 303 -24.02 36.38 -15.22
C TYR E 303 -23.62 37.77 -14.67
N LYS E 304 -22.38 38.23 -14.91
CA LYS E 304 -21.89 39.49 -14.31
C LYS E 304 -22.79 40.66 -14.73
N THR E 305 -23.12 40.70 -16.01
CA THR E 305 -23.90 41.87 -16.51
C THR E 305 -25.36 41.78 -16.08
N VAL E 306 -25.94 40.60 -16.16
CA VAL E 306 -27.32 40.41 -15.68
C VAL E 306 -27.38 40.77 -14.20
N SER E 307 -26.43 40.28 -13.37
CA SER E 307 -26.49 40.56 -11.94
C SER E 307 -26.42 42.07 -11.69
N LYS E 308 -25.60 42.78 -12.48
CA LYS E 308 -25.47 44.23 -12.31
C LYS E 308 -26.80 44.93 -12.67
N VAL E 309 -27.44 44.44 -13.69
CA VAL E 309 -28.80 44.99 -14.04
C VAL E 309 -29.82 44.78 -12.93
N LEU E 310 -29.80 43.59 -12.32
CA LEU E 310 -30.77 43.32 -11.24
C LEU E 310 -30.41 44.22 -10.06
N GLU E 311 -29.12 44.47 -9.80
CA GLU E 311 -28.72 45.37 -8.71
C GLU E 311 -29.25 46.79 -8.94
N LEU E 312 -29.05 47.30 -10.15
CA LEU E 312 -29.37 48.70 -10.44
C LEU E 312 -30.86 48.93 -10.50
N TYR E 313 -31.65 47.95 -10.92
CA TYR E 313 -33.11 48.18 -11.02
C TYR E 313 -33.88 47.84 -9.74
N THR E 314 -33.24 47.21 -8.74
CA THR E 314 -33.86 46.93 -7.46
C THR E 314 -33.49 48.06 -6.55
N ARG E 315 -34.48 48.84 -6.16
CA ARG E 315 -34.24 50.08 -5.38
C ARG E 315 -35.35 50.21 -4.37
N PRO E 316 -35.08 50.93 -3.26
CA PRO E 316 -36.18 51.26 -2.36
C PRO E 316 -37.37 51.90 -3.09
N ASP E 317 -37.06 52.67 -4.11
CA ASP E 317 -38.10 53.39 -4.88
C ASP E 317 -38.49 52.62 -6.17
N ASN E 318 -38.04 51.38 -6.36
CA ASN E 318 -38.31 50.66 -7.62
C ASN E 318 -38.42 49.16 -7.38
N ALA E 319 -39.63 48.63 -7.40
CA ALA E 319 -39.84 47.17 -7.45
C ALA E 319 -39.10 46.63 -8.69
N LEU E 320 -38.61 45.41 -8.57
CA LEU E 320 -37.99 44.69 -9.67
C LEU E 320 -39.01 43.80 -10.40
N PHE E 321 -39.20 44.10 -11.67
CA PHE E 321 -40.00 43.25 -12.54
C PHE E 321 -39.15 43.04 -13.79
N VAL E 322 -38.79 41.81 -14.05
CA VAL E 322 -38.06 41.48 -15.29
C VAL E 322 -39.10 41.34 -16.41
N ALA E 323 -39.38 42.48 -17.06
CA ALA E 323 -40.56 42.53 -17.95
C ALA E 323 -40.32 41.75 -19.24
N GLU E 324 -39.02 41.65 -19.60
CA GLU E 324 -38.61 40.82 -20.72
C GLU E 324 -37.26 40.20 -20.34
N ILE E 325 -37.07 38.96 -20.76
CA ILE E 325 -35.71 38.39 -20.73
C ILE E 325 -35.63 37.45 -21.92
N GLY E 326 -34.43 37.21 -22.42
CA GLY E 326 -34.30 36.32 -23.55
C GLY E 326 -34.80 34.91 -23.25
N ASN E 327 -35.17 34.15 -24.27
CA ASN E 327 -35.79 32.87 -24.09
C ASN E 327 -34.81 31.72 -24.35
N ASP E 328 -33.51 32.00 -24.52
CA ASP E 328 -32.55 30.94 -24.64
C ASP E 328 -32.30 30.35 -23.26
N GLN E 329 -31.72 29.17 -23.32
CA GLN E 329 -31.45 28.37 -22.06
C GLN E 329 -30.74 29.12 -20.92
N PRO E 330 -29.68 29.90 -21.20
CA PRO E 330 -28.93 30.54 -20.15
C PRO E 330 -29.73 31.46 -19.26
N PHE E 331 -30.86 31.97 -19.81
CA PHE E 331 -31.61 32.99 -19.09
C PHE E 331 -32.52 32.40 -18.00
N ALA E 332 -32.84 31.11 -18.08
CA ALA E 332 -33.84 30.54 -17.15
C ALA E 332 -33.40 30.71 -15.71
N ARG E 333 -32.12 30.54 -15.44
CA ARG E 333 -31.65 30.52 -14.03
C ARG E 333 -31.68 31.87 -13.37
N TYR E 334 -31.89 32.96 -14.17
CA TYR E 334 -32.00 34.29 -13.59
C TYR E 334 -33.33 34.50 -12.86
N LEU E 335 -34.26 33.56 -12.99
CA LEU E 335 -35.47 33.64 -12.15
C LEU E 335 -35.05 33.66 -10.67
N PHE E 336 -34.02 32.88 -10.32
CA PHE E 336 -33.73 32.71 -8.88
C PHE E 336 -33.23 34.01 -8.26
N PRO E 337 -32.18 34.71 -8.80
CA PRO E 337 -31.80 36.00 -8.21
C PRO E 337 -32.88 37.09 -8.37
N THR E 338 -33.73 36.95 -9.40
CA THR E 338 -34.80 37.94 -9.54
C THR E 338 -35.73 37.83 -8.33
N LEU E 339 -36.13 36.60 -8.01
CA LEU E 339 -36.98 36.42 -6.83
C LEU E 339 -36.23 36.72 -5.52
N GLY E 340 -34.97 36.37 -5.47
CA GLY E 340 -34.15 36.64 -4.29
C GLY E 340 -34.07 38.10 -3.93
N LYS E 341 -34.14 38.99 -4.95
CA LYS E 341 -34.06 40.41 -4.77
C LYS E 341 -35.42 40.97 -4.32
N GLY E 342 -36.44 40.13 -4.19
CA GLY E 342 -37.82 40.56 -3.90
C GLY E 342 -38.56 40.89 -5.20
N GLY E 343 -38.10 40.40 -6.33
CA GLY E 343 -38.76 40.69 -7.62
C GLY E 343 -40.16 40.19 -7.64
N ILE E 344 -41.03 41.00 -8.31
CA ILE E 344 -42.46 40.69 -8.43
C ILE E 344 -42.78 39.84 -9.63
N GLY E 345 -41.79 39.62 -10.53
CA GLY E 345 -42.07 38.86 -11.72
C GLY E 345 -40.95 38.74 -12.69
N PHE E 346 -41.22 37.92 -13.68
CA PHE E 346 -40.16 37.46 -14.62
C PHE E 346 -40.88 36.94 -15.86
N SER E 347 -40.52 37.45 -17.06
CA SER E 347 -41.33 37.18 -18.27
C SER E 347 -40.43 36.99 -19.51
N PRO E 348 -40.09 35.73 -19.83
CA PRO E 348 -39.32 35.45 -21.01
C PRO E 348 -40.07 35.94 -22.23
N PHE E 349 -39.32 36.43 -23.21
CA PHE E 349 -39.87 37.04 -24.44
C PHE E 349 -39.89 36.03 -25.58
N GLY E 350 -40.98 36.02 -26.32
CA GLY E 350 -41.03 35.22 -27.56
C GLY E 350 -41.53 33.78 -27.40
N MET E 351 -42.44 33.59 -26.41
CA MET E 351 -42.88 32.24 -26.05
C MET E 351 -44.14 31.88 -26.84
N ASP E 352 -44.03 31.77 -28.14
CA ASP E 352 -45.16 31.34 -28.99
C ASP E 352 -44.60 30.65 -30.26
N ASP E 353 -45.54 29.98 -30.93
CA ASP E 353 -45.24 29.17 -32.11
C ASP E 353 -45.65 29.88 -33.41
N THR E 354 -45.42 31.15 -33.45
CA THR E 354 -45.81 31.98 -34.63
C THR E 354 -44.67 32.06 -35.66
N ASP E 355 -43.71 31.17 -35.61
CA ASP E 355 -42.67 30.98 -36.62
C ASP E 355 -41.77 32.21 -36.57
N TYR E 356 -41.23 32.51 -35.42
CA TYR E 356 -40.25 33.59 -35.27
C TYR E 356 -39.37 33.29 -34.07
N THR E 357 -38.08 33.60 -34.25
N THR E 357 -38.10 33.61 -34.17
CA THR E 357 -37.02 33.64 -33.21
CA THR E 357 -37.26 33.75 -32.96
C THR E 357 -36.28 34.98 -33.22
C THR E 357 -36.34 34.93 -33.16
N ASN E 358 -36.10 35.64 -32.10
CA ASN E 358 -35.27 36.85 -32.04
C ASN E 358 -33.80 36.51 -31.79
N TYR E 359 -33.39 35.25 -31.94
CA TYR E 359 -31.94 34.92 -32.03
C TYR E 359 -31.29 35.92 -32.97
N PRO E 360 -30.19 36.57 -32.61
CA PRO E 360 -29.29 36.19 -31.52
C PRO E 360 -29.61 36.58 -30.08
N LEU E 361 -30.71 37.28 -29.84
CA LEU E 361 -31.10 37.65 -28.47
C LEU E 361 -31.63 36.43 -27.73
N GLY E 362 -32.50 35.67 -28.36
CA GLY E 362 -33.09 34.50 -27.73
C GLY E 362 -32.61 33.22 -28.37
N ALA E 363 -33.43 32.19 -28.25
CA ALA E 363 -33.11 30.84 -28.69
C ALA E 363 -33.00 30.77 -30.20
N LYS E 364 -32.02 30.04 -30.71
CA LYS E 364 -31.88 29.79 -32.14
C LYS E 364 -33.06 28.97 -32.70
N VAL E 365 -33.55 27.98 -31.91
CA VAL E 365 -34.70 27.13 -32.23
C VAL E 365 -35.71 27.31 -31.14
N TYR E 366 -36.97 27.44 -31.53
CA TYR E 366 -38.14 27.47 -30.62
C TYR E 366 -38.81 26.13 -30.74
N ASN E 367 -38.69 25.37 -29.66
CA ASN E 367 -39.34 24.07 -29.64
C ASN E 367 -39.70 23.72 -28.17
N ASP E 368 -40.19 22.51 -27.99
CA ASP E 368 -40.62 22.09 -26.63
C ASP E 368 -39.46 22.18 -25.64
N GLU E 369 -38.24 21.86 -26.08
CA GLU E 369 -37.06 21.95 -25.17
C GLU E 369 -36.85 23.40 -24.73
N THR E 370 -37.00 24.38 -25.64
CA THR E 370 -36.84 25.77 -25.30
C THR E 370 -37.76 26.10 -24.12
N ILE E 371 -39.03 25.70 -24.24
CA ILE E 371 -40.02 26.03 -23.22
C ILE E 371 -39.68 25.28 -21.94
N GLU E 372 -39.20 24.06 -22.07
CA GLU E 372 -38.98 23.21 -20.90
C GLU E 372 -37.91 23.81 -19.99
N GLN E 373 -36.96 24.55 -20.52
CA GLN E 373 -35.94 25.16 -19.62
C GLN E 373 -36.61 26.05 -18.57
N PHE E 374 -37.60 26.82 -19.01
CA PHE E 374 -38.34 27.71 -18.10
C PHE E 374 -39.35 26.87 -17.30
N ALA E 375 -40.05 25.94 -17.93
CA ALA E 375 -41.05 25.18 -17.19
C ALA E 375 -40.41 24.50 -15.98
N GLN E 376 -39.14 24.08 -16.11
CA GLN E 376 -38.54 23.36 -14.97
C GLN E 376 -38.29 24.30 -13.78
N VAL E 377 -37.93 25.54 -14.00
CA VAL E 377 -37.71 26.51 -12.93
C VAL E 377 -39.06 27.02 -12.41
N TYR E 378 -40.06 27.22 -13.29
CA TYR E 378 -41.41 27.63 -12.83
C TYR E 378 -41.99 26.59 -11.86
N ARG E 379 -41.75 25.33 -12.10
CA ARG E 379 -42.28 24.24 -11.25
C ARG E 379 -41.76 24.33 -9.82
N LEU E 380 -40.67 25.02 -9.55
CA LEU E 380 -40.18 25.21 -8.14
C LEU E 380 -40.99 26.27 -7.44
N VAL E 381 -41.56 27.21 -8.18
CA VAL E 381 -42.16 28.41 -7.55
C VAL E 381 -43.69 28.29 -7.57
N ASN E 382 -44.27 27.80 -8.65
CA ASN E 382 -45.77 27.72 -8.78
C ASN E 382 -46.38 27.07 -7.51
N PRO E 383 -45.87 25.95 -6.95
CA PRO E 383 -46.59 25.31 -5.83
C PRO E 383 -46.56 26.11 -4.55
N MET E 384 -45.69 27.11 -4.45
CA MET E 384 -45.62 27.98 -3.30
C MET E 384 -45.77 29.45 -3.67
N MET E 385 -46.47 29.74 -4.80
CA MET E 385 -46.36 31.11 -5.33
C MET E 385 -46.86 32.16 -4.32
N ARG E 386 -48.05 31.93 -3.72
CA ARG E 386 -48.58 32.93 -2.79
C ARG E 386 -47.77 33.01 -1.52
N GLU E 387 -47.29 31.89 -1.04
CA GLU E 387 -46.46 31.91 0.19
C GLU E 387 -45.14 32.60 -0.05
N TRP E 388 -44.49 32.27 -1.15
CA TRP E 388 -43.21 32.94 -1.47
C TRP E 388 -43.46 34.45 -1.57
N ALA E 389 -44.52 34.82 -2.31
CA ALA E 389 -44.79 36.27 -2.54
C ALA E 389 -44.93 36.98 -1.19
N ARG E 390 -45.64 36.37 -0.26
CA ARG E 390 -45.79 37.00 1.10
C ARG E 390 -44.44 37.08 1.82
N LEU E 391 -43.66 36.01 1.80
CA LEU E 391 -42.36 36.04 2.50
C LEU E 391 -41.43 37.09 1.89
N SER E 392 -41.48 37.26 0.58
N SER E 392 -41.48 37.27 0.56
CA SER E 392 -40.57 38.20 -0.07
CA SER E 392 -40.58 38.21 -0.16
C SER E 392 -40.92 39.64 0.39
C SER E 392 -40.95 39.66 0.17
N TYR E 393 -42.21 39.92 0.51
CA TYR E 393 -42.64 41.28 0.90
C TYR E 393 -42.46 41.54 2.41
N GLN E 394 -42.77 40.56 3.24
CA GLN E 394 -42.96 40.70 4.71
C GLN E 394 -41.69 40.31 5.42
N GLY E 395 -41.01 39.45 4.78
CA GLY E 395 -39.83 38.87 5.42
C GLY E 395 -38.55 38.86 4.63
N GLN E 396 -37.81 37.78 4.92
CA GLN E 396 -36.48 37.69 4.35
C GLN E 396 -36.44 36.52 3.36
N VAL E 397 -35.93 36.87 2.19
CA VAL E 397 -35.69 35.87 1.10
C VAL E 397 -34.32 36.08 0.48
N TRP E 398 -33.88 35.00 -0.15
CA TRP E 398 -32.60 35.02 -0.85
C TRP E 398 -32.76 34.18 -2.11
N GLY E 399 -31.91 34.47 -3.09
CA GLY E 399 -31.92 33.64 -4.30
C GLY E 399 -30.61 33.82 -5.05
N VAL E 400 -30.16 32.73 -5.66
CA VAL E 400 -28.85 32.74 -6.33
C VAL E 400 -28.98 31.90 -7.59
N ALA E 401 -28.14 32.28 -8.57
CA ALA E 401 -27.95 31.48 -9.78
C ALA E 401 -26.49 31.06 -9.92
N GLU E 402 -26.31 30.00 -10.68
CA GLU E 402 -24.98 29.48 -10.99
C GLU E 402 -24.13 30.59 -11.60
N PRO E 403 -23.02 30.98 -10.96
CA PRO E 403 -22.33 32.20 -11.28
C PRO E 403 -21.23 32.19 -12.34
N LEU E 404 -20.97 31.03 -12.91
CA LEU E 404 -20.16 30.93 -14.12
C LEU E 404 -21.05 30.57 -15.31
N ASP E 405 -20.84 31.31 -16.41
CA ASP E 405 -21.52 30.96 -17.68
C ASP E 405 -20.93 29.66 -18.22
N SER E 406 -21.58 29.05 -19.17
CA SER E 406 -21.09 27.86 -19.89
C SER E 406 -19.72 28.15 -20.45
N THR E 407 -18.85 27.18 -20.27
CA THR E 407 -17.48 27.28 -20.85
C THR E 407 -17.60 27.47 -22.37
N THR E 408 -16.84 28.42 -22.89
CA THR E 408 -16.82 28.75 -24.33
C THR E 408 -15.84 27.81 -25.05
N GLU E 409 -16.01 27.73 -26.36
CA GLU E 409 -15.10 26.95 -27.26
C GLU E 409 -13.67 27.50 -27.14
N THR E 410 -13.52 28.82 -27.09
CA THR E 410 -12.20 29.48 -26.89
C THR E 410 -11.60 29.00 -25.57
N GLN E 411 -12.41 28.75 -24.52
CA GLN E 411 -11.95 28.25 -23.18
C GLN E 411 -11.73 26.72 -23.24
N LYS E 412 -12.50 25.93 -24.00
CA LYS E 412 -12.28 24.46 -23.99
C LYS E 412 -10.88 24.23 -24.62
N ILE E 413 -10.46 25.16 -25.50
CA ILE E 413 -9.16 25.19 -26.22
C ILE E 413 -8.07 25.81 -25.31
N TRP E 414 -8.18 27.09 -24.91
CA TRP E 414 -7.21 27.83 -24.04
C TRP E 414 -6.94 27.00 -22.78
N ASN E 415 -7.94 26.28 -22.29
CA ASN E 415 -7.79 25.42 -21.08
C ASN E 415 -6.97 24.18 -21.46
N ALA E 416 -7.44 23.35 -22.40
CA ALA E 416 -7.04 21.92 -22.62
C ALA E 416 -5.59 21.77 -23.09
N GLU E 417 -4.94 22.85 -23.51
CA GLU E 417 -3.51 22.79 -23.82
C GLU E 417 -2.73 23.06 -22.53
N ALA E 418 -3.40 23.53 -21.48
CA ALA E 418 -2.77 23.95 -20.20
C ALA E 418 -1.99 22.79 -19.58
N THR E 419 -0.98 23.12 -18.74
CA THR E 419 -0.12 22.13 -18.02
C THR E 419 -0.95 21.41 -16.98
N PRO E 420 -0.55 20.20 -16.51
CA PRO E 420 -1.27 19.47 -15.46
C PRO E 420 -1.46 20.30 -14.15
N GLU E 421 -0.42 21.04 -13.71
CA GLU E 421 -0.48 21.99 -12.55
C GLU E 421 -1.52 23.09 -12.86
N GLU E 422 -1.47 23.66 -14.06
CA GLU E 422 -2.39 24.76 -14.50
C GLU E 422 -3.84 24.21 -14.46
N LYS E 423 -4.06 22.96 -14.87
CA LYS E 423 -5.44 22.40 -14.98
C LYS E 423 -5.99 22.22 -13.56
N GLU E 424 -5.15 21.67 -12.66
CA GLU E 424 -5.54 21.41 -11.25
C GLU E 424 -5.93 22.74 -10.63
N GLN E 425 -5.21 23.83 -10.94
CA GLN E 425 -5.46 25.15 -10.33
C GLN E 425 -6.77 25.72 -10.87
N HIS E 426 -6.96 25.56 -12.16
CA HIS E 426 -8.20 26.00 -12.86
C HIS E 426 -9.38 25.27 -12.24
N LYS E 427 -9.32 23.96 -12.03
CA LYS E 427 -10.44 23.20 -11.38
C LYS E 427 -10.70 23.78 -9.97
N LYS E 428 -9.67 24.09 -9.20
CA LYS E 428 -9.79 24.66 -7.81
C LYS E 428 -10.45 26.04 -7.90
N ASP E 429 -10.01 26.83 -8.89
CA ASP E 429 -10.52 28.19 -9.10
C ASP E 429 -12.01 28.12 -9.45
N ARG E 430 -12.37 27.18 -10.33
CA ARG E 430 -13.77 27.02 -10.76
C ARG E 430 -14.61 26.58 -9.56
N ALA E 431 -14.11 25.64 -8.75
CA ALA E 431 -14.87 25.15 -7.61
C ALA E 431 -15.16 26.31 -6.68
N SER E 432 -14.17 27.13 -6.37
CA SER E 432 -14.36 28.29 -5.48
C SER E 432 -15.39 29.26 -6.10
N ALA E 433 -15.31 29.52 -7.41
CA ALA E 433 -16.27 30.43 -8.02
C ALA E 433 -17.67 29.87 -8.01
N LEU E 434 -17.81 28.56 -8.07
CA LEU E 434 -19.11 27.87 -8.06
C LEU E 434 -19.58 27.53 -6.61
N THR E 435 -19.10 28.30 -5.65
CA THR E 435 -19.44 28.22 -4.23
C THR E 435 -19.91 29.57 -3.78
N GLN E 436 -21.18 29.65 -3.36
CA GLN E 436 -21.73 30.93 -2.89
C GLN E 436 -22.15 30.84 -1.45
N GLN E 437 -21.94 31.92 -0.73
N GLN E 437 -21.94 31.93 -0.74
CA GLN E 437 -22.31 32.04 0.71
CA GLN E 437 -22.28 32.05 0.70
C GLN E 437 -23.51 32.98 0.85
C GLN E 437 -23.49 32.98 0.86
N LEU E 438 -24.44 32.57 1.72
CA LEU E 438 -25.56 33.43 2.09
C LEU E 438 -25.64 33.54 3.62
N ASP E 439 -25.82 34.76 4.10
CA ASP E 439 -25.92 35.03 5.53
C ASP E 439 -27.40 35.04 5.89
N LEU E 440 -27.83 34.04 6.64
CA LEU E 440 -29.27 33.86 6.94
C LEU E 440 -29.60 34.22 8.38
N GLY E 441 -28.71 34.95 9.02
CA GLY E 441 -28.91 35.39 10.40
C GLY E 441 -28.06 34.54 11.31
N LEU E 442 -28.67 33.63 12.05
CA LEU E 442 -27.90 32.68 12.93
C LEU E 442 -27.25 31.57 12.14
N TRP E 443 -27.66 31.36 10.91
CA TRP E 443 -27.22 30.25 10.04
C TRP E 443 -26.83 30.88 8.72
N ASP E 444 -25.89 30.23 8.04
CA ASP E 444 -25.46 30.54 6.69
C ASP E 444 -25.78 29.32 5.84
N ALA E 445 -26.02 29.58 4.56
CA ALA E 445 -26.05 28.50 3.55
C ALA E 445 -24.88 28.66 2.58
N GLU E 446 -24.44 27.52 2.11
CA GLU E 446 -23.43 27.43 1.06
C GLU E 446 -24.05 26.68 -0.11
N VAL E 447 -24.15 27.36 -1.27
CA VAL E 447 -24.71 26.77 -2.46
C VAL E 447 -23.56 26.43 -3.41
N THR E 448 -23.55 25.22 -3.91
CA THR E 448 -22.56 24.77 -4.87
C THR E 448 -23.23 24.09 -6.04
N TYR E 449 -22.55 24.11 -7.19
CA TYR E 449 -23.14 23.65 -8.44
C TYR E 449 -22.34 22.57 -9.16
N GLY E 450 -23.02 21.52 -9.56
CA GLY E 450 -22.51 20.48 -10.46
C GLY E 450 -21.60 19.49 -9.72
N ARG E 451 -22.23 18.67 -8.93
CA ARG E 451 -21.49 17.67 -8.12
C ARG E 451 -22.43 16.53 -7.80
N PRO E 452 -21.94 15.36 -7.41
CA PRO E 452 -22.82 14.26 -7.03
C PRO E 452 -23.70 14.57 -5.82
N MET E 453 -24.63 13.67 -5.57
CA MET E 453 -25.56 13.84 -4.47
C MET E 453 -25.05 13.16 -3.21
N PHE E 454 -23.82 12.68 -3.28
CA PHE E 454 -23.25 11.86 -2.21
C PHE E 454 -21.74 12.18 -2.17
N TRP E 455 -21.19 12.31 -0.97
CA TRP E 455 -19.76 12.65 -0.75
C TRP E 455 -19.49 14.09 -1.14
N VAL E 456 -18.20 14.45 -1.21
CA VAL E 456 -17.75 15.85 -1.19
C VAL E 456 -16.81 16.18 -2.31
N THR E 457 -16.86 15.43 -3.40
CA THR E 457 -16.06 15.86 -4.57
C THR E 457 -16.41 17.32 -4.90
N PRO E 458 -15.42 18.18 -5.15
CA PRO E 458 -15.68 19.58 -5.42
C PRO E 458 -16.59 19.83 -6.62
N PRO E 459 -17.35 20.95 -6.58
CA PRO E 459 -18.24 21.27 -7.71
C PRO E 459 -17.47 21.65 -8.98
N GLU E 460 -18.08 21.24 -10.10
CA GLU E 460 -17.52 21.46 -11.44
C GLU E 460 -18.46 22.24 -12.36
N GLY E 461 -19.63 22.55 -11.88
CA GLY E 461 -20.63 23.28 -12.68
C GLY E 461 -21.49 22.31 -13.46
N ASN E 462 -22.69 22.81 -13.81
CA ASN E 462 -23.59 22.13 -14.74
C ASN E 462 -23.25 22.54 -16.19
N THR E 463 -23.49 21.63 -17.13
CA THR E 463 -23.24 21.88 -18.57
C THR E 463 -24.56 21.66 -19.29
N PRO E 464 -25.23 22.73 -19.76
CA PRO E 464 -24.79 24.11 -19.60
C PRO E 464 -25.07 24.69 -18.21
N ALA E 465 -24.55 25.89 -17.92
CA ALA E 465 -24.80 26.52 -16.61
C ALA E 465 -26.32 26.65 -16.44
N ALA E 466 -26.86 26.31 -15.26
CA ALA E 466 -28.32 26.19 -15.16
C ALA E 466 -28.85 26.30 -13.72
N GLY E 467 -27.99 26.17 -12.72
CA GLY E 467 -28.47 25.90 -11.36
C GLY E 467 -28.89 27.19 -10.64
N GLY E 468 -29.60 26.99 -9.52
CA GLY E 468 -29.91 28.10 -8.64
C GLY E 468 -30.63 27.59 -7.41
N ALA E 469 -30.92 28.52 -6.52
CA ALA E 469 -31.56 28.18 -5.23
C ALA E 469 -32.40 29.37 -4.76
N LEU E 470 -33.45 29.03 -4.00
CA LEU E 470 -34.26 30.01 -3.28
C LEU E 470 -34.33 29.62 -1.77
N ILE E 471 -34.20 30.62 -0.91
CA ILE E 471 -34.38 30.38 0.53
C ILE E 471 -35.26 31.48 1.11
N ALA E 472 -36.24 31.13 1.95
CA ALA E 472 -36.92 32.12 2.75
C ALA E 472 -36.83 31.76 4.23
N GLN E 473 -36.69 32.79 5.06
CA GLN E 473 -36.64 32.59 6.50
C GLN E 473 -38.05 32.50 7.06
N LEU E 474 -38.30 31.40 7.78
CA LEU E 474 -39.55 31.20 8.49
C LEU E 474 -39.48 31.64 9.95
N ASP E 475 -38.33 31.40 10.58
CA ASP E 475 -38.08 31.77 11.98
C ASP E 475 -36.56 31.78 12.16
N ASP E 476 -36.13 32.04 13.38
CA ASP E 476 -34.70 32.22 13.66
C ASP E 476 -33.92 31.00 13.21
N ASN E 477 -34.50 29.81 13.28
CA ASN E 477 -33.74 28.59 13.01
C ASN E 477 -34.40 27.76 11.89
N GLU E 478 -35.32 28.33 11.10
CA GLU E 478 -36.07 27.51 10.16
C GLU E 478 -36.22 28.27 8.86
N TYR E 479 -36.05 27.53 7.78
CA TYR E 479 -35.97 28.08 6.43
C TYR E 479 -36.79 27.22 5.46
N LEU E 480 -37.37 27.88 4.44
CA LEU E 480 -37.97 27.22 3.31
C LEU E 480 -36.87 27.23 2.21
N VAL E 481 -36.66 26.09 1.60
CA VAL E 481 -35.59 25.94 0.60
C VAL E 481 -36.10 25.15 -0.59
N THR E 482 -35.80 25.66 -1.80
CA THR E 482 -35.96 24.81 -2.96
C THR E 482 -34.81 25.22 -3.90
N ALA E 483 -34.32 24.26 -4.65
CA ALA E 483 -33.14 24.53 -5.53
C ALA E 483 -33.14 23.61 -6.69
N TYR E 484 -32.18 23.86 -7.57
CA TYR E 484 -32.21 23.28 -8.92
C TYR E 484 -30.76 23.03 -9.35
N LYS E 485 -30.44 21.78 -9.62
CA LYS E 485 -29.11 21.38 -10.10
C LYS E 485 -28.02 22.01 -9.23
N ALA E 486 -28.15 21.77 -7.93
CA ALA E 486 -27.34 22.45 -6.91
C ALA E 486 -27.38 21.68 -5.59
N ARG E 487 -26.37 21.94 -4.78
CA ARG E 487 -26.37 21.52 -3.37
C ARG E 487 -26.43 22.76 -2.47
N VAL E 488 -27.22 22.64 -1.39
CA VAL E 488 -27.35 23.70 -0.40
C VAL E 488 -26.95 23.07 0.95
N GLU E 489 -26.05 23.70 1.65
CA GLU E 489 -25.56 23.20 2.96
C GLU E 489 -25.64 24.31 4.00
N PHE E 490 -26.11 23.96 5.17
CA PHE E 490 -26.31 24.93 6.26
C PHE E 490 -25.16 24.85 7.27
N LYS E 491 -24.82 25.95 7.90
CA LYS E 491 -23.77 25.96 8.93
C LYS E 491 -24.05 27.15 9.81
N PRO E 492 -23.50 27.21 11.03
CA PRO E 492 -23.68 28.40 11.88
C PRO E 492 -23.10 29.63 11.17
N SER E 493 -23.72 30.77 11.40
CA SER E 493 -23.24 32.07 10.85
C SER E 493 -22.17 32.66 11.75
N GLN E 494 -22.07 32.14 12.96
CA GLN E 494 -21.12 32.69 13.92
C GLN E 494 -20.68 31.59 14.90
N GLU E 495 -19.56 31.85 15.56
CA GLU E 495 -18.99 30.94 16.55
C GLU E 495 -20.12 30.55 17.54
N LEU E 496 -20.16 29.28 17.94
CA LEU E 496 -21.21 28.71 18.84
C LEU E 496 -20.78 28.68 20.32
N ALA E 497 -19.57 29.15 20.67
CA ALA E 497 -19.17 29.29 22.08
C ALA E 497 -19.25 27.94 22.82
N GLY E 498 -18.84 26.87 22.15
CA GLY E 498 -18.78 25.53 22.78
C GLY E 498 -19.90 24.58 22.43
N LYS E 499 -20.97 25.09 21.79
CA LYS E 499 -22.07 24.24 21.33
C LYS E 499 -21.66 23.57 20.02
N LYS E 500 -22.36 22.50 19.71
CA LYS E 500 -22.32 21.83 18.41
C LYS E 500 -23.60 22.20 17.66
N PHE E 501 -23.67 21.79 16.41
CA PHE E 501 -24.85 22.06 15.58
C PHE E 501 -25.20 20.84 14.74
N MET E 502 -26.47 20.74 14.39
CA MET E 502 -26.92 19.76 13.41
C MET E 502 -28.18 20.32 12.75
N ILE E 503 -28.55 19.69 11.66
CA ILE E 503 -29.94 19.68 11.18
C ILE E 503 -30.82 19.07 12.24
N GLU E 504 -31.85 19.78 12.66
CA GLU E 504 -32.87 19.19 13.55
C GLU E 504 -33.79 18.36 12.71
N ARG E 505 -34.34 18.95 11.62
N ARG E 505 -34.30 18.96 11.61
CA ARG E 505 -35.29 18.22 10.76
CA ARG E 505 -35.29 18.29 10.77
C ARG E 505 -35.37 18.93 9.42
C ARG E 505 -35.35 18.95 9.40
N VAL E 506 -35.41 18.13 8.37
CA VAL E 506 -35.70 18.53 6.99
C VAL E 506 -36.99 17.78 6.64
N GLU E 507 -38.05 18.54 6.20
CA GLU E 507 -39.27 17.94 5.68
C GLU E 507 -39.47 18.41 4.22
N GLU E 508 -39.87 17.49 3.37
CA GLU E 508 -40.33 17.89 2.07
C GLU E 508 -41.85 17.92 2.12
N GLY E 509 -42.42 18.93 1.45
CA GLY E 509 -43.88 18.99 1.49
C GLY E 509 -44.43 20.08 0.59
N ARG E 510 -45.66 20.53 0.90
CA ARG E 510 -46.33 21.50 0.05
C ARG E 510 -47.28 22.30 0.89
N PHE E 511 -47.77 23.40 0.31
CA PHE E 511 -48.84 24.20 0.93
C PHE E 511 -50.18 23.83 0.33
N GLU E 512 -51.15 23.61 1.21
CA GLU E 512 -52.58 23.41 0.85
C GLU E 512 -53.42 24.35 1.67
N LYS E 513 -54.15 25.21 1.01
CA LYS E 513 -54.96 26.26 1.66
C LYS E 513 -54.05 27.01 2.64
N GLY E 514 -52.83 27.37 2.22
CA GLY E 514 -51.85 28.13 3.03
C GLY E 514 -51.27 27.38 4.24
N LYS E 515 -51.59 26.09 4.41
CA LYS E 515 -51.05 25.24 5.50
C LYS E 515 -50.00 24.30 4.90
N TRP E 516 -48.95 24.06 5.67
CA TRP E 516 -47.90 23.10 5.27
C TRP E 516 -48.38 21.65 5.47
N VAL E 517 -48.18 20.86 4.45
CA VAL E 517 -48.49 19.42 4.46
C VAL E 517 -47.15 18.72 4.25
N MET E 518 -46.72 17.97 5.27
N MET E 518 -46.78 17.92 5.24
CA MET E 518 -45.49 17.17 5.18
CA MET E 518 -45.54 17.16 5.15
C MET E 518 -45.72 15.93 4.31
C MET E 518 -45.77 15.95 4.25
N GLU E 519 -44.81 15.68 3.38
CA GLU E 519 -44.86 14.46 2.57
C GLU E 519 -43.84 13.46 3.13
N ARG E 520 -42.63 13.93 3.44
CA ARG E 520 -41.61 13.00 3.98
C ARG E 520 -40.52 13.80 4.68
N VAL E 521 -39.71 13.09 5.45
CA VAL E 521 -38.55 13.65 6.12
C VAL E 521 -37.32 13.29 5.32
N TRP E 522 -36.55 14.28 4.91
CA TRP E 522 -35.22 13.99 4.36
C TRP E 522 -34.27 13.71 5.54
N ASN E 523 -33.54 12.63 5.39
CA ASN E 523 -32.56 12.24 6.43
C ASN E 523 -31.53 11.30 5.82
N GLY E 524 -30.55 10.92 6.66
CA GLY E 524 -29.56 9.95 6.20
C GLY E 524 -28.82 10.52 4.94
N ASP E 525 -28.65 9.70 3.92
CA ASP E 525 -27.94 10.10 2.70
C ASP E 525 -28.47 11.42 2.18
N GLN E 526 -29.77 11.68 2.35
CA GLN E 526 -30.34 12.89 1.74
C GLN E 526 -29.95 14.15 2.51
N THR E 527 -29.39 14.04 3.73
CA THR E 527 -28.94 15.21 4.46
C THR E 527 -27.48 15.12 4.91
N ASP E 528 -26.79 14.04 4.65
CA ASP E 528 -25.37 13.92 5.10
C ASP E 528 -24.43 14.78 4.27
N TRP E 529 -24.80 15.11 3.03
CA TRP E 529 -23.89 15.70 2.05
C TRP E 529 -24.59 16.93 1.51
N GLY E 530 -25.10 17.75 2.43
CA GLY E 530 -25.94 18.86 1.98
C GLY E 530 -27.30 18.42 1.50
N LEU E 531 -28.03 19.38 0.90
CA LEU E 531 -29.38 19.11 0.35
C LEU E 531 -29.20 19.22 -1.17
N ASN E 532 -29.33 18.08 -1.85
CA ASN E 532 -28.97 17.96 -3.28
C ASN E 532 -30.23 17.92 -4.13
N PHE E 533 -30.24 18.81 -5.11
CA PHE E 533 -31.37 19.02 -6.02
C PHE E 533 -30.95 18.69 -7.46
N THR E 534 -31.85 18.10 -8.24
CA THR E 534 -31.61 17.83 -9.63
C THR E 534 -32.52 18.79 -10.41
N ASP E 535 -33.21 18.27 -11.41
CA ASP E 535 -34.14 19.10 -12.21
C ASP E 535 -35.54 18.99 -11.69
N ARG E 536 -35.82 18.13 -10.75
CA ARG E 536 -37.20 17.95 -10.24
C ARG E 536 -37.48 18.85 -9.05
N PRO E 537 -38.74 19.24 -8.86
CA PRO E 537 -39.11 20.14 -7.79
C PRO E 537 -39.22 19.41 -6.45
N HIS E 538 -38.62 20.03 -5.44
CA HIS E 538 -38.80 19.64 -4.02
C HIS E 538 -38.78 20.92 -3.20
N LEU E 539 -39.78 21.05 -2.33
CA LEU E 539 -39.81 22.18 -1.40
C LEU E 539 -39.56 21.66 0.00
N LEU E 540 -38.56 22.25 0.64
CA LEU E 540 -38.16 21.79 1.94
C LEU E 540 -38.35 22.85 3.03
N ARG E 541 -38.68 22.38 4.24
CA ARG E 541 -38.53 23.17 5.46
C ARG E 541 -37.33 22.57 6.24
N VAL E 542 -36.36 23.43 6.48
CA VAL E 542 -35.10 23.08 7.12
C VAL E 542 -35.07 23.76 8.47
N LYS E 543 -34.99 22.94 9.54
CA LYS E 543 -34.89 23.46 10.91
C LYS E 543 -33.49 23.06 11.42
N MET E 544 -32.71 24.05 11.84
CA MET E 544 -31.33 23.88 12.35
C MET E 544 -31.36 24.02 13.89
N ALA E 545 -30.38 23.41 14.58
CA ALA E 545 -30.27 23.51 16.04
C ALA E 545 -28.80 23.54 16.42
N SER E 546 -28.49 24.44 17.34
CA SER E 546 -27.30 24.30 18.18
C SER E 546 -27.66 23.49 19.43
N TYR E 547 -26.67 22.77 19.96
CA TYR E 547 -26.92 21.95 21.15
C TYR E 547 -25.67 21.86 22.01
N SER E 548 -25.93 21.76 23.32
CA SER E 548 -24.86 21.65 24.31
C SER E 548 -24.27 20.25 24.35
N VAL E 549 -22.97 20.17 24.50
CA VAL E 549 -22.28 18.90 24.80
C VAL E 549 -21.48 19.02 26.12
N GLN E 550 -21.83 20.01 26.94
CA GLN E 550 -21.14 20.38 28.20
C GLN E 550 -21.27 19.17 29.12
N ALA F 12 -54.11 -38.62 -52.43
CA ALA F 12 -52.90 -37.69 -52.72
C ALA F 12 -51.72 -38.53 -53.17
N PRO F 13 -51.09 -38.25 -54.33
CA PRO F 13 -49.93 -39.01 -54.78
C PRO F 13 -48.79 -38.76 -53.80
N LEU F 14 -48.00 -39.79 -53.53
CA LEU F 14 -46.77 -39.64 -52.73
C LEU F 14 -45.86 -38.61 -53.38
N PRO F 15 -45.14 -37.84 -52.55
CA PRO F 15 -43.99 -37.09 -53.04
C PRO F 15 -42.99 -38.08 -53.65
N GLU F 16 -42.26 -37.61 -54.65
CA GLU F 16 -41.23 -38.49 -55.27
C GLU F 16 -40.16 -37.66 -55.92
N LEU F 17 -38.91 -38.11 -55.85
CA LEU F 17 -37.89 -37.45 -56.63
C LEU F 17 -37.77 -38.13 -58.00
N LEU F 18 -38.03 -37.31 -59.04
CA LEU F 18 -37.88 -37.73 -60.45
C LEU F 18 -36.54 -37.26 -60.97
N SER F 19 -35.97 -38.09 -61.81
CA SER F 19 -34.67 -37.80 -62.46
C SER F 19 -34.79 -38.22 -63.92
N ASN F 20 -34.67 -37.24 -64.84
CA ASN F 20 -34.82 -37.55 -66.29
C ASN F 20 -33.94 -36.58 -67.11
N ASN F 21 -33.31 -37.06 -68.18
CA ASN F 21 -32.47 -36.19 -69.05
C ASN F 21 -31.47 -35.34 -68.24
N GLY F 22 -30.83 -35.94 -67.22
CA GLY F 22 -29.77 -35.29 -66.40
C GLY F 22 -30.33 -34.20 -65.50
N LYS F 23 -31.66 -34.08 -65.44
N LYS F 23 -31.64 -34.18 -65.34
CA LYS F 23 -32.35 -33.04 -64.60
CA LYS F 23 -32.35 -33.13 -64.53
C LYS F 23 -33.31 -33.71 -63.62
C LYS F 23 -33.23 -33.80 -63.48
N HIS F 24 -33.74 -33.00 -62.58
CA HIS F 24 -34.46 -33.57 -61.40
C HIS F 24 -35.64 -32.69 -61.06
N ALA F 25 -36.56 -33.28 -60.36
CA ALA F 25 -37.66 -32.56 -59.74
C ALA F 25 -38.14 -33.31 -58.50
N LEU F 26 -38.44 -32.52 -57.46
CA LEU F 26 -39.18 -33.06 -56.33
C LEU F 26 -40.65 -32.85 -56.66
N MET F 27 -41.38 -33.94 -56.84
CA MET F 27 -42.83 -33.91 -57.06
C MET F 27 -43.55 -33.87 -55.72
N VAL F 28 -44.38 -32.86 -55.50
CA VAL F 28 -45.24 -32.73 -54.30
C VAL F 28 -46.65 -32.47 -54.80
N ASP F 29 -47.57 -33.35 -54.43
CA ASP F 29 -48.96 -33.23 -54.87
C ASP F 29 -49.03 -33.27 -56.41
N GLY F 30 -48.19 -34.10 -57.04
CA GLY F 30 -48.28 -34.44 -58.45
C GLY F 30 -47.68 -33.38 -59.36
N ALA F 31 -46.84 -32.48 -58.85
CA ALA F 31 -46.12 -31.50 -59.68
C ALA F 31 -44.78 -31.14 -59.08
N PRO F 32 -43.84 -30.62 -59.86
CA PRO F 32 -42.59 -30.13 -59.29
C PRO F 32 -42.79 -29.08 -58.24
N TYR F 33 -41.90 -29.11 -57.22
CA TYR F 33 -42.00 -28.24 -56.06
C TYR F 33 -40.58 -27.79 -55.68
N ILE F 34 -40.48 -26.61 -55.13
CA ILE F 34 -39.24 -26.03 -54.61
C ILE F 34 -39.38 -25.91 -53.10
N ILE F 35 -38.40 -26.50 -52.39
CA ILE F 35 -38.33 -26.25 -50.95
C ILE F 35 -37.69 -24.90 -50.68
N LEU F 36 -38.51 -23.92 -50.31
CA LEU F 36 -38.03 -22.63 -49.79
C LEU F 36 -38.10 -22.79 -48.29
N GLY F 37 -37.00 -23.27 -47.75
CA GLY F 37 -37.03 -23.95 -46.44
C GLY F 37 -36.50 -23.11 -45.30
N SER F 38 -36.68 -23.66 -44.11
N SER F 38 -36.63 -23.71 -44.12
CA SER F 38 -35.99 -23.18 -42.90
CA SER F 38 -36.15 -23.18 -42.85
C SER F 38 -35.80 -24.42 -42.02
C SER F 38 -35.84 -24.41 -41.98
N GLN F 39 -34.68 -24.47 -41.36
CA GLN F 39 -34.41 -25.57 -40.38
C GLN F 39 -34.29 -24.96 -38.99
N THR F 40 -34.89 -25.65 -38.02
CA THR F 40 -34.74 -25.23 -36.65
C THR F 40 -33.30 -25.44 -36.14
N ASN F 41 -32.97 -24.79 -35.05
CA ASN F 41 -31.83 -25.21 -34.19
C ASN F 41 -32.10 -26.65 -33.68
N ASN F 42 -31.01 -27.25 -33.22
CA ASN F 42 -30.95 -28.70 -32.88
C ASN F 42 -31.74 -29.15 -31.64
N SER F 43 -32.20 -28.23 -30.83
CA SER F 43 -32.88 -28.53 -29.56
C SER F 43 -34.30 -27.95 -29.60
N SER F 44 -34.88 -27.84 -30.81
CA SER F 44 -36.26 -27.31 -30.98
C SER F 44 -37.29 -28.40 -31.28
N ASN F 45 -36.91 -29.68 -31.14
CA ASN F 45 -37.74 -30.81 -31.51
C ASN F 45 -38.64 -31.22 -30.35
N TYR F 46 -39.29 -30.25 -29.72
CA TYR F 46 -40.18 -30.54 -28.58
C TYR F 46 -41.41 -29.65 -28.66
N PRO F 47 -42.58 -30.15 -28.22
CA PRO F 47 -43.80 -29.33 -28.35
C PRO F 47 -43.67 -27.90 -27.80
N ASP F 48 -42.95 -27.70 -26.68
CA ASP F 48 -42.85 -26.39 -26.02
C ASP F 48 -42.01 -25.42 -26.89
N ALA F 49 -41.10 -25.97 -27.72
CA ALA F 49 -40.20 -25.09 -28.47
C ALA F 49 -40.89 -24.56 -29.75
N LEU F 50 -41.96 -25.20 -30.20
CA LEU F 50 -42.53 -24.87 -31.54
C LEU F 50 -43.05 -23.43 -31.60
N LYS F 51 -43.51 -22.87 -30.49
CA LYS F 51 -43.91 -21.47 -30.45
C LYS F 51 -42.77 -20.49 -30.80
N ASP F 52 -41.53 -20.91 -30.63
CA ASP F 52 -40.34 -20.11 -30.98
C ASP F 52 -39.84 -20.45 -32.38
N VAL F 53 -40.53 -21.28 -33.09
CA VAL F 53 -40.20 -21.71 -34.46
C VAL F 53 -41.14 -21.01 -35.44
N TRP F 54 -42.44 -21.17 -35.22
CA TRP F 54 -43.37 -20.76 -36.27
C TRP F 54 -43.24 -19.27 -36.64
N PRO F 55 -43.07 -18.33 -35.69
CA PRO F 55 -43.00 -16.93 -36.08
C PRO F 55 -41.90 -16.67 -37.11
N SER F 56 -40.72 -17.26 -36.88
CA SER F 56 -39.62 -17.07 -37.81
C SER F 56 -39.99 -17.65 -39.17
N MET F 57 -40.65 -18.79 -39.23
CA MET F 57 -41.03 -19.41 -40.52
C MET F 57 -42.00 -18.48 -41.28
N GLU F 58 -42.94 -17.88 -40.55
CA GLU F 58 -43.91 -16.94 -41.16
C GLU F 58 -43.19 -15.69 -41.68
N LYS F 59 -42.28 -15.13 -40.90
CA LYS F 59 -41.54 -13.92 -41.33
C LYS F 59 -40.68 -14.25 -42.56
N MET F 60 -40.08 -15.44 -42.60
CA MET F 60 -39.22 -15.82 -43.70
C MET F 60 -40.04 -16.06 -44.99
N GLY F 61 -41.31 -16.47 -44.86
CA GLY F 61 -42.08 -16.94 -45.99
C GLY F 61 -41.66 -18.31 -46.48
N ALA F 62 -41.08 -19.14 -45.60
CA ALA F 62 -40.72 -20.49 -45.98
C ALA F 62 -41.98 -21.35 -46.22
N ASN F 63 -41.86 -22.31 -47.14
CA ASN F 63 -42.92 -23.28 -47.46
C ASN F 63 -42.76 -24.64 -46.77
N THR F 64 -41.56 -24.88 -46.23
CA THR F 64 -41.23 -26.22 -45.73
C THR F 64 -40.29 -26.04 -44.52
N LEU F 65 -40.59 -26.72 -43.43
CA LEU F 65 -39.74 -26.71 -42.21
C LEU F 65 -39.03 -28.02 -42.06
N SER F 66 -37.70 -27.92 -41.90
CA SER F 66 -36.85 -29.09 -41.53
C SER F 66 -36.68 -29.09 -40.00
N ILE F 67 -36.94 -30.23 -39.37
CA ILE F 67 -36.91 -30.26 -37.89
C ILE F 67 -36.53 -31.68 -37.51
N PRO F 68 -35.67 -31.84 -36.44
CA PRO F 68 -35.34 -33.21 -36.02
C PRO F 68 -36.48 -34.01 -35.45
N VAL F 69 -36.43 -35.33 -35.68
CA VAL F 69 -37.16 -36.31 -34.82
C VAL F 69 -36.08 -37.27 -34.35
N ALA F 70 -35.85 -37.26 -33.04
CA ALA F 70 -34.73 -37.97 -32.45
C ALA F 70 -35.12 -39.37 -32.02
N TRP F 71 -34.23 -40.31 -32.22
CA TRP F 71 -34.39 -41.69 -31.68
C TRP F 71 -34.59 -41.66 -30.17
N GLU F 72 -33.83 -40.81 -29.45
CA GLU F 72 -34.00 -40.77 -27.96
C GLU F 72 -35.40 -40.35 -27.56
N GLN F 73 -36.11 -39.56 -28.39
CA GLN F 73 -37.44 -39.06 -27.97
C GLN F 73 -38.50 -40.04 -28.43
N ILE F 74 -38.31 -40.79 -29.49
CA ILE F 74 -39.41 -41.72 -29.93
C ILE F 74 -39.28 -43.08 -29.25
N GLU F 75 -38.07 -43.45 -28.79
CA GLU F 75 -37.88 -44.77 -28.13
C GLU F 75 -37.05 -44.60 -26.88
N PRO F 76 -37.53 -43.89 -25.87
CA PRO F 76 -36.67 -43.52 -24.74
C PRO F 76 -36.31 -44.74 -23.89
N VAL F 77 -37.20 -45.72 -23.88
CA VAL F 77 -36.97 -47.06 -23.26
C VAL F 77 -37.23 -48.08 -24.37
N GLU F 78 -36.43 -49.11 -24.50
CA GLU F 78 -36.52 -50.04 -25.64
C GLU F 78 -37.95 -50.62 -25.75
N GLY F 79 -38.48 -50.49 -26.96
CA GLY F 79 -39.81 -51.03 -27.29
C GLY F 79 -40.98 -50.16 -26.84
N GLN F 80 -40.71 -49.04 -26.17
CA GLN F 80 -41.74 -48.13 -25.60
C GLN F 80 -41.74 -46.85 -26.47
N PHE F 81 -42.55 -46.82 -27.50
CA PHE F 81 -42.54 -45.72 -28.50
C PHE F 81 -43.40 -44.56 -28.04
N ASP F 82 -42.98 -43.37 -28.44
CA ASP F 82 -43.60 -42.10 -28.04
C ASP F 82 -43.53 -41.20 -29.26
N PHE F 83 -44.68 -40.99 -29.90
CA PHE F 83 -44.81 -40.12 -31.06
C PHE F 83 -45.55 -38.84 -30.69
N SER F 84 -45.59 -38.47 -29.42
CA SER F 84 -46.30 -37.27 -29.00
C SER F 84 -45.79 -36.01 -29.68
N PHE F 85 -44.50 -35.90 -29.92
CA PHE F 85 -43.95 -34.71 -30.57
C PHE F 85 -44.39 -34.68 -32.04
N VAL F 86 -44.38 -35.83 -32.69
CA VAL F 86 -44.76 -35.87 -34.13
C VAL F 86 -46.25 -35.56 -34.25
N ASP F 87 -47.06 -35.94 -33.27
CA ASP F 87 -48.49 -35.60 -33.33
C ASP F 87 -48.65 -34.08 -33.33
N VAL F 88 -48.04 -33.38 -32.39
CA VAL F 88 -48.17 -31.89 -32.22
C VAL F 88 -47.59 -31.21 -33.46
N LEU F 89 -46.43 -31.68 -33.88
CA LEU F 89 -45.77 -31.08 -35.06
C LEU F 89 -46.65 -31.15 -36.29
N LEU F 90 -47.22 -32.31 -36.56
CA LEU F 90 -48.07 -32.47 -37.78
C LEU F 90 -49.26 -31.55 -37.66
N LYS F 91 -49.90 -31.48 -36.49
CA LYS F 91 -51.14 -30.68 -36.32
C LYS F 91 -50.77 -29.21 -36.57
N GLU F 92 -49.64 -28.75 -35.99
CA GLU F 92 -49.30 -27.31 -36.05
C GLU F 92 -48.86 -26.92 -37.47
N ALA F 93 -48.15 -27.81 -38.19
CA ALA F 93 -47.68 -27.57 -39.56
C ALA F 93 -48.92 -27.43 -40.44
N ARG F 94 -49.85 -28.32 -40.24
CA ARG F 94 -51.08 -28.32 -41.07
C ARG F 94 -51.87 -27.02 -40.86
N GLN F 95 -51.96 -26.54 -39.62
N GLN F 95 -51.97 -26.56 -39.61
CA GLN F 95 -52.69 -25.28 -39.26
CA GLN F 95 -52.64 -25.28 -39.22
C GLN F 95 -52.05 -24.09 -39.98
C GLN F 95 -52.07 -24.13 -40.07
N ARG F 96 -50.74 -24.17 -40.25
CA ARG F 96 -50.00 -23.13 -40.95
C ARG F 96 -49.81 -23.35 -42.43
N LYS F 97 -50.33 -24.45 -42.93
CA LYS F 97 -50.32 -24.82 -44.34
C LYS F 97 -48.90 -24.81 -44.83
N VAL F 98 -48.00 -25.48 -44.06
CA VAL F 98 -46.62 -25.69 -44.50
C VAL F 98 -46.33 -27.19 -44.52
N ARG F 99 -45.23 -27.54 -45.15
CA ARG F 99 -44.83 -28.93 -45.27
C ARG F 99 -43.56 -29.11 -44.41
N LEU F 100 -43.25 -30.39 -44.23
CA LEU F 100 -42.19 -30.82 -43.30
C LEU F 100 -41.18 -31.74 -43.97
N VAL F 101 -39.92 -31.55 -43.57
CA VAL F 101 -38.86 -32.55 -43.78
C VAL F 101 -38.40 -32.97 -42.36
N LEU F 102 -38.60 -34.25 -42.03
CA LEU F 102 -38.13 -34.77 -40.73
C LEU F 102 -36.69 -35.22 -40.82
N LEU F 103 -35.91 -34.90 -39.81
CA LEU F 103 -34.50 -35.27 -39.78
C LEU F 103 -34.31 -36.34 -38.72
N TRP F 104 -34.04 -37.54 -39.19
CA TRP F 104 -33.89 -38.73 -38.30
C TRP F 104 -32.51 -38.72 -37.63
N PHE F 105 -32.47 -38.21 -36.40
CA PHE F 105 -31.25 -38.13 -35.61
C PHE F 105 -31.07 -39.41 -34.79
N ALA F 106 -30.19 -40.31 -35.19
CA ALA F 106 -30.24 -41.68 -34.71
C ALA F 106 -28.80 -42.20 -34.50
N THR F 107 -28.34 -43.16 -35.33
CA THR F 107 -27.00 -43.77 -35.13
C THR F 107 -25.92 -42.69 -35.26
N TRP F 108 -26.07 -41.76 -36.23
CA TRP F 108 -25.19 -40.59 -36.34
C TRP F 108 -25.97 -39.29 -36.36
N LYS F 109 -25.44 -38.39 -35.59
CA LYS F 109 -25.77 -36.95 -35.62
C LYS F 109 -24.42 -36.28 -35.47
N ASN F 110 -23.93 -35.67 -36.55
CA ASN F 110 -22.59 -35.06 -36.53
C ASN F 110 -21.57 -36.09 -36.01
N ASN F 111 -21.57 -37.27 -36.60
CA ASN F 111 -20.57 -38.35 -36.34
C ASN F 111 -20.88 -39.14 -35.05
N ALA F 112 -21.77 -38.66 -34.19
CA ALA F 112 -21.91 -39.16 -32.81
C ALA F 112 -23.29 -39.69 -32.49
N PRO F 113 -23.43 -40.48 -31.40
CA PRO F 113 -24.70 -41.11 -31.05
C PRO F 113 -25.42 -40.32 -29.96
N HIS F 114 -25.22 -39.01 -29.83
CA HIS F 114 -25.85 -38.24 -28.72
C HIS F 114 -27.39 -38.23 -28.74
N TYR F 115 -27.98 -38.42 -29.93
CA TYR F 115 -29.44 -38.49 -30.05
C TYR F 115 -29.99 -39.91 -30.07
N ALA F 116 -29.13 -40.91 -29.86
CA ALA F 116 -29.58 -42.25 -29.66
C ALA F 116 -30.08 -42.32 -28.22
N PRO F 117 -31.03 -43.22 -27.93
CA PRO F 117 -31.47 -43.39 -26.55
C PRO F 117 -30.31 -43.70 -25.62
N ALA F 118 -30.53 -43.49 -24.32
CA ALA F 118 -29.52 -43.85 -23.30
C ALA F 118 -29.17 -45.34 -23.37
N TRP F 119 -30.14 -46.18 -23.62
CA TRP F 119 -29.97 -47.66 -23.65
C TRP F 119 -29.16 -48.07 -24.88
N VAL F 120 -28.97 -47.14 -25.80
CA VAL F 120 -28.10 -47.36 -26.98
C VAL F 120 -26.72 -46.76 -26.73
N LYS F 121 -26.64 -45.47 -26.51
CA LYS F 121 -25.38 -44.74 -26.47
C LYS F 121 -24.52 -45.12 -25.25
N LEU F 122 -25.15 -45.62 -24.17
CA LEU F 122 -24.37 -46.07 -22.97
C LEU F 122 -24.03 -47.54 -22.98
N ASP F 123 -24.39 -48.26 -24.02
CA ASP F 123 -24.14 -49.71 -24.11
C ASP F 123 -23.23 -50.03 -25.29
N ASN F 124 -21.92 -49.86 -25.04
CA ASN F 124 -20.94 -50.04 -26.12
C ASN F 124 -20.78 -51.53 -26.46
N ALA F 125 -20.98 -52.44 -25.49
CA ALA F 125 -20.86 -53.86 -25.78
C ALA F 125 -21.89 -54.28 -26.84
N ARG F 126 -23.11 -53.80 -26.72
CA ARG F 126 -24.19 -54.15 -27.67
C ARG F 126 -24.10 -53.32 -28.93
N PHE F 127 -23.71 -52.05 -28.80
CA PHE F 127 -23.74 -51.07 -29.92
C PHE F 127 -22.34 -50.43 -30.00
N PRO F 128 -21.35 -51.04 -30.69
CA PRO F 128 -19.90 -50.71 -30.60
C PRO F 128 -19.51 -49.43 -31.32
N ARG F 129 -18.57 -48.72 -30.72
CA ARG F 129 -17.89 -47.56 -31.26
C ARG F 129 -16.74 -47.95 -32.17
N VAL F 130 -16.41 -47.04 -33.04
CA VAL F 130 -15.22 -47.05 -33.89
C VAL F 130 -13.99 -47.10 -32.98
N VAL F 131 -13.09 -48.02 -33.28
CA VAL F 131 -11.81 -48.13 -32.56
C VAL F 131 -10.72 -47.64 -33.50
N LYS F 132 -9.91 -46.75 -32.99
CA LYS F 132 -8.76 -46.22 -33.72
C LYS F 132 -7.68 -47.28 -33.94
N GLU F 133 -6.75 -47.00 -34.81
CA GLU F 133 -5.63 -47.92 -35.06
C GLU F 133 -4.80 -48.14 -33.77
N ASP F 134 -4.71 -47.12 -32.89
CA ASP F 134 -3.93 -47.19 -31.62
C ASP F 134 -4.70 -47.92 -30.50
N GLY F 135 -5.93 -48.37 -30.79
CA GLY F 135 -6.80 -49.09 -29.85
C GLY F 135 -7.70 -48.18 -29.05
N ASP F 136 -7.54 -46.87 -29.10
CA ASP F 136 -8.43 -45.93 -28.34
C ASP F 136 -9.77 -45.89 -29.06
N THR F 137 -10.81 -45.55 -28.35
CA THR F 137 -12.18 -45.61 -28.87
C THR F 137 -12.71 -44.20 -29.10
N LEU F 138 -13.41 -43.98 -30.19
CA LEU F 138 -14.04 -42.64 -30.47
C LEU F 138 -15.55 -42.73 -30.21
N ASN F 139 -16.19 -41.58 -29.94
CA ASN F 139 -17.64 -41.60 -29.64
C ASN F 139 -18.37 -41.46 -31.02
N SER F 140 -18.21 -42.49 -31.84
CA SER F 140 -18.79 -42.61 -33.21
C SER F 140 -19.14 -44.09 -33.42
N LEU F 141 -20.41 -44.41 -33.61
CA LEU F 141 -20.82 -45.79 -33.68
C LEU F 141 -20.34 -46.42 -34.96
N SER F 142 -19.83 -47.63 -34.85
CA SER F 142 -19.32 -48.34 -36.05
C SER F 142 -20.49 -48.72 -36.94
N PRO F 143 -20.36 -48.57 -38.26
CA PRO F 143 -21.33 -49.09 -39.22
C PRO F 143 -21.37 -50.59 -39.36
N LEU F 144 -20.41 -51.31 -38.73
CA LEU F 144 -20.45 -52.77 -38.77
C LEU F 144 -21.08 -53.34 -37.51
N GLY F 145 -21.65 -52.48 -36.68
CA GLY F 145 -22.43 -52.98 -35.55
C GLY F 145 -23.76 -53.49 -36.00
N GLN F 146 -23.94 -54.80 -36.01
CA GLN F 146 -25.19 -55.39 -36.50
C GLN F 146 -26.34 -55.09 -35.57
N ASN F 147 -26.11 -55.06 -34.28
CA ASN F 147 -27.21 -54.78 -33.32
C ASN F 147 -27.68 -53.34 -33.51
N THR F 148 -26.74 -52.45 -33.80
CA THR F 148 -27.02 -51.03 -33.93
C THR F 148 -27.92 -50.84 -35.13
N LEU F 149 -27.54 -51.41 -36.25
CA LEU F 149 -28.33 -51.31 -37.52
C LEU F 149 -29.73 -51.86 -37.27
N ALA F 150 -29.86 -53.01 -36.64
CA ALA F 150 -31.20 -53.64 -36.41
C ALA F 150 -32.07 -52.72 -35.54
N ALA F 151 -31.49 -52.09 -34.54
CA ALA F 151 -32.21 -51.26 -33.57
C ALA F 151 -32.62 -49.94 -34.22
N ASP F 152 -31.75 -49.34 -35.00
CA ASP F 152 -32.02 -48.06 -35.74
C ASP F 152 -33.18 -48.33 -36.71
N LYS F 153 -32.99 -49.32 -37.55
N LYS F 153 -33.03 -49.33 -37.56
CA LYS F 153 -34.00 -49.81 -38.50
CA LYS F 153 -34.09 -49.75 -38.49
C LYS F 153 -35.36 -50.02 -37.82
C LYS F 153 -35.42 -49.92 -37.75
N LYS F 154 -35.41 -50.67 -36.65
CA LYS F 154 -36.67 -50.97 -36.00
C LYS F 154 -37.38 -49.67 -35.63
N ALA F 155 -36.68 -48.76 -35.00
CA ALA F 155 -37.23 -47.46 -34.57
C ALA F 155 -37.64 -46.63 -35.80
N PHE F 156 -36.83 -46.62 -36.83
CA PHE F 156 -37.14 -45.84 -38.07
C PHE F 156 -38.40 -46.37 -38.74
N VAL F 157 -38.53 -47.69 -38.79
CA VAL F 157 -39.78 -48.37 -39.24
C VAL F 157 -40.96 -47.90 -38.40
N GLU F 158 -40.82 -47.77 -37.09
CA GLU F 158 -42.01 -47.36 -36.26
C GLU F 158 -42.35 -45.90 -36.61
N LEU F 159 -41.36 -45.07 -36.87
CA LEU F 159 -41.65 -43.65 -37.28
C LEU F 159 -42.40 -43.69 -38.62
N MET F 160 -41.92 -44.47 -39.57
CA MET F 160 -42.56 -44.49 -40.92
C MET F 160 -43.97 -45.11 -40.85
N LYS F 161 -44.22 -46.02 -39.93
CA LYS F 161 -45.57 -46.56 -39.73
C LYS F 161 -46.45 -45.45 -39.17
N TYR F 162 -45.92 -44.63 -38.27
CA TYR F 162 -46.67 -43.50 -37.69
C TYR F 162 -47.12 -42.59 -38.86
N LEU F 163 -46.21 -42.31 -39.79
CA LEU F 163 -46.57 -41.40 -40.92
C LEU F 163 -47.49 -42.12 -41.91
N ALA F 164 -47.30 -43.42 -42.15
CA ALA F 164 -48.19 -44.23 -42.98
C ALA F 164 -49.60 -44.09 -42.44
N LYS F 165 -49.80 -44.18 -41.15
CA LYS F 165 -51.18 -44.22 -40.58
C LYS F 165 -51.74 -42.82 -40.35
N ARG F 166 -50.87 -41.87 -40.01
CA ARG F 166 -51.29 -40.57 -39.48
C ARG F 166 -51.01 -39.38 -40.42
N ASP F 167 -50.42 -39.62 -41.57
CA ASP F 167 -50.06 -38.52 -42.48
C ASP F 167 -50.40 -38.86 -43.96
N LYS F 168 -51.66 -39.22 -44.21
CA LYS F 168 -52.06 -39.74 -45.53
C LYS F 168 -52.02 -38.65 -46.60
N ASP F 169 -52.03 -37.37 -46.23
CA ASP F 169 -51.94 -36.28 -47.24
C ASP F 169 -50.50 -35.79 -47.37
N HIS F 170 -49.56 -36.41 -46.67
CA HIS F 170 -48.11 -36.16 -46.90
C HIS F 170 -47.72 -34.76 -46.48
N THR F 171 -48.12 -34.34 -45.32
CA THR F 171 -47.56 -33.11 -44.69
C THR F 171 -46.02 -33.24 -44.67
N VAL F 172 -45.55 -34.41 -44.29
CA VAL F 172 -44.10 -34.74 -44.38
C VAL F 172 -43.83 -35.19 -45.79
N ILE F 173 -42.98 -34.43 -46.50
CA ILE F 173 -42.68 -34.73 -47.92
C ILE F 173 -41.35 -35.44 -48.13
N MET F 174 -40.47 -35.46 -47.14
CA MET F 174 -39.13 -36.09 -47.34
C MET F 174 -38.55 -36.36 -45.93
N VAL F 175 -37.68 -37.36 -45.84
CA VAL F 175 -37.04 -37.62 -44.53
C VAL F 175 -35.55 -37.72 -44.77
N GLN F 176 -34.84 -37.04 -43.91
CA GLN F 176 -33.39 -37.15 -43.85
C GLN F 176 -33.01 -38.33 -42.96
N VAL F 177 -32.19 -39.24 -43.47
CA VAL F 177 -31.78 -40.45 -42.73
C VAL F 177 -30.42 -40.20 -42.08
N GLN F 178 -30.40 -40.11 -40.72
CA GLN F 178 -29.20 -39.73 -39.97
C GLN F 178 -28.94 -38.22 -40.20
N ASN F 179 -27.86 -37.69 -39.65
CA ASN F 179 -27.45 -36.29 -39.82
C ASN F 179 -25.92 -36.21 -39.79
N GLU F 180 -25.30 -35.85 -40.92
CA GLU F 180 -23.83 -35.68 -41.05
C GLU F 180 -23.13 -36.95 -40.49
N VAL F 181 -23.39 -38.07 -41.14
CA VAL F 181 -22.69 -39.32 -40.78
C VAL F 181 -21.18 -39.12 -40.96
N GLY F 182 -20.49 -40.11 -40.40
CA GLY F 182 -19.04 -40.22 -40.59
C GLY F 182 -18.34 -40.33 -39.22
N THR F 183 -17.04 -40.14 -39.23
CA THR F 183 -16.22 -40.14 -38.02
C THR F 183 -15.20 -39.03 -38.10
N TYR F 184 -15.13 -38.24 -37.06
CA TYR F 184 -13.98 -37.33 -36.77
C TYR F 184 -12.96 -38.02 -35.90
N GLY F 185 -11.70 -37.87 -36.28
CA GLY F 185 -10.56 -38.41 -35.50
C GLY F 185 -10.03 -39.77 -35.92
N ALA F 186 -10.58 -40.42 -36.91
CA ALA F 186 -10.09 -41.67 -37.49
C ALA F 186 -10.69 -41.79 -38.88
N VAL F 187 -10.07 -42.58 -39.75
CA VAL F 187 -10.59 -42.76 -41.12
C VAL F 187 -11.67 -43.82 -41.16
N ARG F 188 -11.59 -44.86 -40.32
CA ARG F 188 -12.60 -45.95 -40.32
C ARG F 188 -12.55 -46.67 -38.98
N ASP F 189 -13.35 -47.69 -38.81
CA ASP F 189 -13.28 -48.61 -37.66
C ASP F 189 -12.11 -49.54 -37.93
N TYR F 190 -11.21 -49.62 -36.95
CA TYR F 190 -10.12 -50.57 -36.95
C TYR F 190 -10.34 -51.66 -35.90
N SER F 191 -11.54 -51.76 -35.32
CA SER F 191 -11.82 -52.87 -34.39
C SER F 191 -11.49 -54.22 -35.06
N PRO F 192 -11.30 -55.29 -34.31
CA PRO F 192 -11.14 -56.61 -34.93
C PRO F 192 -12.34 -57.01 -35.81
N MET F 193 -13.57 -56.67 -35.39
CA MET F 193 -14.77 -56.96 -36.20
C MET F 193 -14.63 -56.27 -37.57
N ALA F 194 -14.21 -55.01 -37.59
CA ALA F 194 -14.14 -54.25 -38.85
C ALA F 194 -12.98 -54.76 -39.68
N GLN F 195 -11.85 -55.04 -39.03
CA GLN F 195 -10.65 -55.50 -39.74
C GLN F 195 -10.95 -56.80 -40.48
N ALA F 196 -11.74 -57.72 -39.91
CA ALA F 196 -12.09 -59.04 -40.53
C ALA F 196 -12.86 -58.82 -41.86
N VAL F 197 -13.65 -57.76 -41.91
CA VAL F 197 -14.40 -57.34 -43.15
C VAL F 197 -13.43 -56.66 -44.11
N PHE F 198 -12.59 -55.77 -43.61
CA PHE F 198 -11.62 -55.06 -44.50
C PHE F 198 -10.62 -56.03 -45.14
N ASN F 199 -10.25 -57.09 -44.42
CA ASN F 199 -9.24 -58.07 -44.92
C ASN F 199 -9.90 -59.00 -45.96
N ALA F 200 -11.25 -59.00 -46.04
CA ALA F 200 -12.04 -59.85 -46.96
C ALA F 200 -12.18 -59.18 -48.32
N ALA F 201 -12.76 -59.93 -49.24
CA ALA F 201 -13.07 -59.50 -50.60
C ALA F 201 -14.01 -58.24 -50.57
N VAL F 202 -13.70 -57.25 -51.40
CA VAL F 202 -14.70 -56.19 -51.69
C VAL F 202 -15.91 -56.87 -52.28
N PRO F 203 -17.12 -56.56 -51.79
CA PRO F 203 -18.32 -57.15 -52.37
C PRO F 203 -18.43 -56.96 -53.90
N ASP F 204 -18.92 -58.01 -54.54
CA ASP F 204 -18.95 -58.13 -56.03
C ASP F 204 -19.79 -56.97 -56.56
N ASP F 205 -20.89 -56.61 -55.87
CA ASP F 205 -21.80 -55.58 -56.42
C ASP F 205 -21.03 -54.26 -56.58
N LEU F 206 -20.15 -53.91 -55.66
CA LEU F 206 -19.40 -52.62 -55.76
C LEU F 206 -18.34 -52.78 -56.85
N ILE F 207 -17.63 -53.92 -56.88
CA ILE F 207 -16.65 -54.17 -57.98
C ILE F 207 -17.34 -54.04 -59.37
N GLN F 208 -18.52 -54.63 -59.56
CA GLN F 208 -19.23 -54.64 -60.88
C GLN F 208 -19.62 -53.19 -61.17
N LYS F 209 -20.23 -52.51 -60.20
CA LYS F 209 -20.77 -51.15 -60.48
C LYS F 209 -19.63 -50.19 -60.81
N LEU F 210 -18.48 -50.31 -60.17
CA LEU F 210 -17.33 -49.41 -60.45
C LEU F 210 -16.44 -49.91 -61.59
N GLN F 211 -16.66 -51.13 -62.09
N GLN F 211 -16.76 -51.09 -62.18
CA GLN F 211 -15.88 -51.72 -63.22
CA GLN F 211 -15.94 -51.81 -63.20
C GLN F 211 -14.40 -51.85 -62.82
C GLN F 211 -14.46 -51.76 -62.77
N LEU F 212 -14.14 -52.45 -61.66
CA LEU F 212 -12.76 -52.62 -61.12
C LEU F 212 -12.39 -54.11 -61.16
N LYS F 213 -11.15 -54.47 -60.84
CA LYS F 213 -10.68 -55.88 -60.71
C LYS F 213 -11.06 -56.33 -59.29
N PRO F 214 -11.56 -57.58 -59.10
CA PRO F 214 -11.84 -58.07 -57.77
C PRO F 214 -10.55 -58.09 -56.93
N GLY F 215 -10.76 -58.05 -55.62
CA GLY F 215 -9.71 -58.14 -54.59
C GLY F 215 -10.26 -57.80 -53.21
N THR F 216 -9.37 -57.78 -52.23
CA THR F 216 -9.67 -57.21 -50.90
C THR F 216 -9.61 -55.67 -51.00
N TRP F 217 -10.06 -55.04 -49.94
CA TRP F 217 -10.16 -53.56 -49.88
C TRP F 217 -8.82 -52.95 -50.21
N SER F 218 -7.76 -53.47 -49.57
CA SER F 218 -6.39 -52.95 -49.76
C SER F 218 -6.01 -53.13 -51.22
N GLN F 219 -6.30 -54.30 -51.77
CA GLN F 219 -5.85 -54.61 -53.14
C GLN F 219 -6.52 -53.68 -54.12
N VAL F 220 -7.81 -53.48 -53.93
CA VAL F 220 -8.64 -52.78 -54.92
C VAL F 220 -8.41 -51.26 -54.83
N PHE F 221 -8.38 -50.70 -53.63
CA PHE F 221 -8.44 -49.22 -53.45
C PHE F 221 -7.14 -48.61 -52.92
N GLY F 222 -6.17 -49.44 -52.50
CA GLY F 222 -4.81 -48.93 -52.18
C GLY F 222 -4.90 -47.80 -51.18
N ARG F 223 -4.36 -46.62 -51.48
CA ARG F 223 -4.30 -45.53 -50.46
C ARG F 223 -5.70 -45.06 -50.05
N ASP F 224 -6.73 -45.38 -50.83
CA ASP F 224 -8.08 -44.94 -50.50
C ASP F 224 -8.83 -46.00 -49.72
N ALA F 225 -8.26 -47.18 -49.48
CA ALA F 225 -9.02 -48.29 -48.87
C ALA F 225 -9.73 -47.92 -47.59
N ASP F 226 -9.04 -47.25 -46.67
CA ASP F 226 -9.57 -47.01 -45.32
C ASP F 226 -10.84 -46.14 -45.47
N GLU F 227 -10.69 -45.03 -46.16
CA GLU F 227 -11.79 -44.04 -46.30
C GLU F 227 -12.92 -44.62 -47.16
N PHE F 228 -12.59 -45.26 -48.28
CA PHE F 228 -13.63 -45.87 -49.11
C PHE F 228 -14.36 -46.97 -48.35
N PHE F 229 -13.66 -47.70 -47.48
CA PHE F 229 -14.29 -48.76 -46.65
C PHE F 229 -15.29 -48.14 -45.72
N HIS F 230 -14.90 -47.09 -45.03
CA HIS F 230 -15.87 -46.43 -44.09
C HIS F 230 -17.09 -45.86 -44.83
N ALA F 231 -16.85 -45.19 -45.91
CA ALA F 231 -17.94 -44.66 -46.73
C ALA F 231 -18.87 -45.79 -47.17
N TYR F 232 -18.32 -46.87 -47.72
CA TYR F 232 -19.13 -47.99 -48.18
C TYR F 232 -19.94 -48.52 -47.00
N GLN F 233 -19.29 -48.81 -45.87
CA GLN F 233 -20.02 -49.45 -44.77
C GLN F 233 -21.14 -48.53 -44.27
N ILE F 234 -20.86 -47.24 -44.18
CA ILE F 234 -21.87 -46.28 -43.68
C ILE F 234 -23.01 -46.15 -44.72
N ALA F 235 -22.67 -46.10 -46.00
CA ALA F 235 -23.65 -45.99 -47.08
C ALA F 235 -24.54 -47.22 -47.01
N ARG F 236 -23.98 -48.42 -46.86
CA ARG F 236 -24.82 -49.61 -46.75
C ARG F 236 -25.74 -49.53 -45.54
N TYR F 237 -25.26 -49.06 -44.40
CA TYR F 237 -26.09 -48.94 -43.18
C TYR F 237 -27.28 -48.00 -43.47
N CYS F 238 -26.96 -46.83 -44.00
CA CYS F 238 -28.00 -45.81 -44.35
C CYS F 238 -28.98 -46.37 -45.36
N ASP F 239 -28.49 -47.07 -46.37
CA ASP F 239 -29.38 -47.65 -47.43
C ASP F 239 -30.34 -48.65 -46.78
N GLU F 240 -29.83 -49.48 -45.84
CA GLU F 240 -30.71 -50.51 -45.23
C GLU F 240 -31.80 -49.86 -44.37
N VAL F 241 -31.44 -48.84 -43.60
CA VAL F 241 -32.42 -48.06 -42.81
C VAL F 241 -33.43 -47.45 -43.79
N THR F 242 -32.94 -46.88 -44.86
CA THR F 242 -33.83 -46.27 -45.88
C THR F 242 -34.82 -47.28 -46.50
N VAL F 243 -34.31 -48.43 -46.91
CA VAL F 243 -35.11 -49.49 -47.55
C VAL F 243 -36.21 -49.89 -46.57
N ALA F 244 -35.83 -50.10 -45.33
CA ALA F 244 -36.78 -50.58 -44.34
C ALA F 244 -37.90 -49.56 -44.19
N GLY F 245 -37.54 -48.30 -44.13
CA GLY F 245 -38.53 -47.23 -43.93
C GLY F 245 -39.42 -47.09 -45.14
N LYS F 246 -38.79 -47.10 -46.32
N LYS F 246 -38.83 -47.09 -46.33
CA LYS F 246 -39.47 -46.97 -47.63
CA LYS F 246 -39.62 -46.91 -47.57
C LYS F 246 -40.48 -48.08 -47.85
C LYS F 246 -40.54 -48.10 -47.83
N ALA F 247 -40.22 -49.27 -47.31
CA ALA F 247 -41.13 -50.43 -47.45
C ALA F 247 -42.42 -50.10 -46.70
N ILE F 248 -42.35 -49.25 -45.65
CA ILE F 248 -43.57 -48.83 -44.90
C ILE F 248 -44.25 -47.69 -45.64
N LYS F 249 -43.48 -46.66 -45.95
CA LYS F 249 -44.01 -45.53 -46.77
C LYS F 249 -42.89 -45.01 -47.65
N ASN F 250 -43.14 -45.02 -48.95
CA ASN F 250 -42.13 -44.75 -49.97
C ASN F 250 -41.95 -43.23 -50.22
N LEU F 251 -41.59 -42.47 -49.16
CA LEU F 251 -41.20 -41.07 -49.28
C LEU F 251 -39.80 -40.98 -49.80
N PRO F 252 -39.47 -39.84 -50.43
CA PRO F 252 -38.09 -39.53 -50.79
C PRO F 252 -37.30 -39.45 -49.50
N MET F 253 -36.07 -39.93 -49.53
CA MET F 253 -35.16 -39.90 -48.38
C MET F 253 -33.78 -39.53 -48.87
N TYR F 254 -33.07 -38.82 -48.01
CA TYR F 254 -31.74 -38.32 -48.41
C TYR F 254 -30.77 -38.33 -47.22
N VAL F 255 -29.51 -38.07 -47.52
CA VAL F 255 -28.47 -37.88 -46.51
C VAL F 255 -27.83 -36.52 -46.73
N ASN F 256 -27.36 -35.91 -45.66
CA ASN F 256 -26.73 -34.58 -45.67
C ASN F 256 -25.26 -34.67 -45.23
N VAL F 257 -24.47 -33.89 -45.89
CA VAL F 257 -23.00 -34.06 -45.77
C VAL F 257 -22.31 -32.94 -44.99
N ALA F 258 -21.53 -33.34 -44.00
CA ALA F 258 -20.52 -32.47 -43.37
C ALA F 258 -19.40 -32.30 -44.40
N LEU F 259 -19.46 -31.21 -45.16
CA LEU F 259 -18.58 -31.13 -46.31
C LEU F 259 -17.13 -31.06 -45.88
N ARG F 260 -16.29 -31.62 -46.75
CA ARG F 260 -14.90 -31.23 -46.73
C ARG F 260 -14.71 -30.02 -47.66
N ASN F 261 -13.69 -29.25 -47.40
CA ASN F 261 -13.37 -28.10 -48.25
C ASN F 261 -13.04 -28.64 -49.62
N PRO F 262 -13.66 -28.21 -50.72
CA PRO F 262 -13.44 -28.91 -51.99
C PRO F 262 -12.12 -28.53 -52.66
N PHE F 263 -11.51 -27.43 -52.24
CA PHE F 263 -10.22 -27.04 -52.81
C PHE F 263 -9.05 -27.58 -51.96
N ASN F 264 -9.17 -27.57 -50.64
CA ASN F 264 -8.07 -27.79 -49.65
C ASN F 264 -8.66 -28.66 -48.54
N PRO F 265 -9.06 -29.91 -48.81
CA PRO F 265 -9.82 -30.72 -47.85
C PRO F 265 -9.06 -31.12 -46.58
N GLY F 266 -7.75 -31.21 -46.65
CA GLY F 266 -7.03 -31.95 -45.60
C GLY F 266 -7.36 -33.43 -45.60
N LEU F 267 -7.16 -34.10 -44.47
CA LEU F 267 -7.24 -35.57 -44.45
C LEU F 267 -8.55 -36.04 -43.84
N PRO F 268 -9.01 -37.22 -44.27
CA PRO F 268 -10.19 -37.83 -43.70
C PRO F 268 -9.95 -38.16 -42.21
N GLY F 269 -10.96 -37.77 -41.44
CA GLY F 269 -10.96 -37.71 -39.98
C GLY F 269 -10.66 -36.32 -39.45
N GLN F 270 -9.98 -35.47 -40.22
CA GLN F 270 -10.00 -34.00 -39.94
C GLN F 270 -11.38 -33.51 -40.37
N TYR F 271 -11.74 -33.82 -41.59
CA TYR F 271 -13.16 -33.80 -41.97
C TYR F 271 -13.82 -35.11 -41.56
N SER F 272 -15.15 -35.13 -41.66
CA SER F 272 -15.95 -36.27 -41.20
C SER F 272 -15.80 -37.41 -42.21
N SER F 273 -14.96 -38.39 -41.94
CA SER F 273 -14.64 -39.47 -42.87
C SER F 273 -15.90 -40.30 -43.06
N GLY F 274 -16.14 -40.73 -44.29
CA GLY F 274 -17.12 -41.75 -44.60
C GLY F 274 -18.47 -41.14 -44.97
N GLY F 275 -18.69 -39.84 -44.62
CA GLY F 275 -19.85 -39.12 -45.20
C GLY F 275 -19.71 -38.95 -46.69
N GLY F 276 -20.75 -38.42 -47.33
CA GLY F 276 -20.78 -38.26 -48.80
C GLY F 276 -19.94 -37.11 -49.33
N THR F 277 -18.69 -37.02 -48.89
CA THR F 277 -17.77 -35.99 -49.40
C THR F 277 -17.52 -36.21 -50.90
N ASP F 278 -16.96 -35.20 -51.55
CA ASP F 278 -16.95 -35.17 -53.04
C ASP F 278 -16.13 -36.31 -53.63
N ASN F 279 -15.17 -36.82 -52.85
CA ASN F 279 -14.28 -37.89 -53.31
C ASN F 279 -14.88 -39.28 -53.13
N VAL F 280 -15.99 -39.41 -52.44
CA VAL F 280 -16.62 -40.74 -52.21
C VAL F 280 -18.02 -40.73 -52.77
N LEU F 281 -18.39 -39.72 -53.55
CA LEU F 281 -19.76 -39.77 -54.09
C LEU F 281 -19.97 -41.02 -54.94
N HIS F 282 -18.97 -41.46 -55.67
CA HIS F 282 -19.10 -42.69 -56.49
C HIS F 282 -19.32 -43.90 -55.61
N ILE F 283 -18.71 -43.94 -54.41
CA ILE F 283 -18.89 -45.09 -53.51
C ILE F 283 -20.34 -45.05 -53.02
N TRP F 284 -20.76 -43.88 -52.56
CA TRP F 284 -22.12 -43.72 -51.97
C TRP F 284 -23.20 -44.04 -53.02
N LYS F 285 -23.01 -43.60 -54.26
CA LYS F 285 -23.97 -43.92 -55.33
C LYS F 285 -24.04 -45.41 -55.61
N ALA F 286 -22.91 -46.10 -55.63
CA ALA F 286 -22.93 -47.56 -55.93
C ALA F 286 -23.47 -48.32 -54.73
N ALA F 287 -23.16 -47.87 -53.51
CA ALA F 287 -23.48 -48.63 -52.27
C ALA F 287 -24.93 -48.43 -51.83
N ALA F 288 -25.53 -47.32 -52.20
CA ALA F 288 -26.82 -46.88 -51.58
C ALA F 288 -27.79 -46.46 -52.67
N PRO F 289 -28.23 -47.39 -53.52
CA PRO F 289 -29.15 -47.03 -54.62
C PRO F 289 -30.55 -46.65 -54.18
N ASN F 290 -30.91 -46.88 -52.92
CA ASN F 290 -32.26 -46.51 -52.42
C ASN F 290 -32.30 -45.11 -51.81
N ILE F 291 -31.17 -44.46 -51.61
CA ILE F 291 -31.09 -43.10 -51.06
C ILE F 291 -31.26 -42.15 -52.25
N ASP F 292 -32.26 -41.26 -52.18
CA ASP F 292 -32.60 -40.45 -53.37
C ASP F 292 -31.56 -39.44 -53.76
N LEU F 293 -30.96 -38.75 -52.79
CA LEU F 293 -29.94 -37.76 -53.14
C LEU F 293 -29.00 -37.55 -51.94
N ILE F 294 -27.88 -36.94 -52.22
CA ILE F 294 -26.81 -36.63 -51.24
C ILE F 294 -26.70 -35.09 -51.24
N ALA F 295 -27.04 -34.45 -50.11
CA ALA F 295 -27.26 -33.01 -50.00
C ALA F 295 -26.11 -32.37 -49.28
N PRO F 296 -25.55 -31.29 -49.80
CA PRO F 296 -24.52 -30.52 -49.07
C PRO F 296 -25.08 -29.64 -47.96
N ASP F 297 -24.32 -29.51 -46.89
CA ASP F 297 -24.54 -28.61 -45.71
C ASP F 297 -23.49 -27.52 -45.81
N ILE F 298 -23.88 -26.35 -46.33
CA ILE F 298 -22.93 -25.31 -46.77
C ILE F 298 -22.74 -24.24 -45.70
N TYR F 299 -21.53 -24.13 -45.17
CA TYR F 299 -21.19 -23.08 -44.20
C TYR F 299 -19.98 -22.26 -44.67
N PHE F 300 -19.48 -22.57 -45.88
CA PHE F 300 -18.43 -21.74 -46.51
C PHE F 300 -19.09 -20.43 -46.94
N ARG F 301 -18.53 -19.31 -46.62
CA ARG F 301 -19.21 -18.02 -46.91
C ARG F 301 -18.83 -17.53 -48.30
N ASP F 302 -17.62 -17.88 -48.77
CA ASP F 302 -17.04 -17.23 -49.95
C ASP F 302 -17.60 -17.84 -51.25
N TYR F 303 -17.80 -16.96 -52.20
CA TYR F 303 -18.47 -17.29 -53.45
C TYR F 303 -17.78 -18.44 -54.22
N LYS F 304 -16.45 -18.40 -54.34
CA LYS F 304 -15.77 -19.41 -55.13
C LYS F 304 -15.94 -20.80 -54.51
N THR F 305 -15.88 -20.91 -53.17
CA THR F 305 -16.05 -22.26 -52.53
C THR F 305 -17.51 -22.73 -52.63
N VAL F 306 -18.45 -21.82 -52.33
CA VAL F 306 -19.86 -22.24 -52.43
C VAL F 306 -20.16 -22.64 -53.84
N SER F 307 -19.68 -21.84 -54.81
CA SER F 307 -19.96 -22.21 -56.21
C SER F 307 -19.39 -23.61 -56.52
N LYS F 308 -18.15 -23.88 -56.07
CA LYS F 308 -17.60 -25.22 -56.36
C LYS F 308 -18.44 -26.35 -55.73
N VAL F 309 -18.95 -26.13 -54.50
CA VAL F 309 -19.78 -27.19 -53.86
C VAL F 309 -21.04 -27.39 -54.71
N LEU F 310 -21.68 -26.27 -55.13
CA LEU F 310 -22.88 -26.46 -55.96
C LEU F 310 -22.59 -27.22 -57.26
N GLU F 311 -21.42 -27.00 -57.85
CA GLU F 311 -20.97 -27.76 -59.05
C GLU F 311 -20.83 -29.24 -58.72
N LEU F 312 -20.11 -29.54 -57.66
CA LEU F 312 -19.81 -30.94 -57.32
C LEU F 312 -21.09 -31.72 -57.00
N TYR F 313 -22.08 -31.08 -56.34
CA TYR F 313 -23.21 -31.87 -55.84
C TYR F 313 -24.36 -31.83 -56.83
N THR F 314 -24.23 -31.06 -57.90
CA THR F 314 -25.25 -31.16 -58.96
C THR F 314 -24.75 -32.04 -60.11
N ARG F 315 -25.32 -33.22 -60.18
CA ARG F 315 -24.90 -34.31 -61.06
C ARG F 315 -26.09 -34.91 -61.81
N PRO F 316 -25.84 -35.58 -62.94
CA PRO F 316 -26.92 -36.30 -63.58
C PRO F 316 -27.53 -37.32 -62.62
N ASP F 317 -26.70 -37.87 -61.73
CA ASP F 317 -27.19 -38.86 -60.75
C ASP F 317 -27.50 -38.23 -59.38
N ASN F 318 -27.55 -36.92 -59.27
CA ASN F 318 -27.74 -36.29 -57.95
C ASN F 318 -28.46 -34.97 -58.09
N ALA F 319 -29.71 -34.94 -57.65
CA ALA F 319 -30.45 -33.69 -57.52
C ALA F 319 -29.71 -32.83 -56.50
N LEU F 320 -29.72 -31.55 -56.70
CA LEU F 320 -29.17 -30.54 -55.78
C LEU F 320 -30.22 -30.08 -54.75
N PHE F 321 -29.97 -30.39 -53.50
CA PHE F 321 -30.79 -29.87 -52.40
C PHE F 321 -29.79 -29.28 -51.42
N VAL F 322 -29.86 -27.99 -51.15
CA VAL F 322 -29.00 -27.32 -50.15
C VAL F 322 -29.71 -27.52 -48.82
N ALA F 323 -29.42 -28.66 -48.18
CA ALA F 323 -30.20 -29.11 -47.00
C ALA F 323 -29.94 -28.24 -45.77
N GLU F 324 -28.77 -27.62 -45.75
CA GLU F 324 -28.42 -26.62 -44.75
C GLU F 324 -27.57 -25.59 -45.40
N ILE F 325 -27.76 -24.37 -45.01
CA ILE F 325 -26.83 -23.29 -45.32
C ILE F 325 -26.81 -22.32 -44.16
N GLY F 326 -25.67 -21.69 -43.93
CA GLY F 326 -25.60 -20.65 -42.88
C GLY F 326 -26.67 -19.59 -42.99
N ASN F 327 -27.03 -19.02 -41.86
CA ASN F 327 -28.11 -18.03 -41.79
C ASN F 327 -27.60 -16.59 -41.75
N ASP F 328 -26.31 -16.36 -41.91
CA ASP F 328 -25.76 -15.03 -42.00
C ASP F 328 -26.10 -14.41 -43.36
N GLN F 329 -26.11 -13.10 -43.40
CA GLN F 329 -26.53 -12.35 -44.62
C GLN F 329 -25.86 -12.85 -45.88
N PRO F 330 -24.53 -13.13 -45.92
CA PRO F 330 -23.90 -13.45 -47.21
C PRO F 330 -24.51 -14.65 -47.92
N PHE F 331 -25.14 -15.55 -47.16
CA PHE F 331 -25.60 -16.81 -47.70
C PHE F 331 -26.93 -16.72 -48.48
N ALA F 332 -27.65 -15.61 -48.28
CA ALA F 332 -28.98 -15.59 -48.87
C ALA F 332 -28.91 -15.65 -50.41
N ARG F 333 -27.91 -14.94 -50.94
CA ARG F 333 -27.84 -14.77 -52.41
C ARG F 333 -27.56 -16.10 -53.10
N TYR F 334 -27.10 -17.13 -52.37
CA TYR F 334 -26.83 -18.46 -52.95
C TYR F 334 -28.11 -19.21 -53.34
N LEU F 335 -29.29 -18.66 -52.93
CA LEU F 335 -30.54 -19.23 -53.44
C LEU F 335 -30.53 -19.16 -54.99
N PHE F 336 -29.96 -18.09 -55.54
CA PHE F 336 -30.08 -17.86 -56.99
C PHE F 336 -29.35 -18.92 -57.79
N PRO F 337 -28.01 -19.15 -57.57
CA PRO F 337 -27.35 -20.23 -58.29
C PRO F 337 -27.95 -21.61 -57.95
N THR F 338 -28.35 -21.79 -56.69
CA THR F 338 -28.95 -23.08 -56.33
C THR F 338 -30.11 -23.39 -57.27
N LEU F 339 -30.98 -22.39 -57.44
CA LEU F 339 -32.18 -22.60 -58.36
C LEU F 339 -31.70 -22.70 -59.80
N GLY F 340 -30.77 -21.87 -60.17
CA GLY F 340 -30.26 -21.89 -61.56
C GLY F 340 -29.59 -23.20 -61.99
N LYS F 341 -29.09 -23.98 -61.04
CA LYS F 341 -28.51 -25.31 -61.29
C LYS F 341 -29.62 -26.37 -61.41
N GLY F 342 -30.87 -25.98 -61.21
CA GLY F 342 -31.98 -26.93 -61.17
C GLY F 342 -32.23 -27.51 -59.77
N GLY F 343 -31.74 -26.82 -58.75
CA GLY F 343 -31.92 -27.27 -57.37
C GLY F 343 -33.39 -27.41 -56.99
N ILE F 344 -33.65 -28.37 -56.14
CA ILE F 344 -35.00 -28.67 -55.66
C ILE F 344 -35.32 -27.90 -54.38
N GLY F 345 -34.31 -27.33 -53.75
CA GLY F 345 -34.53 -26.64 -52.49
C GLY F 345 -33.33 -26.05 -51.82
N PHE F 346 -33.58 -25.33 -50.75
CA PHE F 346 -32.61 -24.43 -50.09
C PHE F 346 -33.13 -24.14 -48.72
N SER F 347 -32.33 -24.48 -47.69
CA SER F 347 -32.85 -24.47 -46.29
C SER F 347 -31.80 -23.87 -45.33
N PRO F 348 -31.92 -22.56 -45.01
CA PRO F 348 -31.08 -21.94 -44.00
C PRO F 348 -31.27 -22.58 -42.62
N PHE F 349 -30.14 -22.72 -41.93
CA PHE F 349 -30.11 -23.41 -40.63
C PHE F 349 -30.15 -22.41 -39.49
N GLY F 350 -30.98 -22.78 -38.49
CA GLY F 350 -31.04 -22.06 -37.23
C GLY F 350 -32.07 -20.94 -37.20
N MET F 351 -33.16 -21.16 -37.97
CA MET F 351 -34.19 -20.08 -38.11
C MET F 351 -35.26 -20.23 -37.01
N ASP F 352 -34.85 -20.02 -35.76
CA ASP F 352 -35.79 -20.01 -34.64
C ASP F 352 -35.28 -19.08 -33.55
N ASP F 353 -36.18 -18.75 -32.61
CA ASP F 353 -35.92 -17.81 -31.53
C ASP F 353 -35.72 -18.56 -30.20
N THR F 354 -35.04 -19.68 -30.25
CA THR F 354 -34.76 -20.48 -29.03
C THR F 354 -33.42 -20.09 -28.38
N ASP F 355 -32.95 -18.87 -28.60
CA ASP F 355 -31.81 -18.26 -27.87
C ASP F 355 -30.53 -19.03 -28.20
N TYR F 356 -30.29 -19.22 -29.48
CA TYR F 356 -29.03 -19.84 -29.92
C TYR F 356 -28.64 -19.33 -31.29
N THR F 357 -27.35 -19.02 -31.49
N THR F 357 -27.35 -19.15 -31.49
CA THR F 357 -26.74 -18.81 -32.83
CA THR F 357 -26.86 -18.98 -32.86
C THR F 357 -25.54 -19.76 -32.98
C THR F 357 -25.55 -19.73 -33.00
N ASN F 358 -25.33 -20.34 -34.17
CA ASN F 358 -24.15 -21.10 -34.45
C ASN F 358 -23.03 -20.24 -35.01
N TYR F 359 -23.07 -18.93 -34.85
CA TYR F 359 -21.94 -18.04 -35.14
C TYR F 359 -20.73 -18.67 -34.44
N PRO F 360 -19.61 -18.92 -35.14
CA PRO F 360 -19.19 -18.26 -36.36
C PRO F 360 -19.74 -18.80 -37.70
N LEU F 361 -20.47 -19.88 -37.70
CA LEU F 361 -21.00 -20.46 -38.95
C LEU F 361 -22.13 -19.57 -39.45
N GLY F 362 -23.03 -19.19 -38.58
CA GLY F 362 -24.16 -18.35 -38.99
C GLY F 362 -24.11 -16.95 -38.45
N ALA F 363 -25.27 -16.29 -38.34
CA ALA F 363 -25.34 -14.87 -37.97
C ALA F 363 -24.91 -14.66 -36.50
N LYS F 364 -24.16 -13.65 -36.20
CA LYS F 364 -23.76 -13.31 -34.83
C LYS F 364 -24.98 -13.02 -33.95
N VAL F 365 -25.97 -12.35 -34.51
CA VAL F 365 -27.23 -11.98 -33.86
C VAL F 365 -28.38 -12.54 -34.68
N TYR F 366 -29.31 -13.17 -33.98
CA TYR F 366 -30.56 -13.66 -34.59
C TYR F 366 -31.70 -12.71 -34.23
N ASN F 367 -32.11 -11.97 -35.24
CA ASN F 367 -33.25 -11.02 -35.06
C ASN F 367 -34.05 -10.85 -36.37
N ASP F 368 -35.05 -9.97 -36.36
CA ASP F 368 -35.88 -9.79 -37.57
C ASP F 368 -35.06 -9.47 -38.84
N GLU F 369 -33.97 -8.72 -38.69
CA GLU F 369 -33.09 -8.39 -39.83
C GLU F 369 -32.46 -9.66 -40.40
N THR F 370 -32.04 -10.57 -39.53
CA THR F 370 -31.46 -11.83 -39.97
C THR F 370 -32.42 -12.57 -40.90
N ILE F 371 -33.65 -12.69 -40.46
CA ILE F 371 -34.68 -13.44 -41.19
C ILE F 371 -34.99 -12.67 -42.52
N GLU F 372 -35.07 -11.34 -42.44
CA GLU F 372 -35.44 -10.49 -43.63
C GLU F 372 -34.50 -10.73 -44.83
N GLN F 373 -33.22 -10.98 -44.56
CA GLN F 373 -32.31 -11.20 -45.70
C GLN F 373 -32.79 -12.39 -46.58
N PHE F 374 -33.31 -13.46 -45.98
CA PHE F 374 -33.90 -14.61 -46.65
C PHE F 374 -35.29 -14.23 -47.14
N ALA F 375 -36.09 -13.58 -46.30
CA ALA F 375 -37.45 -13.26 -46.76
C ALA F 375 -37.46 -12.46 -48.06
N GLN F 376 -36.48 -11.58 -48.20
CA GLN F 376 -36.45 -10.76 -49.45
C GLN F 376 -36.20 -11.59 -50.70
N VAL F 377 -35.35 -12.61 -50.62
CA VAL F 377 -35.10 -13.44 -51.78
C VAL F 377 -36.18 -14.46 -51.98
N TYR F 378 -36.77 -14.99 -50.92
CA TYR F 378 -37.89 -15.92 -51.09
C TYR F 378 -39.09 -15.21 -51.79
N ARG F 379 -39.30 -13.94 -51.49
CA ARG F 379 -40.42 -13.17 -52.12
C ARG F 379 -40.29 -13.15 -53.65
N LEU F 380 -39.10 -13.36 -54.23
CA LEU F 380 -38.94 -13.43 -55.67
C LEU F 380 -39.47 -14.72 -56.23
N VAL F 381 -39.36 -15.81 -55.46
CA VAL F 381 -39.63 -17.17 -55.95
C VAL F 381 -41.06 -17.62 -55.59
N ASN F 382 -41.50 -17.33 -54.35
CA ASN F 382 -42.81 -17.80 -53.85
C ASN F 382 -43.90 -17.48 -54.85
N PRO F 383 -43.99 -16.27 -55.45
CA PRO F 383 -45.14 -16.03 -56.31
C PRO F 383 -45.19 -16.83 -57.61
N MET F 384 -44.09 -17.48 -57.96
CA MET F 384 -43.98 -18.33 -59.14
C MET F 384 -43.42 -19.71 -58.80
N MET F 385 -43.62 -20.18 -57.58
CA MET F 385 -42.89 -21.37 -57.16
C MET F 385 -43.21 -22.53 -58.08
N ARG F 386 -44.48 -22.83 -58.34
CA ARG F 386 -44.79 -24.05 -59.13
C ARG F 386 -44.33 -23.86 -60.59
N GLU F 387 -44.53 -22.64 -61.12
CA GLU F 387 -44.12 -22.41 -62.53
C GLU F 387 -42.61 -22.61 -62.69
N TRP F 388 -41.89 -21.93 -61.83
CA TRP F 388 -40.42 -22.06 -61.77
C TRP F 388 -40.02 -23.53 -61.68
N ALA F 389 -40.63 -24.24 -60.74
CA ALA F 389 -40.25 -25.66 -60.55
C ALA F 389 -40.41 -26.47 -61.86
N ARG F 390 -41.50 -26.21 -62.59
N ARG F 390 -41.48 -26.20 -62.62
CA ARG F 390 -41.79 -26.87 -63.88
CA ARG F 390 -41.72 -26.94 -63.88
C ARG F 390 -40.67 -26.52 -64.87
C ARG F 390 -40.68 -26.53 -64.93
N LEU F 391 -40.37 -25.24 -64.98
CA LEU F 391 -39.35 -24.74 -65.94
C LEU F 391 -37.97 -25.33 -65.62
N SER F 392 -37.61 -25.44 -64.37
N SER F 392 -37.70 -25.49 -64.33
CA SER F 392 -36.29 -26.00 -64.03
CA SER F 392 -36.40 -25.95 -63.76
C SER F 392 -36.20 -27.45 -64.50
C SER F 392 -36.31 -27.48 -63.67
N TYR F 393 -37.27 -28.18 -64.26
CA TYR F 393 -37.22 -29.62 -64.53
C TYR F 393 -37.22 -29.91 -66.04
N GLN F 394 -38.12 -29.28 -66.74
CA GLN F 394 -38.52 -29.63 -68.13
C GLN F 394 -37.94 -28.60 -69.07
N GLY F 395 -37.58 -27.45 -68.57
CA GLY F 395 -37.00 -26.46 -69.46
C GLY F 395 -35.60 -26.01 -69.09
N GLN F 396 -35.37 -24.77 -69.53
CA GLN F 396 -34.08 -24.13 -69.37
C GLN F 396 -34.21 -22.99 -68.37
N VAL F 397 -33.34 -23.09 -67.39
CA VAL F 397 -33.16 -22.08 -66.33
C VAL F 397 -31.70 -21.68 -66.12
N TRP F 398 -31.53 -20.52 -65.54
CA TRP F 398 -30.22 -19.97 -65.17
C TRP F 398 -30.40 -19.19 -63.87
N GLY F 399 -29.31 -19.06 -63.12
CA GLY F 399 -29.32 -18.33 -61.89
C GLY F 399 -27.91 -17.90 -61.55
N VAL F 400 -27.75 -16.70 -61.07
CA VAL F 400 -26.43 -16.18 -60.69
C VAL F 400 -26.52 -15.33 -59.42
N ALA F 401 -25.42 -15.34 -58.66
CA ALA F 401 -25.23 -14.51 -57.47
C ALA F 401 -24.09 -13.54 -57.70
N GLU F 402 -24.11 -12.47 -56.95
CA GLU F 402 -23.04 -11.47 -56.98
C GLU F 402 -21.70 -12.13 -56.63
N PRO F 403 -20.71 -12.10 -57.56
CA PRO F 403 -19.58 -13.02 -57.47
C PRO F 403 -18.34 -12.53 -56.71
N LEU F 404 -18.41 -11.32 -56.19
CA LEU F 404 -17.41 -10.82 -55.20
C LEU F 404 -18.11 -10.78 -53.85
N ASP F 405 -17.39 -11.27 -52.85
CA ASP F 405 -17.80 -11.18 -51.44
C ASP F 405 -17.59 -9.73 -51.01
N SER F 406 -18.18 -9.37 -49.89
CA SER F 406 -18.02 -8.04 -49.30
C SER F 406 -16.55 -7.72 -49.09
N THR F 407 -16.16 -6.49 -49.39
CA THR F 407 -14.77 -6.03 -49.21
C THR F 407 -14.47 -6.00 -47.71
N THR F 408 -13.38 -6.60 -47.30
CA THR F 408 -12.94 -6.67 -45.90
C THR F 408 -12.38 -5.31 -45.48
N GLU F 409 -12.32 -5.05 -44.18
CA GLU F 409 -11.62 -3.84 -43.64
C GLU F 409 -10.16 -3.84 -44.10
N THR F 410 -9.53 -5.01 -44.18
CA THR F 410 -8.08 -5.15 -44.57
C THR F 410 -7.94 -4.73 -46.04
N GLN F 411 -8.90 -5.05 -46.92
CA GLN F 411 -8.87 -4.62 -48.35
C GLN F 411 -9.20 -3.12 -48.43
N LYS F 412 -10.05 -2.58 -47.55
CA LYS F 412 -10.42 -1.14 -47.58
C LYS F 412 -9.20 -0.27 -47.22
N ILE F 413 -8.45 -0.67 -46.17
CA ILE F 413 -7.18 -0.02 -45.70
C ILE F 413 -6.19 -0.09 -46.88
N TRP F 414 -5.92 -1.31 -47.33
CA TRP F 414 -4.94 -1.67 -48.38
C TRP F 414 -5.43 -1.22 -49.76
N ASN F 415 -6.05 -0.03 -49.88
CA ASN F 415 -6.71 0.45 -51.12
C ASN F 415 -7.03 1.94 -50.95
N ALA F 416 -6.95 2.45 -49.72
CA ALA F 416 -7.16 3.89 -49.41
C ALA F 416 -5.87 4.66 -49.65
N GLU F 417 -4.74 3.93 -49.72
CA GLU F 417 -3.37 4.49 -49.91
C GLU F 417 -2.85 4.10 -51.31
N ALA F 418 -3.68 3.43 -52.10
CA ALA F 418 -3.33 3.14 -53.52
C ALA F 418 -3.18 4.47 -54.25
N THR F 419 -2.30 4.56 -55.28
CA THR F 419 -2.23 5.82 -56.09
C THR F 419 -3.60 6.05 -56.73
N PRO F 420 -3.90 7.25 -57.28
CA PRO F 420 -5.08 7.43 -58.09
C PRO F 420 -5.24 6.45 -59.26
N GLU F 421 -4.14 6.19 -59.99
CA GLU F 421 -4.12 5.30 -61.19
C GLU F 421 -4.45 3.86 -60.75
N GLU F 422 -3.93 3.46 -59.59
CA GLU F 422 -4.15 2.11 -59.04
C GLU F 422 -5.63 2.01 -58.64
N LYS F 423 -6.17 3.07 -58.00
CA LYS F 423 -7.61 3.12 -57.61
C LYS F 423 -8.44 2.94 -58.90
N GLU F 424 -8.14 3.72 -59.94
CA GLU F 424 -8.90 3.66 -61.24
C GLU F 424 -8.83 2.22 -61.76
N GLN F 425 -7.64 1.60 -61.74
CA GLN F 425 -7.47 0.23 -62.30
C GLN F 425 -8.29 -0.79 -61.48
N HIS F 426 -8.30 -0.62 -60.17
CA HIS F 426 -8.99 -1.51 -59.25
C HIS F 426 -10.50 -1.42 -59.54
N LYS F 427 -11.02 -0.19 -59.71
CA LYS F 427 -12.45 -0.04 -60.08
C LYS F 427 -12.74 -0.78 -61.40
N LYS F 428 -11.89 -0.63 -62.41
CA LYS F 428 -12.11 -1.29 -63.72
C LYS F 428 -12.16 -2.80 -63.47
N ASP F 429 -11.20 -3.32 -62.71
CA ASP F 429 -11.14 -4.78 -62.52
C ASP F 429 -12.37 -5.26 -61.70
N ARG F 430 -12.79 -4.51 -60.68
N ARG F 430 -12.77 -4.52 -60.68
CA ARG F 430 -13.99 -4.93 -59.94
CA ARG F 430 -13.99 -4.86 -59.95
C ARG F 430 -15.20 -4.86 -60.88
C ARG F 430 -15.18 -4.88 -60.91
N ALA F 431 -15.32 -3.82 -61.69
CA ALA F 431 -16.48 -3.73 -62.58
C ALA F 431 -16.58 -4.99 -63.46
N SER F 432 -15.45 -5.38 -64.00
N SER F 432 -15.47 -5.43 -64.05
CA SER F 432 -15.35 -6.56 -64.86
CA SER F 432 -15.44 -6.65 -64.91
C SER F 432 -15.77 -7.83 -64.11
C SER F 432 -15.83 -7.88 -64.09
N ALA F 433 -15.30 -8.00 -62.87
CA ALA F 433 -15.61 -9.17 -62.05
C ALA F 433 -17.09 -9.19 -61.66
N LEU F 434 -17.72 -8.02 -61.60
CA LEU F 434 -19.13 -7.86 -61.22
C LEU F 434 -20.05 -7.82 -62.45
N THR F 435 -19.59 -8.37 -63.57
CA THR F 435 -20.29 -8.54 -64.84
C THR F 435 -20.27 -10.03 -65.22
N GLN F 436 -21.43 -10.62 -65.32
CA GLN F 436 -21.65 -12.01 -65.66
C GLN F 436 -22.37 -12.12 -67.00
N GLN F 437 -21.99 -13.07 -67.82
CA GLN F 437 -22.63 -13.38 -69.10
CA GLN F 437 -22.63 -13.33 -69.10
C GLN F 437 -23.38 -14.69 -68.99
N LEU F 438 -24.58 -14.73 -69.52
CA LEU F 438 -25.34 -15.96 -69.66
C LEU F 438 -25.73 -16.13 -71.12
N ASP F 439 -25.55 -17.31 -71.63
CA ASP F 439 -25.88 -17.67 -73.02
C ASP F 439 -27.27 -18.30 -73.04
N LEU F 440 -28.25 -17.56 -73.57
CA LEU F 440 -29.66 -17.98 -73.48
C LEU F 440 -30.20 -18.41 -74.86
N GLY F 441 -29.30 -18.86 -75.73
CA GLY F 441 -29.68 -19.40 -77.04
C GLY F 441 -29.47 -18.33 -78.11
N LEU F 442 -30.55 -17.73 -78.64
CA LEU F 442 -30.43 -16.61 -79.59
C LEU F 442 -30.03 -15.29 -78.93
N TRP F 443 -30.21 -15.22 -77.61
CA TRP F 443 -30.03 -14.01 -76.80
C TRP F 443 -29.09 -14.33 -75.64
N ASP F 444 -28.31 -13.36 -75.22
CA ASP F 444 -27.47 -13.45 -74.03
C ASP F 444 -28.01 -12.41 -73.04
N ALA F 445 -27.80 -12.66 -71.74
CA ALA F 445 -28.00 -11.66 -70.71
C ALA F 445 -26.66 -11.30 -70.09
N GLU F 446 -26.53 -10.06 -69.72
CA GLU F 446 -25.37 -9.54 -68.95
C GLU F 446 -25.96 -9.06 -67.61
N VAL F 447 -25.49 -9.64 -66.51
CA VAL F 447 -25.91 -9.26 -65.17
C VAL F 447 -24.80 -8.45 -64.53
N THR F 448 -25.14 -7.34 -63.94
CA THR F 448 -24.21 -6.49 -63.24
C THR F 448 -24.76 -6.08 -61.90
N TYR F 449 -23.86 -5.72 -60.98
CA TYR F 449 -24.26 -5.51 -59.57
C TYR F 449 -23.78 -4.18 -59.05
N GLY F 450 -24.71 -3.46 -58.46
CA GLY F 450 -24.43 -2.24 -57.69
C GLY F 450 -24.15 -1.02 -58.54
N ARG F 451 -25.21 -0.54 -59.17
CA ARG F 451 -25.11 0.63 -60.01
C ARG F 451 -26.49 1.29 -59.99
N PRO F 452 -26.52 2.56 -60.43
CA PRO F 452 -27.81 3.25 -60.59
C PRO F 452 -28.72 2.55 -61.56
N MET F 453 -30.00 3.02 -61.51
CA MET F 453 -31.06 2.46 -62.35
C MET F 453 -31.19 3.21 -63.70
N PHE F 454 -30.28 4.14 -63.93
CA PHE F 454 -30.29 5.08 -65.06
C PHE F 454 -28.80 5.26 -65.45
N TRP F 455 -28.54 5.33 -66.75
CA TRP F 455 -27.23 5.62 -67.35
C TRP F 455 -26.34 4.42 -67.15
N VAL F 456 -25.03 4.56 -67.40
CA VAL F 456 -24.14 3.39 -67.60
C VAL F 456 -22.88 3.46 -66.73
N THR F 457 -22.86 4.23 -65.65
CA THR F 457 -21.73 4.17 -64.72
C THR F 457 -21.45 2.70 -64.41
N PRO F 458 -20.15 2.29 -64.39
CA PRO F 458 -19.86 0.90 -64.16
C PRO F 458 -20.30 0.38 -62.80
N PRO F 459 -20.58 -0.92 -62.69
CA PRO F 459 -20.95 -1.54 -61.42
C PRO F 459 -19.80 -1.49 -60.38
N GLU F 460 -20.19 -1.29 -59.11
CA GLU F 460 -19.25 -1.17 -57.97
C GLU F 460 -19.58 -2.25 -56.91
N GLY F 461 -20.69 -2.97 -57.07
CA GLY F 461 -21.15 -4.01 -56.14
C GLY F 461 -22.06 -3.43 -55.08
N ASN F 462 -22.87 -4.32 -54.52
CA ASN F 462 -23.64 -4.00 -53.32
C ASN F 462 -22.77 -4.12 -52.06
N THR F 463 -23.15 -3.37 -51.05
CA THR F 463 -22.50 -3.42 -49.72
C THR F 463 -23.57 -3.67 -48.69
N PRO F 464 -23.63 -4.87 -48.10
CA PRO F 464 -22.86 -6.04 -48.45
C PRO F 464 -23.20 -6.70 -49.76
N ALA F 465 -22.35 -7.60 -50.22
CA ALA F 465 -22.63 -8.39 -51.42
C ALA F 465 -23.96 -9.11 -51.21
N ALA F 466 -24.88 -9.04 -52.16
CA ALA F 466 -26.24 -9.52 -51.95
C ALA F 466 -27.02 -9.84 -53.22
N GLY F 467 -26.56 -9.41 -54.40
CA GLY F 467 -27.43 -9.46 -55.58
C GLY F 467 -27.48 -10.78 -56.28
N GLY F 468 -28.50 -10.95 -57.11
CA GLY F 468 -28.54 -12.11 -57.95
C GLY F 468 -29.68 -12.03 -58.96
N ALA F 469 -29.80 -13.05 -59.79
CA ALA F 469 -30.83 -13.06 -60.84
C ALA F 469 -31.22 -14.49 -61.21
N LEU F 470 -32.48 -14.63 -61.61
CA LEU F 470 -33.09 -15.87 -62.13
C LEU F 470 -33.64 -15.59 -63.54
N ILE F 471 -33.39 -16.49 -64.47
CA ILE F 471 -33.98 -16.43 -65.83
C ILE F 471 -34.46 -17.79 -66.22
N ALA F 472 -35.63 -17.86 -66.81
CA ALA F 472 -36.16 -19.10 -67.45
C ALA F 472 -36.54 -18.81 -68.91
N GLN F 473 -36.23 -19.72 -69.79
CA GLN F 473 -36.56 -19.55 -71.19
C GLN F 473 -38.01 -20.04 -71.39
N LEU F 474 -38.83 -19.19 -72.02
CA LEU F 474 -40.22 -19.54 -72.37
C LEU F 474 -40.32 -19.98 -73.83
N ASP F 475 -39.54 -19.34 -74.70
CA ASP F 475 -39.51 -19.63 -76.15
C ASP F 475 -38.21 -19.08 -76.71
N ASP F 476 -38.04 -19.21 -78.02
CA ASP F 476 -36.81 -18.77 -78.68
C ASP F 476 -36.44 -17.34 -78.31
N ASN F 477 -37.43 -16.46 -78.18
CA ASN F 477 -37.17 -15.06 -77.96
C ASN F 477 -37.82 -14.49 -76.69
N GLU F 478 -38.21 -15.37 -75.78
CA GLU F 478 -38.98 -14.89 -74.63
C GLU F 478 -38.45 -15.57 -73.35
N TYR F 479 -38.34 -14.74 -72.33
CA TYR F 479 -37.73 -15.16 -71.04
C TYR F 479 -38.54 -14.64 -69.86
N LEU F 480 -38.55 -15.46 -68.79
CA LEU F 480 -39.03 -15.03 -67.47
C LEU F 480 -37.80 -14.55 -66.67
N VAL F 481 -37.89 -13.38 -66.03
CA VAL F 481 -36.73 -12.73 -65.39
C VAL F 481 -37.17 -12.14 -64.07
N THR F 482 -36.41 -12.47 -63.00
CA THR F 482 -36.58 -11.73 -61.75
C THR F 482 -35.16 -11.58 -61.18
N ALA F 483 -34.87 -10.48 -60.54
CA ALA F 483 -33.53 -10.27 -60.01
C ALA F 483 -33.59 -9.34 -58.82
N TYR F 484 -32.45 -9.17 -58.17
CA TYR F 484 -32.34 -8.62 -56.85
C TYR F 484 -31.04 -7.80 -56.82
N LYS F 485 -31.16 -6.51 -56.57
CA LYS F 485 -30.03 -5.60 -56.37
C LYS F 485 -29.04 -5.78 -57.55
N ALA F 486 -29.55 -5.66 -58.77
CA ALA F 486 -28.80 -6.05 -59.97
C ALA F 486 -29.45 -5.43 -61.20
N ARG F 487 -28.66 -5.34 -62.23
CA ARG F 487 -29.14 -4.97 -63.56
C ARG F 487 -28.97 -6.14 -64.53
N VAL F 488 -30.02 -6.43 -65.31
CA VAL F 488 -30.03 -7.52 -66.30
C VAL F 488 -30.25 -6.87 -67.67
N GLU F 489 -29.34 -7.10 -68.60
CA GLU F 489 -29.40 -6.51 -69.96
C GLU F 489 -29.33 -7.61 -71.01
N PHE F 490 -30.25 -7.60 -71.98
CA PHE F 490 -30.28 -8.58 -73.07
C PHE F 490 -29.59 -8.03 -74.32
N LYS F 491 -29.02 -8.96 -75.08
CA LYS F 491 -28.34 -8.66 -76.33
C LYS F 491 -28.39 -9.87 -77.20
N PRO F 492 -28.05 -9.73 -78.50
CA PRO F 492 -27.99 -10.94 -79.33
C PRO F 492 -26.86 -11.85 -78.87
N SER F 493 -27.06 -13.15 -79.04
CA SER F 493 -26.02 -14.19 -78.71
C SER F 493 -25.06 -14.37 -79.88
N GLN F 494 -25.44 -13.89 -81.03
CA GLN F 494 -24.64 -14.11 -82.26
C GLN F 494 -24.88 -12.94 -83.20
N GLU F 495 -23.97 -12.76 -84.12
CA GLU F 495 -24.08 -11.67 -85.10
C GLU F 495 -25.40 -11.83 -85.85
N LEU F 496 -26.01 -10.69 -86.15
CA LEU F 496 -27.37 -10.74 -86.80
C LEU F 496 -27.36 -10.44 -88.29
N ALA F 497 -26.21 -10.48 -88.92
CA ALA F 497 -26.13 -10.54 -90.42
C ALA F 497 -26.87 -9.36 -91.04
N GLY F 498 -26.73 -8.18 -90.48
CA GLY F 498 -27.36 -6.99 -91.06
C GLY F 498 -28.68 -6.55 -90.42
N LYS F 499 -29.29 -7.37 -89.56
N LYS F 499 -29.30 -7.38 -89.57
CA LYS F 499 -30.50 -6.96 -88.81
CA LYS F 499 -30.50 -6.97 -88.82
C LYS F 499 -30.10 -6.15 -87.57
C LYS F 499 -30.11 -6.16 -87.58
N LYS F 500 -31.08 -5.47 -87.02
CA LYS F 500 -30.91 -4.78 -85.73
C LYS F 500 -31.72 -5.53 -84.68
N PHE F 501 -31.63 -5.11 -83.46
CA PHE F 501 -32.41 -5.80 -82.41
C PHE F 501 -32.98 -4.77 -81.44
N MET F 502 -34.05 -5.17 -80.77
CA MET F 502 -34.59 -4.37 -79.64
C MET F 502 -35.31 -5.32 -78.69
N ILE F 503 -35.64 -4.78 -77.54
CA ILE F 503 -36.71 -5.33 -76.71
C ILE F 503 -38.05 -5.13 -77.48
N GLU F 504 -38.78 -6.19 -77.70
CA GLU F 504 -40.14 -6.08 -78.23
C GLU F 504 -41.11 -5.63 -77.14
N ARG F 505 -41.13 -6.33 -76.01
N ARG F 505 -41.02 -6.26 -75.99
CA ARG F 505 -41.97 -5.97 -74.88
CA ARG F 505 -41.91 -5.95 -74.88
C ARG F 505 -41.42 -6.57 -73.59
C ARG F 505 -41.40 -6.56 -73.59
N VAL F 506 -41.46 -5.78 -72.53
CA VAL F 506 -41.27 -6.27 -71.17
C VAL F 506 -42.57 -6.06 -70.39
N GLU F 507 -43.08 -7.12 -69.78
CA GLU F 507 -44.29 -7.00 -68.96
C GLU F 507 -43.90 -7.42 -67.53
N GLU F 508 -44.40 -6.69 -66.55
CA GLU F 508 -44.37 -7.15 -65.16
C GLU F 508 -45.70 -7.77 -64.86
N GLY F 509 -45.71 -8.87 -64.11
CA GLY F 509 -46.97 -9.55 -63.82
C GLY F 509 -46.81 -10.72 -62.87
N ARG F 510 -47.77 -11.60 -62.93
CA ARG F 510 -47.81 -12.68 -61.94
C ARG F 510 -48.59 -13.83 -62.50
N PHE F 511 -48.52 -14.99 -61.84
CA PHE F 511 -49.28 -16.16 -62.27
C PHE F 511 -50.43 -16.33 -61.30
N GLU F 512 -51.62 -16.43 -61.85
CA GLU F 512 -52.82 -16.76 -61.09
C GLU F 512 -53.48 -17.98 -61.75
N LYS F 513 -53.75 -19.01 -60.95
CA LYS F 513 -54.27 -20.29 -61.47
C LYS F 513 -53.43 -20.71 -62.68
N GLY F 514 -52.11 -20.54 -62.63
CA GLY F 514 -51.21 -21.02 -63.71
C GLY F 514 -51.19 -20.14 -64.96
N LYS F 515 -52.00 -19.08 -65.00
CA LYS F 515 -52.00 -18.16 -66.14
C LYS F 515 -51.32 -16.84 -65.79
N TRP F 516 -50.55 -16.33 -66.74
CA TRP F 516 -49.89 -15.01 -66.67
C TRP F 516 -50.93 -13.90 -66.65
N VAL F 517 -50.78 -13.03 -65.68
CA VAL F 517 -51.60 -11.79 -65.58
C VAL F 517 -50.66 -10.60 -65.67
N MET F 518 -50.82 -9.77 -66.69
N MET F 518 -50.85 -9.77 -66.68
CA MET F 518 -50.01 -8.54 -66.89
CA MET F 518 -50.03 -8.56 -66.85
C MET F 518 -50.48 -7.45 -65.93
C MET F 518 -50.50 -7.49 -65.86
N GLU F 519 -49.55 -6.86 -65.21
CA GLU F 519 -49.75 -5.68 -64.36
C GLU F 519 -49.39 -4.41 -65.09
N ARG F 520 -48.21 -4.35 -65.72
CA ARG F 520 -47.80 -3.13 -66.45
C ARG F 520 -46.73 -3.49 -67.45
N VAL F 521 -46.47 -2.61 -68.40
CA VAL F 521 -45.34 -2.75 -69.36
C VAL F 521 -44.20 -1.88 -68.87
N TRP F 522 -43.02 -2.49 -68.72
CA TRP F 522 -41.82 -1.68 -68.48
C TRP F 522 -41.33 -1.15 -69.83
N ASN F 523 -41.11 0.14 -69.88
CA ASN F 523 -40.61 0.77 -71.11
C ASN F 523 -39.84 2.03 -70.73
N GLY F 524 -39.36 2.79 -71.70
CA GLY F 524 -38.75 4.05 -71.42
C GLY F 524 -37.53 3.92 -70.53
N ASP F 525 -37.49 4.73 -69.52
CA ASP F 525 -36.38 4.70 -68.53
C ASP F 525 -36.23 3.30 -68.00
N GLN F 526 -37.33 2.57 -67.78
CA GLN F 526 -37.22 1.25 -67.14
C GLN F 526 -36.58 0.21 -68.06
N THR F 527 -36.41 0.46 -69.36
CA THR F 527 -35.77 -0.52 -70.24
C THR F 527 -34.62 0.09 -71.06
N ASP F 528 -34.33 1.35 -70.92
CA ASP F 528 -33.25 2.03 -71.67
C ASP F 528 -31.88 1.58 -71.15
N TRP F 529 -31.80 1.27 -69.85
CA TRP F 529 -30.50 1.07 -69.13
C TRP F 529 -30.51 -0.33 -68.52
N GLY F 530 -30.92 -1.32 -69.29
CA GLY F 530 -31.20 -2.65 -68.78
C GLY F 530 -32.44 -2.73 -67.91
N LEU F 531 -32.57 -3.85 -67.20
CA LEU F 531 -33.70 -4.12 -66.29
C LEU F 531 -33.13 -4.03 -64.90
N ASN F 532 -33.46 -3.01 -64.17
CA ASN F 532 -32.86 -2.68 -62.88
C ASN F 532 -33.79 -3.04 -61.71
N PHE F 533 -33.23 -3.88 -60.82
CA PHE F 533 -33.93 -4.47 -59.67
C PHE F 533 -33.29 -3.99 -58.36
N THR F 534 -34.12 -3.68 -57.37
CA THR F 534 -33.70 -3.25 -56.04
C THR F 534 -33.93 -4.43 -55.08
N ASP F 535 -34.52 -4.17 -53.93
CA ASP F 535 -34.82 -5.25 -53.00
C ASP F 535 -36.26 -5.69 -53.14
N ARG F 536 -37.04 -5.04 -53.98
CA ARG F 536 -38.49 -5.35 -54.09
C ARG F 536 -38.70 -6.37 -55.16
N PRO F 537 -39.70 -7.25 -55.09
CA PRO F 537 -39.93 -8.30 -56.06
C PRO F 537 -40.65 -7.82 -57.34
N HIS F 538 -40.09 -8.14 -58.50
CA HIS F 538 -40.78 -7.89 -59.78
C HIS F 538 -40.52 -9.09 -60.68
N LEU F 539 -41.58 -9.71 -61.21
CA LEU F 539 -41.47 -10.81 -62.15
C LEU F 539 -41.73 -10.26 -63.55
N LEU F 540 -40.80 -10.45 -64.48
CA LEU F 540 -40.92 -9.89 -65.84
C LEU F 540 -40.99 -10.97 -66.90
N ARG F 541 -41.79 -10.74 -67.93
CA ARG F 541 -41.66 -11.52 -69.17
C ARG F 541 -40.98 -10.60 -70.20
N VAL F 542 -39.90 -11.04 -70.78
CA VAL F 542 -39.09 -10.25 -71.69
C VAL F 542 -39.11 -10.90 -73.05
N LYS F 543 -39.64 -10.17 -74.05
N LYS F 543 -39.58 -10.12 -74.02
CA LYS F 543 -39.65 -10.69 -75.44
CA LYS F 543 -39.58 -10.60 -75.39
C LYS F 543 -38.67 -9.80 -76.25
C LYS F 543 -38.58 -9.75 -76.19
N MET F 544 -37.66 -10.42 -76.88
CA MET F 544 -36.67 -9.73 -77.70
C MET F 544 -37.01 -9.98 -79.17
N ALA F 545 -36.55 -9.04 -80.01
CA ALA F 545 -36.71 -9.20 -81.47
C ALA F 545 -35.53 -8.66 -82.27
N SER F 546 -35.17 -9.43 -83.31
CA SER F 546 -34.32 -8.94 -84.40
C SER F 546 -35.28 -8.42 -85.48
N TYR F 547 -34.86 -7.40 -86.19
CA TYR F 547 -35.70 -6.78 -87.22
C TYR F 547 -34.85 -6.29 -88.37
N SER F 548 -35.45 -6.36 -89.55
N SER F 548 -35.41 -6.34 -89.56
N SER F 548 -35.43 -6.37 -89.56
CA SER F 548 -34.82 -5.93 -90.82
CA SER F 548 -34.68 -5.98 -90.80
CA SER F 548 -34.75 -5.91 -90.80
C SER F 548 -34.77 -4.40 -90.90
C SER F 548 -34.79 -4.48 -91.05
C SER F 548 -34.75 -4.39 -90.86
N VAL F 549 -33.68 -3.86 -91.41
CA VAL F 549 -33.59 -2.44 -91.80
C VAL F 549 -33.23 -2.34 -93.28
N GLN F 550 -33.07 -3.43 -94.02
CA GLN F 550 -32.92 -3.34 -95.50
C GLN F 550 -33.85 -2.21 -95.95
N ALA G 11 -71.48 23.41 -69.77
CA ALA G 11 -70.33 23.45 -70.71
C ALA G 11 -69.22 24.32 -70.10
N ALA G 12 -68.38 23.75 -69.23
CA ALA G 12 -67.13 24.40 -68.81
C ALA G 12 -66.37 24.76 -70.09
N PRO G 13 -65.81 25.98 -70.14
CA PRO G 13 -65.04 26.40 -71.31
C PRO G 13 -63.81 25.51 -71.46
N LEU G 14 -63.43 25.25 -72.70
CA LEU G 14 -62.16 24.54 -72.93
C LEU G 14 -61.00 25.28 -72.30
N PRO G 15 -59.98 24.55 -71.79
CA PRO G 15 -58.66 25.13 -71.49
C PRO G 15 -58.10 25.79 -72.74
N GLU G 16 -57.36 26.85 -72.58
CA GLU G 16 -56.77 27.54 -73.74
C GLU G 16 -55.47 28.20 -73.30
N LEU G 17 -54.44 28.20 -74.15
CA LEU G 17 -53.28 29.06 -73.87
C LEU G 17 -53.45 30.42 -74.54
N LEU G 18 -53.49 31.48 -73.74
CA LEU G 18 -53.61 32.88 -74.22
C LEU G 18 -52.24 33.52 -74.21
N SER G 19 -52.00 34.36 -75.20
CA SER G 19 -50.78 35.18 -75.32
C SER G 19 -51.13 36.63 -75.67
N ASN G 20 -50.65 37.60 -74.89
CA ASN G 20 -50.97 39.02 -75.12
C ASN G 20 -49.89 39.90 -74.45
N ASN G 21 -49.48 41.02 -75.08
CA ASN G 21 -48.61 42.03 -74.38
C ASN G 21 -47.33 41.28 -73.94
N GLY G 22 -46.88 40.23 -74.67
CA GLY G 22 -45.63 39.46 -74.42
C GLY G 22 -45.76 38.50 -73.24
N LYS G 23 -46.91 38.49 -72.55
N LYS G 23 -47.00 38.21 -72.87
CA LYS G 23 -47.26 37.58 -71.42
CA LYS G 23 -47.36 37.50 -71.64
C LYS G 23 -48.32 36.54 -71.87
C LYS G 23 -48.34 36.40 -71.99
N HIS G 24 -48.51 35.50 -71.04
CA HIS G 24 -49.15 34.22 -71.39
C HIS G 24 -49.94 33.76 -70.19
N ALA G 25 -50.99 33.01 -70.47
CA ALA G 25 -51.80 32.33 -69.45
C ALA G 25 -52.37 31.02 -69.96
N LEU G 26 -52.32 30.01 -69.09
CA LEU G 26 -53.06 28.79 -69.34
C LEU G 26 -54.43 28.99 -68.71
N MET G 27 -55.49 29.16 -69.54
CA MET G 27 -56.82 29.26 -69.01
C MET G 27 -57.39 27.86 -68.76
N VAL G 28 -57.89 27.68 -67.54
CA VAL G 28 -58.57 26.44 -67.15
C VAL G 28 -59.84 26.87 -66.44
N ASP G 29 -60.96 26.40 -66.95
CA ASP G 29 -62.27 26.71 -66.37
C ASP G 29 -62.49 28.24 -66.40
N GLY G 30 -61.97 28.90 -67.45
CA GLY G 30 -62.27 30.32 -67.77
C GLY G 30 -61.39 31.32 -67.02
N ALA G 31 -60.32 30.90 -66.32
CA ALA G 31 -59.37 31.82 -65.67
C ALA G 31 -57.95 31.24 -65.67
N PRO G 32 -56.91 32.11 -65.54
CA PRO G 32 -55.48 31.72 -65.50
C PRO G 32 -55.32 30.61 -64.43
N TYR G 33 -54.47 29.66 -64.72
CA TYR G 33 -54.22 28.50 -63.85
C TYR G 33 -52.72 28.22 -63.83
N ILE G 34 -52.20 27.76 -62.71
CA ILE G 34 -50.79 27.33 -62.61
C ILE G 34 -50.77 25.82 -62.42
N ILE G 35 -50.02 25.12 -63.26
CA ILE G 35 -49.78 23.68 -63.04
C ILE G 35 -48.73 23.54 -61.95
N LEU G 36 -49.16 23.09 -60.80
CA LEU G 36 -48.24 22.67 -59.70
C LEU G 36 -48.21 21.16 -59.81
N GLY G 37 -47.33 20.72 -60.66
CA GLY G 37 -47.43 19.39 -61.23
C GLY G 37 -46.63 18.30 -60.60
N SER G 38 -46.89 17.09 -61.04
N SER G 38 -46.79 17.15 -61.21
CA SER G 38 -45.97 15.95 -60.85
CA SER G 38 -46.08 15.91 -60.85
C SER G 38 -46.10 15.04 -62.06
C SER G 38 -46.13 15.00 -62.07
N GLN G 39 -45.01 14.40 -62.45
CA GLN G 39 -45.05 13.42 -63.52
C GLN G 39 -44.64 12.03 -62.98
N THR G 40 -45.35 11.02 -63.42
CA THR G 40 -45.00 9.64 -63.10
C THR G 40 -43.68 9.23 -63.76
N ASN G 41 -43.10 8.17 -63.20
CA ASN G 41 -42.11 7.41 -63.95
C ASN G 41 -42.72 6.83 -65.23
N ASN G 42 -41.87 6.39 -66.14
CA ASN G 42 -42.27 6.05 -67.51
C ASN G 42 -43.07 4.79 -67.66
N SER G 43 -43.20 3.95 -66.63
CA SER G 43 -43.86 2.63 -66.75
C SER G 43 -45.06 2.59 -65.78
N SER G 44 -45.62 3.77 -65.50
CA SER G 44 -46.73 3.89 -64.52
C SER G 44 -48.09 4.06 -65.21
N ASN G 45 -48.08 3.96 -66.54
CA ASN G 45 -49.25 4.19 -67.37
C ASN G 45 -50.20 2.99 -67.44
N TYR G 46 -50.46 2.31 -66.30
CA TYR G 46 -51.31 1.11 -66.30
C TYR G 46 -52.18 1.17 -65.04
N PRO G 47 -53.41 0.66 -65.13
CA PRO G 47 -54.30 0.70 -63.99
C PRO G 47 -53.70 0.23 -62.65
N ASP G 48 -52.95 -0.86 -62.72
CA ASP G 48 -52.35 -1.45 -61.51
C ASP G 48 -51.34 -0.50 -60.85
N ALA G 49 -50.68 0.34 -61.62
CA ALA G 49 -49.62 1.20 -61.11
C ALA G 49 -50.14 2.46 -60.42
N LEU G 50 -51.40 2.83 -60.70
CA LEU G 50 -51.91 4.12 -60.24
C LEU G 50 -51.94 4.15 -58.70
N LYS G 51 -52.12 3.01 -58.02
CA LYS G 51 -52.09 3.00 -56.53
C LYS G 51 -50.72 3.43 -55.97
N ASP G 52 -49.66 3.34 -56.78
CA ASP G 52 -48.32 3.79 -56.42
C ASP G 52 -48.03 5.23 -56.84
N VAL G 53 -48.98 5.91 -57.50
CA VAL G 53 -48.87 7.30 -57.97
C VAL G 53 -49.65 8.24 -57.05
N TRP G 54 -50.93 7.91 -56.77
CA TRP G 54 -51.78 8.88 -56.07
C TRP G 54 -51.23 9.31 -54.73
N PRO G 55 -50.66 8.39 -53.89
CA PRO G 55 -50.23 8.89 -52.58
C PRO G 55 -49.18 10.00 -52.67
N SER G 56 -48.23 9.85 -53.62
CA SER G 56 -47.20 10.87 -53.79
C SER G 56 -47.83 12.20 -54.19
N MET G 57 -48.82 12.13 -55.08
N MET G 57 -48.82 12.13 -55.09
CA MET G 57 -49.45 13.40 -55.53
CA MET G 57 -49.51 13.35 -55.55
C MET G 57 -50.13 14.09 -54.35
C MET G 57 -50.14 14.08 -54.36
N GLU G 58 -50.80 13.32 -53.48
CA GLU G 58 -51.43 13.91 -52.30
C GLU G 58 -50.39 14.52 -51.35
N LYS G 59 -49.31 13.79 -51.11
CA LYS G 59 -48.25 14.28 -50.23
C LYS G 59 -47.65 15.59 -50.80
N MET G 60 -47.50 15.63 -52.13
CA MET G 60 -46.83 16.77 -52.79
C MET G 60 -47.76 18.00 -52.77
N GLY G 61 -49.09 17.78 -52.72
CA GLY G 61 -50.00 18.90 -52.89
C GLY G 61 -50.10 19.34 -54.36
N ALA G 62 -49.79 18.46 -55.29
CA ALA G 62 -49.87 18.84 -56.70
C ALA G 62 -51.32 18.92 -57.16
N ASN G 63 -51.56 19.80 -58.11
CA ASN G 63 -52.90 20.00 -58.67
C ASN G 63 -53.08 19.33 -60.03
N THR G 64 -52.01 18.83 -60.67
CA THR G 64 -52.04 18.29 -62.02
C THR G 64 -51.02 17.14 -62.08
N LEU G 65 -51.41 16.03 -62.64
CA LEU G 65 -50.59 14.86 -62.91
C LEU G 65 -50.30 14.77 -64.40
N SER G 66 -49.02 14.68 -64.74
CA SER G 66 -48.58 14.32 -66.10
C SER G 66 -48.31 12.83 -66.15
N ILE G 67 -48.83 12.12 -67.13
CA ILE G 67 -48.73 10.64 -67.19
C ILE G 67 -48.77 10.25 -68.65
N PRO G 68 -48.01 9.21 -69.04
CA PRO G 68 -48.08 8.78 -70.44
C PRO G 68 -49.40 8.13 -70.81
N VAL G 69 -49.74 8.29 -72.08
CA VAL G 69 -50.64 7.38 -72.80
C VAL G 69 -49.89 6.92 -74.02
N ALA G 70 -49.64 5.63 -74.11
CA ALA G 70 -48.74 5.07 -75.13
C ALA G 70 -49.54 4.58 -76.34
N TRP G 71 -48.99 4.89 -77.51
CA TRP G 71 -49.57 4.27 -78.72
C TRP G 71 -49.71 2.77 -78.58
N GLU G 72 -48.63 2.11 -78.12
CA GLU G 72 -48.68 0.64 -77.99
C GLU G 72 -49.84 0.13 -77.13
N GLN G 73 -50.29 0.92 -76.13
CA GLN G 73 -51.38 0.45 -75.25
C GLN G 73 -52.73 0.74 -75.89
N ILE G 74 -52.85 1.86 -76.60
CA ILE G 74 -54.20 2.20 -77.19
C ILE G 74 -54.43 1.54 -78.52
N GLU G 75 -53.40 1.12 -79.24
CA GLU G 75 -53.60 0.41 -80.54
C GLU G 75 -52.66 -0.77 -80.63
N PRO G 76 -52.81 -1.78 -79.77
CA PRO G 76 -51.83 -2.85 -79.73
C PRO G 76 -51.80 -3.68 -80.99
N VAL G 77 -52.94 -3.75 -81.67
CA VAL G 77 -53.14 -4.39 -82.98
C VAL G 77 -53.80 -3.30 -83.84
N GLU G 78 -53.33 -3.17 -85.05
CA GLU G 78 -53.78 -2.07 -85.92
C GLU G 78 -55.32 -2.09 -86.06
N GLY G 79 -55.91 -0.93 -85.79
CA GLY G 79 -57.34 -0.72 -85.89
C GLY G 79 -58.12 -1.19 -84.67
N GLN G 80 -57.46 -1.81 -83.70
CA GLN G 80 -58.14 -2.36 -82.49
C GLN G 80 -57.78 -1.51 -81.28
N PHE G 81 -58.62 -0.55 -80.97
CA PHE G 81 -58.31 0.47 -79.98
C PHE G 81 -58.73 -0.04 -78.59
N ASP G 82 -57.99 0.43 -77.61
CA ASP G 82 -58.19 0.05 -76.19
C ASP G 82 -57.94 1.27 -75.34
N PHE G 83 -58.99 1.84 -74.78
CA PHE G 83 -58.88 3.00 -73.91
C PHE G 83 -59.18 2.62 -72.47
N SER G 84 -59.01 1.34 -72.15
CA SER G 84 -59.26 0.90 -70.75
C SER G 84 -58.42 1.69 -69.70
N PHE G 85 -57.17 2.00 -70.03
CA PHE G 85 -56.30 2.75 -69.14
C PHE G 85 -56.87 4.16 -68.97
N VAL G 86 -57.20 4.82 -70.09
CA VAL G 86 -57.63 6.20 -70.00
C VAL G 86 -58.95 6.30 -69.20
N ASP G 87 -59.82 5.33 -69.34
CA ASP G 87 -61.07 5.30 -68.57
C ASP G 87 -60.81 5.32 -67.06
N VAL G 88 -59.95 4.42 -66.59
CA VAL G 88 -59.60 4.30 -65.11
C VAL G 88 -58.91 5.58 -64.67
N LEU G 89 -57.96 6.05 -65.50
CA LEU G 89 -57.18 7.26 -65.17
C LEU G 89 -58.10 8.46 -64.96
N LEU G 90 -59.01 8.67 -65.88
CA LEU G 90 -59.92 9.85 -65.80
C LEU G 90 -60.76 9.73 -64.52
N LYS G 91 -61.28 8.53 -64.24
CA LYS G 91 -62.11 8.26 -63.03
C LYS G 91 -61.38 8.56 -61.74
N GLU G 92 -60.16 8.07 -61.68
CA GLU G 92 -59.38 8.16 -60.45
C GLU G 92 -58.91 9.59 -60.24
N ALA G 93 -58.52 10.27 -61.31
CA ALA G 93 -58.09 11.68 -61.20
C ALA G 93 -59.25 12.54 -60.66
N ARG G 94 -60.44 12.31 -61.22
CA ARG G 94 -61.60 13.06 -60.77
C ARG G 94 -61.90 12.78 -59.28
N GLN G 95 -61.80 11.54 -58.86
CA GLN G 95 -62.07 11.16 -57.44
C GLN G 95 -61.12 11.94 -56.52
N ARG G 96 -59.89 12.18 -57.01
CA ARG G 96 -58.85 12.85 -56.18
C ARG G 96 -58.77 14.33 -56.45
N LYS G 97 -59.67 14.81 -57.29
CA LYS G 97 -59.83 16.26 -57.56
C LYS G 97 -58.51 16.85 -58.10
N VAL G 98 -57.93 16.18 -59.10
CA VAL G 98 -56.78 16.69 -59.80
C VAL G 98 -57.03 16.65 -61.31
N ARG G 99 -56.22 17.45 -61.98
CA ARG G 99 -56.30 17.57 -63.45
C ARG G 99 -55.17 16.76 -64.06
N LEU G 100 -55.23 16.57 -65.32
CA LEU G 100 -54.27 15.75 -66.08
C LEU G 100 -53.67 16.43 -67.29
N VAL G 101 -52.39 16.05 -67.50
CA VAL G 101 -51.70 16.33 -68.76
C VAL G 101 -51.33 14.99 -69.32
N LEU G 102 -51.88 14.58 -70.45
CA LEU G 102 -51.54 13.27 -71.03
C LEU G 102 -50.34 13.42 -71.93
N LEU G 103 -49.43 12.47 -71.87
CA LEU G 103 -48.19 12.53 -72.68
C LEU G 103 -48.29 11.44 -73.74
N TRP G 104 -48.45 11.86 -75.00
CA TRP G 104 -48.64 10.93 -76.13
C TRP G 104 -47.30 10.37 -76.58
N PHE G 105 -47.00 9.18 -76.10
CA PHE G 105 -45.72 8.49 -76.39
C PHE G 105 -45.94 7.67 -77.66
N ALA G 106 -45.39 8.14 -78.78
CA ALA G 106 -45.78 7.57 -80.09
C ALA G 106 -44.60 7.40 -81.03
N THR G 107 -44.52 8.19 -82.08
CA THR G 107 -43.44 8.10 -83.08
C THR G 107 -42.11 8.36 -82.40
N TRP G 108 -42.03 9.33 -81.50
CA TRP G 108 -40.82 9.56 -80.69
C TRP G 108 -41.15 9.55 -79.19
N LYS G 109 -40.30 8.82 -78.46
CA LYS G 109 -40.17 8.94 -77.02
C LYS G 109 -38.67 8.86 -76.78
N ASN G 110 -38.10 9.96 -76.36
CA ASN G 110 -36.63 10.09 -76.23
C ASN G 110 -35.89 9.61 -77.50
N ASN G 111 -36.35 10.12 -78.65
CA ASN G 111 -35.74 9.95 -79.99
C ASN G 111 -36.22 8.65 -80.62
N ALA G 112 -36.81 7.71 -79.89
CA ALA G 112 -37.00 6.32 -80.33
C ALA G 112 -38.47 5.88 -80.39
N PRO G 113 -38.73 4.80 -81.10
CA PRO G 113 -40.10 4.26 -81.26
C PRO G 113 -40.54 3.15 -80.30
N HIS G 114 -39.92 3.12 -79.12
CA HIS G 114 -40.19 1.99 -78.19
C HIS G 114 -41.65 1.94 -77.71
N TYR G 115 -42.36 3.06 -77.71
CA TYR G 115 -43.75 3.06 -77.24
C TYR G 115 -44.72 2.96 -78.42
N ALA G 116 -44.19 2.87 -79.64
CA ALA G 116 -45.06 2.55 -80.78
C ALA G 116 -45.43 1.07 -80.71
N PRO G 117 -46.62 0.68 -81.26
CA PRO G 117 -47.02 -0.72 -81.25
C PRO G 117 -45.97 -1.61 -81.94
N ALA G 118 -45.94 -2.90 -81.59
CA ALA G 118 -45.02 -3.84 -82.27
C ALA G 118 -45.17 -3.77 -83.80
N TRP G 119 -46.41 -3.66 -84.31
CA TRP G 119 -46.68 -3.63 -85.77
C TRP G 119 -46.21 -2.30 -86.40
N VAL G 120 -45.80 -1.32 -85.59
CA VAL G 120 -45.08 -0.13 -86.08
C VAL G 120 -43.58 -0.31 -85.94
N LYS G 121 -43.13 -0.53 -84.72
CA LYS G 121 -41.67 -0.45 -84.43
C LYS G 121 -40.87 -1.63 -85.03
N LEU G 122 -41.54 -2.71 -85.41
CA LEU G 122 -40.84 -3.85 -85.99
C LEU G 122 -40.96 -3.89 -87.50
N ASP G 123 -41.59 -2.87 -88.11
CA ASP G 123 -41.83 -2.85 -89.60
C ASP G 123 -41.14 -1.65 -90.23
N ASN G 124 -39.83 -1.76 -90.38
CA ASN G 124 -39.03 -0.67 -90.92
C ASN G 124 -39.41 -0.31 -92.35
N ALA G 125 -39.78 -1.30 -93.17
CA ALA G 125 -40.10 -0.97 -94.58
C ALA G 125 -41.28 -0.01 -94.61
N ARG G 126 -42.27 -0.28 -93.77
CA ARG G 126 -43.48 0.56 -93.75
C ARG G 126 -43.26 1.90 -93.02
N PHE G 127 -42.46 1.84 -91.95
CA PHE G 127 -42.26 2.92 -90.98
C PHE G 127 -40.76 3.10 -90.81
N PRO G 128 -40.13 3.86 -91.72
CA PRO G 128 -38.66 3.84 -91.78
C PRO G 128 -37.93 4.74 -90.81
N ARG G 129 -36.76 4.18 -90.40
CA ARG G 129 -35.81 4.83 -89.56
C ARG G 129 -34.91 5.79 -90.30
N VAL G 130 -34.37 6.72 -89.49
CA VAL G 130 -33.23 7.55 -89.85
C VAL G 130 -32.05 6.69 -90.31
N VAL G 131 -31.48 7.06 -91.43
CA VAL G 131 -30.26 6.44 -91.99
C VAL G 131 -29.14 7.45 -91.86
N LYS G 132 -28.03 7.01 -91.31
CA LYS G 132 -26.86 7.87 -91.13
C LYS G 132 -26.21 8.15 -92.51
N GLU G 133 -25.30 9.12 -92.55
CA GLU G 133 -24.62 9.49 -93.79
C GLU G 133 -23.77 8.27 -94.23
N ASP G 134 -23.38 7.36 -93.31
CA ASP G 134 -22.56 6.15 -93.64
C ASP G 134 -23.42 4.94 -94.00
N GLY G 135 -24.72 5.14 -94.04
CA GLY G 135 -25.68 4.11 -94.47
C GLY G 135 -26.14 3.19 -93.35
N ASP G 136 -25.56 3.26 -92.15
CA ASP G 136 -26.10 2.52 -91.01
C ASP G 136 -27.43 3.18 -90.55
N THR G 137 -28.25 2.38 -89.91
CA THR G 137 -29.57 2.78 -89.43
C THR G 137 -29.54 3.06 -87.93
N LEU G 138 -30.27 4.07 -87.50
CA LEU G 138 -30.54 4.42 -86.11
C LEU G 138 -31.96 4.09 -85.71
N ASN G 139 -32.14 3.79 -84.44
CA ASN G 139 -33.49 3.45 -83.92
C ASN G 139 -34.24 4.72 -83.57
N SER G 140 -34.59 5.47 -84.63
CA SER G 140 -35.22 6.78 -84.54
C SER G 140 -36.02 6.92 -85.82
N LEU G 141 -37.34 7.01 -85.71
CA LEU G 141 -38.18 7.02 -86.95
C LEU G 141 -38.00 8.33 -87.70
N SER G 142 -37.84 8.20 -89.01
CA SER G 142 -37.73 9.37 -89.89
C SER G 142 -39.00 10.22 -89.90
N PRO G 143 -38.87 11.56 -89.73
CA PRO G 143 -40.03 12.45 -89.86
C PRO G 143 -40.57 12.54 -91.30
N LEU G 144 -39.87 11.95 -92.28
CA LEU G 144 -40.34 11.97 -93.66
C LEU G 144 -41.05 10.67 -94.01
N GLY G 145 -41.26 9.77 -93.02
CA GLY G 145 -42.06 8.58 -93.28
C GLY G 145 -43.53 8.90 -93.36
N GLN G 146 -44.10 8.85 -94.53
CA GLN G 146 -45.52 9.28 -94.69
C GLN G 146 -46.49 8.29 -94.02
N ASN G 147 -46.14 7.01 -94.04
CA ASN G 147 -47.04 6.00 -93.44
C ASN G 147 -47.00 6.20 -91.92
N THR G 148 -45.83 6.53 -91.36
CA THR G 148 -45.70 6.71 -89.90
C THR G 148 -46.56 7.87 -89.47
N LEU G 149 -46.46 9.03 -90.19
CA LEU G 149 -47.28 10.20 -89.85
C LEU G 149 -48.75 9.84 -89.92
N ALA G 150 -49.19 9.16 -90.97
CA ALA G 150 -50.63 8.86 -91.12
C ALA G 150 -51.09 7.99 -89.94
N ALA G 151 -50.25 7.03 -89.57
CA ALA G 151 -50.64 6.04 -88.52
C ALA G 151 -50.65 6.70 -87.13
N ASP G 152 -49.68 7.54 -86.86
CA ASP G 152 -49.57 8.29 -85.57
C ASP G 152 -50.86 9.14 -85.49
N LYS G 153 -51.06 9.98 -86.49
CA LYS G 153 -52.22 10.90 -86.57
C LYS G 153 -53.51 10.09 -86.37
N LYS G 154 -53.66 8.93 -86.98
CA LYS G 154 -54.93 8.17 -86.86
C LYS G 154 -55.18 7.78 -85.39
N ALA G 155 -54.14 7.31 -84.71
CA ALA G 155 -54.31 6.85 -83.35
C ALA G 155 -54.53 8.03 -82.41
N PHE G 156 -53.82 9.13 -82.63
CA PHE G 156 -53.95 10.37 -81.84
C PHE G 156 -55.37 10.89 -81.95
N VAL G 157 -55.89 10.89 -83.17
CA VAL G 157 -57.30 11.26 -83.37
C VAL G 157 -58.26 10.37 -82.59
N GLU G 158 -58.02 9.07 -82.52
CA GLU G 158 -58.88 8.17 -81.68
C GLU G 158 -58.78 8.55 -80.19
N LEU G 159 -57.60 8.88 -79.69
CA LEU G 159 -57.43 9.33 -78.31
C LEU G 159 -58.24 10.59 -78.06
N MET G 160 -58.16 11.53 -78.98
CA MET G 160 -58.89 12.81 -78.82
C MET G 160 -60.39 12.60 -78.96
N LYS G 161 -60.82 11.64 -79.77
CA LYS G 161 -62.26 11.33 -79.84
C LYS G 161 -62.70 10.76 -78.48
N TYR G 162 -61.85 9.96 -77.86
CA TYR G 162 -62.22 9.38 -76.57
C TYR G 162 -62.36 10.51 -75.58
N LEU G 163 -61.45 11.48 -75.58
CA LEU G 163 -61.62 12.62 -74.62
C LEU G 163 -62.84 13.48 -74.99
N ALA G 164 -63.13 13.61 -76.28
CA ALA G 164 -64.29 14.43 -76.67
C ALA G 164 -65.56 13.84 -76.08
N LYS G 165 -65.65 12.52 -76.06
CA LYS G 165 -66.89 11.88 -75.61
C LYS G 165 -66.92 11.61 -74.13
N ARG G 166 -65.75 11.45 -73.50
CA ARG G 166 -65.69 10.93 -72.14
C ARG G 166 -65.10 11.95 -71.18
N ASP G 167 -64.73 13.15 -71.63
CA ASP G 167 -64.12 14.13 -70.72
C ASP G 167 -64.68 15.52 -70.92
N LYS G 168 -66.00 15.61 -70.79
CA LYS G 168 -66.69 16.86 -71.06
C LYS G 168 -66.37 17.99 -70.10
N ASP G 169 -65.82 17.73 -68.91
CA ASP G 169 -65.48 18.78 -67.94
C ASP G 169 -63.95 18.99 -68.02
N HIS G 170 -63.29 18.40 -69.00
CA HIS G 170 -61.86 18.68 -69.26
C HIS G 170 -60.96 18.39 -68.04
N THR G 171 -61.10 17.19 -67.51
CA THR G 171 -60.15 16.72 -66.51
C THR G 171 -58.73 16.81 -67.13
N VAL G 172 -58.59 16.37 -68.39
CA VAL G 172 -57.37 16.54 -69.19
C VAL G 172 -57.34 17.98 -69.69
N ILE G 173 -56.39 18.76 -69.22
CA ILE G 173 -56.26 20.17 -69.61
C ILE G 173 -55.30 20.47 -70.74
N MET G 174 -54.38 19.58 -71.02
CA MET G 174 -53.35 19.77 -72.06
C MET G 174 -52.82 18.37 -72.45
N VAL G 175 -52.30 18.27 -73.67
CA VAL G 175 -51.71 17.04 -74.17
C VAL G 175 -50.33 17.34 -74.72
N GLN G 176 -49.34 16.57 -74.28
CA GLN G 176 -48.03 16.65 -74.91
C GLN G 176 -47.96 15.73 -76.11
N VAL G 177 -47.53 16.26 -77.24
CA VAL G 177 -47.47 15.47 -78.50
C VAL G 177 -46.06 14.93 -78.68
N GLN G 178 -45.88 13.59 -78.58
CA GLN G 178 -44.57 12.94 -78.55
C GLN G 178 -43.87 13.28 -77.23
N ASN G 179 -42.70 12.68 -77.08
CA ASN G 179 -41.86 12.99 -75.92
C ASN G 179 -40.39 13.08 -76.36
N GLU G 180 -39.80 14.21 -76.12
CA GLU G 180 -38.37 14.46 -76.46
C GLU G 180 -38.05 13.88 -77.82
N VAL G 181 -38.60 14.55 -78.84
CA VAL G 181 -38.38 14.16 -80.26
C VAL G 181 -36.92 14.44 -80.59
N GLY G 182 -36.51 13.88 -81.71
CA GLY G 182 -35.19 14.11 -82.27
C GLY G 182 -34.47 12.83 -82.58
N THR G 183 -33.17 12.95 -82.87
CA THR G 183 -32.27 11.80 -83.09
C THR G 183 -30.95 12.01 -82.36
N TYR G 184 -30.58 10.95 -81.63
CA TYR G 184 -29.21 10.80 -81.14
C TYR G 184 -28.44 9.98 -82.18
N GLY G 185 -27.20 10.39 -82.42
CA GLY G 185 -26.25 9.65 -83.27
C GLY G 185 -26.14 10.13 -84.70
N ALA G 186 -27.00 11.07 -85.11
CA ALA G 186 -26.93 11.68 -86.45
C ALA G 186 -27.71 12.98 -86.40
N VAL G 187 -27.45 13.88 -87.34
CA VAL G 187 -28.04 15.25 -87.31
C VAL G 187 -29.41 15.21 -87.99
N ARG G 188 -29.61 14.33 -88.98
CA ARG G 188 -30.85 14.21 -89.75
C ARG G 188 -30.94 12.85 -90.44
N ASP G 189 -32.05 12.59 -91.10
CA ASP G 189 -32.17 11.45 -91.99
C ASP G 189 -31.39 11.72 -93.27
N TYR G 190 -30.48 10.81 -93.61
CA TYR G 190 -29.73 10.86 -94.89
C TYR G 190 -30.17 9.78 -95.85
N SER G 191 -31.31 9.18 -95.59
CA SER G 191 -31.90 8.20 -96.53
C SER G 191 -32.15 8.87 -97.88
N PRO G 192 -32.20 8.09 -98.95
CA PRO G 192 -32.52 8.68 -100.22
C PRO G 192 -33.83 9.45 -100.26
N MET G 193 -34.83 8.96 -99.54
CA MET G 193 -36.13 9.65 -99.46
C MET G 193 -35.89 11.05 -98.84
N ALA G 194 -35.18 11.12 -97.74
CA ALA G 194 -34.91 12.41 -97.05
C ALA G 194 -34.01 13.31 -97.92
N GLN G 195 -33.02 12.72 -98.57
CA GLN G 195 -32.02 13.52 -99.34
C GLN G 195 -32.74 14.24 -100.49
N ALA G 196 -33.79 13.63 -101.04
CA ALA G 196 -34.55 14.23 -102.16
C ALA G 196 -35.24 15.53 -101.70
N VAL G 197 -35.76 15.52 -100.49
CA VAL G 197 -36.42 16.69 -99.89
C VAL G 197 -35.34 17.70 -99.49
N PHE G 198 -34.21 17.20 -98.99
CA PHE G 198 -33.11 18.11 -98.61
C PHE G 198 -32.56 18.90 -99.80
N ASN G 199 -32.47 18.22 -100.93
CA ASN G 199 -31.95 18.78 -102.20
C ASN G 199 -32.95 19.74 -102.85
N ALA G 200 -34.22 19.67 -102.49
CA ALA G 200 -35.32 20.49 -102.98
C ALA G 200 -35.36 21.86 -102.30
N ALA G 201 -36.16 22.75 -102.91
CA ALA G 201 -36.42 24.09 -102.40
C ALA G 201 -36.86 24.00 -100.93
N VAL G 202 -36.35 24.90 -100.11
CA VAL G 202 -36.95 25.17 -98.79
C VAL G 202 -38.37 25.65 -99.05
N PRO G 203 -39.39 25.10 -98.34
CA PRO G 203 -40.75 25.57 -98.52
C PRO G 203 -40.89 27.09 -98.36
N ASP G 204 -41.70 27.75 -99.17
N ASP G 204 -41.76 27.66 -99.20
CA ASP G 204 -41.71 29.25 -99.19
CA ASP G 204 -42.02 29.13 -99.34
C ASP G 204 -42.36 29.81 -97.91
C ASP G 204 -42.33 29.71 -97.96
N ASP G 205 -43.20 29.06 -97.20
CA ASP G 205 -43.74 29.61 -95.92
C ASP G 205 -42.57 29.86 -94.94
N LEU G 206 -41.62 28.95 -94.91
CA LEU G 206 -40.51 29.08 -93.94
C LEU G 206 -39.61 30.24 -94.41
N ILE G 207 -39.38 30.33 -95.72
CA ILE G 207 -38.55 31.42 -96.31
C ILE G 207 -39.18 32.76 -95.96
N GLN G 208 -40.50 32.91 -96.14
CA GLN G 208 -41.24 34.18 -95.89
C GLN G 208 -41.19 34.52 -94.38
N LYS G 209 -41.46 33.57 -93.46
CA LYS G 209 -41.55 33.89 -92.01
C LYS G 209 -40.19 34.36 -91.47
N LEU G 210 -39.13 33.79 -92.01
CA LEU G 210 -37.75 34.13 -91.56
C LEU G 210 -37.11 35.25 -92.41
N GLN G 211 -37.83 35.84 -93.37
CA GLN G 211 -37.28 36.97 -94.18
C GLN G 211 -36.00 36.52 -94.90
N LEU G 212 -35.99 35.31 -95.48
CA LEU G 212 -34.78 34.70 -96.13
C LEU G 212 -34.83 34.77 -97.67
N LYS G 213 -33.68 34.54 -98.36
CA LYS G 213 -33.58 34.40 -99.84
C LYS G 213 -33.98 32.96 -100.19
N PRO G 214 -34.94 32.76 -101.10
CA PRO G 214 -35.27 31.43 -101.58
C PRO G 214 -34.06 30.60 -101.98
N GLY G 215 -34.19 29.30 -101.81
CA GLY G 215 -33.15 28.36 -102.26
C GLY G 215 -33.39 26.97 -101.71
N THR G 216 -32.42 26.08 -101.93
CA THR G 216 -32.44 24.72 -101.34
C THR G 216 -31.87 24.79 -99.92
N TRP G 217 -32.09 23.74 -99.15
CA TRP G 217 -31.66 23.74 -97.73
C TRP G 217 -30.19 24.17 -97.61
N SER G 218 -29.33 23.61 -98.43
CA SER G 218 -27.87 23.87 -98.31
C SER G 218 -27.60 25.34 -98.65
N GLN G 219 -28.28 25.87 -99.66
CA GLN G 219 -28.07 27.27 -100.09
C GLN G 219 -28.57 28.24 -99.02
N VAL G 220 -29.71 27.96 -98.40
CA VAL G 220 -30.33 28.94 -97.48
C VAL G 220 -29.63 28.92 -96.12
N PHE G 221 -29.32 27.75 -95.62
CA PHE G 221 -28.92 27.59 -94.19
C PHE G 221 -27.43 27.24 -94.02
N GLY G 222 -26.75 26.86 -95.05
CA GLY G 222 -25.28 26.60 -95.01
C GLY G 222 -24.92 25.59 -93.92
N ARG G 223 -24.11 26.04 -92.96
CA ARG G 223 -23.60 25.11 -91.89
C ARG G 223 -24.72 24.56 -91.02
N ASP G 224 -25.90 25.18 -91.04
CA ASP G 224 -27.02 24.75 -90.17
C ASP G 224 -28.03 23.92 -90.95
N ALA G 225 -27.77 23.63 -92.23
CA ALA G 225 -28.76 23.00 -93.12
C ALA G 225 -29.20 21.66 -92.57
N ASP G 226 -28.30 20.78 -92.20
CA ASP G 226 -28.70 19.43 -91.77
C ASP G 226 -29.57 19.48 -90.51
N GLU G 227 -29.20 20.29 -89.52
CA GLU G 227 -29.94 20.31 -88.24
C GLU G 227 -31.28 21.03 -88.45
N PHE G 228 -31.25 22.17 -89.16
CA PHE G 228 -32.49 22.97 -89.35
C PHE G 228 -33.51 22.12 -90.14
N PHE G 229 -33.02 21.35 -91.10
CA PHE G 229 -33.86 20.43 -91.87
C PHE G 229 -34.57 19.44 -90.98
N HIS G 230 -33.80 18.75 -90.09
CA HIS G 230 -34.39 17.74 -89.19
C HIS G 230 -35.43 18.41 -88.29
N ALA G 231 -35.06 19.54 -87.71
CA ALA G 231 -35.98 20.30 -86.85
C ALA G 231 -37.23 20.69 -87.63
N TYR G 232 -37.09 21.17 -88.87
CA TYR G 232 -38.26 21.57 -89.61
C TYR G 232 -39.15 20.35 -89.87
N GLN G 233 -38.55 19.24 -90.34
CA GLN G 233 -39.33 18.07 -90.70
C GLN G 233 -40.05 17.52 -89.47
N ILE G 234 -39.38 17.42 -88.33
CA ILE G 234 -40.05 16.98 -87.09
C ILE G 234 -41.16 17.93 -86.66
N ALA G 235 -40.87 19.20 -86.69
CA ALA G 235 -41.87 20.21 -86.30
C ALA G 235 -43.11 20.06 -87.18
N ARG G 236 -42.95 19.93 -88.49
CA ARG G 236 -44.10 19.72 -89.40
C ARG G 236 -44.90 18.45 -89.01
N TYR G 237 -44.21 17.36 -88.78
CA TYR G 237 -44.80 16.07 -88.36
C TYR G 237 -45.64 16.31 -87.09
N CYS G 238 -45.02 16.93 -86.09
CA CYS G 238 -45.73 17.19 -84.83
C CYS G 238 -46.91 18.14 -85.03
N ASP G 239 -46.70 19.19 -85.83
CA ASP G 239 -47.77 20.16 -86.11
C ASP G 239 -48.94 19.41 -86.74
N GLU G 240 -48.70 18.52 -87.70
CA GLU G 240 -49.83 17.85 -88.38
C GLU G 240 -50.58 16.94 -87.40
N VAL G 241 -49.85 16.19 -86.55
CA VAL G 241 -50.52 15.37 -85.53
C VAL G 241 -51.38 16.29 -84.64
N THR G 242 -50.83 17.41 -84.20
CA THR G 242 -51.49 18.41 -83.34
C THR G 242 -52.82 18.89 -83.97
N VAL G 243 -52.72 19.26 -85.25
CA VAL G 243 -53.89 19.84 -85.97
C VAL G 243 -54.97 18.80 -86.01
N ALA G 244 -54.61 17.58 -86.33
CA ALA G 244 -55.59 16.49 -86.52
C ALA G 244 -56.29 16.27 -85.18
N GLY G 245 -55.57 16.29 -84.06
CA GLY G 245 -56.19 16.06 -82.78
C GLY G 245 -57.00 17.23 -82.31
N LYS G 246 -56.49 18.43 -82.51
CA LYS G 246 -57.25 19.66 -82.13
C LYS G 246 -58.58 19.74 -82.91
N ALA G 247 -58.65 19.21 -84.13
CA ALA G 247 -59.87 19.21 -84.95
C ALA G 247 -60.96 18.43 -84.21
N ILE G 248 -60.58 17.44 -83.41
CA ILE G 248 -61.54 16.64 -82.61
C ILE G 248 -61.90 17.40 -81.32
N LYS G 249 -60.86 17.74 -80.58
CA LYS G 249 -61.02 18.55 -79.34
C LYS G 249 -59.85 19.52 -79.23
N ASN G 250 -60.13 20.80 -79.14
CA ASN G 250 -59.08 21.86 -79.29
C ASN G 250 -58.46 22.20 -77.96
N LEU G 251 -57.83 21.19 -77.32
CA LEU G 251 -57.04 21.40 -76.08
C LEU G 251 -55.69 22.00 -76.46
N PRO G 252 -55.09 22.73 -75.53
CA PRO G 252 -53.71 23.11 -75.65
C PRO G 252 -52.82 21.88 -75.84
N MET G 253 -51.80 22.02 -76.68
CA MET G 253 -50.91 20.90 -76.94
C MET G 253 -49.51 21.47 -77.05
N TYR G 254 -48.52 20.69 -76.58
CA TYR G 254 -47.12 21.22 -76.51
C TYR G 254 -46.16 20.09 -76.80
N VAL G 255 -44.92 20.51 -77.04
CA VAL G 255 -43.79 19.55 -77.14
C VAL G 255 -42.76 19.87 -76.06
N ASN G 256 -42.05 18.79 -75.63
CA ASN G 256 -41.01 18.91 -74.59
C ASN G 256 -39.61 18.58 -75.13
N VAL G 257 -38.66 19.28 -74.65
CA VAL G 257 -37.34 19.31 -75.29
C VAL G 257 -36.29 18.58 -74.39
N ALA G 258 -35.63 17.62 -75.03
CA ALA G 258 -34.39 17.08 -74.48
C ALA G 258 -33.27 18.12 -74.68
N LEU G 259 -33.11 19.00 -73.72
CA LEU G 259 -32.31 20.22 -73.80
C LEU G 259 -30.88 19.92 -74.15
N ARG G 260 -30.29 20.77 -74.99
CA ARG G 260 -28.83 20.82 -75.09
C ARG G 260 -28.33 21.76 -74.01
N ASN G 261 -27.10 21.56 -73.56
CA ASN G 261 -26.48 22.49 -72.64
C ASN G 261 -26.40 23.85 -73.31
N PRO G 262 -26.94 24.94 -72.71
CA PRO G 262 -26.99 26.23 -73.39
C PRO G 262 -25.67 26.97 -73.51
N PHE G 263 -24.69 26.56 -72.72
CA PHE G 263 -23.38 27.24 -72.72
C PHE G 263 -22.38 26.47 -73.57
N ASN G 264 -22.42 25.15 -73.57
CA ASN G 264 -21.45 24.25 -74.25
C ASN G 264 -22.19 23.03 -74.78
N PRO G 265 -23.07 23.23 -75.80
CA PRO G 265 -23.97 22.19 -76.22
C PRO G 265 -23.38 20.93 -76.86
N GLY G 266 -22.18 21.03 -77.41
CA GLY G 266 -21.69 19.99 -78.30
C GLY G 266 -22.43 20.03 -79.66
N LEU G 267 -22.35 18.92 -80.40
CA LEU G 267 -22.83 18.79 -81.77
C LEU G 267 -24.23 18.19 -81.75
N PRO G 268 -25.11 18.63 -82.68
CA PRO G 268 -26.36 17.89 -82.86
C PRO G 268 -26.10 16.43 -83.22
N GLY G 269 -26.83 15.56 -82.52
CA GLY G 269 -26.63 14.10 -82.49
C GLY G 269 -25.92 13.63 -81.23
N GLN G 270 -25.06 14.47 -80.67
CA GLN G 270 -24.61 14.28 -79.29
C GLN G 270 -25.75 14.69 -78.34
N TYR G 271 -26.30 15.88 -78.56
CA TYR G 271 -27.67 16.15 -78.08
C TYR G 271 -28.66 15.67 -79.11
N SER G 272 -29.93 15.68 -78.75
CA SER G 272 -31.02 15.09 -79.54
C SER G 272 -31.36 16.10 -80.67
N SER G 273 -30.80 15.83 -81.85
CA SER G 273 -30.96 16.74 -82.99
C SER G 273 -32.42 16.79 -83.41
N GLY G 274 -32.85 18.04 -83.68
CA GLY G 274 -34.13 18.23 -84.29
C GLY G 274 -35.25 18.58 -83.32
N GLY G 275 -35.08 18.28 -82.07
CA GLY G 275 -35.95 18.80 -81.00
C GLY G 275 -35.85 20.30 -80.95
N GLY G 276 -36.67 20.90 -80.12
CA GLY G 276 -36.78 22.32 -79.91
C GLY G 276 -35.68 22.91 -79.05
N THR G 277 -34.45 22.63 -79.44
CA THR G 277 -33.31 23.17 -78.72
C THR G 277 -33.19 24.65 -79.01
N ASP G 278 -32.39 25.35 -78.20
CA ASP G 278 -32.51 26.83 -78.18
C ASP G 278 -32.10 27.47 -79.53
N ASN G 279 -31.28 26.77 -80.29
CA ASN G 279 -30.80 27.26 -81.61
C ASN G 279 -31.81 27.05 -82.75
N VAL G 280 -32.84 26.25 -82.53
CA VAL G 280 -33.87 25.97 -83.55
C VAL G 280 -35.27 26.41 -83.11
N LEU G 281 -35.42 27.19 -82.06
CA LEU G 281 -36.77 27.61 -81.69
C LEU G 281 -37.37 28.43 -82.80
N HIS G 282 -36.57 29.24 -83.49
CA HIS G 282 -37.14 30.06 -84.62
C HIS G 282 -37.69 29.14 -85.73
N ILE G 283 -37.00 28.04 -86.00
CA ILE G 283 -37.48 27.04 -86.99
C ILE G 283 -38.77 26.41 -86.52
N TRP G 284 -38.78 25.92 -85.28
CA TRP G 284 -40.02 25.30 -84.72
C TRP G 284 -41.22 26.27 -84.67
N LYS G 285 -41.03 27.52 -84.29
CA LYS G 285 -42.13 28.52 -84.26
C LYS G 285 -42.67 28.78 -85.67
N ALA G 286 -41.78 28.84 -86.66
CA ALA G 286 -42.23 29.14 -88.06
C ALA G 286 -42.94 27.91 -88.62
N ALA G 287 -42.43 26.73 -88.26
CA ALA G 287 -42.89 25.49 -88.89
C ALA G 287 -44.16 24.93 -88.26
N ALA G 288 -44.40 25.22 -86.98
CA ALA G 288 -45.45 24.49 -86.21
C ALA G 288 -46.31 25.52 -85.50
N PRO G 289 -47.10 26.30 -86.25
CA PRO G 289 -47.86 27.35 -85.63
C PRO G 289 -49.05 26.85 -84.82
N ASN G 290 -49.36 25.57 -84.90
CA ASN G 290 -50.49 25.01 -84.15
C ASN G 290 -50.05 24.40 -82.81
N ILE G 291 -48.76 24.26 -82.59
CA ILE G 291 -48.25 23.78 -81.28
C ILE G 291 -48.22 24.99 -80.34
N ASP G 292 -48.86 24.89 -79.18
CA ASP G 292 -49.04 26.04 -78.28
C ASP G 292 -47.73 26.55 -77.68
N LEU G 293 -46.86 25.62 -77.22
CA LEU G 293 -45.57 26.07 -76.62
C LEU G 293 -44.57 24.91 -76.71
N ILE G 294 -43.31 25.32 -76.53
CA ILE G 294 -42.17 24.40 -76.52
C ILE G 294 -41.59 24.45 -75.08
N ALA G 295 -41.57 23.28 -74.41
CA ALA G 295 -41.31 23.18 -72.95
C ALA G 295 -39.95 22.57 -72.66
N PRO G 296 -39.15 23.20 -71.83
CA PRO G 296 -37.89 22.57 -71.42
C PRO G 296 -38.05 21.46 -70.39
N ASP G 297 -37.25 20.41 -70.54
CA ASP G 297 -37.10 19.30 -69.60
C ASP G 297 -35.76 19.51 -68.89
N ILE G 298 -35.81 19.95 -67.65
CA ILE G 298 -34.63 20.49 -66.97
C ILE G 298 -34.02 19.46 -65.98
N TYR G 299 -32.79 19.05 -66.26
CA TYR G 299 -32.10 18.12 -65.35
C TYR G 299 -30.71 18.70 -64.98
N PHE G 300 -30.39 19.91 -65.45
CA PHE G 300 -29.21 20.65 -64.98
C PHE G 300 -29.52 21.08 -63.54
N ARG G 301 -28.60 20.89 -62.59
N ARG G 301 -28.61 20.87 -62.58
CA ARG G 301 -28.87 21.15 -61.15
CA ARG G 301 -28.89 21.15 -61.14
C ARG G 301 -28.45 22.58 -60.81
C ARG G 301 -28.46 22.58 -60.82
N ASP G 302 -27.49 23.11 -61.57
CA ASP G 302 -26.81 24.34 -61.12
C ASP G 302 -27.61 25.60 -61.50
N TYR G 303 -27.61 26.54 -60.63
CA TYR G 303 -28.40 27.75 -60.77
C TYR G 303 -28.08 28.48 -62.09
N LYS G 304 -26.81 28.66 -62.44
CA LYS G 304 -26.54 29.48 -63.67
C LYS G 304 -27.15 28.83 -64.93
N THR G 305 -27.02 27.53 -65.08
CA THR G 305 -27.49 26.81 -66.29
C THR G 305 -29.02 26.78 -66.28
N VAL G 306 -29.64 26.49 -65.11
CA VAL G 306 -31.09 26.46 -65.05
C VAL G 306 -31.60 27.87 -65.36
N SER G 307 -31.00 28.93 -64.81
CA SER G 307 -31.46 30.29 -65.07
C SER G 307 -31.36 30.61 -66.55
N LYS G 308 -30.30 30.17 -67.21
CA LYS G 308 -30.12 30.43 -68.65
C LYS G 308 -31.25 29.72 -69.44
N VAL G 309 -31.58 28.50 -69.09
CA VAL G 309 -32.66 27.75 -69.74
C VAL G 309 -33.95 28.54 -69.57
N LEU G 310 -34.27 28.95 -68.37
CA LEU G 310 -35.54 29.68 -68.17
C LEU G 310 -35.54 30.93 -69.05
N GLU G 311 -34.42 31.60 -69.18
CA GLU G 311 -34.31 32.83 -70.00
C GLU G 311 -34.60 32.46 -71.45
N LEU G 312 -33.97 31.45 -71.95
CA LEU G 312 -34.08 31.08 -73.39
C LEU G 312 -35.48 30.58 -73.76
N TYR G 313 -36.21 29.94 -72.87
CA TYR G 313 -37.53 29.34 -73.18
C TYR G 313 -38.67 30.31 -72.88
N THR G 314 -38.42 31.41 -72.19
CA THR G 314 -39.45 32.41 -71.89
C THR G 314 -39.36 33.48 -73.00
N ARG G 315 -40.33 33.55 -73.87
CA ARG G 315 -40.24 34.47 -75.05
C ARG G 315 -41.62 35.07 -75.24
N PRO G 316 -41.72 36.21 -76.01
CA PRO G 316 -43.01 36.79 -76.38
C PRO G 316 -43.83 35.72 -77.11
N ASP G 317 -43.17 34.86 -77.89
CA ASP G 317 -43.90 33.80 -78.66
C ASP G 317 -43.90 32.43 -77.94
N ASN G 318 -43.51 32.35 -76.67
CA ASN G 318 -43.40 31.03 -76.00
C ASN G 318 -43.63 31.12 -74.47
N ALA G 319 -44.81 30.68 -74.04
CA ALA G 319 -45.12 30.51 -72.64
C ALA G 319 -44.11 29.55 -72.05
N LEU G 320 -43.70 29.88 -70.85
CA LEU G 320 -42.79 28.98 -70.08
C LEU G 320 -43.57 27.91 -69.30
N PHE G 321 -43.31 26.66 -69.61
CA PHE G 321 -43.86 25.51 -68.88
C PHE G 321 -42.64 24.59 -68.63
N VAL G 322 -42.32 24.37 -67.37
CA VAL G 322 -41.21 23.45 -67.00
C VAL G 322 -41.89 22.06 -66.94
N ALA G 323 -41.96 21.40 -68.09
CA ALA G 323 -42.72 20.17 -68.30
C ALA G 323 -42.13 19.02 -67.49
N GLU G 324 -40.80 19.07 -67.33
CA GLU G 324 -40.08 18.12 -66.47
C GLU G 324 -39.01 18.87 -65.75
N ILE G 325 -38.76 18.44 -64.49
CA ILE G 325 -37.56 18.89 -63.81
C ILE G 325 -37.13 17.74 -62.90
N GLY G 326 -35.83 17.67 -62.62
CA GLY G 326 -35.42 16.60 -61.69
C GLY G 326 -36.13 16.66 -60.36
N ASN G 327 -36.15 15.51 -59.70
CA ASN G 327 -36.86 15.44 -58.41
C ASN G 327 -35.92 15.47 -57.19
N ASP G 328 -34.64 15.70 -57.38
CA ASP G 328 -33.74 15.88 -56.26
C ASP G 328 -34.01 17.22 -55.59
N GLN G 329 -33.53 17.38 -54.36
CA GLN G 329 -33.79 18.55 -53.54
C GLN G 329 -33.40 19.85 -54.22
N PRO G 330 -32.25 19.95 -54.93
CA PRO G 330 -31.87 21.29 -55.42
C PRO G 330 -32.83 21.89 -56.45
N PHE G 331 -33.64 21.06 -57.06
CA PHE G 331 -34.55 21.51 -58.12
C PHE G 331 -35.77 22.23 -57.58
N ALA G 332 -36.15 22.04 -56.33
CA ALA G 332 -37.45 22.55 -55.83
C ALA G 332 -37.45 24.06 -55.93
N ARG G 333 -36.37 24.75 -55.61
CA ARG G 333 -36.36 26.20 -55.51
C ARG G 333 -36.54 26.83 -56.91
N TYR G 334 -36.43 26.08 -57.99
CA TYR G 334 -36.56 26.67 -59.32
C TYR G 334 -38.02 26.92 -59.63
N LEU G 335 -38.89 26.54 -58.78
CA LEU G 335 -40.32 26.92 -58.91
C LEU G 335 -40.37 28.45 -58.89
N PHE G 336 -39.62 29.10 -58.00
CA PHE G 336 -39.76 30.53 -57.77
C PHE G 336 -39.43 31.35 -59.01
N PRO G 337 -38.28 31.17 -59.64
CA PRO G 337 -38.04 31.92 -60.87
C PRO G 337 -38.91 31.48 -62.06
N THR G 338 -39.31 30.24 -62.11
CA THR G 338 -40.29 29.76 -63.12
C THR G 338 -41.52 30.62 -63.05
N LEU G 339 -42.13 30.74 -61.87
CA LEU G 339 -43.35 31.54 -61.76
C LEU G 339 -43.02 33.00 -61.91
N GLY G 340 -41.87 33.48 -61.44
CA GLY G 340 -41.53 34.91 -61.63
C GLY G 340 -41.39 35.35 -63.07
N LYS G 341 -41.07 34.42 -63.96
N LYS G 341 -41.08 34.42 -63.97
CA LYS G 341 -40.95 34.63 -65.41
CA LYS G 341 -40.97 34.66 -65.42
C LYS G 341 -42.33 34.63 -66.05
C LYS G 341 -42.35 34.66 -66.05
N GLY G 342 -43.39 34.43 -65.27
CA GLY G 342 -44.73 34.26 -65.84
C GLY G 342 -45.04 32.85 -66.25
N GLY G 343 -44.25 31.87 -65.75
CA GLY G 343 -44.47 30.47 -66.12
C GLY G 343 -45.88 29.99 -65.77
N ILE G 344 -46.38 29.08 -66.59
CA ILE G 344 -47.72 28.51 -66.41
C ILE G 344 -47.65 27.22 -65.60
N GLY G 345 -46.46 26.70 -65.32
CA GLY G 345 -46.43 25.41 -64.62
C GLY G 345 -45.03 24.90 -64.41
N PHE G 346 -44.99 23.79 -63.67
CA PHE G 346 -43.74 23.25 -63.12
C PHE G 346 -44.03 21.82 -62.69
N SER G 347 -43.32 20.85 -63.25
CA SER G 347 -43.68 19.44 -63.03
C SER G 347 -42.44 18.56 -62.81
N PRO G 348 -42.11 18.32 -61.52
CA PRO G 348 -41.03 17.37 -61.20
C PRO G 348 -41.31 15.95 -61.70
N PHE G 349 -40.26 15.33 -62.20
CA PHE G 349 -40.34 14.04 -62.85
C PHE G 349 -40.04 12.88 -61.89
N GLY G 350 -40.82 11.83 -61.98
CA GLY G 350 -40.56 10.58 -61.24
C GLY G 350 -41.18 10.58 -59.86
N MET G 351 -42.36 11.20 -59.71
CA MET G 351 -42.99 11.33 -58.42
C MET G 351 -43.96 10.18 -58.17
N ASP G 352 -43.44 8.95 -58.02
CA ASP G 352 -44.27 7.76 -57.71
C ASP G 352 -43.41 6.72 -57.02
N ASP G 353 -44.06 5.75 -56.47
CA ASP G 353 -43.42 4.69 -55.66
C ASP G 353 -43.41 3.36 -56.39
N THR G 354 -43.08 3.43 -57.66
CA THR G 354 -43.02 2.23 -58.52
C THR G 354 -41.61 1.64 -58.55
N ASP G 355 -40.80 1.99 -57.59
CA ASP G 355 -39.46 1.34 -57.38
C ASP G 355 -38.55 1.69 -58.54
N TYR G 356 -38.42 2.99 -58.73
CA TYR G 356 -37.47 3.50 -59.75
C TYR G 356 -37.01 4.89 -59.40
N THR G 357 -35.74 5.16 -59.59
CA THR G 357 -35.27 6.56 -59.52
C THR G 357 -34.33 6.77 -60.70
N ASN G 358 -34.45 7.90 -61.36
CA ASN G 358 -33.59 8.28 -62.48
C ASN G 358 -32.27 8.92 -62.04
N TYR G 359 -31.91 8.87 -60.77
CA TYR G 359 -30.57 9.22 -60.33
C TYR G 359 -29.60 8.57 -61.32
N PRO G 360 -28.57 9.29 -61.82
CA PRO G 360 -28.11 10.61 -61.36
C PRO G 360 -28.86 11.89 -61.73
N LEU G 361 -29.91 11.75 -62.53
CA LEU G 361 -30.70 12.93 -62.86
C LEU G 361 -31.49 13.42 -61.66
N GLY G 362 -32.24 12.56 -61.02
CA GLY G 362 -33.05 12.94 -59.88
C GLY G 362 -32.50 12.38 -58.58
N ALA G 363 -33.36 12.22 -57.60
CA ALA G 363 -32.97 11.86 -56.22
C ALA G 363 -32.45 10.42 -56.15
N LYS G 364 -31.37 10.26 -55.42
CA LYS G 364 -30.82 8.90 -55.25
C LYS G 364 -31.84 7.96 -54.55
N VAL G 365 -32.53 8.52 -53.56
CA VAL G 365 -33.60 7.83 -52.80
C VAL G 365 -34.92 8.55 -52.99
N TYR G 366 -35.93 7.78 -53.32
CA TYR G 366 -37.34 8.29 -53.37
C TYR G 366 -38.14 7.88 -52.12
N ASN G 367 -38.34 8.88 -51.27
CA ASN G 367 -39.07 8.69 -50.03
C ASN G 367 -39.83 9.96 -49.67
N ASP G 368 -40.49 9.93 -48.52
CA ASP G 368 -41.36 11.04 -48.13
C ASP G 368 -40.58 12.35 -48.09
N GLU G 369 -39.30 12.35 -47.66
N GLU G 369 -39.31 12.29 -47.67
CA GLU G 369 -38.50 13.59 -47.58
CA GLU G 369 -38.42 13.47 -47.63
C GLU G 369 -38.22 14.08 -49.04
C GLU G 369 -38.28 14.06 -49.05
N THR G 370 -38.08 13.18 -50.04
CA THR G 370 -37.94 13.64 -51.45
C THR G 370 -39.15 14.47 -51.84
N ILE G 371 -40.34 13.97 -51.53
CA ILE G 371 -41.60 14.64 -51.89
C ILE G 371 -41.74 15.95 -51.10
N GLU G 372 -41.42 15.93 -49.82
CA GLU G 372 -41.54 17.06 -48.95
C GLU G 372 -40.80 18.31 -49.43
N GLN G 373 -39.72 18.14 -50.17
CA GLN G 373 -38.97 19.32 -50.65
C GLN G 373 -39.88 20.12 -51.59
N PHE G 374 -40.63 19.45 -52.42
CA PHE G 374 -41.58 20.12 -53.34
C PHE G 374 -42.86 20.49 -52.61
N ALA G 375 -43.32 19.64 -51.69
CA ALA G 375 -44.55 19.99 -50.97
C ALA G 375 -44.39 21.34 -50.26
N GLN G 376 -43.22 21.63 -49.70
CA GLN G 376 -42.98 22.86 -48.96
C GLN G 376 -43.14 24.09 -49.85
N VAL G 377 -42.63 24.00 -51.06
CA VAL G 377 -42.72 25.18 -51.96
C VAL G 377 -44.13 25.27 -52.58
N TYR G 378 -44.77 24.16 -52.88
CA TYR G 378 -46.16 24.18 -53.42
C TYR G 378 -47.09 24.82 -52.39
N ARG G 379 -46.85 24.62 -51.10
CA ARG G 379 -47.70 25.17 -50.05
C ARG G 379 -47.67 26.69 -50.05
N LEU G 380 -46.68 27.33 -50.64
CA LEU G 380 -46.65 28.81 -50.74
C LEU G 380 -47.62 29.29 -51.85
N VAL G 381 -47.80 28.45 -52.84
CA VAL G 381 -48.49 28.87 -54.09
C VAL G 381 -49.93 28.39 -54.09
N ASN G 382 -50.18 27.17 -53.67
CA ASN G 382 -51.56 26.62 -53.63
C ASN G 382 -52.58 27.59 -53.05
N PRO G 383 -52.30 28.24 -51.93
CA PRO G 383 -53.35 29.04 -51.30
C PRO G 383 -53.72 30.30 -52.07
N MET G 384 -52.86 30.66 -53.01
CA MET G 384 -53.12 31.84 -53.88
C MET G 384 -53.11 31.49 -55.37
N MET G 385 -53.32 30.24 -55.72
CA MET G 385 -52.96 29.79 -57.08
C MET G 385 -53.70 30.65 -58.13
N ARG G 386 -55.01 30.83 -57.99
CA ARG G 386 -55.76 31.58 -59.04
C ARG G 386 -55.43 33.07 -59.01
N GLU G 387 -55.19 33.64 -57.85
CA GLU G 387 -54.84 35.05 -57.76
C GLU G 387 -53.50 35.27 -58.42
N TRP G 388 -52.52 34.43 -58.06
CA TRP G 388 -51.16 34.55 -58.65
C TRP G 388 -51.24 34.38 -60.18
N ALA G 389 -51.99 33.40 -60.63
CA ALA G 389 -52.09 33.14 -62.09
C ALA G 389 -52.60 34.40 -62.81
N ARG G 390 -53.60 35.06 -62.26
N ARG G 390 -53.59 35.06 -62.25
CA ARG G 390 -54.15 36.28 -62.90
CA ARG G 390 -54.17 36.28 -62.85
C ARG G 390 -53.10 37.39 -62.83
C ARG G 390 -53.12 37.39 -62.82
N LEU G 391 -52.43 37.55 -61.69
CA LEU G 391 -51.44 38.65 -61.59
C LEU G 391 -50.28 38.41 -62.56
N SER G 392 -49.89 37.18 -62.71
N SER G 392 -49.94 37.14 -62.78
CA SER G 392 -48.77 36.87 -63.63
CA SER G 392 -48.81 36.67 -63.63
C SER G 392 -49.15 37.30 -65.07
C SER G 392 -49.15 36.65 -65.13
N TYR G 393 -50.37 36.96 -65.47
CA TYR G 393 -50.82 37.23 -66.85
C TYR G 393 -50.99 38.75 -67.07
N GLN G 394 -51.72 39.39 -66.15
CA GLN G 394 -52.39 40.70 -66.32
C GLN G 394 -51.54 41.77 -65.64
N GLY G 395 -50.54 41.44 -64.87
CA GLY G 395 -49.79 42.49 -64.17
C GLY G 395 -48.33 42.13 -64.01
N GLN G 396 -47.79 42.48 -62.86
CA GLN G 396 -46.36 42.37 -62.75
C GLN G 396 -46.05 41.42 -61.60
N VAL G 397 -45.23 40.44 -61.94
CA VAL G 397 -44.70 39.45 -60.94
C VAL G 397 -43.21 39.38 -61.05
N TRP G 398 -42.65 38.86 -59.96
CA TRP G 398 -41.21 38.59 -59.79
C TRP G 398 -41.03 37.29 -59.01
N GLY G 399 -39.88 36.66 -59.23
CA GLY G 399 -39.57 35.45 -58.47
C GLY G 399 -38.06 35.19 -58.56
N VAL G 400 -37.45 34.74 -57.47
CA VAL G 400 -36.03 34.49 -57.42
C VAL G 400 -35.82 33.21 -56.61
N ALA G 401 -34.72 32.55 -56.97
CA ALA G 401 -34.19 31.42 -56.17
C ALA G 401 -32.79 31.79 -55.65
N GLU G 402 -32.45 31.08 -54.58
CA GLU G 402 -31.12 31.18 -53.96
C GLU G 402 -30.05 30.89 -55.03
N PRO G 403 -29.15 31.86 -55.26
CA PRO G 403 -28.37 31.81 -56.49
C PRO G 403 -27.00 31.15 -56.36
N LEU G 404 -26.62 30.65 -55.18
CA LEU G 404 -25.42 29.85 -55.08
C LEU G 404 -25.94 28.42 -54.82
N ASP G 405 -25.34 27.45 -55.48
CA ASP G 405 -25.61 26.03 -55.24
C ASP G 405 -24.90 25.59 -53.94
N SER G 406 -25.32 24.43 -53.42
CA SER G 406 -24.74 23.92 -52.16
C SER G 406 -23.21 23.85 -52.31
N THR G 407 -22.50 24.15 -51.23
CA THR G 407 -21.02 24.09 -51.20
C THR G 407 -20.63 22.66 -51.46
N THR G 408 -19.61 22.47 -52.29
CA THR G 408 -19.06 21.17 -52.70
C THR G 408 -18.04 20.71 -51.63
N GLU G 409 -17.79 19.41 -51.58
CA GLU G 409 -16.70 18.88 -50.73
C GLU G 409 -15.41 19.65 -51.11
N THR G 410 -15.15 19.82 -52.43
CA THR G 410 -13.95 20.50 -53.02
C THR G 410 -13.94 21.97 -52.55
N GLN G 411 -15.05 22.68 -52.69
CA GLN G 411 -15.11 24.03 -52.07
C GLN G 411 -14.76 23.87 -50.53
N LYS G 412 -15.28 22.80 -49.83
CA LYS G 412 -15.13 22.78 -48.35
C LYS G 412 -13.65 22.57 -48.06
N ILE G 413 -12.94 21.94 -49.01
CA ILE G 413 -11.46 21.69 -48.96
C ILE G 413 -10.76 23.07 -48.92
N TRP G 414 -10.96 23.91 -49.96
CA TRP G 414 -10.50 25.33 -50.00
C TRP G 414 -10.96 26.07 -48.73
N ASN G 415 -12.15 25.73 -48.21
CA ASN G 415 -12.76 26.32 -46.99
C ASN G 415 -11.75 26.33 -45.84
N ALA G 416 -11.43 25.18 -45.29
CA ALA G 416 -10.54 25.03 -44.12
C ALA G 416 -9.06 25.36 -44.46
N GLU G 417 -8.61 25.15 -45.70
CA GLU G 417 -7.20 25.42 -46.08
C GLU G 417 -6.95 26.90 -46.41
N ALA G 418 -7.94 27.78 -46.29
CA ALA G 418 -7.74 29.21 -46.61
C ALA G 418 -7.18 29.93 -45.37
N THR G 419 -6.51 31.08 -45.58
CA THR G 419 -6.04 31.99 -44.51
C THR G 419 -7.22 32.67 -43.85
N PRO G 420 -7.07 33.26 -42.64
CA PRO G 420 -8.15 34.02 -42.03
C PRO G 420 -8.67 35.19 -42.90
N GLU G 421 -7.75 35.91 -43.59
CA GLU G 421 -8.10 37.00 -44.55
C GLU G 421 -8.89 36.41 -45.73
N GLU G 422 -8.55 35.20 -46.13
CA GLU G 422 -9.15 34.50 -47.29
C GLU G 422 -10.57 34.12 -46.93
N LYS G 423 -10.76 33.50 -45.78
CA LYS G 423 -12.10 33.12 -45.23
C LYS G 423 -12.96 34.39 -45.06
N GLU G 424 -12.44 35.50 -44.51
CA GLU G 424 -13.22 36.77 -44.31
C GLU G 424 -13.69 37.26 -45.69
N GLN G 425 -12.78 37.33 -46.69
CA GLN G 425 -13.13 37.81 -48.05
C GLN G 425 -14.14 36.85 -48.71
N HIS G 426 -13.99 35.55 -48.48
CA HIS G 426 -14.88 34.56 -49.11
C HIS G 426 -16.30 34.75 -48.54
N LYS G 427 -16.37 35.01 -47.24
CA LYS G 427 -17.70 35.23 -46.60
C LYS G 427 -18.32 36.52 -47.17
N LYS G 428 -17.53 37.58 -47.43
CA LYS G 428 -18.04 38.84 -47.99
C LYS G 428 -18.58 38.55 -49.39
N ASP G 429 -17.84 37.80 -50.19
CA ASP G 429 -18.18 37.56 -51.61
C ASP G 429 -19.43 36.70 -51.64
N ARG G 430 -19.53 35.68 -50.75
CA ARG G 430 -20.76 34.85 -50.73
C ARG G 430 -21.94 35.72 -50.29
N ALA G 431 -21.76 36.59 -49.31
CA ALA G 431 -22.89 37.42 -48.84
C ALA G 431 -23.42 38.31 -50.00
N SER G 432 -22.53 38.90 -50.79
N SER G 432 -22.53 38.93 -50.79
CA SER G 432 -22.91 39.77 -51.92
CA SER G 432 -22.93 39.81 -51.92
C SER G 432 -23.64 38.92 -52.95
C SER G 432 -23.61 38.95 -52.99
N ALA G 433 -23.15 37.72 -53.22
CA ALA G 433 -23.77 36.82 -54.22
C ALA G 433 -25.16 36.39 -53.76
N LEU G 434 -25.35 36.28 -52.46
CA LEU G 434 -26.62 35.82 -51.84
C LEU G 434 -27.55 37.00 -51.54
N THR G 435 -27.38 38.13 -52.23
CA THR G 435 -28.20 39.34 -52.13
C THR G 435 -28.70 39.71 -53.53
N GLN G 436 -29.99 39.65 -53.75
CA GLN G 436 -30.59 39.96 -55.04
C GLN G 436 -31.45 41.21 -54.95
N GLN G 437 -31.37 42.01 -56.00
CA GLN G 437 -32.19 43.22 -56.10
C GLN G 437 -33.34 42.97 -57.10
N LEU G 438 -34.48 43.48 -56.77
CA LEU G 438 -35.67 43.45 -57.70
C LEU G 438 -36.21 44.89 -57.77
N ASP G 439 -36.44 45.38 -58.98
CA ASP G 439 -37.00 46.74 -59.25
C ASP G 439 -38.52 46.64 -59.41
N LEU G 440 -39.25 47.07 -58.34
CA LEU G 440 -40.70 46.87 -58.34
C LEU G 440 -41.45 48.15 -58.72
N GLY G 441 -40.78 49.06 -59.38
CA GLY G 441 -41.43 50.32 -59.78
C GLY G 441 -40.98 51.45 -58.89
N LEU G 442 -41.86 51.93 -58.00
CA LEU G 442 -41.48 52.96 -57.03
C LEU G 442 -40.66 52.40 -55.84
N TRP G 443 -40.71 51.10 -55.66
CA TRP G 443 -40.07 50.36 -54.56
C TRP G 443 -39.19 49.29 -55.16
N ASP G 444 -38.14 48.96 -54.41
CA ASP G 444 -37.29 47.79 -54.73
C ASP G 444 -37.35 46.82 -53.56
N ALA G 445 -37.12 45.58 -53.88
CA ALA G 445 -36.89 44.55 -52.83
C ALA G 445 -35.49 44.02 -52.89
N GLU G 446 -34.91 43.70 -51.74
CA GLU G 446 -33.63 43.02 -51.62
C GLU G 446 -33.95 41.69 -50.98
N VAL G 447 -33.56 40.61 -51.64
CA VAL G 447 -33.76 39.27 -51.11
C VAL G 447 -32.40 38.68 -50.71
N THR G 448 -32.33 38.14 -49.50
CA THR G 448 -31.07 37.58 -48.98
C THR G 448 -31.38 36.22 -48.35
N TYR G 449 -30.36 35.37 -48.31
CA TYR G 449 -30.59 33.95 -47.99
C TYR G 449 -29.69 33.45 -46.87
N GLY G 450 -30.29 32.86 -45.84
CA GLY G 450 -29.50 32.16 -44.81
C GLY G 450 -28.97 33.16 -43.79
N ARG G 451 -29.85 33.65 -42.94
CA ARG G 451 -29.50 34.57 -41.88
C ARG G 451 -30.55 34.51 -40.81
N PRO G 452 -30.24 35.04 -39.62
CA PRO G 452 -31.26 35.06 -38.56
C PRO G 452 -32.45 35.92 -38.95
N MET G 453 -33.44 35.89 -38.11
CA MET G 453 -34.71 36.60 -38.32
C MET G 453 -34.67 37.97 -37.64
N PHE G 454 -33.55 38.29 -37.02
CA PHE G 454 -33.35 39.46 -36.16
C PHE G 454 -31.93 39.98 -36.40
N TRP G 455 -31.78 41.28 -36.46
CA TRP G 455 -30.52 42.01 -36.68
C TRP G 455 -30.03 41.79 -38.11
N VAL G 456 -28.78 42.13 -38.36
CA VAL G 456 -28.32 42.31 -39.78
C VAL G 456 -27.02 41.55 -40.05
N THR G 457 -26.77 40.45 -39.34
CA THR G 457 -25.60 39.64 -39.68
C THR G 457 -25.71 39.24 -41.14
N PRO G 458 -24.64 39.32 -41.95
CA PRO G 458 -24.81 39.07 -43.36
C PRO G 458 -25.23 37.65 -43.70
N PRO G 459 -25.87 37.44 -44.87
CA PRO G 459 -26.32 36.14 -45.29
C PRO G 459 -25.17 35.17 -45.59
N GLU G 460 -25.37 33.90 -45.19
CA GLU G 460 -24.43 32.80 -45.42
C GLU G 460 -24.98 31.66 -46.24
N GLY G 461 -26.25 31.75 -46.67
CA GLY G 461 -26.82 30.69 -47.49
C GLY G 461 -27.47 29.61 -46.63
N ASN G 462 -28.47 28.97 -47.20
CA ASN G 462 -29.06 27.78 -46.62
C ASN G 462 -28.21 26.57 -46.99
N THR G 463 -28.19 25.57 -46.13
N THR G 463 -28.21 25.58 -46.09
CA THR G 463 -27.52 24.31 -46.47
CA THR G 463 -27.53 24.28 -46.29
C THR G 463 -28.56 23.21 -46.29
C THR G 463 -28.59 23.18 -46.25
N PRO G 464 -28.99 22.54 -47.36
CA PRO G 464 -28.56 22.84 -48.74
C PRO G 464 -29.23 24.11 -49.30
N ALA G 465 -28.75 24.60 -50.41
CA ALA G 465 -29.38 25.76 -51.07
C ALA G 465 -30.85 25.45 -51.32
N ALA G 466 -31.74 26.37 -50.98
CA ALA G 466 -33.15 26.01 -51.03
C ALA G 466 -34.11 27.21 -51.06
N GLY G 467 -33.63 28.41 -50.86
CA GLY G 467 -34.50 29.56 -50.66
C GLY G 467 -35.07 30.19 -51.95
N GLY G 468 -36.10 30.96 -51.80
CA GLY G 468 -36.60 31.78 -52.89
C GLY G 468 -37.76 32.65 -52.43
N ALA G 469 -38.25 33.47 -53.35
CA ALA G 469 -39.25 34.47 -53.04
C ALA G 469 -40.10 34.77 -54.28
N LEU G 470 -41.37 35.07 -54.02
CA LEU G 470 -42.37 35.52 -55.02
C LEU G 470 -42.91 36.87 -54.59
N ILE G 471 -43.02 37.76 -55.57
CA ILE G 471 -43.64 39.08 -55.36
C ILE G 471 -44.59 39.36 -56.50
N ALA G 472 -45.79 39.86 -56.22
CA ALA G 472 -46.67 40.37 -57.26
C ALA G 472 -47.05 41.81 -56.90
N GLN G 473 -47.15 42.68 -57.89
CA GLN G 473 -47.58 44.05 -57.64
C GLN G 473 -49.11 44.17 -57.69
N LEU G 474 -49.67 44.70 -56.60
CA LEU G 474 -51.13 44.96 -56.47
C LEU G 474 -51.50 46.40 -56.89
N ASP G 475 -50.65 47.34 -56.60
CA ASP G 475 -50.83 48.77 -56.87
C ASP G 475 -49.49 49.46 -56.74
N ASP G 476 -49.43 50.73 -56.99
CA ASP G 476 -48.18 51.49 -56.99
C ASP G 476 -47.34 51.16 -55.74
N ASN G 477 -47.97 51.09 -54.56
CA ASN G 477 -47.24 50.95 -53.29
C ASN G 477 -47.59 49.66 -52.60
N GLU G 478 -48.18 48.70 -53.26
CA GLU G 478 -48.67 47.51 -52.52
C GLU G 478 -48.31 46.26 -53.29
N TYR G 479 -47.82 45.27 -52.55
CA TYR G 479 -47.31 44.02 -53.12
C TYR G 479 -47.83 42.82 -52.33
N LEU G 480 -47.99 41.70 -53.02
CA LEU G 480 -48.20 40.40 -52.43
C LEU G 480 -46.83 39.74 -52.35
N VAL G 481 -46.51 39.14 -51.21
CA VAL G 481 -45.18 38.60 -50.99
C VAL G 481 -45.28 37.26 -50.28
N THR G 482 -44.58 36.25 -50.78
CA THR G 482 -44.37 35.02 -50.01
C THR G 482 -42.98 34.52 -50.35
N ALA G 483 -42.26 33.96 -49.34
CA ALA G 483 -40.88 33.55 -49.59
C ALA G 483 -40.57 32.35 -48.68
N TYR G 484 -39.35 31.87 -48.82
CA TYR G 484 -38.98 30.56 -48.28
C TYR G 484 -37.49 30.62 -47.91
N LYS G 485 -37.19 30.42 -46.62
CA LYS G 485 -35.79 30.37 -46.20
C LYS G 485 -35.02 31.58 -46.71
N ALA G 486 -35.59 32.74 -46.48
CA ALA G 486 -35.11 33.99 -47.07
C ALA G 486 -35.58 35.19 -46.30
N ARG G 487 -34.94 36.33 -46.51
CA ARG G 487 -35.35 37.63 -46.01
C ARG G 487 -35.64 38.53 -47.19
N VAL G 488 -36.76 39.25 -47.14
CA VAL G 488 -37.18 40.19 -48.21
C VAL G 488 -37.28 41.56 -47.56
N GLU G 489 -36.59 42.54 -48.09
CA GLU G 489 -36.59 43.90 -47.50
C GLU G 489 -36.96 44.90 -48.59
N PHE G 490 -37.88 45.77 -48.29
CA PHE G 490 -38.31 46.84 -49.20
C PHE G 490 -37.56 48.14 -48.96
N LYS G 491 -37.37 48.89 -50.06
CA LYS G 491 -36.78 50.22 -50.00
C LYS G 491 -37.30 51.05 -51.17
N PRO G 492 -37.13 52.37 -51.16
CA PRO G 492 -37.48 53.14 -52.35
C PRO G 492 -36.61 52.80 -53.55
N SER G 493 -37.18 52.89 -54.75
CA SER G 493 -36.50 52.58 -56.03
C SER G 493 -35.71 53.79 -56.54
N GLN G 494 -36.08 54.98 -56.08
CA GLN G 494 -35.48 56.24 -56.54
C GLN G 494 -35.40 57.17 -55.33
N GLU G 495 -34.55 58.15 -55.44
CA GLU G 495 -34.39 59.23 -54.43
C GLU G 495 -35.74 59.87 -54.17
N LEU G 496 -36.02 60.19 -52.90
CA LEU G 496 -37.36 60.70 -52.55
C LEU G 496 -37.32 62.19 -52.29
N ALA G 497 -36.31 62.94 -52.70
CA ALA G 497 -36.47 64.41 -52.84
C ALA G 497 -36.98 64.99 -51.52
N GLY G 498 -36.36 64.59 -50.41
CA GLY G 498 -36.74 65.17 -49.10
C GLY G 498 -37.59 64.27 -48.22
N LYS G 499 -38.40 63.39 -48.77
CA LYS G 499 -39.32 62.56 -47.97
C LYS G 499 -38.57 61.44 -47.29
N LYS G 500 -39.22 60.85 -46.30
CA LYS G 500 -38.72 59.59 -45.70
C LYS G 500 -39.62 58.47 -46.17
N PHE G 501 -39.38 57.23 -45.76
CA PHE G 501 -40.20 56.11 -46.17
C PHE G 501 -40.34 55.13 -45.03
N MET G 502 -41.44 54.44 -45.01
CA MET G 502 -41.62 53.34 -44.07
C MET G 502 -42.51 52.26 -44.71
N ILE G 503 -42.54 51.11 -44.06
CA ILE G 503 -43.69 50.19 -44.22
C ILE G 503 -44.93 50.89 -43.66
N GLU G 504 -45.97 51.00 -44.46
CA GLU G 504 -47.23 51.44 -43.88
C GLU G 504 -47.88 50.28 -43.13
N ARG G 505 -47.92 49.12 -43.74
N ARG G 505 -48.03 49.12 -43.76
CA ARG G 505 -48.62 47.97 -43.13
CA ARG G 505 -48.69 47.95 -43.11
C ARG G 505 -48.26 46.68 -43.84
C ARG G 505 -48.27 46.68 -43.83
N VAL G 506 -47.95 45.66 -43.07
CA VAL G 506 -47.80 44.27 -43.58
C VAL G 506 -48.91 43.44 -42.94
N GLU G 507 -49.69 42.76 -43.77
CA GLU G 507 -50.73 41.84 -43.28
C GLU G 507 -50.43 40.43 -43.75
N GLU G 508 -50.55 39.45 -42.87
CA GLU G 508 -50.58 38.07 -43.26
C GLU G 508 -52.03 37.65 -43.43
N GLY G 509 -52.30 36.89 -44.47
CA GLY G 509 -53.69 36.46 -44.69
C GLY G 509 -53.83 35.45 -45.76
N ARG G 510 -55.05 35.43 -46.33
CA ARG G 510 -55.40 34.44 -47.32
C ARG G 510 -56.52 34.97 -48.18
N PHE G 511 -56.74 34.25 -49.26
CA PHE G 511 -57.87 34.57 -50.15
C PHE G 511 -58.99 33.58 -49.87
N GLU G 512 -60.20 34.12 -49.74
N GLU G 512 -60.19 34.08 -49.59
CA GLU G 512 -61.45 33.35 -49.56
CA GLU G 512 -61.41 33.23 -49.62
C GLU G 512 -62.45 33.83 -50.62
C GLU G 512 -62.39 33.80 -50.63
N LYS G 513 -62.78 32.96 -51.58
CA LYS G 513 -63.70 33.30 -52.72
C LYS G 513 -63.15 34.56 -53.39
N GLY G 514 -61.80 34.65 -53.58
CA GLY G 514 -61.09 35.76 -54.26
C GLY G 514 -60.98 37.04 -53.43
N LYS G 515 -61.46 37.04 -52.18
CA LYS G 515 -61.37 38.19 -51.25
C LYS G 515 -60.27 37.92 -50.21
N TRP G 516 -59.53 38.97 -49.95
CA TRP G 516 -58.45 38.93 -48.97
C TRP G 516 -59.08 38.89 -47.57
N VAL G 517 -58.58 37.97 -46.76
CA VAL G 517 -58.91 37.89 -45.34
C VAL G 517 -57.66 38.07 -44.51
N MET G 518 -57.59 39.12 -43.71
N MET G 518 -57.62 39.10 -43.70
CA MET G 518 -56.45 39.39 -42.82
CA MET G 518 -56.46 39.37 -42.83
C MET G 518 -56.49 38.45 -41.61
C MET G 518 -56.48 38.42 -41.61
N GLU G 519 -55.34 37.81 -41.36
CA GLU G 519 -55.14 37.00 -40.14
C GLU G 519 -54.45 37.76 -39.04
N ARG G 520 -53.42 38.49 -39.38
CA ARG G 520 -52.70 39.32 -38.39
C ARG G 520 -51.88 40.37 -39.12
N VAL G 521 -51.41 41.34 -38.37
CA VAL G 521 -50.49 42.37 -38.87
C VAL G 521 -49.07 41.98 -38.38
N TRP G 522 -48.15 41.89 -39.32
CA TRP G 522 -46.73 41.78 -38.96
C TRP G 522 -46.25 43.16 -38.58
N ASN G 523 -45.51 43.28 -37.50
CA ASN G 523 -45.04 44.55 -37.02
C ASN G 523 -43.86 44.33 -36.07
N GLY G 524 -43.25 45.39 -35.57
CA GLY G 524 -42.19 45.25 -34.55
C GLY G 524 -41.06 44.39 -35.05
N ASP G 525 -40.65 43.40 -34.27
CA ASP G 525 -39.53 42.52 -34.67
C ASP G 525 -39.80 41.87 -36.03
N GLN G 526 -41.07 41.59 -36.40
CA GLN G 526 -41.34 40.86 -37.65
C GLN G 526 -41.17 41.80 -38.87
N THR G 527 -41.03 43.10 -38.69
CA THR G 527 -40.74 43.98 -39.82
C THR G 527 -39.54 44.89 -39.64
N ASP G 528 -38.89 44.85 -38.52
CA ASP G 528 -37.70 45.69 -38.28
C ASP G 528 -36.46 45.26 -39.09
N TRP G 529 -36.40 44.00 -39.41
CA TRP G 529 -35.22 43.35 -39.98
C TRP G 529 -35.60 42.66 -41.28
N GLY G 530 -36.35 43.40 -42.17
CA GLY G 530 -36.93 42.71 -43.32
C GLY G 530 -38.09 41.79 -42.96
N LEU G 531 -38.52 41.01 -43.94
CA LEU G 531 -39.60 40.06 -43.79
C LEU G 531 -38.89 38.72 -43.88
N ASN G 532 -38.85 38.00 -42.75
CA ASN G 532 -38.11 36.75 -42.62
C ASN G 532 -38.99 35.52 -42.69
N PHE G 533 -38.67 34.60 -43.59
CA PHE G 533 -39.43 33.41 -43.91
C PHE G 533 -38.59 32.16 -43.63
N THR G 534 -39.20 31.16 -43.07
CA THR G 534 -38.53 29.89 -42.83
C THR G 534 -39.10 28.87 -43.82
N ASP G 535 -39.43 27.68 -43.39
CA ASP G 535 -40.02 26.67 -44.25
C ASP G 535 -41.53 26.74 -44.23
N ARG G 536 -42.10 27.57 -43.37
CA ARG G 536 -43.58 27.52 -43.25
C ARG G 536 -44.20 28.57 -44.17
N PRO G 537 -45.40 28.32 -44.65
CA PRO G 537 -46.03 29.28 -45.55
C PRO G 537 -46.63 30.50 -44.86
N HIS G 538 -46.35 31.66 -45.40
CA HIS G 538 -47.01 32.93 -45.01
C HIS G 538 -47.19 33.74 -46.25
N LEU G 539 -48.43 34.21 -46.50
CA LEU G 539 -48.76 35.13 -47.63
C LEU G 539 -48.99 36.50 -47.03
N LEU G 540 -48.23 37.48 -47.51
CA LEU G 540 -48.26 38.85 -47.00
C LEU G 540 -48.73 39.85 -48.01
N ARG G 541 -49.46 40.83 -47.57
CA ARG G 541 -49.71 42.06 -48.35
C ARG G 541 -48.87 43.15 -47.70
N VAL G 542 -47.98 43.78 -48.46
CA VAL G 542 -47.06 44.82 -47.99
C VAL G 542 -47.42 46.14 -48.63
N LYS G 543 -47.80 47.12 -47.82
N LYS G 543 -47.65 47.12 -47.79
CA LYS G 543 -48.09 48.47 -48.34
CA LYS G 543 -48.02 48.46 -48.24
C LYS G 543 -46.94 49.36 -47.84
C LYS G 543 -46.88 49.35 -47.81
N MET G 544 -46.22 50.00 -48.76
CA MET G 544 -45.14 50.96 -48.47
C MET G 544 -45.66 52.40 -48.57
N ALA G 545 -44.97 53.34 -47.92
CA ALA G 545 -45.31 54.75 -47.99
C ALA G 545 -44.10 55.65 -47.90
N SER G 546 -44.06 56.68 -48.74
CA SER G 546 -43.17 57.85 -48.61
C SER G 546 -43.95 58.89 -47.83
N TYR G 547 -43.32 59.65 -46.99
CA TYR G 547 -44.05 60.65 -46.18
C TYR G 547 -43.19 61.86 -45.97
N SER G 548 -43.84 63.01 -45.93
N SER G 548 -43.85 62.99 -45.86
CA SER G 548 -43.17 64.31 -45.73
CA SER G 548 -43.20 64.30 -45.70
C SER G 548 -42.69 64.46 -44.30
C SER G 548 -42.70 64.49 -44.28
N VAL G 549 -41.53 65.09 -44.16
CA VAL G 549 -41.03 65.58 -42.84
C VAL G 549 -40.81 67.09 -42.81
N GLN G 550 -41.22 67.76 -43.89
CA GLN G 550 -41.11 69.22 -44.17
C GLN G 550 -41.39 70.04 -42.90
N ALA H 12 12.59 -50.91 13.11
CA ALA H 12 13.61 -50.11 12.42
C ALA H 12 14.66 -51.07 11.90
N PRO H 13 15.21 -50.87 10.70
CA PRO H 13 16.23 -51.80 10.22
C PRO H 13 17.50 -51.54 11.02
N LEU H 14 18.36 -52.54 11.10
CA LEU H 14 19.68 -52.39 11.76
C LEU H 14 20.51 -51.33 11.07
N PRO H 15 21.37 -50.65 11.82
CA PRO H 15 22.41 -49.84 11.21
C PRO H 15 23.34 -50.76 10.41
N GLU H 16 23.93 -50.23 9.32
CA GLU H 16 24.89 -51.02 8.48
C GLU H 16 25.78 -50.04 7.75
N LEU H 17 27.01 -50.43 7.57
CA LEU H 17 27.96 -49.66 6.79
C LEU H 17 27.93 -50.19 5.37
N LEU H 18 27.53 -49.32 4.44
CA LEU H 18 27.48 -49.68 3.01
C LEU H 18 28.74 -49.15 2.34
N SER H 19 29.22 -49.89 1.35
CA SER H 19 30.40 -49.54 0.54
C SER H 19 30.04 -49.84 -0.91
N ASN H 20 30.01 -48.84 -1.77
CA ASN H 20 29.70 -49.06 -3.18
C ASN H 20 30.47 -47.99 -3.96
N ASN H 21 31.12 -48.38 -5.05
CA ASN H 21 31.68 -47.43 -6.05
C ASN H 21 32.71 -46.54 -5.35
N GLY H 22 33.43 -47.14 -4.42
CA GLY H 22 34.52 -46.49 -3.72
C GLY H 22 34.01 -45.48 -2.71
N LYS H 23 32.69 -45.46 -2.46
CA LYS H 23 32.10 -44.54 -1.47
C LYS H 23 31.45 -45.35 -0.34
N HIS H 24 31.05 -44.65 0.72
CA HIS H 24 30.59 -45.32 1.95
C HIS H 24 29.48 -44.51 2.60
N ALA H 25 28.62 -45.21 3.30
CA ALA H 25 27.57 -44.62 4.12
C ALA H 25 27.41 -45.47 5.37
N LEU H 26 27.17 -44.77 6.46
CA LEU H 26 26.60 -45.38 7.67
C LEU H 26 25.08 -45.24 7.56
N MET H 27 24.40 -46.34 7.34
CA MET H 27 22.90 -46.33 7.33
C MET H 27 22.42 -46.46 8.77
N VAL H 28 21.60 -45.49 9.19
CA VAL H 28 20.90 -45.52 10.48
C VAL H 28 19.42 -45.27 10.16
N ASP H 29 18.57 -46.22 10.55
CA ASP H 29 17.11 -46.11 10.35
C ASP H 29 16.82 -46.05 8.85
N GLY H 30 17.65 -46.74 8.07
CA GLY H 30 17.38 -47.01 6.66
C GLY H 30 17.83 -45.90 5.73
N ALA H 31 18.71 -44.97 6.16
CA ALA H 31 19.19 -43.85 5.32
C ALA H 31 20.57 -43.48 5.82
N PRO H 32 21.39 -42.86 4.98
CA PRO H 32 22.69 -42.40 5.42
C PRO H 32 22.65 -41.43 6.59
N TYR H 33 23.68 -41.50 7.45
CA TYR H 33 23.76 -40.73 8.72
C TYR H 33 25.18 -40.26 8.93
N ILE H 34 25.36 -39.05 9.46
CA ILE H 34 26.66 -38.52 9.93
C ILE H 34 26.64 -38.52 11.45
N ILE H 35 27.69 -39.12 12.04
CA ILE H 35 28.02 -38.94 13.45
C ILE H 35 28.62 -37.59 13.68
N LEU H 36 27.85 -36.72 14.30
CA LEU H 36 28.35 -35.43 14.81
C LEU H 36 28.51 -35.69 16.27
N GLY H 37 29.70 -36.20 16.59
CA GLY H 37 29.92 -37.01 17.80
C GLY H 37 30.53 -36.26 18.94
N SER H 38 30.53 -36.89 20.09
N SER H 38 30.48 -36.91 20.10
CA SER H 38 31.34 -36.45 21.26
CA SER H 38 31.14 -36.50 21.37
C SER H 38 31.62 -37.70 22.08
C SER H 38 31.63 -37.78 22.06
N GLN H 39 32.85 -37.79 22.56
CA GLN H 39 33.31 -38.91 23.39
C GLN H 39 33.60 -38.40 24.78
N THR H 40 33.21 -39.21 25.78
CA THR H 40 33.50 -38.87 27.16
C THR H 40 34.97 -39.10 27.46
N ASN H 41 35.36 -38.56 28.60
CA ASN H 41 36.64 -38.95 29.18
C ASN H 41 36.50 -40.42 29.62
N ASN H 42 37.66 -41.03 29.88
CA ASN H 42 37.82 -42.51 30.05
C ASN H 42 37.18 -43.06 31.32
N SER H 43 36.84 -42.22 32.28
CA SER H 43 36.29 -42.62 33.59
C SER H 43 34.86 -42.11 33.79
N SER H 44 34.09 -41.94 32.69
CA SER H 44 32.74 -41.36 32.76
C SER H 44 31.68 -42.45 32.56
N ASN H 45 32.10 -43.73 32.53
CA ASN H 45 31.30 -44.90 32.15
C ASN H 45 30.55 -45.45 33.38
N TYR H 46 29.92 -44.58 34.19
CA TYR H 46 29.21 -45.00 35.42
C TYR H 46 27.97 -44.12 35.52
N PRO H 47 26.89 -44.63 36.13
CA PRO H 47 25.66 -43.84 36.15
C PRO H 47 25.83 -42.45 36.80
N ASP H 48 26.64 -42.37 37.83
CA ASP H 48 26.77 -41.10 38.60
C ASP H 48 27.47 -40.02 37.75
N ALA H 49 28.30 -40.46 36.80
CA ALA H 49 29.06 -39.53 35.93
C ALA H 49 28.20 -38.95 34.80
N LEU H 50 27.08 -39.58 34.47
CA LEU H 50 26.37 -39.16 33.26
C LEU H 50 25.88 -37.71 33.39
N LYS H 51 25.52 -37.28 34.60
CA LYS H 51 25.08 -35.88 34.79
C LYS H 51 26.16 -34.88 34.38
N ASP H 52 27.43 -35.30 34.35
CA ASP H 52 28.54 -34.43 33.92
C ASP H 52 28.85 -34.58 32.41
N VAL H 53 28.09 -35.41 31.72
CA VAL H 53 28.24 -35.68 30.25
C VAL H 53 27.13 -35.01 29.45
N TRP H 54 25.88 -35.18 29.86
CA TRP H 54 24.74 -34.72 29.03
C TRP H 54 24.80 -33.24 28.81
N PRO H 55 25.13 -32.37 29.79
CA PRO H 55 25.10 -30.95 29.48
C PRO H 55 26.04 -30.58 28.33
N SER H 56 27.22 -31.17 28.32
CA SER H 56 28.23 -30.89 27.29
C SER H 56 27.70 -31.34 25.93
N MET H 57 27.01 -32.48 25.90
CA MET H 57 26.52 -33.02 24.63
C MET H 57 25.44 -32.06 24.07
N GLU H 58 24.62 -31.48 24.96
CA GLU H 58 23.51 -30.57 24.57
C GLU H 58 24.14 -29.29 24.03
N LYS H 59 25.14 -28.76 24.73
CA LYS H 59 25.82 -27.50 24.32
C LYS H 59 26.50 -27.72 22.96
N MET H 60 27.07 -28.89 22.75
CA MET H 60 27.82 -29.18 21.50
C MET H 60 26.86 -29.36 20.31
N GLY H 61 25.62 -29.74 20.58
CA GLY H 61 24.70 -30.16 19.53
C GLY H 61 25.03 -31.49 18.89
N ALA H 62 25.78 -32.35 19.59
CA ALA H 62 26.14 -33.67 19.08
C ALA H 62 24.89 -34.51 18.92
N ASN H 63 24.90 -35.36 17.93
CA ASN H 63 23.77 -36.32 17.71
C ASN H 63 24.13 -37.69 18.24
N THR H 64 25.39 -37.92 18.61
CA THR H 64 25.83 -39.30 18.96
C THR H 64 26.92 -39.21 20.05
N LEU H 65 26.80 -40.02 21.11
CA LEU H 65 27.77 -40.07 22.18
C LEU H 65 28.53 -41.37 22.06
N SER H 66 29.85 -41.26 22.10
CA SER H 66 30.77 -42.38 22.24
C SER H 66 31.18 -42.46 23.72
N ILE H 67 31.06 -43.66 24.30
CA ILE H 67 31.28 -43.84 25.77
C ILE H 67 31.73 -45.26 26.01
N PRO H 68 32.67 -45.48 26.95
CA PRO H 68 33.14 -46.83 27.17
C PRO H 68 32.14 -47.74 27.88
N VAL H 69 32.15 -48.99 27.51
CA VAL H 69 31.58 -50.07 28.35
C VAL H 69 32.71 -51.03 28.62
N ALA H 70 33.08 -51.16 29.88
CA ALA H 70 34.31 -51.82 30.28
C ALA H 70 34.04 -53.26 30.67
N TRP H 71 34.96 -54.13 30.27
CA TRP H 71 34.84 -55.56 30.65
C TRP H 71 34.78 -55.63 32.19
N GLU H 72 35.60 -54.85 32.88
CA GLU H 72 35.69 -54.98 34.39
C GLU H 72 34.30 -54.65 34.94
N GLN H 73 33.52 -53.77 34.30
CA GLN H 73 32.25 -53.37 34.94
C GLN H 73 31.13 -54.32 34.57
N ILE H 74 31.20 -54.98 33.43
CA ILE H 74 30.08 -55.89 33.08
C ILE H 74 30.33 -57.30 33.61
N GLU H 75 31.59 -57.67 33.91
CA GLU H 75 31.88 -59.05 34.41
C GLU H 75 32.90 -58.93 35.55
N PRO H 76 32.54 -58.24 36.66
CA PRO H 76 33.50 -57.97 37.72
C PRO H 76 34.00 -59.27 38.36
N VAL H 77 33.14 -60.28 38.36
CA VAL H 77 33.47 -61.62 38.81
C VAL H 77 33.10 -62.54 37.68
N GLU H 78 33.95 -63.54 37.41
CA GLU H 78 33.72 -64.36 36.24
C GLU H 78 32.30 -65.00 36.31
N GLY H 79 31.51 -64.77 35.27
CA GLY H 79 30.23 -65.45 35.12
C GLY H 79 29.10 -64.62 35.72
N GLN H 80 29.45 -63.54 36.40
CA GLN H 80 28.46 -62.70 37.11
C GLN H 80 28.34 -61.36 36.36
N PHE H 81 27.40 -61.24 35.43
CA PHE H 81 27.28 -60.07 34.50
C PHE H 81 26.46 -58.99 35.17
N ASP H 82 26.81 -57.75 34.87
CA ASP H 82 26.13 -56.54 35.41
C ASP H 82 25.95 -55.50 34.28
N PHE H 83 24.72 -55.29 33.85
CA PHE H 83 24.42 -54.35 32.76
C PHE H 83 23.74 -53.11 33.34
N SER H 84 23.81 -52.91 34.65
CA SER H 84 23.17 -51.74 35.29
C SER H 84 23.63 -50.44 34.64
N PHE H 85 24.89 -50.33 34.19
CA PHE H 85 25.32 -49.06 33.57
C PHE H 85 24.66 -48.90 32.19
N VAL H 86 24.62 -49.97 31.45
CA VAL H 86 24.10 -49.97 30.08
C VAL H 86 22.60 -49.66 30.14
N ASP H 87 21.88 -50.15 31.13
CA ASP H 87 20.44 -49.89 31.28
C ASP H 87 20.23 -48.40 31.44
N VAL H 88 20.97 -47.81 32.39
CA VAL H 88 20.86 -46.36 32.65
C VAL H 88 21.23 -45.60 31.40
N LEU H 89 22.32 -45.97 30.78
CA LEU H 89 22.81 -45.16 29.65
C LEU H 89 21.79 -45.14 28.48
N LEU H 90 21.24 -46.29 28.18
CA LEU H 90 20.20 -46.40 27.12
C LEU H 90 19.03 -45.47 27.43
N LYS H 91 18.51 -45.48 28.68
CA LYS H 91 17.32 -44.72 28.97
C LYS H 91 17.61 -43.24 28.92
N GLU H 92 18.76 -42.84 29.45
CA GLU H 92 19.06 -41.39 29.46
C GLU H 92 19.36 -40.94 28.03
N ALA H 93 20.07 -41.73 27.23
CA ALA H 93 20.29 -41.33 25.80
C ALA H 93 18.98 -41.09 25.06
N ARG H 94 18.04 -42.01 25.24
CA ARG H 94 16.71 -41.89 24.62
C ARG H 94 15.99 -40.63 25.05
N GLN H 95 16.04 -40.27 26.33
CA GLN H 95 15.33 -39.08 26.85
C GLN H 95 15.86 -37.88 26.10
N ARG H 96 17.14 -37.91 25.78
CA ARG H 96 17.79 -36.78 25.13
C ARG H 96 17.85 -36.92 23.62
N LYS H 97 17.26 -37.98 23.09
CA LYS H 97 17.08 -38.19 21.62
C LYS H 97 18.47 -38.12 20.97
N VAL H 98 19.42 -38.85 21.57
CA VAL H 98 20.74 -39.01 20.93
C VAL H 98 20.99 -40.47 20.77
N ARG H 99 21.93 -40.78 19.88
CA ARG H 99 22.36 -42.16 19.66
C ARG H 99 23.71 -42.41 20.36
N LEU H 100 24.11 -43.68 20.37
CA LEU H 100 25.29 -44.15 21.15
C LEU H 100 26.23 -44.95 20.28
N VAL H 101 27.51 -44.79 20.58
CA VAL H 101 28.56 -45.74 20.12
C VAL H 101 29.18 -46.24 21.41
N LEU H 102 29.09 -47.54 21.60
CA LEU H 102 29.71 -48.13 22.80
C LEU H 102 31.14 -48.53 22.48
N LEU H 103 32.06 -48.27 23.40
CA LEU H 103 33.51 -48.57 23.21
C LEU H 103 33.88 -49.73 24.16
N TRP H 104 34.10 -50.89 23.58
CA TRP H 104 34.37 -52.16 24.31
C TRP H 104 35.80 -52.14 24.80
N PHE H 105 36.01 -51.71 26.06
CA PHE H 105 37.36 -51.65 26.65
C PHE H 105 37.65 -52.98 27.34
N ALA H 106 38.52 -53.80 26.74
CA ALA H 106 38.64 -55.22 27.16
C ALA H 106 40.10 -55.67 27.12
N THR H 107 40.43 -56.55 26.17
CA THR H 107 41.79 -57.12 26.11
C THR H 107 42.80 -55.98 25.94
N TRP H 108 42.50 -54.99 25.08
CA TRP H 108 43.38 -53.82 24.92
C TRP H 108 42.57 -52.55 25.15
N LYS H 109 43.18 -51.67 25.94
CA LYS H 109 42.82 -50.27 26.06
C LYS H 109 44.19 -49.58 26.06
N ASN H 110 44.52 -48.89 24.96
CA ASN H 110 45.81 -48.19 24.83
C ASN H 110 46.90 -49.20 25.13
N ASN H 111 46.83 -50.34 24.45
CA ASN H 111 47.88 -51.40 24.52
C ASN H 111 47.75 -52.31 25.74
N ALA H 112 46.93 -51.93 26.73
CA ALA H 112 47.04 -52.55 28.08
C ALA H 112 45.72 -53.15 28.51
N PRO H 113 45.76 -54.03 29.53
CA PRO H 113 44.58 -54.70 30.04
C PRO H 113 43.93 -54.03 31.24
N HIS H 114 44.12 -52.73 31.46
CA HIS H 114 43.65 -52.10 32.71
C HIS H 114 42.13 -52.15 32.93
N TYR H 115 41.36 -52.30 31.86
CA TYR H 115 39.86 -52.33 31.92
C TYR H 115 39.33 -53.76 31.89
N ALA H 116 40.22 -54.71 31.74
CA ALA H 116 39.82 -56.12 31.94
C ALA H 116 39.59 -56.30 33.44
N PRO H 117 38.72 -57.26 33.79
CA PRO H 117 38.45 -57.57 35.21
C PRO H 117 39.74 -58.01 35.92
N ALA H 118 39.72 -57.83 37.23
CA ALA H 118 40.89 -58.16 38.05
C ALA H 118 41.23 -59.65 37.89
N TRP H 119 40.24 -60.54 37.77
CA TRP H 119 40.49 -61.97 37.54
C TRP H 119 41.07 -62.27 36.15
N VAL H 120 41.07 -61.30 35.23
CA VAL H 120 41.84 -61.41 33.97
C VAL H 120 43.25 -60.78 34.14
N LYS H 121 43.28 -59.48 34.47
CA LYS H 121 44.55 -58.71 34.36
C LYS H 121 45.56 -59.10 35.46
N LEU H 122 45.15 -59.80 36.50
CA LEU H 122 46.12 -60.22 37.52
C LEU H 122 46.47 -61.70 37.36
N ASP H 123 46.02 -62.36 36.28
CA ASP H 123 46.29 -63.80 36.10
C ASP H 123 47.07 -63.98 34.78
N ASN H 124 48.39 -63.74 34.82
CA ASN H 124 49.27 -63.86 33.63
C ASN H 124 49.31 -65.32 33.16
N ALA H 125 49.32 -66.30 34.07
CA ALA H 125 49.40 -67.72 33.71
C ALA H 125 48.24 -68.06 32.76
N ARG H 126 47.01 -67.63 33.05
CA ARG H 126 45.83 -67.93 32.21
C ARG H 126 45.74 -66.96 31.00
N PHE H 127 46.19 -65.73 31.17
CA PHE H 127 45.95 -64.61 30.20
C PHE H 127 47.29 -63.94 29.98
N PRO H 128 48.13 -64.53 29.12
CA PRO H 128 49.54 -64.12 29.05
C PRO H 128 49.82 -62.78 28.34
N ARG H 129 50.85 -62.11 28.89
CA ARG H 129 51.45 -60.87 28.35
C ARG H 129 52.49 -61.16 27.27
N VAL H 130 52.61 -60.18 26.42
CA VAL H 130 53.75 -60.03 25.47
C VAL H 130 55.08 -60.15 26.23
N VAL H 131 55.99 -60.95 25.68
CA VAL H 131 57.36 -61.06 26.20
C VAL H 131 58.29 -60.46 25.17
N LYS H 132 59.16 -59.58 25.63
CA LYS H 132 60.21 -58.97 24.80
C LYS H 132 61.26 -59.99 24.34
N GLU H 133 62.03 -59.64 23.32
CA GLU H 133 63.13 -60.50 22.80
C GLU H 133 64.03 -60.85 23.98
N ASP H 134 64.25 -59.90 24.89
CA ASP H 134 65.21 -60.00 26.02
C ASP H 134 64.56 -60.75 27.20
N GLY H 135 63.33 -61.26 27.06
CA GLY H 135 62.72 -62.10 28.12
C GLY H 135 61.90 -61.27 29.13
N ASP H 136 62.04 -59.94 29.17
CA ASP H 136 61.18 -59.12 30.06
C ASP H 136 59.75 -59.12 29.52
N THR H 137 58.81 -58.85 30.42
CA THR H 137 57.35 -58.88 30.10
C THR H 137 56.78 -57.46 30.09
N LEU H 138 55.91 -57.17 29.10
CA LEU H 138 55.20 -55.89 29.03
C LEU H 138 53.76 -56.07 29.48
N ASN H 139 53.17 -54.99 30.00
CA ASN H 139 51.75 -55.06 30.40
C ASN H 139 50.88 -54.84 29.15
N SER H 140 50.93 -55.79 28.22
CA SER H 140 50.12 -55.79 26.99
C SER H 140 49.80 -57.26 26.71
N LEU H 141 48.53 -57.65 26.65
CA LEU H 141 48.20 -59.10 26.56
C LEU H 141 48.48 -59.62 25.14
N SER H 142 49.08 -60.78 25.05
CA SER H 142 49.44 -61.38 23.74
C SER H 142 48.18 -61.71 22.96
N PRO H 143 48.13 -61.40 21.65
CA PRO H 143 46.99 -61.83 20.83
C PRO H 143 46.93 -63.33 20.56
N LEU H 144 47.98 -64.02 20.99
CA LEU H 144 48.02 -65.50 20.85
C LEU H 144 47.56 -66.23 22.11
N GLY H 145 47.04 -65.47 23.06
CA GLY H 145 46.42 -66.01 24.29
C GLY H 145 45.05 -66.54 23.97
N GLN H 146 44.89 -67.87 23.91
CA GLN H 146 43.62 -68.48 23.49
C GLN H 146 42.56 -68.33 24.60
N ASN H 147 42.95 -68.44 25.88
CA ASN H 147 42.00 -68.23 26.99
C ASN H 147 41.50 -66.79 26.98
N THR H 148 42.37 -65.82 26.71
CA THR H 148 41.99 -64.39 26.73
C THR H 148 40.95 -64.18 25.65
N LEU H 149 41.21 -64.71 24.44
CA LEU H 149 40.26 -64.54 23.31
C LEU H 149 38.90 -65.11 23.70
N ALA H 150 38.87 -66.32 24.22
CA ALA H 150 37.61 -67.01 24.60
C ALA H 150 36.91 -66.19 25.66
N ALA H 151 37.66 -65.61 26.60
CA ALA H 151 36.99 -64.86 27.71
C ALA H 151 36.48 -63.51 27.22
N ASP H 152 37.27 -62.80 26.41
CA ASP H 152 36.82 -61.53 25.80
C ASP H 152 35.51 -61.79 25.04
N LYS H 153 35.51 -62.75 24.10
N LYS H 153 35.53 -62.80 24.16
CA LYS H 153 34.33 -63.09 23.29
CA LYS H 153 34.41 -63.17 23.26
C LYS H 153 33.12 -63.30 24.20
C LYS H 153 33.14 -63.48 24.06
N LYS H 154 33.27 -64.17 25.18
CA LYS H 154 32.13 -64.59 26.03
C LYS H 154 31.49 -63.33 26.62
N ALA H 155 32.30 -62.37 27.11
CA ALA H 155 31.74 -61.16 27.74
C ALA H 155 31.11 -60.31 26.67
N PHE H 156 31.78 -60.20 25.51
CA PHE H 156 31.31 -59.29 24.44
C PHE H 156 29.95 -59.83 23.94
N VAL H 157 29.85 -61.14 23.81
CA VAL H 157 28.57 -61.79 23.44
C VAL H 157 27.46 -61.44 24.45
N GLU H 158 27.79 -61.39 25.74
CA GLU H 158 26.76 -61.06 26.77
C GLU H 158 26.33 -59.61 26.57
N LEU H 159 27.28 -58.72 26.26
CA LEU H 159 26.92 -57.32 25.99
C LEU H 159 25.94 -57.27 24.83
N MET H 160 26.27 -57.94 23.74
CA MET H 160 25.45 -57.88 22.51
C MET H 160 24.09 -58.54 22.74
N LYS H 161 24.01 -59.52 23.62
CA LYS H 161 22.69 -60.07 24.00
C LYS H 161 21.82 -59.07 24.74
N TYR H 162 22.45 -58.26 25.60
CA TYR H 162 21.75 -57.20 26.35
C TYR H 162 21.16 -56.25 25.31
N LEU H 163 21.95 -55.83 24.29
CA LEU H 163 21.41 -54.86 23.32
C LEU H 163 20.29 -55.53 22.51
N ALA H 164 20.47 -56.80 22.15
CA ALA H 164 19.43 -57.55 21.39
C ALA H 164 18.10 -57.55 22.17
N LYS H 165 18.13 -57.63 23.49
CA LYS H 165 16.93 -57.81 24.34
C LYS H 165 16.36 -56.43 24.70
N ARG H 166 17.21 -55.41 24.91
N ARG H 166 17.20 -55.40 24.91
CA ARG H 166 16.78 -54.12 25.53
CA ARG H 166 16.71 -54.13 25.51
C ARG H 166 16.91 -52.94 24.57
C ARG H 166 16.99 -52.93 24.60
N ASP H 167 17.38 -53.13 23.33
CA ASP H 167 17.66 -51.97 22.43
C ASP H 167 17.12 -52.17 21.00
N LYS H 168 15.85 -52.50 20.87
CA LYS H 168 15.20 -52.93 19.61
C LYS H 168 15.27 -51.83 18.56
N ASP H 169 15.22 -50.57 18.98
CA ASP H 169 15.22 -49.41 18.08
C ASP H 169 16.65 -48.94 17.81
N HIS H 170 17.66 -49.67 18.27
CA HIS H 170 19.07 -49.38 17.94
C HIS H 170 19.48 -47.98 18.42
N THR H 171 19.17 -47.58 19.65
CA THR H 171 19.83 -46.41 20.29
C THR H 171 21.36 -46.52 20.08
N VAL H 172 21.91 -47.72 20.30
CA VAL H 172 23.34 -48.02 20.02
C VAL H 172 23.45 -48.37 18.53
N ILE H 173 24.13 -47.52 17.77
CA ILE H 173 24.21 -47.69 16.31
C ILE H 173 25.50 -48.39 15.89
N MET H 174 26.53 -48.48 16.76
CA MET H 174 27.83 -49.02 16.35
C MET H 174 28.62 -49.34 17.63
N VAL H 175 29.55 -50.29 17.52
CA VAL H 175 30.38 -50.73 18.65
C VAL H 175 31.83 -50.71 18.22
N GLN H 176 32.65 -50.09 19.05
CA GLN H 176 34.12 -50.12 18.85
C GLN H 176 34.68 -51.33 19.62
N VAL H 177 35.45 -52.16 18.96
CA VAL H 177 35.95 -53.45 19.50
C VAL H 177 37.38 -53.20 20.00
N GLN H 178 37.59 -53.24 21.31
CA GLN H 178 38.84 -52.83 21.96
C GLN H 178 39.04 -51.31 21.81
N ASN H 179 40.17 -50.80 22.31
CA ASN H 179 40.50 -49.38 22.16
C ASN H 179 42.02 -49.21 21.97
N GLU H 180 42.44 -48.79 20.80
CA GLU H 180 43.88 -48.56 20.52
C GLU H 180 44.69 -49.80 20.90
N VAL H 181 44.44 -50.86 20.17
CA VAL H 181 45.20 -52.12 20.33
C VAL H 181 46.68 -51.87 19.95
N GLY H 182 47.48 -52.86 20.30
CA GLY H 182 48.90 -52.88 19.97
C GLY H 182 49.76 -53.07 21.20
N THR H 183 51.05 -52.80 21.03
CA THR H 183 52.03 -52.91 22.10
C THR H 183 53.01 -51.75 22.02
N TYR H 184 53.18 -51.06 23.13
CA TYR H 184 54.33 -50.14 23.28
C TYR H 184 55.51 -50.90 23.93
N GLY H 185 56.72 -50.60 23.47
CA GLY H 185 58.01 -51.10 24.03
C GLY H 185 58.48 -52.38 23.35
N ALA H 186 57.70 -52.98 22.46
CA ALA H 186 58.14 -54.09 21.62
C ALA H 186 57.36 -54.13 20.32
N VAL H 187 57.85 -54.89 19.34
CA VAL H 187 57.18 -54.91 18.02
C VAL H 187 56.11 -56.00 18.06
N ARG H 188 56.37 -57.08 18.79
CA ARG H 188 55.46 -58.25 18.86
C ARG H 188 55.72 -59.05 20.14
N ASP H 189 54.89 -60.08 20.34
CA ASP H 189 55.17 -61.13 21.33
C ASP H 189 56.33 -62.00 20.82
N TYR H 190 57.36 -62.16 21.66
CA TYR H 190 58.46 -63.09 21.38
C TYR H 190 58.48 -64.28 22.33
N SER H 191 57.39 -64.51 23.08
CA SER H 191 57.22 -65.72 23.91
C SER H 191 57.42 -66.98 23.06
N PRO H 192 57.83 -68.13 23.67
CA PRO H 192 57.90 -69.38 22.92
C PRO H 192 56.62 -69.69 22.17
N MET H 193 55.48 -69.37 22.76
CA MET H 193 54.14 -69.59 22.20
C MET H 193 54.02 -68.81 20.88
N ALA H 194 54.32 -67.51 20.93
CA ALA H 194 54.29 -66.64 19.74
C ALA H 194 55.32 -67.10 18.69
N GLN H 195 56.51 -67.41 19.13
CA GLN H 195 57.63 -67.76 18.24
C GLN H 195 57.30 -69.05 17.48
N ALA H 196 56.50 -69.97 18.01
CA ALA H 196 56.13 -71.20 17.27
C ALA H 196 55.23 -70.90 16.07
N VAL H 197 54.38 -69.88 16.19
CA VAL H 197 53.44 -69.43 15.12
C VAL H 197 54.27 -68.63 14.12
N PHE H 198 55.17 -67.82 14.65
CA PHE H 198 56.08 -66.95 13.81
C PHE H 198 56.93 -67.81 12.84
N ASN H 199 57.34 -68.97 13.31
CA ASN H 199 58.25 -69.88 12.56
C ASN H 199 57.47 -70.69 11.51
N ALA H 200 56.15 -70.79 11.62
CA ALA H 200 55.29 -71.59 10.71
C ALA H 200 54.92 -70.79 9.45
N ALA H 201 54.23 -71.45 8.50
CA ALA H 201 53.71 -70.84 7.27
C ALA H 201 52.88 -69.64 7.70
N VAL H 202 52.97 -68.57 6.93
CA VAL H 202 51.92 -67.55 6.97
C VAL H 202 50.69 -68.30 6.51
N PRO H 203 49.57 -68.07 7.21
CA PRO H 203 48.28 -68.65 6.85
C PRO H 203 47.86 -68.46 5.39
N ASP H 204 47.44 -69.56 4.76
CA ASP H 204 46.95 -69.63 3.36
C ASP H 204 46.10 -68.39 3.05
N ASP H 205 45.06 -68.14 3.86
CA ASP H 205 44.06 -67.06 3.66
C ASP H 205 44.76 -65.73 3.39
N LEU H 206 45.69 -65.35 4.26
CA LEU H 206 46.39 -64.05 4.10
C LEU H 206 47.15 -64.07 2.78
N ILE H 207 47.85 -65.16 2.51
CA ILE H 207 48.63 -65.32 1.23
C ILE H 207 47.73 -65.14 -0.02
N GLN H 208 46.58 -65.82 -0.07
CA GLN H 208 45.59 -65.70 -1.19
C GLN H 208 45.12 -64.24 -1.31
N LYS H 209 44.47 -63.72 -0.27
CA LYS H 209 43.87 -62.35 -0.24
C LYS H 209 44.90 -61.32 -0.73
N LEU H 210 46.15 -61.46 -0.30
CA LEU H 210 47.26 -60.50 -0.56
C LEU H 210 47.93 -60.80 -1.88
N GLN H 211 47.48 -61.88 -2.56
CA GLN H 211 48.06 -62.27 -3.87
C GLN H 211 49.60 -62.26 -3.75
N LEU H 212 50.15 -62.81 -2.68
CA LEU H 212 51.62 -63.12 -2.52
C LEU H 212 51.90 -64.65 -2.62
N LYS H 213 53.19 -64.98 -2.65
CA LYS H 213 53.65 -66.37 -2.82
C LYS H 213 53.73 -66.98 -1.42
N PRO H 214 53.22 -68.24 -1.22
CA PRO H 214 53.32 -68.95 0.07
C PRO H 214 54.72 -68.80 0.67
N GLY H 215 54.82 -68.85 1.99
CA GLY H 215 56.11 -69.04 2.72
C GLY H 215 55.82 -68.84 4.19
N THR H 216 56.87 -68.73 5.00
CA THR H 216 56.72 -68.41 6.43
C THR H 216 56.84 -66.91 6.68
N TRP H 217 56.54 -66.48 7.90
CA TRP H 217 56.45 -65.03 8.20
C TRP H 217 57.68 -64.28 7.67
N SER H 218 58.87 -64.73 8.06
CA SER H 218 60.14 -64.04 7.77
C SER H 218 60.44 -64.07 6.27
N GLN H 219 59.92 -65.11 5.59
CA GLN H 219 60.16 -65.34 4.15
C GLN H 219 59.22 -64.45 3.37
N VAL H 220 57.95 -64.34 3.81
CA VAL H 220 56.95 -63.55 3.03
C VAL H 220 57.23 -62.06 3.20
N PHE H 221 57.66 -61.61 4.38
CA PHE H 221 57.54 -60.19 4.83
C PHE H 221 58.90 -59.59 5.21
N GLY H 222 59.93 -60.41 5.34
CA GLY H 222 61.32 -59.98 5.63
C GLY H 222 61.47 -58.97 6.79
N ARG H 223 61.98 -57.74 6.56
CA ARG H 223 62.26 -56.72 7.63
C ARG H 223 60.95 -56.33 8.38
N ASP H 224 59.80 -56.50 7.74
CA ASP H 224 58.49 -56.16 8.35
C ASP H 224 57.91 -57.35 9.09
N ALA H 225 58.63 -58.47 9.24
CA ALA H 225 57.98 -59.73 9.68
C ALA H 225 57.44 -59.57 11.09
N ASP H 226 58.21 -58.99 12.00
CA ASP H 226 57.81 -58.87 13.40
C ASP H 226 56.51 -58.03 13.53
N GLU H 227 56.47 -56.89 12.85
CA GLU H 227 55.35 -55.94 13.02
C GLU H 227 54.11 -56.50 12.30
N PHE H 228 54.27 -57.01 11.07
CA PHE H 228 53.14 -57.54 10.29
C PHE H 228 52.58 -58.72 11.05
N PHE H 229 53.44 -59.48 11.69
CA PHE H 229 52.96 -60.63 12.54
C PHE H 229 52.04 -60.18 13.68
N HIS H 230 52.44 -59.15 14.37
CA HIS H 230 51.67 -58.64 15.52
C HIS H 230 50.37 -58.06 15.01
N ALA H 231 50.43 -57.29 13.92
CA ALA H 231 49.23 -56.72 13.27
C ALA H 231 48.27 -57.85 12.87
N TYR H 232 48.77 -58.90 12.23
CA TYR H 232 47.89 -59.99 11.78
C TYR H 232 47.22 -60.68 12.99
N GLN H 233 48.00 -60.98 14.02
CA GLN H 233 47.47 -61.71 15.19
C GLN H 233 46.43 -60.90 15.94
N ILE H 234 46.71 -59.61 16.15
CA ILE H 234 45.72 -58.74 16.80
C ILE H 234 44.49 -58.66 15.93
N ALA H 235 44.66 -58.45 14.61
CA ALA H 235 43.52 -58.31 13.69
C ALA H 235 42.66 -59.58 13.77
N ARG H 236 43.28 -60.76 13.78
CA ARG H 236 42.51 -62.06 13.87
C ARG H 236 41.72 -62.14 15.18
N TYR H 237 42.33 -61.68 16.25
CA TYR H 237 41.68 -61.64 17.59
C TYR H 237 40.48 -60.71 17.57
N CYS H 238 40.68 -59.48 17.11
CA CYS H 238 39.53 -58.52 17.02
C CYS H 238 38.44 -59.03 16.07
N ASP H 239 38.81 -59.68 14.96
CA ASP H 239 37.80 -60.15 13.97
C ASP H 239 36.95 -61.23 14.61
N GLU H 240 37.58 -62.07 15.39
CA GLU H 240 36.85 -63.16 16.07
C GLU H 240 35.89 -62.64 17.15
N VAL H 241 36.31 -61.66 17.92
CA VAL H 241 35.41 -61.01 18.87
C VAL H 241 34.23 -60.39 18.13
N THR H 242 34.51 -59.69 17.03
CA THR H 242 33.53 -58.95 16.22
C THR H 242 32.49 -60.01 15.74
N VAL H 243 32.98 -61.08 15.15
CA VAL H 243 32.06 -62.10 14.56
C VAL H 243 31.11 -62.67 15.61
N ALA H 244 31.64 -62.98 16.78
CA ALA H 244 30.85 -63.59 17.87
C ALA H 244 29.77 -62.60 18.31
N GLY H 245 30.13 -61.32 18.44
CA GLY H 245 29.12 -60.30 18.79
C GLY H 245 28.07 -60.15 17.72
N LYS H 246 28.52 -60.08 16.46
N LYS H 246 28.46 -60.07 16.45
CA LYS H 246 27.66 -59.76 15.29
CA LYS H 246 27.51 -59.72 15.38
C LYS H 246 26.64 -60.87 15.10
C LYS H 246 26.56 -60.89 15.13
N ALA H 247 27.01 -62.09 15.44
CA ALA H 247 26.11 -63.27 15.42
C ALA H 247 24.89 -63.04 16.34
N ILE H 248 25.08 -62.30 17.46
CA ILE H 248 23.96 -61.90 18.34
C ILE H 248 23.15 -60.74 17.78
N LYS H 249 23.83 -59.63 17.49
CA LYS H 249 23.18 -58.42 16.89
C LYS H 249 24.17 -57.86 15.88
N ASN H 250 23.78 -57.80 14.60
CA ASN H 250 24.70 -57.51 13.49
C ASN H 250 24.88 -55.99 13.37
N LEU H 251 25.38 -55.33 14.40
CA LEU H 251 25.66 -53.88 14.34
C LEU H 251 27.00 -53.69 13.66
N PRO H 252 27.18 -52.55 12.98
CA PRO H 252 28.50 -52.17 12.51
C PRO H 252 29.48 -52.17 13.69
N MET H 253 30.69 -52.59 13.40
CA MET H 253 31.78 -52.56 14.43
C MET H 253 33.10 -52.10 13.85
N TYR H 254 33.96 -51.45 14.66
CA TYR H 254 35.17 -50.89 14.07
C TYR H 254 36.27 -50.94 15.11
N VAL H 255 37.49 -50.71 14.66
CA VAL H 255 38.67 -50.50 15.57
C VAL H 255 39.23 -49.11 15.35
N ASN H 256 39.82 -48.55 16.40
CA ASN H 256 40.42 -47.19 16.45
C ASN H 256 41.92 -47.18 16.72
N VAL H 257 42.64 -46.39 15.94
CA VAL H 257 44.10 -46.52 15.84
C VAL H 257 44.83 -45.44 16.62
N ALA H 258 45.75 -45.86 17.48
CA ALA H 258 46.84 -45.00 18.04
C ALA H 258 47.82 -44.73 16.87
N LEU H 259 47.56 -43.63 16.16
CA LEU H 259 48.26 -43.35 14.92
C LEU H 259 49.77 -43.24 15.13
N ARG H 260 50.49 -43.68 14.10
CA ARG H 260 51.88 -43.25 13.93
C ARG H 260 51.89 -41.99 13.07
N ASN H 261 52.88 -41.16 13.31
CA ASN H 261 53.06 -39.97 12.47
C ASN H 261 53.34 -40.48 11.06
N PRO H 262 52.53 -40.11 10.05
CA PRO H 262 52.70 -40.70 8.73
C PRO H 262 53.99 -40.26 8.04
N PHE H 263 54.54 -39.10 8.43
CA PHE H 263 55.72 -38.53 7.77
C PHE H 263 57.03 -38.96 8.43
N ASN H 264 56.93 -39.33 9.72
CA ASN H 264 58.14 -39.55 10.56
C ASN H 264 57.68 -40.40 11.73
N PRO H 265 57.39 -41.68 11.48
CA PRO H 265 56.68 -42.48 12.47
C PRO H 265 57.50 -42.96 13.67
N GLY H 266 58.82 -42.96 13.58
CA GLY H 266 59.64 -43.69 14.53
C GLY H 266 59.46 -45.19 14.32
N LEU H 267 59.81 -45.96 15.34
CA LEU H 267 59.86 -47.40 15.21
C LEU H 267 58.62 -48.06 15.80
N PRO H 268 58.17 -49.19 15.26
CA PRO H 268 57.09 -49.93 15.91
C PRO H 268 57.56 -50.26 17.31
N GLY H 269 56.71 -49.98 18.30
CA GLY H 269 56.96 -50.10 19.75
C GLY H 269 57.23 -48.74 20.37
N GLN H 270 57.74 -47.79 19.60
N GLN H 270 57.73 -47.78 19.60
CA GLN H 270 57.75 -46.36 19.96
CA GLN H 270 57.71 -46.36 20.01
C GLN H 270 56.31 -45.88 19.72
C GLN H 270 56.29 -45.87 19.74
N TYR H 271 55.77 -46.13 18.54
CA TYR H 271 54.33 -46.05 18.32
C TYR H 271 53.74 -47.41 18.73
N SER H 272 52.43 -47.51 18.77
CA SER H 272 51.72 -48.74 19.21
C SER H 272 51.78 -49.78 18.10
N SER H 273 52.69 -50.76 18.23
CA SER H 273 52.89 -51.76 17.19
C SER H 273 51.67 -52.69 17.09
N GLY H 274 51.23 -53.03 15.87
CA GLY H 274 50.18 -54.02 15.60
C GLY H 274 48.77 -53.45 15.46
N GLY H 275 48.58 -52.19 15.86
CA GLY H 275 47.33 -51.51 15.59
C GLY H 275 47.30 -51.20 14.11
N GLY H 276 46.18 -50.65 13.64
CA GLY H 276 45.94 -50.38 12.22
C GLY H 276 46.66 -49.14 11.72
N THR H 277 47.96 -49.03 11.96
CA THR H 277 48.81 -47.96 11.43
C THR H 277 48.83 -48.05 9.90
N ASP H 278 49.30 -46.97 9.28
CA ASP H 278 49.14 -46.80 7.82
C ASP H 278 49.91 -47.87 7.04
N ASN H 279 51.00 -48.40 7.59
CA ASN H 279 51.87 -49.36 6.90
C ASN H 279 51.26 -50.76 7.00
N VAL H 280 50.30 -50.98 7.92
CA VAL H 280 49.67 -52.33 8.08
C VAL H 280 48.17 -52.36 7.77
N LEU H 281 47.62 -51.35 7.11
CA LEU H 281 46.17 -51.42 6.79
C LEU H 281 45.92 -52.60 5.86
N HIS H 282 46.86 -52.94 4.95
CA HIS H 282 46.62 -54.09 4.04
C HIS H 282 46.52 -55.42 4.83
N ILE H 283 47.33 -55.59 5.87
CA ILE H 283 47.35 -56.77 6.80
C ILE H 283 45.99 -56.81 7.53
N TRP H 284 45.61 -55.70 8.12
CA TRP H 284 44.29 -55.58 8.78
C TRP H 284 43.12 -55.91 7.84
N LYS H 285 43.09 -55.37 6.61
CA LYS H 285 41.95 -55.59 5.72
C LYS H 285 41.91 -57.06 5.30
N ALA H 286 43.07 -57.70 5.11
CA ALA H 286 43.12 -59.11 4.71
C ALA H 286 42.75 -60.00 5.91
N ALA H 287 43.16 -59.63 7.10
CA ALA H 287 43.07 -60.52 8.28
C ALA H 287 41.69 -60.41 8.94
N ALA H 288 41.03 -59.26 8.81
CA ALA H 288 39.81 -58.96 9.58
C ALA H 288 38.64 -58.48 8.71
N PRO H 289 38.08 -59.39 7.85
CA PRO H 289 37.02 -59.03 6.92
C PRO H 289 35.67 -58.68 7.58
N ASN H 290 35.48 -59.00 8.85
CA ASN H 290 34.21 -58.73 9.57
C ASN H 290 34.25 -57.38 10.27
N ILE H 291 35.42 -56.74 10.38
CA ILE H 291 35.50 -55.39 11.02
C ILE H 291 35.15 -54.38 9.92
N ASP H 292 34.19 -53.50 10.19
CA ASP H 292 33.60 -52.65 9.12
C ASP H 292 34.58 -51.58 8.67
N LEU H 293 35.32 -50.96 9.58
CA LEU H 293 36.27 -49.91 9.21
C LEU H 293 37.36 -49.77 10.28
N ILE H 294 38.46 -49.13 9.87
CA ILE H 294 39.63 -48.80 10.73
C ILE H 294 39.70 -47.28 10.86
N ALA H 295 39.55 -46.78 12.08
CA ALA H 295 39.29 -45.37 12.36
C ALA H 295 40.51 -44.70 12.94
N PRO H 296 40.92 -43.55 12.42
CA PRO H 296 42.03 -42.83 13.06
C PRO H 296 41.63 -42.06 14.32
N ASP H 297 42.51 -42.05 15.30
CA ASP H 297 42.43 -41.21 16.51
C ASP H 297 43.41 -40.06 16.42
N ILE H 298 42.93 -38.90 15.98
CA ILE H 298 43.82 -37.78 15.55
C ILE H 298 44.14 -36.78 16.66
N TYR H 299 45.40 -36.67 17.08
CA TYR H 299 45.84 -35.69 18.05
C TYR H 299 46.99 -34.83 17.51
N PHE H 300 47.34 -35.03 16.23
CA PHE H 300 48.30 -34.14 15.56
C PHE H 300 47.54 -32.82 15.30
N ARG H 301 48.10 -31.67 15.64
CA ARG H 301 47.36 -30.38 15.52
C ARG H 301 47.54 -29.74 14.13
N ASP H 302 48.61 -30.09 13.43
CA ASP H 302 49.05 -29.30 12.26
C ASP H 302 48.33 -29.78 11.01
N TYR H 303 47.91 -28.82 10.21
CA TYR H 303 47.14 -29.11 9.01
C TYR H 303 47.75 -30.16 8.06
N LYS H 304 49.05 -30.09 7.77
N LYS H 304 49.06 -30.06 7.82
CA LYS H 304 49.59 -31.02 6.76
CA LYS H 304 49.71 -30.94 6.85
C LYS H 304 49.58 -32.45 7.32
C LYS H 304 49.63 -32.40 7.33
N THR H 305 49.86 -32.63 8.59
CA THR H 305 49.84 -34.00 9.14
C THR H 305 48.42 -34.56 9.26
N VAL H 306 47.49 -33.73 9.68
CA VAL H 306 46.09 -34.18 9.78
C VAL H 306 45.59 -34.55 8.41
N SER H 307 45.91 -33.68 7.45
CA SER H 307 45.46 -33.90 6.08
C SER H 307 46.02 -35.20 5.52
N LYS H 308 47.29 -35.52 5.87
CA LYS H 308 47.86 -36.80 5.39
C LYS H 308 47.14 -37.99 6.04
N VAL H 309 46.85 -37.90 7.34
CA VAL H 309 46.05 -38.95 7.99
C VAL H 309 44.68 -39.14 7.34
N LEU H 310 43.99 -38.03 7.03
CA LEU H 310 42.65 -38.22 6.41
C LEU H 310 42.81 -38.88 5.04
N GLU H 311 43.89 -38.54 4.30
CA GLU H 311 44.13 -39.16 2.98
C GLU H 311 44.40 -40.67 3.10
N LEU H 312 45.20 -41.07 4.09
CA LEU H 312 45.60 -42.48 4.23
C LEU H 312 44.46 -43.39 4.71
N TYR H 313 43.52 -42.84 5.50
CA TYR H 313 42.42 -43.65 6.10
C TYR H 313 41.16 -43.63 5.24
N THR H 314 41.11 -42.76 4.24
CA THR H 314 40.00 -42.74 3.29
C THR H 314 40.38 -43.56 2.08
N ARG H 315 39.79 -44.73 1.93
CA ARG H 315 40.19 -45.73 0.88
C ARG H 315 38.91 -46.32 0.29
N PRO H 316 38.93 -46.87 -0.94
CA PRO H 316 37.79 -47.64 -1.42
C PRO H 316 37.37 -48.73 -0.44
N ASP H 317 38.32 -49.32 0.24
CA ASP H 317 38.00 -50.39 1.22
C ASP H 317 37.84 -49.87 2.67
N ASN H 318 37.80 -48.56 2.92
CA ASN H 318 37.81 -48.04 4.30
C ASN H 318 37.04 -46.73 4.37
N ALA H 319 35.83 -46.81 4.91
CA ALA H 319 35.09 -45.61 5.27
C ALA H 319 35.92 -44.80 6.26
N LEU H 320 35.84 -43.49 6.17
CA LEU H 320 36.51 -42.55 7.10
C LEU H 320 35.60 -42.22 8.26
N PHE H 321 36.08 -42.56 9.46
CA PHE H 321 35.41 -42.18 10.71
C PHE H 321 36.47 -41.63 11.63
N VAL H 322 36.39 -40.37 11.97
CA VAL H 322 37.40 -39.75 12.87
C VAL H 322 36.87 -40.07 14.27
N ALA H 323 37.21 -41.27 14.75
CA ALA H 323 36.64 -41.82 16.00
C ALA H 323 37.03 -41.01 17.23
N GLU H 324 38.16 -40.36 17.21
CA GLU H 324 38.62 -39.43 18.21
C GLU H 324 39.37 -38.32 17.51
N ILE H 325 39.23 -37.12 18.03
CA ILE H 325 40.12 -36.02 17.66
C ILE H 325 40.27 -35.13 18.89
N GLY H 326 41.36 -34.40 18.99
CA GLY H 326 41.58 -33.53 20.14
C GLY H 326 40.47 -32.50 20.29
N ASN H 327 40.24 -32.03 21.52
CA ASN H 327 39.14 -31.10 21.76
C ASN H 327 39.64 -29.67 21.85
N ASP H 328 40.93 -29.40 21.59
CA ASP H 328 41.36 -28.01 21.52
C ASP H 328 40.79 -27.31 20.25
N GLN H 329 40.81 -26.00 20.30
CA GLN H 329 40.25 -25.18 19.22
C GLN H 329 40.72 -25.55 17.83
N PRO H 330 42.02 -25.78 17.59
CA PRO H 330 42.48 -25.98 16.21
C PRO H 330 41.85 -27.18 15.53
N PHE H 331 41.37 -28.14 16.31
CA PHE H 331 40.83 -29.39 15.71
C PHE H 331 39.42 -29.25 15.08
N ALA H 332 38.66 -28.23 15.50
CA ALA H 332 37.25 -28.16 15.09
C ALA H 332 37.11 -28.09 13.55
N ARG H 333 38.02 -27.36 12.91
CA ARG H 333 37.90 -27.08 11.48
C ARG H 333 38.13 -28.36 10.69
N TYR H 334 38.73 -29.40 11.30
CA TYR H 334 38.97 -30.63 10.54
C TYR H 334 37.65 -31.38 10.24
N LEU H 335 36.54 -30.98 10.88
CA LEU H 335 35.26 -31.55 10.48
C LEU H 335 35.04 -31.38 8.96
N PHE H 336 35.46 -30.24 8.43
CA PHE H 336 35.12 -29.92 7.01
C PHE H 336 35.79 -30.89 6.03
N PRO H 337 37.15 -31.10 6.10
CA PRO H 337 37.74 -32.06 5.18
C PRO H 337 37.36 -33.51 5.49
N THR H 338 37.00 -33.79 6.76
CA THR H 338 36.54 -35.13 7.09
C THR H 338 35.24 -35.43 6.30
N LEU H 339 34.26 -34.51 6.37
CA LEU H 339 33.01 -34.73 5.60
C LEU H 339 33.24 -34.61 4.08
N GLY H 340 34.18 -33.77 3.68
CA GLY H 340 34.51 -33.61 2.27
C GLY H 340 35.14 -34.86 1.64
N LYS H 341 35.81 -35.69 2.47
CA LYS H 341 36.32 -36.99 2.07
C LYS H 341 35.21 -38.03 2.00
N GLY H 342 33.98 -37.66 2.33
CA GLY H 342 32.91 -38.67 2.43
C GLY H 342 32.90 -39.33 3.81
N GLY H 343 33.55 -38.71 4.78
CA GLY H 343 33.52 -39.24 6.15
C GLY H 343 32.12 -39.49 6.70
N ILE H 344 32.00 -40.54 7.51
CA ILE H 344 30.72 -40.93 8.12
C ILE H 344 30.58 -40.26 9.48
N GLY H 345 31.63 -39.67 10.01
CA GLY H 345 31.52 -39.02 11.33
C GLY H 345 32.82 -38.55 11.95
N PHE H 346 32.70 -37.89 13.09
CA PHE H 346 33.74 -37.03 13.66
C PHE H 346 33.42 -36.88 15.12
N SER H 347 34.35 -37.26 16.01
CA SER H 347 34.05 -37.39 17.44
C SER H 347 35.15 -36.77 18.28
N PRO H 348 35.05 -35.49 18.69
CA PRO H 348 36.03 -34.92 19.60
C PRO H 348 36.05 -35.64 20.96
N PHE H 349 37.25 -35.82 21.50
CA PHE H 349 37.48 -36.60 22.73
C PHE H 349 37.52 -35.71 23.98
N GLY H 350 36.87 -36.18 25.06
CA GLY H 350 36.93 -35.57 26.39
C GLY H 350 35.92 -34.45 26.60
N MET H 351 34.75 -34.63 25.95
CA MET H 351 33.63 -33.68 26.04
C MET H 351 32.73 -33.93 27.26
N ASP H 352 33.31 -33.72 28.43
CA ASP H 352 32.54 -33.83 29.69
C ASP H 352 33.19 -33.00 30.77
N ASP H 353 32.39 -32.77 31.82
CA ASP H 353 32.82 -31.91 32.95
C ASP H 353 33.17 -32.79 34.15
N THR H 354 33.91 -33.84 33.92
CA THR H 354 34.36 -34.74 35.01
C THR H 354 35.74 -34.36 35.56
N ASP H 355 36.18 -33.13 35.38
CA ASP H 355 37.40 -32.53 35.96
C ASP H 355 38.60 -33.26 35.39
N TYR H 356 38.69 -33.31 34.07
CA TYR H 356 39.87 -33.81 33.38
C TYR H 356 40.02 -33.20 32.02
N THR H 357 41.26 -32.88 31.70
N THR H 357 41.26 -32.89 31.70
CA THR H 357 41.70 -32.50 30.33
CA THR H 357 41.69 -32.54 30.34
C THR H 357 42.93 -33.36 29.97
C THR H 357 42.93 -33.37 29.98
N ASN H 358 42.96 -33.84 28.73
CA ASN H 358 44.13 -34.58 28.20
C ASN H 358 45.17 -33.65 27.58
N TYR H 359 45.10 -32.36 27.79
CA TYR H 359 46.18 -31.40 27.48
C TYR H 359 47.48 -32.02 27.96
N PRO H 360 48.53 -32.08 27.13
CA PRO H 360 48.73 -31.34 25.89
C PRO H 360 48.02 -31.83 24.62
N LEU H 361 47.34 -32.97 24.67
CA LEU H 361 46.59 -33.43 23.50
C LEU H 361 45.38 -32.55 23.16
N GLY H 362 44.59 -32.27 24.17
CA GLY H 362 43.41 -31.43 24.01
C GLY H 362 43.54 -30.08 24.62
N ALA H 363 42.37 -29.47 24.92
CA ALA H 363 42.29 -28.11 25.43
C ALA H 363 42.92 -27.99 26.82
N LYS H 364 43.66 -26.94 27.09
CA LYS H 364 44.27 -26.73 28.44
C LYS H 364 43.14 -26.53 29.46
N VAL H 365 42.06 -25.86 29.06
CA VAL H 365 40.90 -25.55 29.92
C VAL H 365 39.65 -26.11 29.24
N TYR H 366 38.83 -26.83 30.02
CA TYR H 366 37.55 -27.33 29.52
C TYR H 366 36.44 -26.46 30.08
N ASN H 367 35.88 -25.64 29.19
CA ASN H 367 34.79 -24.74 29.60
C ASN H 367 33.79 -24.57 28.44
N ASP H 368 32.84 -23.66 28.60
CA ASP H 368 31.80 -23.49 27.58
C ASP H 368 32.45 -23.09 26.24
N GLU H 369 33.49 -22.27 26.30
CA GLU H 369 34.17 -21.80 25.07
C GLU H 369 34.76 -23.01 24.34
N THR H 370 35.36 -23.95 25.08
CA THR H 370 35.89 -25.16 24.44
C THR H 370 34.82 -25.83 23.57
N ILE H 371 33.69 -26.04 24.18
CA ILE H 371 32.58 -26.75 23.57
C ILE H 371 32.09 -25.94 22.35
N GLU H 372 32.03 -24.64 22.51
CA GLU H 372 31.42 -23.74 21.50
C GLU H 372 32.18 -23.86 20.19
N GLN H 373 33.50 -24.11 20.23
CA GLN H 373 34.23 -24.19 18.95
C GLN H 373 33.68 -25.30 18.07
N PHE H 374 33.28 -26.39 18.67
CA PHE H 374 32.69 -27.55 17.94
C PHE H 374 31.21 -27.24 17.69
N ALA H 375 30.52 -26.64 18.67
CA ALA H 375 29.08 -26.35 18.46
C ALA H 375 28.91 -25.51 17.22
N GLN H 376 29.81 -24.56 17.03
CA GLN H 376 29.65 -23.62 15.88
C GLN H 376 29.72 -24.38 14.56
N VAL H 377 30.62 -25.35 14.46
CA VAL H 377 30.80 -26.09 13.17
C VAL H 377 29.70 -27.14 13.02
N TYR H 378 29.23 -27.73 14.11
CA TYR H 378 28.13 -28.74 14.06
C TYR H 378 26.85 -28.05 13.62
N ARG H 379 26.69 -26.77 13.94
CA ARG H 379 25.48 -26.02 13.52
C ARG H 379 25.39 -25.88 12.00
N LEU H 380 26.48 -26.03 11.26
CA LEU H 380 26.44 -25.95 9.79
C LEU H 380 25.88 -27.24 9.22
N VAL H 381 26.07 -28.35 9.93
CA VAL H 381 25.78 -29.68 9.36
C VAL H 381 24.44 -30.20 9.92
N ASN H 382 24.19 -30.08 11.23
CA ASN H 382 22.96 -30.60 11.86
C ASN H 382 21.74 -30.31 11.00
N PRO H 383 21.48 -29.06 10.53
CA PRO H 383 20.21 -28.77 9.87
C PRO H 383 20.06 -29.54 8.54
N MET H 384 21.16 -30.02 7.99
CA MET H 384 21.15 -30.75 6.70
C MET H 384 21.73 -32.16 6.86
N MET H 385 21.70 -32.71 8.08
CA MET H 385 22.50 -33.92 8.33
C MET H 385 22.13 -35.06 7.37
N ARG H 386 20.85 -35.34 7.17
CA ARG H 386 20.43 -36.48 6.35
C ARG H 386 20.70 -36.16 4.88
N GLU H 387 20.46 -34.91 4.44
CA GLU H 387 20.66 -34.58 3.01
C GLU H 387 22.14 -34.64 2.67
N TRP H 388 22.97 -33.99 3.50
CA TRP H 388 24.42 -34.14 3.32
C TRP H 388 24.80 -35.63 3.26
N ALA H 389 24.37 -36.42 4.24
CA ALA H 389 24.74 -37.86 4.27
C ALA H 389 24.43 -38.58 2.96
N ARG H 390 23.27 -38.27 2.35
N ARG H 390 23.25 -38.32 2.38
CA ARG H 390 22.83 -38.92 1.10
CA ARG H 390 22.86 -38.91 1.07
C ARG H 390 23.72 -38.40 -0.05
C ARG H 390 23.87 -38.43 0.02
N LEU H 391 24.06 -37.10 -0.10
CA LEU H 391 24.91 -36.55 -1.17
C LEU H 391 26.35 -37.08 -1.05
N SER H 392 26.80 -37.32 0.19
CA SER H 392 28.15 -37.76 0.50
C SER H 392 28.37 -39.18 -0.01
N TYR H 393 27.29 -39.98 -0.02
CA TYR H 393 27.34 -41.41 -0.41
C TYR H 393 27.16 -41.58 -1.92
N GLN H 394 26.11 -40.96 -2.48
CA GLN H 394 25.55 -41.23 -3.84
C GLN H 394 26.14 -40.20 -4.81
N GLY H 395 26.67 -39.13 -4.31
CA GLY H 395 27.00 -37.96 -5.15
C GLY H 395 28.42 -37.47 -4.92
N GLN H 396 28.61 -36.18 -5.26
CA GLN H 396 29.90 -35.49 -5.21
C GLN H 396 29.83 -34.44 -4.11
N VAL H 397 30.82 -34.53 -3.24
CA VAL H 397 31.03 -33.59 -2.14
C VAL H 397 32.51 -33.20 -2.06
N TRP H 398 32.73 -32.04 -1.43
CA TRP H 398 34.06 -31.47 -1.16
C TRP H 398 34.02 -30.79 0.19
N GLY H 399 35.20 -30.70 0.76
CA GLY H 399 35.36 -30.00 1.99
C GLY H 399 36.78 -29.59 2.21
N VAL H 400 36.96 -28.42 2.79
CA VAL H 400 38.30 -27.85 3.05
C VAL H 400 38.32 -27.18 4.42
N ALA H 401 39.51 -27.16 5.00
CA ALA H 401 39.82 -26.37 6.20
C ALA H 401 40.92 -25.36 5.91
N GLU H 402 41.00 -24.33 6.74
CA GLU H 402 42.02 -23.28 6.64
C GLU H 402 43.39 -23.93 6.73
N PRO H 403 44.24 -23.81 5.67
CA PRO H 403 45.41 -24.66 5.57
C PRO H 403 46.69 -24.14 6.23
N LEU H 404 46.64 -22.97 6.84
CA LEU H 404 47.76 -22.50 7.68
C LEU H 404 47.32 -22.63 9.12
N ASP H 405 48.21 -23.17 9.93
CA ASP H 405 47.97 -23.18 11.39
C ASP H 405 48.16 -21.77 11.92
N SER H 406 47.71 -21.52 13.14
CA SER H 406 47.88 -20.21 13.76
C SER H 406 49.37 -19.84 13.86
N THR H 407 49.65 -18.58 13.64
CA THR H 407 51.04 -18.03 13.71
C THR H 407 51.64 -18.36 15.07
N THR H 408 52.87 -18.90 15.11
CA THR H 408 53.61 -19.25 16.36
C THR H 408 54.27 -17.99 16.97
N GLU H 409 54.89 -18.12 18.17
CA GLU H 409 55.74 -17.05 18.73
C GLU H 409 56.94 -16.82 17.78
N THR H 410 57.58 -17.88 17.29
CA THR H 410 58.71 -17.79 16.32
C THR H 410 58.29 -16.89 15.15
N GLN H 411 57.15 -17.21 14.52
CA GLN H 411 56.64 -16.44 13.35
C GLN H 411 56.30 -14.99 13.78
N LYS H 412 55.80 -14.72 14.99
CA LYS H 412 55.46 -13.33 15.39
C LYS H 412 56.78 -12.58 15.67
N ILE H 413 57.66 -13.21 16.46
CA ILE H 413 58.99 -12.66 16.85
C ILE H 413 59.86 -12.64 15.60
N TRP H 414 60.07 -13.81 14.98
CA TRP H 414 60.88 -13.99 13.75
C TRP H 414 60.08 -13.51 12.53
N ASN H 415 59.34 -12.40 12.72
CA ASN H 415 58.52 -11.71 11.69
C ASN H 415 58.73 -10.20 11.85
N ALA H 416 58.45 -9.67 13.05
CA ALA H 416 58.66 -8.24 13.41
C ALA H 416 60.04 -7.77 12.92
N GLU H 417 61.02 -8.66 12.84
CA GLU H 417 62.38 -8.40 12.30
C GLU H 417 62.40 -8.65 10.78
N ALA H 418 61.87 -7.73 9.96
CA ALA H 418 61.75 -7.91 8.50
C ALA H 418 61.56 -6.57 7.75
N THR H 419 62.27 -6.41 6.62
CA THR H 419 62.16 -5.24 5.71
C THR H 419 60.70 -5.04 5.36
N PRO H 420 60.24 -3.79 5.15
CA PRO H 420 58.98 -3.59 4.45
C PRO H 420 58.84 -4.55 3.26
N GLU H 421 59.93 -4.80 2.51
CA GLU H 421 59.99 -5.74 1.33
C GLU H 421 59.62 -7.15 1.80
N GLU H 422 60.22 -7.60 2.91
CA GLU H 422 60.09 -8.96 3.49
C GLU H 422 58.65 -9.19 3.95
N LYS H 423 58.11 -8.22 4.69
CA LYS H 423 56.70 -8.24 5.18
C LYS H 423 55.79 -8.37 3.96
N GLU H 424 55.96 -7.56 2.91
CA GLU H 424 55.00 -7.60 1.76
C GLU H 424 55.11 -8.98 1.10
N GLN H 425 56.32 -9.56 1.02
CA GLN H 425 56.47 -10.90 0.41
C GLN H 425 55.81 -11.95 1.32
N HIS H 426 55.98 -11.85 2.63
CA HIS H 426 55.33 -12.80 3.56
C HIS H 426 53.81 -12.69 3.39
N LYS H 427 53.28 -11.46 3.32
CA LYS H 427 51.82 -11.28 3.15
C LYS H 427 51.35 -11.95 1.85
N LYS H 428 52.11 -11.84 0.76
CA LYS H 428 51.76 -12.46 -0.55
C LYS H 428 51.73 -13.98 -0.41
N ASP H 429 52.77 -14.55 0.16
CA ASP H 429 52.93 -16.01 0.33
C ASP H 429 51.79 -16.58 1.19
N ARG H 430 51.44 -15.90 2.29
CA ARG H 430 50.33 -16.30 3.16
C ARG H 430 49.04 -16.21 2.34
N ALA H 431 48.81 -15.15 1.57
CA ALA H 431 47.50 -15.03 0.85
C ALA H 431 47.37 -16.18 -0.16
N SER H 432 48.45 -16.48 -0.88
N SER H 432 48.44 -16.51 -0.90
CA SER H 432 48.48 -17.61 -1.82
CA SER H 432 48.43 -17.68 -1.82
C SER H 432 48.17 -18.94 -1.07
C SER H 432 48.12 -18.98 -1.03
N ALA H 433 48.82 -19.21 0.06
CA ALA H 433 48.61 -20.46 0.87
C ALA H 433 47.20 -20.51 1.41
N LEU H 434 46.56 -19.35 1.63
CA LEU H 434 45.18 -19.27 2.18
C LEU H 434 44.12 -19.17 1.08
N THR H 435 44.47 -19.61 -0.12
CA THR H 435 43.59 -19.65 -1.29
C THR H 435 43.59 -21.09 -1.79
N GLN H 436 42.44 -21.73 -1.76
CA GLN H 436 42.27 -23.15 -2.17
C GLN H 436 41.34 -23.22 -3.40
N GLN H 437 41.66 -24.08 -4.35
CA GLN H 437 40.85 -24.31 -5.56
C GLN H 437 40.18 -25.66 -5.40
N LEU H 438 38.94 -25.76 -5.86
CA LEU H 438 38.19 -27.02 -5.91
C LEU H 438 37.57 -27.13 -7.31
N ASP H 439 37.82 -28.25 -7.97
CA ASP H 439 37.28 -28.54 -9.30
C ASP H 439 35.90 -29.19 -9.14
N LEU H 440 34.88 -28.47 -9.53
CA LEU H 440 33.49 -28.94 -9.27
C LEU H 440 32.83 -29.35 -10.58
N GLY H 441 33.63 -29.65 -11.60
CA GLY H 441 33.15 -30.13 -12.92
C GLY H 441 33.14 -28.98 -13.91
N LEU H 442 31.97 -28.41 -14.21
CA LEU H 442 31.91 -27.25 -15.14
C LEU H 442 32.30 -25.93 -14.44
N TRP H 443 32.30 -25.94 -13.10
CA TRP H 443 32.57 -24.78 -12.24
C TRP H 443 33.67 -25.15 -11.25
N ASP H 444 34.44 -24.15 -10.84
CA ASP H 444 35.45 -24.27 -9.78
C ASP H 444 35.01 -23.35 -8.64
N ALA H 445 35.43 -23.68 -7.43
CA ALA H 445 35.32 -22.77 -6.31
C ALA H 445 36.71 -22.38 -5.83
N GLU H 446 36.84 -21.13 -5.43
CA GLU H 446 38.01 -20.65 -4.75
C GLU H 446 37.61 -20.33 -3.32
N VAL H 447 38.31 -20.94 -2.35
CA VAL H 447 38.04 -20.71 -0.91
C VAL H 447 39.19 -19.90 -0.35
N THR H 448 38.88 -18.82 0.32
CA THR H 448 39.88 -17.93 0.95
C THR H 448 39.47 -17.66 2.38
N TYR H 449 40.44 -17.33 3.21
CA TYR H 449 40.24 -17.22 4.66
C TYR H 449 40.78 -15.92 5.25
N GLY H 450 39.93 -15.24 6.02
CA GLY H 450 40.32 -14.07 6.82
C GLY H 450 40.41 -12.80 5.98
N ARG H 451 39.26 -12.35 5.55
CA ARG H 451 39.16 -11.13 4.79
C ARG H 451 37.78 -10.54 5.02
N PRO H 452 37.62 -9.24 4.64
CA PRO H 452 36.32 -8.61 4.77
C PRO H 452 35.28 -9.30 3.91
N MET H 453 34.05 -8.90 4.12
CA MET H 453 32.87 -9.43 3.40
C MET H 453 32.58 -8.60 2.17
N PHE H 454 33.42 -7.64 1.91
CA PHE H 454 33.23 -6.61 0.85
C PHE H 454 34.59 -6.28 0.27
N TRP H 455 34.66 -6.15 -1.05
CA TRP H 455 35.90 -5.79 -1.80
C TRP H 455 36.87 -6.97 -1.77
N VAL H 456 38.10 -6.77 -2.25
CA VAL H 456 39.02 -7.89 -2.67
C VAL H 456 40.37 -7.80 -1.95
N THR H 457 40.45 -7.10 -0.84
CA THR H 457 41.69 -7.14 -0.04
C THR H 457 42.14 -8.58 0.10
N PRO H 458 43.42 -8.93 -0.10
CA PRO H 458 43.82 -10.33 -0.02
C PRO H 458 43.63 -10.96 1.35
N PRO H 459 43.39 -12.27 1.42
CA PRO H 459 43.19 -12.96 2.71
C PRO H 459 44.45 -12.99 3.58
N GLU H 460 44.25 -12.89 4.91
CA GLU H 460 45.32 -12.85 5.91
C GLU H 460 45.12 -13.97 6.94
N GLY H 461 44.05 -14.72 6.83
CA GLY H 461 43.79 -15.84 7.73
C GLY H 461 42.98 -15.39 8.93
N ASN H 462 42.32 -16.36 9.54
CA ASN H 462 41.64 -16.14 10.82
C ASN H 462 42.66 -16.30 11.96
N THR H 463 42.45 -15.60 13.06
N THR H 463 42.40 -15.62 13.05
CA THR H 463 43.31 -15.75 14.26
CA THR H 463 43.23 -15.75 14.28
C THR H 463 42.41 -16.11 15.43
C THR H 463 42.33 -16.13 15.42
N PRO H 464 42.41 -17.37 15.95
CA PRO H 464 43.22 -18.45 15.41
C PRO H 464 42.68 -19.08 14.12
N ALA H 465 43.50 -19.89 13.45
CA ALA H 465 43.04 -20.61 12.23
C ALA H 465 41.77 -21.38 12.58
N ALA H 466 40.73 -21.31 11.78
CA ALA H 466 39.41 -21.85 12.16
C ALA H 466 38.46 -22.06 10.97
N GLY H 467 38.79 -21.59 9.79
CA GLY H 467 37.78 -21.58 8.69
C GLY H 467 37.64 -22.88 7.97
N GLY H 468 36.56 -23.01 7.25
CA GLY H 468 36.41 -24.12 6.31
C GLY H 468 35.14 -24.00 5.50
N ALA H 469 34.93 -24.96 4.59
CA ALA H 469 33.77 -24.92 3.70
C ALA H 469 33.36 -26.32 3.29
N LEU H 470 32.05 -26.48 3.06
CA LEU H 470 31.51 -27.73 2.47
C LEU H 470 30.74 -27.39 1.19
N ILE H 471 30.91 -28.23 0.19
CA ILE H 471 30.14 -28.07 -1.08
C ILE H 471 29.62 -29.44 -1.48
N ALA H 472 28.35 -29.54 -1.88
CA ALA H 472 27.81 -30.75 -2.53
C ALA H 472 27.26 -30.39 -3.90
N GLN H 473 27.47 -31.23 -4.89
CA GLN H 473 26.88 -30.94 -6.24
C GLN H 473 25.46 -31.49 -6.25
N LEU H 474 24.54 -30.63 -6.63
CA LEU H 474 23.11 -31.00 -6.81
C LEU H 474 22.86 -31.34 -8.26
N ASP H 475 23.40 -30.54 -9.17
CA ASP H 475 23.24 -30.73 -10.66
C ASP H 475 24.49 -30.16 -11.33
N ASP H 476 24.58 -30.23 -12.67
CA ASP H 476 25.75 -29.74 -13.41
C ASP H 476 26.11 -28.32 -13.00
N ASN H 477 25.10 -27.50 -12.72
CA ASN H 477 25.33 -26.07 -12.51
C ASN H 477 24.87 -25.60 -11.13
N GLU H 478 24.59 -26.53 -10.26
CA GLU H 478 23.99 -26.16 -8.96
C GLU H 478 24.67 -26.89 -7.81
N TYR H 479 24.94 -26.13 -6.76
CA TYR H 479 25.69 -26.62 -5.60
C TYR H 479 25.00 -26.21 -4.30
N LEU H 480 25.18 -27.06 -3.30
CA LEU H 480 24.83 -26.74 -1.90
C LEU H 480 26.12 -26.29 -1.26
N VAL H 481 26.11 -25.20 -0.56
CA VAL H 481 27.35 -24.57 0.00
C VAL H 481 27.05 -24.15 1.44
N THR H 482 27.96 -24.44 2.36
CA THR H 482 27.96 -23.76 3.67
C THR H 482 29.43 -23.67 4.07
N ALA H 483 29.77 -22.57 4.70
CA ALA H 483 31.18 -22.34 5.07
C ALA H 483 31.25 -21.50 6.34
N TYR H 484 32.46 -21.33 6.81
CA TYR H 484 32.70 -20.82 8.16
C TYR H 484 34.00 -20.00 8.17
N LYS H 485 33.88 -18.73 8.51
CA LYS H 485 35.01 -17.81 8.55
C LYS H 485 35.81 -17.89 7.26
N ALA H 486 35.18 -17.69 6.15
CA ALA H 486 35.73 -17.98 4.83
C ALA H 486 34.88 -17.30 3.77
N ARG H 487 35.49 -17.13 2.61
CA ARG H 487 34.83 -16.64 1.39
C ARG H 487 34.89 -17.80 0.39
N VAL H 488 33.82 -18.05 -0.29
CA VAL H 488 33.72 -19.04 -1.39
C VAL H 488 33.32 -18.30 -2.67
N GLU H 489 34.08 -18.44 -3.73
CA GLU H 489 33.85 -17.74 -5.01
C GLU H 489 33.78 -18.79 -6.13
N PHE H 490 32.75 -18.72 -6.98
CA PHE H 490 32.60 -19.62 -8.16
C PHE H 490 33.22 -19.01 -9.40
N LYS H 491 33.68 -19.88 -10.30
CA LYS H 491 34.14 -19.44 -11.62
C LYS H 491 34.01 -20.61 -12.56
N PRO H 492 34.03 -20.35 -13.88
CA PRO H 492 34.07 -21.46 -14.83
C PRO H 492 35.33 -22.31 -14.59
N SER H 493 35.16 -23.60 -14.78
CA SER H 493 36.30 -24.57 -14.64
C SER H 493 37.13 -24.60 -15.94
N GLN H 494 36.50 -24.37 -17.10
CA GLN H 494 37.20 -24.45 -18.42
C GLN H 494 36.98 -23.11 -19.13
N GLU H 495 37.86 -22.69 -20.04
CA GLU H 495 37.67 -21.47 -20.89
C GLU H 495 36.29 -21.58 -21.52
N LEU H 496 35.53 -20.50 -21.50
CA LEU H 496 34.21 -20.42 -22.19
C LEU H 496 34.47 -19.86 -23.56
N ALA H 497 33.78 -20.32 -24.57
CA ALA H 497 34.22 -20.03 -25.95
C ALA H 497 33.40 -18.81 -26.41
N GLY H 498 33.83 -17.63 -25.94
CA GLY H 498 33.17 -16.35 -26.24
C GLY H 498 32.01 -16.07 -25.27
N LYS H 499 31.56 -17.08 -24.52
CA LYS H 499 30.47 -16.91 -23.51
C LYS H 499 30.96 -16.11 -22.30
N LYS H 500 30.03 -15.59 -21.51
CA LYS H 500 30.34 -15.03 -20.18
C LYS H 500 29.66 -15.88 -19.12
N PHE H 501 29.88 -15.52 -17.87
CA PHE H 501 29.22 -16.31 -16.80
C PHE H 501 28.78 -15.37 -15.67
N MET H 502 27.85 -15.90 -14.90
CA MET H 502 27.41 -15.22 -13.69
C MET H 502 26.83 -16.26 -12.72
N ILE H 503 26.62 -15.81 -11.51
CA ILE H 503 25.66 -16.48 -10.62
C ILE H 503 24.23 -16.27 -11.21
N GLU H 504 23.52 -17.34 -11.38
CA GLU H 504 22.11 -17.25 -11.78
C GLU H 504 21.28 -16.90 -10.56
N ARG H 505 21.46 -17.62 -9.47
CA ARG H 505 20.69 -17.42 -8.23
C ARG H 505 21.38 -18.09 -7.05
N VAL H 506 21.42 -17.39 -5.94
CA VAL H 506 21.82 -17.94 -4.65
C VAL H 506 20.60 -17.81 -3.72
N GLU H 507 20.20 -18.93 -3.16
CA GLU H 507 19.13 -19.01 -2.13
C GLU H 507 19.74 -19.51 -0.82
N GLU H 508 19.37 -18.81 0.26
CA GLU H 508 19.58 -19.33 1.61
C GLU H 508 18.32 -20.06 2.03
N GLY H 509 18.46 -21.18 2.72
CA GLY H 509 17.29 -21.87 3.19
C GLY H 509 17.65 -23.11 3.98
N ARG H 510 16.68 -24.00 4.03
CA ARG H 510 16.79 -25.24 4.82
C ARG H 510 16.00 -26.39 4.23
N PHE H 511 16.23 -27.57 4.76
CA PHE H 511 15.45 -28.74 4.38
C PHE H 511 14.43 -29.02 5.45
N GLU H 512 13.20 -29.23 5.00
CA GLU H 512 12.07 -29.72 5.84
C GLU H 512 11.46 -30.96 5.18
N LYS H 513 11.49 -32.11 5.86
CA LYS H 513 10.94 -33.39 5.32
C LYS H 513 11.66 -33.69 4.00
N GLY H 514 13.00 -33.51 3.96
CA GLY H 514 13.82 -33.61 2.73
C GLY H 514 13.46 -32.64 1.59
N LYS H 515 12.58 -31.66 1.80
CA LYS H 515 12.24 -30.62 0.76
C LYS H 515 12.96 -29.29 1.08
N TRP H 516 13.59 -28.69 0.08
CA TRP H 516 14.19 -27.34 0.18
C TRP H 516 13.11 -26.28 0.45
N VAL H 517 13.41 -25.43 1.41
CA VAL H 517 12.52 -24.31 1.76
C VAL H 517 13.39 -23.05 1.67
N MET H 518 13.01 -22.16 0.77
N MET H 518 13.11 -22.16 0.72
CA MET H 518 13.74 -20.90 0.59
CA MET H 518 13.93 -20.94 0.59
C MET H 518 13.43 -19.99 1.78
C MET H 518 13.47 -19.88 1.60
N GLU H 519 14.44 -19.30 2.25
CA GLU H 519 14.32 -18.18 3.22
C GLU H 519 14.53 -16.86 2.51
N ARG H 520 15.58 -16.74 1.72
CA ARG H 520 15.90 -15.47 1.04
C ARG H 520 16.87 -15.74 -0.10
N VAL H 521 16.96 -14.76 -0.97
CA VAL H 521 17.94 -14.74 -2.09
C VAL H 521 19.13 -13.87 -1.67
N TRP H 522 20.32 -14.44 -1.70
CA TRP H 522 21.53 -13.61 -1.59
C TRP H 522 21.79 -12.98 -2.95
N ASN H 523 22.04 -11.70 -2.92
CA ASN H 523 22.35 -10.95 -4.15
C ASN H 523 23.06 -9.68 -3.75
N GLY H 524 23.40 -8.86 -4.72
CA GLY H 524 24.04 -7.57 -4.46
C GLY H 524 25.35 -7.76 -3.71
N ASP H 525 25.51 -6.95 -2.65
CA ASP H 525 26.71 -7.01 -1.85
C ASP H 525 26.99 -8.45 -1.42
N GLN H 526 25.96 -9.23 -1.15
CA GLN H 526 26.17 -10.60 -0.62
C GLN H 526 26.73 -11.57 -1.67
N THR H 527 26.75 -11.20 -2.96
CA THR H 527 27.27 -12.09 -4.02
C THR H 527 28.30 -11.39 -4.91
N ASP H 528 28.49 -10.09 -4.79
CA ASP H 528 29.49 -9.34 -5.60
C ASP H 528 30.93 -9.76 -5.29
N TRP H 529 31.21 -10.17 -4.06
CA TRP H 529 32.58 -10.35 -3.49
C TRP H 529 32.70 -11.77 -2.99
N GLY H 530 32.19 -12.74 -3.76
CA GLY H 530 32.14 -14.12 -3.29
C GLY H 530 30.98 -14.29 -2.31
N LEU H 531 30.91 -15.46 -1.69
CA LEU H 531 29.96 -15.81 -0.64
C LEU H 531 30.71 -15.81 0.68
N ASN H 532 30.41 -14.81 1.51
CA ASN H 532 31.17 -14.59 2.76
C ASN H 532 30.39 -15.12 3.97
N PHE H 533 31.10 -15.92 4.78
CA PHE H 533 30.56 -16.61 5.94
C PHE H 533 31.38 -16.22 7.16
N THR H 534 30.67 -16.04 8.25
CA THR H 534 31.24 -15.66 9.56
C THR H 534 31.23 -16.92 10.42
N ASP H 535 30.76 -16.76 11.66
CA ASP H 535 30.64 -17.91 12.58
CA ASP H 535 30.62 -17.86 12.62
C ASP H 535 29.21 -18.44 12.58
N ARG H 536 28.28 -17.75 11.91
CA ARG H 536 26.87 -18.15 11.93
C ARG H 536 26.54 -19.10 10.78
N PRO H 537 25.54 -19.99 10.97
CA PRO H 537 25.19 -20.94 9.94
C PRO H 537 24.32 -20.36 8.83
N HIS H 538 24.72 -20.60 7.59
CA HIS H 538 23.88 -20.31 6.42
C HIS H 538 24.09 -21.42 5.41
N LEU H 539 23.01 -22.04 4.99
CA LEU H 539 23.00 -23.08 3.96
C LEU H 539 22.50 -22.47 2.64
N LEU H 540 23.30 -22.55 1.61
CA LEU H 540 23.00 -21.90 0.32
C LEU H 540 22.86 -22.94 -0.79
N ARG H 541 21.94 -22.65 -1.70
CA ARG H 541 21.92 -23.32 -3.00
C ARG H 541 22.38 -22.30 -4.03
N VAL H 542 23.44 -22.66 -4.77
CA VAL H 542 24.15 -21.78 -5.69
C VAL H 542 23.94 -22.32 -7.09
N LYS H 543 23.28 -21.54 -7.96
CA LYS H 543 23.11 -21.92 -9.36
C LYS H 543 23.93 -20.97 -10.22
N MET H 544 24.81 -21.53 -11.07
CA MET H 544 25.75 -20.82 -11.94
C MET H 544 25.23 -20.92 -13.38
N ALA H 545 25.52 -19.91 -14.19
CA ALA H 545 25.11 -19.94 -15.61
C ALA H 545 26.21 -19.34 -16.46
N SER H 546 26.47 -19.99 -17.60
CA SER H 546 27.17 -19.26 -18.67
C SER H 546 26.12 -18.77 -19.65
N TYR H 547 26.43 -17.69 -20.35
CA TYR H 547 25.47 -17.06 -21.26
C TYR H 547 26.18 -16.44 -22.46
N SER H 548 25.46 -16.39 -23.59
CA SER H 548 26.02 -15.92 -24.86
C SER H 548 25.90 -14.38 -24.91
N VAL H 549 26.90 -13.69 -25.47
CA VAL H 549 26.86 -12.24 -25.77
C VAL H 549 27.13 -11.96 -27.26
N GLN H 550 27.02 -12.99 -28.09
CA GLN H 550 27.23 -12.88 -29.55
C GLN H 550 26.14 -11.95 -30.14
NA NA I . 47.06 19.02 76.93
C4 N0T J . 29.96 29.07 41.99
C5 N0T J . 29.62 27.83 41.11
C6 N0T J . 28.22 28.12 40.54
C7 N0T J . 39.67 27.61 41.99
C8 N0T J . 30.59 27.35 40.07
C15 N0T J . 32.41 29.57 41.57
C2 N0T J . 27.61 28.73 41.78
C3 N0T J . 28.62 29.78 42.15
N7 N0T J . 30.99 29.99 41.30
O9 N0T J . 30.17 26.14 39.41
O10 N0T J . 28.31 29.13 39.52
O11 N0T J . 26.29 29.29 41.55
O12 N0T J . 28.38 30.33 43.46
C16 N0T J . 33.36 30.60 40.94
C17 N0T J . 34.80 30.22 41.32
C18 N0T J . 35.75 30.09 40.19
C19 N0T J . 37.16 30.23 40.74
C20 N0T J . 37.70 28.99 41.40
C1 N0T J . 39.23 28.85 41.22
C ACT K . 16.74 15.92 62.30
O ACT K . 17.14 15.48 63.43
OXT ACT K . 15.99 16.91 62.16
CH3 ACT K . 17.28 15.22 61.03
NA NA L . 28.52 0.34 64.19
NA NA M . 50.28 18.35 76.32
NA NA N . 29.41 24.68 66.07
NA NA O . 58.42 -49.44 52.72
C4 N0T P . 47.59 -13.63 67.65
C5 N0T P . 46.69 -12.80 66.67
C6 N0T P . 45.60 -12.24 67.57
C7 N0T P . 55.57 -13.84 61.70
C8 N0T P . 47.33 -11.77 65.80
C15 N0T P . 50.02 -13.10 67.01
C2 N0T P . 45.33 -13.42 68.42
C3 N0T P . 46.73 -13.73 68.89
N7 N0T P . 48.94 -12.98 67.99
O9 N0T P . 46.34 -11.24 64.86
O10 N0T P . 46.12 -11.10 68.34
O11 N0T P . 44.43 -13.10 69.50
O12 N0T P . 46.74 -15.03 69.59
C16 N0T P . 51.30 -12.68 67.73
C17 N0T P . 52.36 -12.15 66.84
C18 N0T P . 52.63 -13.01 65.67
C19 N0T P . 53.89 -12.42 64.95
C20 N0T P . 54.41 -13.38 63.85
C1 N0T P . 55.48 -12.89 62.85
C ACT Q . 59.96 -59.07 34.20
O ACT Q . 59.64 -58.30 33.24
OXT ACT Q . 60.36 -60.26 34.08
CH3 ACT Q . 59.88 -58.54 35.62
NA NA R . 33.07 -37.44 44.24
NA NA S . 27.95 39.97 10.59
NA NA T . 24.74 38.97 9.96
C4 N0T U . 26.17 0.81 -2.47
C5 N0T U . 26.18 -0.18 -1.31
C6 N0T U . 25.24 -1.31 -1.66
C7 N0T U . 34.86 5.41 -0.94
C8 N0T U . 27.61 -0.64 -0.82
C15 N0T U . 28.47 1.58 -3.01
C2 N0T U . 24.08 -0.46 -2.21
C3 N0T U . 24.85 0.39 -3.18
N7 N0T U . 27.30 0.79 -3.47
O9 N0T U . 27.45 -1.52 0.34
O10 N0T U . 25.84 -2.09 -2.71
O11 N0T U . 23.06 -1.26 -2.81
O12 N0T U . 24.03 1.45 -3.63
C16 N0T U . 29.58 1.71 -4.05
C17 N0T U . 30.89 2.41 -3.37
C18 N0T U . 32.19 2.43 -4.05
C19 N0T U . 33.24 2.63 -2.97
C20 N0T U . 33.24 3.92 -2.15
C1 N0T U . 34.65 4.10 -1.61
NA NA V . 14.55 17.90 27.52
NA NA W . 14.36 21.62 3.31
NA NA X . -20.71 -45.07 -15.18
NA NA Y . -11.06 -33.90 -8.66
NA NA Z . -13.88 -34.26 -7.07
C ACT AA . -42.74 -17.68 -1.50
O ACT AA . -43.09 -17.45 -0.31
OXT ACT AA . -42.39 -18.83 -1.89
CH3 ACT AA . -42.69 -16.47 -2.48
C4 N0T BA . -24.87 2.83 3.55
C5 N0T BA . -25.61 3.60 2.42
C6 N0T BA . -26.79 4.24 3.12
C7 N0T BA . -16.29 1.88 -1.11
C8 N0T BA . -24.80 4.51 1.50
C15 N0T BA . -22.40 3.15 3.23
C2 N0T BA . -27.15 3.13 4.06
C3 N0T BA . -25.83 2.86 4.71
N7 N0T BA . -23.58 3.45 4.07
O9 N0T BA . -25.68 5.01 0.46
O10 N0T BA . -26.28 5.36 3.89
O11 N0T BA . -28.16 3.55 4.97
O12 N0T BA . -25.95 1.65 5.49
C16 N0T BA . -21.22 3.60 4.08
C17 N0T BA . -20.11 4.26 3.30
C18 N0T BA . -19.60 3.34 2.31
C19 N0T BA . -18.21 3.76 1.76
C20 N0T BA . -17.69 2.63 0.81
C1 N0T BA . -16.51 3.01 -0.13
C ACT CA . -12.70 -16.21 -6.25
O ACT CA . -11.88 -15.74 -5.49
OXT ACT CA . -12.52 -16.29 -7.50
CH3 ACT CA . -13.94 -16.74 -5.60
C ACT DA . -53.68 -9.30 2.75
O ACT DA . -52.69 -10.06 2.62
OXT ACT DA . -54.17 -8.57 1.86
CH3 ACT DA . -54.37 -9.21 4.09
NA NA EA . -37.21 -22.31 -19.81
NA NA FA . -28.02 -21.58 2.76
NA NA GA . -29.71 25.84 20.59
NA NA HA . -25.30 36.18 10.47
NA NA IA . -22.11 35.52 10.26
C4 N0T JA . -37.30 44.09 -27.19
C5 N0T JA . -37.59 42.80 -28.01
C6 N0T JA . -38.88 43.05 -28.76
C7 N0T JA . -27.80 42.52 -25.73
C8 N0T JA . -36.50 42.23 -28.94
C15 N0T JA . -34.81 44.56 -27.44
C2 N0T JA . -39.66 43.82 -27.67
C3 N0T JA . -38.64 44.87 -27.27
N7 N0T JA . -36.21 44.96 -27.85
O9 N0T JA . -36.96 40.98 -29.50
O10 N0T JA . -38.66 43.99 -29.83
O11 N0T JA . -40.90 44.35 -28.13
O12 N0T JA . -39.05 45.49 -26.04
C16 N0T JA . -33.79 45.60 -27.87
C17 N0T JA . -32.35 45.02 -27.48
C18 N0T JA . -31.30 44.86 -28.53
C19 N0T JA . -29.92 44.83 -27.86
C20 N0T JA . -29.62 43.70 -26.92
C1 N0T JA . -28.13 43.51 -26.78
C ACT KA . -34.78 64.08 -43.87
O ACT KA . -34.41 63.46 -42.81
OXT ACT KA . -35.01 65.33 -43.95
CH3 ACT KA . -34.96 63.30 -45.15
C ACT LA . -71.18 47.02 -21.52
O ACT LA . -70.35 46.20 -21.08
OXT ACT LA . -71.30 47.27 -22.72
CH3 ACT LA . -72.06 47.77 -20.52
NA NA MA . -41.19 41.49 -3.09
NA NA NA . -58.86 46.75 -35.74
NA NA OA . -42.70 17.17 -3.24
NA NA PA . -36.43 -11.44 -86.21
NA NA QA . -23.58 -16.99 -78.75
NA NA RA . -26.18 -18.76 -78.04
C4 N0T SA . -24.42 -28.82 -38.94
C5 N0T SA . -24.97 -27.69 -38.02
C6 N0T SA . -25.81 -28.39 -36.99
C7 N0T SA . -16.82 -23.75 -42.77
C8 N0T SA . -23.99 -26.72 -37.43
C15 N0T SA . -21.97 -28.39 -39.51
C2 N0T SA . -26.46 -29.43 -37.86
C3 N0T SA . -25.32 -30.02 -38.63
N7 N0T SA . -22.95 -29.20 -38.68
O9 N0T SA . -24.66 -25.70 -36.67
O10 N0T SA . -24.92 -29.14 -36.10
O11 N0T SA . -27.25 -30.39 -37.18
O12 N0T SA . -25.70 -30.88 -39.70
C16 N0T SA . -20.58 -29.06 -39.38
C17 N0T SA . -19.53 -28.05 -39.32
C18 N0T SA . -19.53 -27.10 -40.43
C19 N0T SA . -18.05 -26.54 -40.39
C20 N0T SA . -17.87 -25.53 -41.51
C1 N0T SA . -16.67 -24.58 -41.53
C ACT TA . -47.86 -25.50 -53.06
O ACT TA . -47.98 -26.72 -52.76
OXT ACT TA . -48.17 -25.05 -54.17
CH3 ACT TA . -47.35 -24.52 -51.93
C ACT UA . -19.32 -19.17 -61.04
O ACT UA . -19.23 -17.94 -61.29
OXT ACT UA . -18.33 -19.93 -60.96
CH3 ACT UA . -20.70 -19.81 -60.93
NA NA VA . -34.93 -29.17 -61.19
NA NA WA . -46.08 59.37 -50.38
NA NA XA . -38.00 51.58 -60.35
C4 N0T YA . -36.54 12.54 -69.77
C5 N0T YA . -36.68 11.63 -68.50
C6 N0T YA . -37.61 10.53 -68.94
C7 N0T YA . -27.91 16.71 -67.21
C8 N0T YA . -35.37 11.08 -67.88
C15 N0T YA . -34.12 13.16 -70.08
C2 N0T YA . -38.63 11.33 -69.72
C3 N0T YA . -37.71 12.08 -70.64
N7 N0T YA . -35.25 12.35 -70.64
O9 N0T YA . -35.69 10.35 -66.70
O10 N0T YA . -36.97 9.63 -69.86
O11 N0T YA . -39.63 10.50 -70.36
O12 N0T YA . -38.47 13.12 -71.29
C16 N0T YA . -33.03 13.21 -71.18
C17 N0T YA . -31.60 13.26 -70.77
C18 N0T YA . -31.31 14.26 -69.76
C19 N0T YA . -29.78 14.44 -69.66
C20 N0T YA . -29.47 15.50 -68.61
C1 N0T YA . -28.01 15.85 -68.42
C ACT ZA . -27.39 -1.35 -89.97
O ACT ZA . -27.53 -0.33 -89.29
OXT ACT ZA . -27.38 -1.36 -91.17
CH3 ACT ZA . -27.15 -2.71 -89.30
C ACT AB . -19.08 28.08 -48.32
O ACT AB . -20.01 27.36 -48.00
OXT ACT AB . -18.45 27.93 -49.39
CH3 ACT AB . -18.66 29.14 -47.27
C ACT BB . -58.80 25.34 -59.31
O ACT BB . -58.98 26.53 -58.94
OXT ACT BB . -59.25 24.85 -60.41
CH3 ACT BB . -57.93 24.38 -58.41
C ACT CB . -70.01 6.86 -75.17
O ACT CB . -69.47 7.66 -74.41
OXT ACT CB . -69.57 5.74 -75.39
CH3 ACT CB . -71.32 7.29 -75.87
NA NA DB . -48.12 34.01 -67.11
NA NA EB . -51.11 32.27 -42.80
NA NA FB . -35.03 52.65 -59.46
NA NA GB . 36.44 -29.12 -14.32
C4 N0T HB . 43.48 -41.89 23.21
C5 N0T HB . 43.02 -40.85 24.25
C6 N0T HB . 42.37 -41.71 25.33
C7 N0T HB . 50.43 -36.25 19.01
C8 N0T HB . 44.02 -39.86 24.80
C15 N0T HB . 45.83 -41.35 22.48
C2 N0T HB . 41.56 -42.68 24.50
C3 N0T HB . 42.66 -43.16 23.56
N7 N0T HB . 44.98 -42.25 23.27
O9 N0T HB . 43.47 -38.94 25.78
O10 N0T HB . 43.34 -42.46 26.08
O11 N0T HB . 40.94 -43.72 25.23
O12 N0T HB . 42.11 -43.89 22.45
C16 N0T HB . 47.17 -41.97 22.31
C17 N0T HB . 48.39 -41.12 22.39
C18 N0T HB . 48.36 -40.13 21.37
C19 N0T HB . 49.77 -39.40 21.29
C20 N0T HB . 49.63 -38.18 20.34
C1 N0T HB . 50.81 -37.25 20.06
C ACT IB . 18.14 -38.46 12.63
O ACT IB . 18.28 -39.69 12.87
OXT ACT IB . 17.69 -38.02 11.57
CH3 ACT IB . 18.62 -37.45 13.74
NA NA JB . 19.31 -19.82 7.42
NA NA KB . 30.21 -41.03 2.61
NA NA LB . 38.97 -15.17 15.18
NA NA MB . 38.96 -27.09 -15.05
#